data_6GFF
#
_entry.id   6GFF
#
_cell.length_a   103.860
_cell.length_b   175.010
_cell.length_c   145.770
_cell.angle_alpha   90.00
_cell.angle_beta   92.23
_cell.angle_gamma   90.00
#
_symmetry.space_group_name_H-M   'P 1 21 1'
#
loop_
_entity.id
_entity.type
_entity.pdbx_description
1 polymer 'Transforming growth factor beta-1'
2 polymer 'Transforming growth factor beta-1'
3 polymer 'Leucine-rich repeat-containing protein 32'
4 polymer 'MHG-8 Fab light chain'
5 polymer 'MHG-8 Fab heavy chain'
6 branched beta-D-mannopyranose-(1-4)-2-acetamido-2-deoxy-beta-D-glucopyranose-(1-4)-2-acetamido-2-deoxy-beta-D-glucopyranose
7 branched 2-acetamido-2-deoxy-beta-D-glucopyranose-(1-4)-2-acetamido-2-deoxy-beta-D-glucopyranose
8 branched alpha-D-mannopyranose-(1-6)-beta-D-mannopyranose-(1-4)-2-acetamido-2-deoxy-beta-D-glucopyranose-(1-4)-2-acetamido-2-deoxy-beta-D-glucopyranose
#
loop_
_entity_poly.entity_id
_entity_poly.type
_entity_poly.pdbx_seq_one_letter_code
_entity_poly.pdbx_strand_id
1 'polypeptide(L)'
;LSTCKTIDMELVKRKRIEAIRGQILSKLRLASPPSQGEVPPGPLPEAVLALYNSTRDRVAGESAEPEPEPEADYYAKEVT
RVLMVETHNEIYDKFKQSTHSIYMFFNTSELREAVPEPVLLSRAELRLLRLKLKVEQHVELYQKYSNNSWRYLSNRLLAP
SDSPEWLSFDVTGVVRQWLSRGGEIEGFRLSAHCSCDSRDNTLQVDINGFTTGRRGDLATIHGMNRPFLLLMATPLERAQ
HLQSSRHRR
;
A,C,E,G
2 'polypeptide(L)'
;ALDTNYCFSSTEKNCCVRQLYIDFRKDLGWKWIHEPKGYHANFCLGPCPYIWSLDTQYSKVLALYNQHNPGASAAPCCVP
QALEPLPIVYYVGRKPKVEQLSNMIVRSCKCS
;
B,D,F,H
3 'polypeptide(L)'
;HQDKVPCKMVDKKVSCQVLGLLQVPSVLPPDTETLDLSGNQLRSILASPLGFYTALRHLDLSTNEISFLQPGAFQALTHL
EHLSLAHNRLAMATALSAGGLGPLPRVTSLDLSGNSLYSGLLERLLGEAPSLHTLSLAENSLTRLTRHTFRDMPALEQLD
LHSNVLMDIEDGAFEGLPRLTHLNLSRNSLTCISDFSLQQLRVLDLSCNSIEAFQTASQPQAEFQLTWLDLRENKLLHFP
DLAALPRLIYLNLSNNLIRLPTGPPQDSKGIHAPSEGWSALPLSAPSGNASGRPLSQLLNLDLSYNEIELIPDSFLEHLT
SLCFLNLSRNCLRTFEARRLGSLPCLMLLDLSHNALETLELGARALGSLRTLLLQGNALRDLPPYTFANLASLQRLNLQG
NRVSPCGGPDEPGPSGCVAFSGITSLRSLSLVDNEIELLRAGAFLHTPLTELDLSSNPGLEVATGALGGLEASLEVLALQ
GNGLMVLQVDLPCFICLKRLNLAENRLSHLPAWTQAVSLEVLDLRNNSFSLLPGSAMGGLETSLRRLYLQGNPLSCCGNG
WLAAQLHQGRVDVDATQDLICRFSSQEEVSLSHVRPEDCEKGGLKNINLEAAENLYFQ
;
I,J
4 'polypeptide(L)'
;DIQVTQSSSYLSVSLGDRVTITCKASDHIKNWLAWYQQKPGIAPRLLVSGATSLEAGVPSRFSGSGSGKNFTLSITSLQT
EDVATYYCQQYWSTPWTFGGGTTLEIRRADAAPTVSIFPPSSEQLTSGGASVVCFLNNFYPKDINVKWKIDGSERQNGVL
NSWTDQDSKDSTYSMSSTLTLTKDEYERHNSYTCEATHKTSTSPIVKSFNRN
;
K,M
5 'polypeptide(L)'
;QVQLKESGPGLVAPSQSLSITCTVSGFSLTGYGINWVRQPPGKGLEWLGMIWSDGSTDYNSVLTSRLRISKDNSNSQVFL
KMNSLQVDDTARYYCARDRNYYDYDGAMDYWGQGTSVTVSSAKTTPPSVYPLAPGSAAQTNSMVTLGCLVKGYFPEPVTV
TWNSGSLSSGVHTFPAVLQSDLYTLSSSVTVPSSTWPSQTVTCNVAHPASSTKVDKKIVPR
;
L,N
#
loop_
_chem_comp.id
_chem_comp.type
_chem_comp.name
_chem_comp.formula
BMA D-saccharide, beta linking beta-D-mannopyranose 'C6 H12 O6'
MAN D-saccharide, alpha linking alpha-D-mannopyranose 'C6 H12 O6'
NAG D-saccharide, beta linking 2-acetamido-2-deoxy-beta-D-glucopyranose 'C8 H15 N O6'
#
# COMPACT_ATOMS: atom_id res chain seq x y z
N LEU A 1 -31.02 -21.61 -0.75
CA LEU A 1 -30.57 -20.28 -1.12
C LEU A 1 -31.15 -19.22 -0.18
N SER A 2 -30.27 -18.45 0.45
CA SER A 2 -30.68 -17.43 1.40
C SER A 2 -29.63 -16.34 1.43
N THR A 3 -30.09 -15.10 1.64
CA THR A 3 -29.19 -13.95 1.70
C THR A 3 -28.66 -13.78 3.12
N CYS A 4 -27.53 -13.07 3.22
CA CYS A 4 -26.85 -12.92 4.49
C CYS A 4 -27.58 -11.94 5.41
N LYS A 5 -27.48 -12.21 6.70
CA LYS A 5 -27.91 -11.29 7.74
C LYS A 5 -26.90 -11.36 8.88
N THR A 6 -27.18 -10.64 9.96
CA THR A 6 -26.34 -10.62 11.15
C THR A 6 -24.90 -10.26 10.81
N ILE A 7 -24.62 -8.97 10.65
CA ILE A 7 -23.27 -8.52 10.38
C ILE A 7 -22.47 -8.54 11.67
N ASP A 8 -21.25 -9.08 11.60
CA ASP A 8 -20.36 -9.08 12.76
C ASP A 8 -19.78 -7.69 12.93
N MET A 9 -19.99 -7.10 14.11
CA MET A 9 -19.50 -5.76 14.40
C MET A 9 -18.15 -5.77 15.11
N GLU A 10 -17.85 -6.81 15.89
CA GLU A 10 -16.58 -6.86 16.61
C GLU A 10 -15.40 -6.94 15.66
N LEU A 11 -15.48 -7.84 14.67
CA LEU A 11 -14.40 -7.98 13.70
C LEU A 11 -14.23 -6.72 12.87
N VAL A 12 -15.35 -6.11 12.46
CA VAL A 12 -15.28 -4.92 11.61
C VAL A 12 -14.64 -3.76 12.35
N LYS A 13 -14.99 -3.56 13.62
CA LYS A 13 -14.40 -2.48 14.39
C LYS A 13 -12.89 -2.65 14.52
N ARG A 14 -12.44 -3.89 14.72
CA ARG A 14 -11.00 -4.14 14.85
C ARG A 14 -10.25 -3.76 13.58
N LYS A 15 -10.84 -4.02 12.42
CA LYS A 15 -10.20 -3.63 11.17
C LYS A 15 -10.18 -2.12 11.00
N ARG A 16 -11.23 -1.44 11.45
CA ARG A 16 -11.25 0.02 11.40
C ARG A 16 -10.26 0.61 12.39
N ILE A 17 -10.12 0.00 13.57
CA ILE A 17 -9.17 0.49 14.56
C ILE A 17 -7.75 0.46 14.00
N GLU A 18 -7.38 -0.64 13.35
CA GLU A 18 -6.04 -0.75 12.79
C GLU A 18 -5.85 0.21 11.61
N ALA A 19 -6.91 0.48 10.85
CA ALA A 19 -6.82 1.47 9.79
C ALA A 19 -6.61 2.87 10.38
N ILE A 20 -7.30 3.18 11.48
CA ILE A 20 -7.10 4.44 12.17
C ILE A 20 -5.67 4.55 12.70
N ARG A 21 -5.10 3.42 13.13
CA ARG A 21 -3.71 3.41 13.58
C ARG A 21 -2.77 3.92 12.50
N GLY A 22 -2.84 3.34 11.31
CA GLY A 22 -2.04 3.83 10.20
C GLY A 22 -2.47 5.19 9.68
N GLN A 23 -3.73 5.58 9.93
CA GLN A 23 -4.22 6.87 9.47
C GLN A 23 -3.59 8.01 10.27
N ILE A 24 -3.56 7.87 11.60
CA ILE A 24 -3.03 8.94 12.45
C ILE A 24 -1.53 9.06 12.27
N LEU A 25 -0.84 7.93 12.06
CA LEU A 25 0.60 7.98 11.84
C LEU A 25 0.92 8.59 10.47
N SER A 26 0.09 8.32 9.46
CA SER A 26 0.37 8.83 8.12
C SER A 26 0.11 10.32 8.04
N LYS A 27 -0.96 10.81 8.67
CA LYS A 27 -1.23 12.25 8.68
C LYS A 27 -0.13 13.01 9.39
N LEU A 28 0.47 12.42 10.43
CA LEU A 28 1.59 13.03 11.12
C LEU A 28 2.93 12.72 10.45
N ARG A 29 2.93 11.91 9.38
CA ARG A 29 4.14 11.57 8.63
C ARG A 29 5.19 10.92 9.53
N LEU A 30 4.73 10.00 10.39
CA LEU A 30 5.60 9.25 11.29
C LEU A 30 5.41 7.77 11.05
N ALA A 31 6.52 7.06 10.79
CA ALA A 31 6.44 5.63 10.55
C ALA A 31 6.17 4.87 11.84
N SER A 32 6.61 5.38 12.98
CA SER A 32 6.40 4.78 14.28
C SER A 32 5.99 5.87 15.26
N PRO A 33 5.30 5.51 16.33
CA PRO A 33 4.94 6.50 17.35
C PRO A 33 6.18 7.11 17.97
N PRO A 34 6.17 8.41 18.24
CA PRO A 34 7.37 9.07 18.78
C PRO A 34 7.71 8.57 20.17
N SER A 35 9.00 8.52 20.46
CA SER A 35 9.46 8.12 21.79
C SER A 35 9.05 9.15 22.82
N GLN A 36 8.62 8.66 23.99
CA GLN A 36 8.16 9.51 25.08
C GLN A 36 9.21 9.69 26.17
N GLY A 37 10.47 9.35 25.87
CA GLY A 37 11.50 9.45 26.89
C GLY A 37 11.93 10.86 27.19
N GLU A 38 11.81 11.76 26.22
CA GLU A 38 12.22 13.15 26.39
C GLU A 38 11.10 14.05 26.90
N VAL A 39 9.91 13.51 27.10
CA VAL A 39 8.80 14.32 27.61
C VAL A 39 9.03 14.61 29.10
N PRO A 40 9.01 15.87 29.52
CA PRO A 40 9.21 16.18 30.94
C PRO A 40 8.01 15.80 31.77
N PRO A 41 8.21 15.29 32.98
CA PRO A 41 7.07 14.97 33.85
C PRO A 41 6.31 16.22 34.25
N GLY A 42 5.01 16.05 34.47
CA GLY A 42 4.17 17.14 34.91
C GLY A 42 3.15 17.56 33.88
N PRO A 43 2.26 18.48 34.26
CA PRO A 43 1.23 18.93 33.33
C PRO A 43 1.82 19.69 32.15
N LEU A 44 1.04 19.74 31.07
CA LEU A 44 1.46 20.45 29.88
C LEU A 44 1.52 21.96 30.17
N PRO A 45 2.39 22.69 29.47
CA PRO A 45 2.47 24.14 29.67
C PRO A 45 1.13 24.83 29.41
N GLU A 46 0.88 25.88 30.18
CA GLU A 46 -0.39 26.59 30.07
C GLU A 46 -0.56 27.22 28.70
N ALA A 47 0.53 27.69 28.09
CA ALA A 47 0.45 28.25 26.75
C ALA A 47 0.07 27.19 25.72
N VAL A 48 0.50 25.95 25.92
CA VAL A 48 0.11 24.87 25.01
C VAL A 48 -1.35 24.50 25.22
N LEU A 49 -1.75 24.36 26.49
CA LEU A 49 -3.14 24.02 26.79
C LEU A 49 -4.10 25.11 26.34
N ALA A 50 -3.68 26.38 26.42
CA ALA A 50 -4.51 27.46 25.92
C ALA A 50 -4.60 27.44 24.39
N LEU A 51 -3.54 26.99 23.72
CA LEU A 51 -3.58 26.88 22.26
C LEU A 51 -4.51 25.76 21.83
N TYR A 52 -4.46 24.61 22.53
CA TYR A 52 -5.37 23.51 22.22
C TYR A 52 -6.82 23.90 22.48
N ASN A 53 -7.06 24.76 23.47
CA ASN A 53 -8.43 25.21 23.73
C ASN A 53 -8.95 26.12 22.63
N SER A 54 -8.06 26.80 21.92
CA SER A 54 -8.49 27.72 20.86
C SER A 54 -9.05 26.97 19.66
N THR A 55 -8.54 25.75 19.39
CA THR A 55 -9.06 24.97 18.28
C THR A 55 -10.37 24.27 18.64
N ARG A 56 -10.47 23.76 19.87
CA ARG A 56 -11.67 23.07 20.30
C ARG A 56 -12.83 24.01 20.59
N ASP A 57 -12.55 25.29 20.82
CA ASP A 57 -13.61 26.24 21.14
C ASP A 57 -14.55 26.42 19.95
N ARG A 58 -15.85 26.47 20.25
CA ARG A 58 -16.85 26.66 19.22
C ARG A 58 -16.91 28.12 18.79
N VAL A 59 -17.18 28.33 17.50
CA VAL A 59 -17.27 29.68 16.96
C VAL A 59 -18.51 29.82 16.08
N GLU A 69 -9.01 29.86 -2.26
CA GLU A 69 -8.86 29.07 -1.04
C GLU A 69 -8.77 27.59 -1.36
N PRO A 70 -7.55 27.09 -1.63
CA PRO A 70 -7.39 25.67 -1.95
C PRO A 70 -7.79 24.78 -0.79
N GLU A 71 -8.22 23.57 -1.14
CA GLU A 71 -8.70 22.62 -0.15
C GLU A 71 -7.57 22.18 0.76
N ALA A 72 -7.93 21.83 2.00
CA ALA A 72 -6.95 21.38 2.97
C ALA A 72 -6.33 20.05 2.55
N ASP A 73 -5.11 19.81 3.00
CA ASP A 73 -4.36 18.61 2.64
C ASP A 73 -4.67 17.47 3.60
N TYR A 74 -4.31 16.26 3.18
CA TYR A 74 -4.50 15.07 4.02
C TYR A 74 -3.63 15.14 5.26
N TYR A 75 -2.42 15.67 5.13
CA TYR A 75 -1.46 15.66 6.23
C TYR A 75 -1.82 16.69 7.27
N ALA A 76 -1.27 16.51 8.47
CA ALA A 76 -1.58 17.37 9.60
C ALA A 76 -1.08 18.79 9.37
N LYS A 77 -1.76 19.74 9.99
CA LYS A 77 -1.39 21.15 9.93
C LYS A 77 -1.01 21.63 11.33
N GLU A 78 0.16 22.25 11.45
CA GLU A 78 0.60 22.77 12.73
C GLU A 78 -0.22 23.99 13.12
N VAL A 79 -0.53 24.10 14.40
CA VAL A 79 -1.38 25.17 14.93
C VAL A 79 -0.52 26.13 15.74
N THR A 80 -0.64 27.43 15.44
CA THR A 80 0.01 28.48 16.20
C THR A 80 -0.95 29.64 16.36
N ARG A 81 -0.77 30.41 17.43
CA ARG A 81 -1.60 31.57 17.71
C ARG A 81 -0.72 32.79 17.95
N VAL A 82 -1.15 33.94 17.42
CA VAL A 82 -0.44 35.20 17.59
C VAL A 82 -1.48 36.28 17.91
N LEU A 83 -1.21 37.06 18.95
CA LEU A 83 -2.12 38.13 19.35
C LEU A 83 -1.54 39.50 19.00
N ILE A 102 -12.70 49.89 15.75
CA ILE A 102 -11.75 49.18 16.58
C ILE A 102 -10.65 48.56 15.73
N TYR A 103 -9.46 49.16 15.78
CA TYR A 103 -8.32 48.67 15.02
C TYR A 103 -7.56 47.64 15.83
N MET A 104 -7.22 46.53 15.17
CA MET A 104 -6.49 45.42 15.82
C MET A 104 -5.25 45.12 14.98
N PHE A 105 -4.11 45.63 15.42
CA PHE A 105 -2.85 45.45 14.70
C PHE A 105 -2.10 44.24 15.23
N PHE A 106 -1.22 43.70 14.38
CA PHE A 106 -0.41 42.54 14.73
C PHE A 106 1.00 42.74 14.20
N ASN A 107 1.96 42.22 14.95
CA ASN A 107 3.36 42.30 14.54
C ASN A 107 3.64 41.31 13.43
N THR A 108 4.07 41.81 12.26
CA THR A 108 4.35 40.93 11.13
C THR A 108 5.56 40.05 11.39
N SER A 109 6.49 40.51 12.23
CA SER A 109 7.66 39.69 12.55
C SER A 109 7.27 38.47 13.37
N GLU A 110 6.29 38.63 14.26
CA GLU A 110 5.84 37.49 15.06
C GLU A 110 5.10 36.46 14.21
N LEU A 111 4.40 36.92 13.17
CA LEU A 111 3.69 35.99 12.30
C LEU A 111 4.66 35.17 11.47
N ARG A 112 5.78 35.77 11.05
CA ARG A 112 6.76 35.04 10.26
C ARG A 112 7.48 33.97 11.08
N GLU A 113 7.55 34.16 12.40
CA GLU A 113 8.18 33.15 13.25
C GLU A 113 7.29 31.94 13.40
N ALA A 114 5.98 32.15 13.56
CA ALA A 114 5.06 31.02 13.68
C ALA A 114 4.92 30.27 12.35
N VAL A 115 4.97 30.97 11.24
CA VAL A 115 4.90 30.38 9.91
C VAL A 115 6.15 30.78 9.14
N PRO A 116 7.16 29.91 9.09
CA PRO A 116 8.45 30.31 8.48
C PRO A 116 8.35 30.70 7.01
N GLU A 117 7.44 30.10 6.25
CA GLU A 117 7.30 30.41 4.84
C GLU A 117 5.85 30.75 4.52
N PRO A 118 5.62 31.67 3.58
CA PRO A 118 4.23 32.04 3.26
C PRO A 118 3.45 30.90 2.62
N VAL A 119 4.12 29.96 1.95
CA VAL A 119 3.41 28.85 1.32
C VAL A 119 2.94 27.81 2.32
N LEU A 120 3.52 27.79 3.53
CA LEU A 120 3.16 26.76 4.51
C LEU A 120 1.76 26.96 5.07
N LEU A 121 1.27 28.20 5.07
CA LEU A 121 -0.03 28.49 5.65
C LEU A 121 -1.15 27.84 4.84
N SER A 122 -2.12 27.26 5.55
CA SER A 122 -3.29 26.65 4.93
C SER A 122 -4.60 27.30 5.34
N ARG A 123 -4.70 27.81 6.57
CA ARG A 123 -5.89 28.53 7.02
C ARG A 123 -5.50 29.43 8.17
N ALA A 124 -6.05 30.64 8.18
CA ALA A 124 -5.81 31.61 9.26
C ALA A 124 -7.11 32.35 9.53
N GLU A 125 -7.59 32.26 10.77
CA GLU A 125 -8.84 32.90 11.17
C GLU A 125 -8.62 33.64 12.48
N LEU A 126 -9.00 34.91 12.51
CA LEU A 126 -8.90 35.69 13.74
C LEU A 126 -10.06 35.37 14.66
N ARG A 127 -9.79 35.42 15.96
CA ARG A 127 -10.77 35.10 16.99
C ARG A 127 -10.97 36.29 17.90
N LEU A 128 -12.24 36.54 18.26
CA LEU A 128 -12.60 37.64 19.14
C LEU A 128 -13.73 37.19 20.06
N LEU A 129 -13.68 37.63 21.31
CA LEU A 129 -14.67 37.25 22.33
C LEU A 129 -15.62 38.42 22.53
N ARG A 130 -16.75 38.38 21.86
CA ARG A 130 -17.77 39.42 22.05
C ARG A 130 -18.43 39.27 23.41
N LEU A 131 -18.77 40.40 24.02
CA LEU A 131 -19.33 40.42 25.37
C LEU A 131 -20.77 40.93 25.37
N LYS A 132 -20.99 42.17 24.93
CA LYS A 132 -22.33 42.77 24.94
C LYS A 132 -23.17 42.16 23.82
N LEU A 133 -24.13 41.31 24.19
CA LEU A 133 -25.01 40.64 23.24
C LEU A 133 -26.47 40.85 23.66
N LYS A 134 -26.87 42.12 23.71
CA LYS A 134 -28.23 42.48 24.08
C LYS A 134 -29.15 42.58 22.86
N VAL A 135 -28.66 43.17 21.77
CA VAL A 135 -29.43 43.33 20.55
C VAL A 135 -28.60 42.87 19.37
N GLU A 136 -29.28 42.47 18.30
CA GLU A 136 -28.58 41.98 17.11
C GLU A 136 -27.90 43.14 16.40
N GLN A 137 -26.72 42.87 15.84
CA GLN A 137 -25.94 43.90 15.16
C GLN A 137 -25.12 43.26 14.06
N HIS A 138 -24.97 43.97 12.95
CA HIS A 138 -24.14 43.55 11.84
C HIS A 138 -22.82 44.30 11.88
N VAL A 139 -21.72 43.57 11.68
CA VAL A 139 -20.38 44.14 11.71
C VAL A 139 -19.69 43.86 10.38
N GLU A 140 -18.64 44.63 10.11
CA GLU A 140 -17.89 44.51 8.87
C GLU A 140 -16.40 44.54 9.17
N LEU A 141 -15.65 43.66 8.51
CA LEU A 141 -14.21 43.57 8.67
C LEU A 141 -13.51 44.18 7.46
N TYR A 142 -12.39 44.85 7.71
CA TYR A 142 -11.64 45.50 6.65
C TYR A 142 -10.15 45.34 6.92
N GLN A 143 -9.36 45.34 5.84
CA GLN A 143 -7.91 45.18 5.96
C GLN A 143 -7.19 46.50 5.69
N LEU A 153 -12.45 42.33 4.42
CA LEU A 153 -13.60 42.46 3.54
C LEU A 153 -14.61 41.33 3.79
N SER A 154 -15.29 41.39 4.92
CA SER A 154 -16.28 40.39 5.26
C SER A 154 -17.28 41.01 6.23
N ASN A 155 -18.46 40.38 6.32
CA ASN A 155 -19.53 40.85 7.18
C ASN A 155 -20.29 39.66 7.74
N ARG A 156 -20.73 39.78 9.00
CA ARG A 156 -21.47 38.72 9.65
C ARG A 156 -22.38 39.33 10.70
N LEU A 157 -23.56 38.74 10.86
CA LEU A 157 -24.54 39.19 11.83
C LEU A 157 -24.37 38.45 13.14
N LEU A 158 -24.49 39.18 14.25
CA LEU A 158 -24.34 38.63 15.60
C LEU A 158 -25.71 38.55 16.24
N ALA A 159 -26.18 37.32 16.47
CA ALA A 159 -27.48 37.12 17.08
C ALA A 159 -27.42 37.41 18.57
N PRO A 160 -28.50 37.95 19.16
CA PRO A 160 -28.46 38.33 20.58
C PRO A 160 -28.58 37.13 21.51
N SER A 161 -27.44 36.64 22.00
CA SER A 161 -27.39 35.62 23.04
C SER A 161 -26.53 36.16 24.16
N ASP A 162 -27.17 36.52 25.29
CA ASP A 162 -26.50 37.28 26.35
C ASP A 162 -25.23 36.63 26.85
N SER A 163 -25.05 35.32 26.64
CA SER A 163 -23.83 34.66 27.04
C SER A 163 -22.68 35.05 26.12
N PRO A 164 -21.45 35.08 26.63
CA PRO A 164 -20.31 35.41 25.78
C PRO A 164 -20.09 34.34 24.71
N GLU A 165 -19.59 34.79 23.56
CA GLU A 165 -19.37 33.90 22.43
C GLU A 165 -18.16 34.36 21.64
N TRP A 166 -17.38 33.39 21.15
CA TRP A 166 -16.24 33.67 20.31
C TRP A 166 -16.67 33.83 18.86
N LEU A 167 -16.08 34.81 18.18
CA LEU A 167 -16.35 35.07 16.77
C LEU A 167 -15.09 34.80 15.95
N SER A 168 -15.27 34.15 14.81
CA SER A 168 -14.16 33.79 13.94
C SER A 168 -14.46 34.24 12.51
N PHE A 169 -13.44 34.75 11.83
CA PHE A 169 -13.54 35.19 10.45
C PHE A 169 -12.34 34.68 9.67
N ASP A 170 -12.60 34.01 8.57
CA ASP A 170 -11.52 33.44 7.76
C ASP A 170 -10.75 34.55 7.07
N VAL A 171 -9.44 34.63 7.37
CA VAL A 171 -8.58 35.64 6.76
C VAL A 171 -7.28 34.97 6.34
N THR A 172 -7.38 33.77 5.78
CA THR A 172 -6.18 33.04 5.35
C THR A 172 -5.48 33.73 4.20
N GLY A 173 -6.22 34.40 3.32
CA GLY A 173 -5.60 35.06 2.19
C GLY A 173 -4.84 36.31 2.59
N VAL A 174 -5.37 37.05 3.57
CA VAL A 174 -4.71 38.28 4.01
C VAL A 174 -3.46 37.96 4.82
N VAL A 175 -3.52 36.92 5.65
CA VAL A 175 -2.35 36.54 6.44
C VAL A 175 -1.27 35.94 5.55
N ARG A 176 -1.65 35.37 4.40
CA ARG A 176 -0.67 34.86 3.46
C ARG A 176 0.11 35.99 2.80
N GLN A 177 -0.58 37.08 2.46
CA GLN A 177 0.09 38.23 1.85
C GLN A 177 1.00 38.92 2.85
N TRP A 178 0.68 38.86 4.15
CA TRP A 178 1.52 39.50 5.16
C TRP A 178 2.81 38.74 5.37
N LEU A 179 2.83 37.43 5.12
CA LEU A 179 4.03 36.63 5.33
C LEU A 179 5.13 37.00 4.34
N SER A 180 4.76 37.39 3.12
CA SER A 180 5.74 37.77 2.12
C SER A 180 6.29 39.17 2.40
N GLU A 186 0.75 44.97 9.84
CA GLU A 186 -0.59 45.40 9.46
C GLU A 186 -1.63 44.90 10.47
N GLY A 187 -2.90 45.12 10.17
CA GLY A 187 -3.96 44.71 11.06
C GLY A 187 -5.31 44.88 10.41
N PHE A 188 -6.34 44.61 11.19
CA PHE A 188 -7.73 44.69 10.74
C PHE A 188 -8.49 45.74 11.53
N ARG A 189 -9.59 46.22 10.93
CA ARG A 189 -10.50 47.15 11.56
C ARG A 189 -11.89 46.57 11.51
N LEU A 190 -12.61 46.61 12.64
CA LEU A 190 -13.96 46.09 12.75
C LEU A 190 -14.91 47.24 13.02
N SER A 191 -15.88 47.43 12.14
CA SER A 191 -16.87 48.51 12.27
C SER A 191 -18.26 47.94 12.04
N ALA A 192 -19.25 48.64 12.59
CA ALA A 192 -20.64 48.24 12.42
C ALA A 192 -21.08 48.49 10.98
N HIS A 193 -22.13 47.77 10.57
CA HIS A 193 -22.67 47.95 9.24
C HIS A 193 -23.23 49.35 9.06
N CYS A 194 -22.92 49.97 7.92
CA CYS A 194 -23.34 51.32 7.61
C CYS A 194 -24.21 51.29 6.36
N SER A 195 -25.47 51.71 6.50
CA SER A 195 -26.35 51.86 5.35
C SER A 195 -26.20 53.26 4.78
N CYS A 196 -26.41 53.37 3.47
CA CYS A 196 -26.27 54.66 2.80
C CYS A 196 -27.31 55.66 3.29
N ASN A 225 -9.37 36.74 27.50
CA ASN A 225 -8.21 36.75 26.62
C ASN A 225 -8.39 37.78 25.51
N ARG A 226 -7.28 38.40 25.10
CA ARG A 226 -7.33 39.40 24.05
C ARG A 226 -7.59 38.73 22.70
N PRO A 227 -8.17 39.46 21.74
CA PRO A 227 -8.38 38.89 20.41
C PRO A 227 -7.07 38.49 19.76
N PHE A 228 -7.11 37.38 19.01
CA PHE A 228 -5.92 36.83 18.40
C PHE A 228 -6.30 36.19 17.07
N LEU A 229 -5.30 35.98 16.22
CA LEU A 229 -5.48 35.26 14.97
C LEU A 229 -4.96 33.83 15.13
N LEU A 230 -5.82 32.86 14.81
CA LEU A 230 -5.44 31.45 14.90
C LEU A 230 -4.90 31.01 13.55
N LEU A 231 -3.69 30.45 13.55
CA LEU A 231 -3.01 30.07 12.33
C LEU A 231 -2.83 28.55 12.27
N MET A 232 -3.07 27.99 11.09
CA MET A 232 -2.84 26.58 10.82
C MET A 232 -2.00 26.46 9.56
N ALA A 233 -0.88 25.76 9.65
CA ALA A 233 0.07 25.70 8.55
C ALA A 233 0.78 24.36 8.56
N THR A 234 1.33 24.00 7.41
CA THR A 234 2.11 22.77 7.31
C THR A 234 3.45 22.94 8.02
N PRO A 235 3.84 22.02 8.89
CA PRO A 235 5.13 22.15 9.57
C PRO A 235 6.29 22.02 8.60
N LEU A 236 7.37 22.74 8.91
CA LEU A 236 8.57 22.65 8.07
C LEU A 236 9.19 21.26 8.11
N GLU A 237 9.08 20.59 9.25
CA GLU A 237 9.59 19.22 9.43
C GLU A 237 11.07 19.12 9.09
N ALA B 1 -10.08 14.99 -5.36
CA ALA B 1 -10.08 16.38 -5.76
C ALA B 1 -9.28 16.58 -7.05
N LEU B 2 -9.52 15.71 -8.02
CA LEU B 2 -8.93 15.82 -9.35
C LEU B 2 -10.07 16.11 -10.33
N ASP B 3 -10.05 17.29 -10.93
CA ASP B 3 -11.16 17.74 -11.76
C ASP B 3 -10.96 17.31 -13.22
N THR B 4 -11.98 17.60 -14.03
CA THR B 4 -11.91 17.35 -15.47
C THR B 4 -10.70 18.00 -16.10
N ASN B 5 -10.43 19.26 -15.73
CA ASN B 5 -9.32 20.02 -16.32
C ASN B 5 -7.99 19.28 -16.26
N TYR B 6 -7.79 18.42 -15.26
CA TYR B 6 -6.52 17.73 -15.12
C TYR B 6 -6.52 16.39 -15.84
N CYS B 7 -7.50 15.54 -15.57
CA CYS B 7 -7.53 14.18 -16.10
C CYS B 7 -8.14 14.03 -17.48
N PHE B 8 -8.51 15.11 -18.16
CA PHE B 8 -8.99 14.98 -19.54
C PHE B 8 -7.79 15.00 -20.48
N SER B 9 -7.69 13.94 -21.30
CA SER B 9 -6.56 13.76 -22.22
C SER B 9 -5.24 13.74 -21.46
N SER B 10 -5.24 13.10 -20.30
CA SER B 10 -4.06 12.95 -19.46
C SER B 10 -3.79 11.47 -19.20
N THR B 11 -2.52 11.09 -19.26
CA THR B 11 -2.12 9.73 -18.92
C THR B 11 -2.09 9.61 -17.40
N GLU B 12 -3.26 9.35 -16.82
CA GLU B 12 -3.39 9.22 -15.38
C GLU B 12 -3.79 7.78 -15.07
N LYS B 13 -2.98 7.11 -14.24
CA LYS B 13 -3.28 5.74 -13.86
C LYS B 13 -4.20 5.68 -12.66
N ASN B 14 -4.00 6.58 -11.69
CA ASN B 14 -4.88 6.64 -10.54
C ASN B 14 -6.27 7.14 -10.96
N CYS B 15 -7.22 6.97 -10.05
CA CYS B 15 -8.63 7.25 -10.33
C CYS B 15 -8.96 8.73 -10.37
N CYS B 16 -9.76 9.10 -11.36
CA CYS B 16 -10.35 10.43 -11.50
C CYS B 16 -11.52 10.32 -12.47
N VAL B 17 -12.11 11.46 -12.81
CA VAL B 17 -13.30 11.48 -13.64
C VAL B 17 -12.94 11.12 -15.08
N ARG B 18 -13.69 10.17 -15.64
CA ARG B 18 -13.52 9.68 -16.99
C ARG B 18 -14.60 10.27 -17.89
N GLN B 19 -14.24 10.59 -19.13
CA GLN B 19 -15.17 11.17 -20.07
C GLN B 19 -16.26 10.18 -20.47
N LEU B 20 -17.51 10.65 -20.49
CA LEU B 20 -18.63 9.84 -20.95
C LEU B 20 -19.79 10.77 -21.31
N TYR B 21 -20.14 10.80 -22.60
CA TYR B 21 -21.31 11.52 -23.08
C TYR B 21 -22.44 10.53 -23.30
N ILE B 22 -23.64 10.87 -22.79
CA ILE B 22 -24.80 10.00 -22.89
C ILE B 22 -25.84 10.68 -23.76
N ASP B 23 -26.21 10.01 -24.86
CA ASP B 23 -27.27 10.47 -25.75
C ASP B 23 -28.57 9.78 -25.35
N PHE B 24 -29.59 10.59 -25.03
CA PHE B 24 -30.85 10.02 -24.53
C PHE B 24 -31.48 9.08 -25.56
N ARG B 25 -31.37 9.42 -26.84
CA ARG B 25 -31.98 8.60 -27.88
C ARG B 25 -31.14 7.36 -28.16
N LYS B 26 -29.83 7.54 -28.32
CA LYS B 26 -28.98 6.43 -28.75
C LYS B 26 -28.64 5.50 -27.60
N ASP B 27 -28.27 6.05 -26.45
CA ASP B 27 -27.80 5.20 -25.35
C ASP B 27 -28.95 4.64 -24.53
N LEU B 28 -30.01 5.44 -24.31
CA LEU B 28 -31.12 5.04 -23.47
C LEU B 28 -32.38 4.68 -24.25
N GLY B 29 -32.44 4.98 -25.54
CA GLY B 29 -33.65 4.73 -26.29
C GLY B 29 -34.81 5.61 -25.90
N TRP B 30 -34.54 6.81 -25.41
CA TRP B 30 -35.57 7.72 -24.94
C TRP B 30 -35.83 8.83 -25.96
N LYS B 31 -37.10 9.10 -26.22
CA LYS B 31 -37.51 10.21 -27.07
C LYS B 31 -38.34 11.25 -26.34
N TRP B 32 -38.61 11.06 -25.05
CA TRP B 32 -39.47 11.97 -24.30
C TRP B 32 -38.72 13.20 -23.78
N ILE B 33 -37.39 13.20 -23.81
CA ILE B 33 -36.61 14.36 -23.40
C ILE B 33 -36.34 15.18 -24.65
N HIS B 34 -37.09 16.27 -24.80
CA HIS B 34 -36.96 17.10 -26.00
C HIS B 34 -35.63 17.87 -25.99
N GLU B 35 -35.28 18.46 -24.85
CA GLU B 35 -34.01 19.16 -24.71
C GLU B 35 -33.42 18.84 -23.34
N PRO B 36 -32.10 18.60 -23.27
CA PRO B 36 -31.20 18.57 -24.42
C PRO B 36 -31.18 17.19 -25.09
N LYS B 37 -30.40 17.05 -26.16
CA LYS B 37 -30.23 15.74 -26.78
C LYS B 37 -29.29 14.84 -25.98
N GLY B 38 -28.54 15.40 -25.03
CA GLY B 38 -27.60 14.62 -24.25
C GLY B 38 -26.75 15.54 -23.41
N TYR B 39 -25.86 14.93 -22.65
CA TYR B 39 -25.00 15.69 -21.74
C TYR B 39 -23.81 14.83 -21.34
N HIS B 40 -22.76 15.51 -20.87
CA HIS B 40 -21.52 14.86 -20.46
C HIS B 40 -21.65 14.47 -18.99
N ALA B 41 -22.22 13.28 -18.75
CA ALA B 41 -22.43 12.81 -17.39
C ALA B 41 -21.13 12.46 -16.70
N ASN B 42 -20.26 11.73 -17.40
CA ASN B 42 -18.95 11.29 -16.89
C ASN B 42 -19.11 10.30 -15.74
N PHE B 43 -17.98 9.77 -15.25
CA PHE B 43 -18.00 8.80 -14.16
C PHE B 43 -16.61 8.70 -13.56
N CYS B 44 -16.56 8.18 -12.33
CA CYS B 44 -15.30 7.92 -11.65
C CYS B 44 -14.90 6.47 -11.85
N LEU B 45 -13.62 6.23 -12.10
CA LEU B 45 -13.10 4.87 -12.24
C LEU B 45 -11.60 4.87 -12.03
N GLY B 46 -11.09 3.84 -11.37
CA GLY B 46 -9.68 3.70 -11.15
C GLY B 46 -9.37 3.25 -9.74
N PRO B 47 -8.28 2.50 -9.56
CA PRO B 47 -7.94 2.06 -8.21
C PRO B 47 -7.52 3.23 -7.35
N CYS B 48 -7.84 3.14 -6.06
CA CYS B 48 -7.39 4.12 -5.03
C CYS B 48 -6.66 3.43 -3.89
N PRO B 49 -5.36 3.20 -4.00
CA PRO B 49 -4.62 2.55 -2.92
C PRO B 49 -4.55 3.44 -1.69
N TYR B 50 -4.45 2.79 -0.52
CA TYR B 50 -4.24 3.53 0.73
C TYR B 50 -3.02 4.43 0.61
N ILE B 51 -3.12 5.62 1.21
CA ILE B 51 -2.09 6.64 1.07
C ILE B 51 -0.77 6.20 1.67
N TRP B 52 -0.80 5.26 2.63
CA TRP B 52 0.46 4.69 3.09
C TRP B 52 1.01 3.69 2.09
N SER B 53 0.14 2.94 1.42
CA SER B 53 0.52 1.90 0.47
C SER B 53 0.59 2.42 -0.97
N LEU B 54 0.89 3.70 -1.17
CA LEU B 54 0.93 4.26 -2.51
C LEU B 54 2.37 4.51 -2.94
N ASP B 55 2.66 4.17 -4.19
CA ASP B 55 3.97 4.42 -4.77
C ASP B 55 4.19 5.91 -4.97
N THR B 56 5.47 6.32 -4.97
CA THR B 56 5.74 7.71 -5.28
C THR B 56 5.30 8.01 -6.72
N GLN B 57 4.97 9.26 -6.97
CA GLN B 57 4.35 9.63 -8.24
C GLN B 57 4.38 11.15 -8.38
N TYR B 58 3.68 11.64 -9.39
CA TYR B 58 3.53 13.08 -9.60
C TYR B 58 2.82 13.74 -8.41
N SER B 59 3.16 15.00 -8.18
CA SER B 59 2.69 15.73 -7.02
C SER B 59 1.17 15.87 -6.99
N LYS B 60 0.53 15.91 -8.16
CA LYS B 60 -0.90 16.18 -8.24
C LYS B 60 -1.75 15.00 -7.78
N VAL B 61 -1.18 13.80 -7.69
CA VAL B 61 -1.97 12.65 -7.26
C VAL B 61 -2.35 12.76 -5.79
N LEU B 62 -1.64 13.58 -5.01
CA LEU B 62 -1.95 13.74 -3.60
C LEU B 62 -3.32 14.39 -3.37
N ALA B 63 -3.83 15.14 -4.35
CA ALA B 63 -5.10 15.86 -4.18
C ALA B 63 -6.29 14.91 -4.00
N LEU B 64 -6.17 13.66 -4.44
CA LEU B 64 -7.29 12.73 -4.27
C LEU B 64 -7.56 12.43 -2.81
N TYR B 65 -6.53 12.46 -1.99
CA TYR B 65 -6.59 12.08 -0.58
C TYR B 65 -6.94 13.23 0.36
N ASN B 66 -7.34 14.39 -0.16
CA ASN B 66 -7.63 15.52 0.72
C ASN B 66 -8.76 15.20 1.69
N GLN B 67 -9.71 14.35 1.28
CA GLN B 67 -10.79 13.92 2.14
C GLN B 67 -10.68 12.44 2.49
N HIS B 68 -9.45 11.93 2.56
CA HIS B 68 -9.20 10.51 2.74
C HIS B 68 -9.39 10.13 4.20
N ASN B 69 -10.10 9.03 4.44
CA ASN B 69 -10.40 8.56 5.78
C ASN B 69 -10.31 7.03 5.77
N PRO B 70 -9.09 6.50 5.94
CA PRO B 70 -8.93 5.04 5.88
C PRO B 70 -9.73 4.28 6.92
N GLY B 71 -9.95 4.86 8.09
CA GLY B 71 -10.71 4.18 9.12
C GLY B 71 -12.21 4.23 8.94
N ALA B 72 -12.71 5.00 7.98
CA ALA B 72 -14.14 5.15 7.78
C ALA B 72 -14.71 4.01 6.94
N SER B 73 -14.44 4.04 5.63
CA SER B 73 -14.93 2.99 4.75
C SER B 73 -14.10 1.72 4.91
N ALA B 74 -14.74 0.58 4.61
CA ALA B 74 -14.04 -0.69 4.68
C ALA B 74 -12.97 -0.81 3.60
N ALA B 75 -13.24 -0.24 2.44
CA ALA B 75 -12.32 -0.20 1.31
C ALA B 75 -12.45 1.18 0.67
N PRO B 76 -11.38 1.97 0.62
CA PRO B 76 -11.50 3.32 0.06
C PRO B 76 -11.95 3.25 -1.39
N CYS B 77 -12.84 4.16 -1.75
CA CYS B 77 -13.42 4.20 -3.09
C CYS B 77 -13.22 5.57 -3.70
N CYS B 78 -13.09 5.56 -5.02
CA CYS B 78 -12.96 6.79 -5.80
C CYS B 78 -14.36 7.26 -6.18
N VAL B 79 -14.85 8.27 -5.46
CA VAL B 79 -16.22 8.72 -5.61
C VAL B 79 -16.21 10.18 -6.07
N PRO B 80 -17.25 10.66 -6.75
CA PRO B 80 -17.26 12.06 -7.18
C PRO B 80 -17.34 13.00 -6.00
N GLN B 81 -16.68 14.16 -6.15
CA GLN B 81 -16.75 15.21 -5.15
C GLN B 81 -17.55 16.42 -5.63
N ALA B 82 -17.20 16.97 -6.79
CA ALA B 82 -17.94 18.09 -7.36
C ALA B 82 -18.94 17.56 -8.38
N LEU B 83 -20.19 18.00 -8.27
CA LEU B 83 -21.26 17.56 -9.13
C LEU B 83 -22.02 18.78 -9.63
N GLU B 84 -22.61 18.66 -10.82
CA GLU B 84 -23.29 19.78 -11.44
C GLU B 84 -24.68 19.37 -11.91
N PRO B 85 -25.66 20.28 -11.81
CA PRO B 85 -27.03 19.95 -12.20
C PRO B 85 -27.22 19.89 -13.71
N LEU B 86 -28.32 19.25 -14.10
CA LEU B 86 -28.70 19.12 -15.51
C LEU B 86 -30.14 19.56 -15.69
N PRO B 87 -30.38 20.76 -16.23
CA PRO B 87 -31.75 21.15 -16.59
C PRO B 87 -32.18 20.43 -17.87
N ILE B 88 -33.46 20.06 -17.92
CA ILE B 88 -34.02 19.34 -19.06
C ILE B 88 -35.38 19.94 -19.40
N VAL B 89 -35.88 19.59 -20.58
CA VAL B 89 -37.21 19.98 -21.04
C VAL B 89 -37.90 18.73 -21.57
N TYR B 90 -39.06 18.40 -21.02
CA TYR B 90 -39.81 17.23 -21.44
C TYR B 90 -41.29 17.50 -21.30
N TYR B 91 -42.08 16.81 -22.11
CA TYR B 91 -43.54 16.93 -22.07
C TYR B 91 -44.13 15.88 -21.16
N VAL B 92 -45.12 16.27 -20.37
CA VAL B 92 -45.97 15.34 -19.62
C VAL B 92 -47.39 15.58 -20.13
N GLY B 93 -47.84 14.72 -21.04
CA GLY B 93 -49.10 14.97 -21.70
C GLY B 93 -48.97 16.09 -22.72
N ARG B 94 -49.61 17.23 -22.46
CA ARG B 94 -49.58 18.36 -23.38
C ARG B 94 -48.81 19.56 -22.88
N LYS B 95 -48.41 19.60 -21.61
CA LYS B 95 -47.76 20.78 -21.05
C LYS B 95 -46.24 20.59 -21.04
N PRO B 96 -45.48 21.47 -21.68
CA PRO B 96 -44.01 21.38 -21.58
C PRO B 96 -43.54 21.82 -20.20
N LYS B 97 -42.47 21.17 -19.74
CA LYS B 97 -41.94 21.43 -18.41
C LYS B 97 -40.43 21.56 -18.43
N VAL B 98 -39.93 22.54 -17.69
CA VAL B 98 -38.49 22.76 -17.51
C VAL B 98 -38.16 22.45 -16.06
N GLU B 99 -37.35 21.43 -15.84
CA GLU B 99 -36.97 20.99 -14.50
C GLU B 99 -35.47 20.74 -14.47
N GLN B 100 -34.88 20.86 -13.28
CA GLN B 100 -33.44 20.72 -13.10
C GLN B 100 -33.16 19.54 -12.17
N LEU B 101 -32.39 18.57 -12.66
CA LEU B 101 -31.97 17.42 -11.86
C LEU B 101 -30.65 17.74 -11.17
N SER B 102 -30.58 17.45 -9.86
CA SER B 102 -29.39 17.74 -9.09
C SER B 102 -28.34 16.64 -9.23
N ASN B 103 -27.07 17.05 -9.18
CA ASN B 103 -25.93 16.14 -9.13
C ASN B 103 -25.95 15.11 -10.26
N MET B 104 -25.88 15.62 -11.49
CA MET B 104 -25.89 14.79 -12.68
C MET B 104 -24.54 14.66 -13.37
N ILE B 105 -23.80 15.77 -13.51
CA ILE B 105 -22.51 15.78 -14.17
C ILE B 105 -21.42 15.64 -13.11
N VAL B 106 -20.46 14.76 -13.36
CA VAL B 106 -19.33 14.58 -12.45
C VAL B 106 -18.18 15.47 -12.93
N ARG B 107 -17.71 16.35 -12.05
CA ARG B 107 -16.63 17.26 -12.38
C ARG B 107 -15.30 16.84 -11.77
N SER B 108 -15.31 16.25 -10.58
CA SER B 108 -14.09 15.80 -9.96
C SER B 108 -14.38 14.55 -9.14
N CYS B 109 -13.39 13.68 -9.04
CA CYS B 109 -13.47 12.45 -8.28
C CYS B 109 -12.41 12.49 -7.19
N LYS B 110 -12.74 11.87 -6.06
CA LYS B 110 -11.83 11.85 -4.91
C LYS B 110 -11.79 10.44 -4.36
N CYS B 111 -10.64 10.10 -3.77
CA CYS B 111 -10.49 8.82 -3.12
C CYS B 111 -11.04 8.96 -1.69
N SER B 112 -11.87 8.01 -1.27
CA SER B 112 -12.58 8.17 0.01
C SER B 112 -11.76 7.61 1.17
N THR C 3 -5.08 -2.40 -7.51
CA THR C 3 -4.00 -1.55 -8.01
C THR C 3 -3.31 -2.24 -9.18
N CYS C 4 -3.14 -3.56 -9.09
CA CYS C 4 -2.67 -4.31 -10.25
C CYS C 4 -3.77 -4.28 -11.29
N LYS C 5 -3.40 -4.15 -12.55
CA LYS C 5 -4.33 -3.69 -13.56
C LYS C 5 -5.24 -4.81 -14.04
N THR C 6 -6.55 -4.55 -14.00
CA THR C 6 -7.51 -5.58 -14.38
C THR C 6 -8.87 -5.00 -14.77
N ILE C 7 -9.02 -3.70 -15.01
CA ILE C 7 -10.34 -3.10 -15.19
C ILE C 7 -10.49 -2.54 -16.60
N ASP C 8 -11.59 -2.89 -17.25
CA ASP C 8 -11.99 -2.40 -18.57
C ASP C 8 -13.16 -1.44 -18.44
N MET C 9 -12.95 -0.18 -18.86
CA MET C 9 -13.99 0.83 -18.75
C MET C 9 -15.28 0.48 -19.50
N GLU C 10 -15.22 -0.41 -20.48
CA GLU C 10 -16.40 -0.71 -21.28
C GLU C 10 -17.52 -1.31 -20.43
N LEU C 11 -17.16 -2.21 -19.51
CA LEU C 11 -18.17 -2.76 -18.61
C LEU C 11 -18.67 -1.71 -17.63
N VAL C 12 -17.77 -0.84 -17.17
CA VAL C 12 -18.16 0.20 -16.22
C VAL C 12 -19.08 1.22 -16.87
N LYS C 13 -18.79 1.60 -18.11
CA LYS C 13 -19.63 2.57 -18.81
C LYS C 13 -21.06 2.07 -18.94
N ARG C 14 -21.24 0.78 -19.23
CA ARG C 14 -22.58 0.24 -19.39
C ARG C 14 -23.38 0.32 -18.10
N LYS C 15 -22.72 0.08 -16.96
CA LYS C 15 -23.40 0.21 -15.68
C LYS C 15 -23.67 1.67 -15.34
N ARG C 16 -22.73 2.56 -15.70
CA ARG C 16 -22.95 3.99 -15.47
C ARG C 16 -24.11 4.51 -16.31
N ILE C 17 -24.25 4.01 -17.55
CA ILE C 17 -25.37 4.43 -18.39
C ILE C 17 -26.68 3.92 -17.83
N GLU C 18 -26.73 2.63 -17.47
CA GLU C 18 -27.96 2.06 -16.93
C GLU C 18 -28.33 2.68 -15.59
N ALA C 19 -27.34 3.08 -14.80
CA ALA C 19 -27.64 3.80 -13.57
C ALA C 19 -28.27 5.15 -13.84
N ILE C 20 -27.85 5.82 -14.92
CA ILE C 20 -28.45 7.09 -15.28
C ILE C 20 -29.92 6.91 -15.67
N ARG C 21 -30.25 5.79 -16.30
CA ARG C 21 -31.64 5.53 -16.69
C ARG C 21 -32.56 5.57 -15.47
N GLY C 22 -32.20 4.84 -14.42
CA GLY C 22 -32.99 4.87 -13.20
C GLY C 22 -32.82 6.15 -12.43
N GLN C 23 -31.67 6.81 -12.57
CA GLN C 23 -31.44 8.04 -11.84
C GLN C 23 -32.38 9.14 -12.31
N ILE C 24 -32.52 9.31 -13.63
CA ILE C 24 -33.40 10.36 -14.15
C ILE C 24 -34.85 10.02 -13.86
N LEU C 25 -35.25 8.76 -14.03
CA LEU C 25 -36.63 8.37 -13.78
C LEU C 25 -36.99 8.52 -12.31
N SER C 26 -36.05 8.20 -11.41
CA SER C 26 -36.35 8.30 -9.98
C SER C 26 -36.40 9.75 -9.53
N LYS C 27 -35.49 10.59 -10.04
CA LYS C 27 -35.54 12.01 -9.70
C LYS C 27 -36.82 12.67 -10.22
N LEU C 28 -37.30 12.24 -11.38
CA LEU C 28 -38.56 12.75 -11.92
C LEU C 28 -39.77 12.01 -11.39
N ARG C 29 -39.57 11.00 -10.54
CA ARG C 29 -40.65 10.22 -9.94
C ARG C 29 -41.56 9.64 -11.02
N LEU C 30 -40.96 9.07 -12.06
CA LEU C 30 -41.68 8.52 -13.20
C LEU C 30 -41.60 7.00 -13.16
N ALA C 31 -42.77 6.36 -13.03
CA ALA C 31 -42.82 4.90 -13.08
C ALA C 31 -42.48 4.39 -14.48
N SER C 32 -42.82 5.17 -15.50
CA SER C 32 -42.51 4.86 -16.89
C SER C 32 -42.35 6.18 -17.62
N PRO C 33 -41.59 6.20 -18.71
CA PRO C 33 -41.44 7.45 -19.49
C PRO C 33 -42.78 7.95 -19.96
N PRO C 34 -43.02 9.26 -19.93
CA PRO C 34 -44.34 9.79 -20.29
C PRO C 34 -44.62 9.58 -21.77
N SER C 35 -45.90 9.35 -22.08
CA SER C 35 -46.31 9.14 -23.45
C SER C 35 -46.24 10.44 -24.24
N GLN C 36 -45.83 10.33 -25.51
CA GLN C 36 -45.68 11.48 -26.39
C GLN C 36 -46.93 11.70 -27.24
N GLY C 37 -48.09 11.23 -26.77
CA GLY C 37 -49.30 11.31 -27.58
C GLY C 37 -49.83 12.72 -27.69
N GLU C 38 -49.99 13.40 -26.56
CA GLU C 38 -50.59 14.72 -26.53
C GLU C 38 -49.60 15.83 -26.82
N VAL C 39 -48.40 15.50 -27.27
CA VAL C 39 -47.40 16.54 -27.57
C VAL C 39 -47.86 17.33 -28.79
N PRO C 40 -47.92 18.66 -28.72
CA PRO C 40 -48.30 19.45 -29.88
C PRO C 40 -47.16 19.51 -30.89
N PRO C 41 -47.47 19.40 -32.18
CA PRO C 41 -46.40 19.42 -33.19
C PRO C 41 -45.77 20.80 -33.28
N GLY C 42 -44.51 20.81 -33.71
CA GLY C 42 -43.80 22.05 -33.92
C GLY C 42 -42.72 22.29 -32.88
N PRO C 43 -42.02 23.41 -33.01
CA PRO C 43 -40.96 23.75 -32.06
C PRO C 43 -41.52 24.11 -30.69
N LEU C 44 -40.64 24.02 -29.69
CA LEU C 44 -41.02 24.42 -28.34
C LEU C 44 -41.37 25.91 -28.31
N PRO C 45 -42.32 26.30 -27.47
CA PRO C 45 -42.67 27.73 -27.38
C PRO C 45 -41.50 28.56 -26.89
N GLU C 46 -41.43 29.80 -27.40
CA GLU C 46 -40.30 30.67 -27.08
C GLU C 46 -40.20 30.95 -25.59
N ALA C 47 -41.34 31.01 -24.89
CA ALA C 47 -41.31 31.24 -23.45
C ALA C 47 -40.69 30.05 -22.71
N VAL C 48 -40.93 28.83 -23.19
CA VAL C 48 -40.34 27.66 -22.56
C VAL C 48 -38.85 27.56 -22.88
N LEU C 49 -38.48 27.83 -24.13
CA LEU C 49 -37.07 27.78 -24.51
C LEU C 49 -36.28 28.88 -23.81
N ALA C 50 -36.88 30.05 -23.62
CA ALA C 50 -36.21 31.11 -22.88
C ALA C 50 -36.05 30.76 -21.42
N LEU C 51 -37.04 30.06 -20.84
CA LEU C 51 -36.91 29.61 -19.46
C LEU C 51 -35.82 28.56 -19.32
N TYR C 52 -35.72 27.64 -20.28
CA TYR C 52 -34.68 26.63 -20.25
C TYR C 52 -33.30 27.25 -20.44
N ASN C 53 -33.20 28.32 -21.23
CA ASN C 53 -31.92 29.02 -21.38
C ASN C 53 -31.51 29.72 -20.10
N SER C 54 -32.46 30.19 -19.31
CA SER C 54 -32.14 30.90 -18.08
C SER C 54 -31.47 29.98 -17.06
N THR C 55 -31.86 28.71 -17.03
CA THR C 55 -31.26 27.78 -16.08
C THR C 55 -29.85 27.39 -16.49
N ARG C 56 -29.63 27.13 -17.79
CA ARG C 56 -28.31 26.75 -18.28
C ARG C 56 -27.31 27.90 -18.23
N ASP C 57 -27.77 29.14 -18.13
CA ASP C 57 -26.87 30.28 -18.14
C ASP C 57 -25.92 30.24 -16.94
N ARG C 58 -24.65 30.48 -17.20
CA ARG C 58 -23.62 30.49 -16.18
C ARG C 58 -23.60 31.81 -15.40
N VAL C 59 -23.26 31.72 -14.12
CA VAL C 59 -23.17 32.89 -13.26
C VAL C 59 -21.88 32.84 -12.44
N PRO C 70 -30.78 18.30 3.41
CA PRO C 70 -32.16 17.93 3.08
C PRO C 70 -32.25 16.73 2.14
N GLU C 71 -33.17 15.82 2.43
CA GLU C 71 -33.37 14.66 1.56
C GLU C 71 -33.91 15.06 0.19
N ALA C 72 -34.78 16.07 0.15
CA ALA C 72 -35.50 16.42 -1.07
C ALA C 72 -34.60 16.90 -2.20
N ASP C 73 -33.30 17.06 -1.99
CA ASP C 73 -32.47 17.56 -3.08
C ASP C 73 -32.16 16.50 -4.13
N TYR C 74 -32.47 15.23 -3.86
CA TYR C 74 -32.26 14.22 -4.90
C TYR C 74 -33.26 14.40 -6.03
N TYR C 75 -34.51 14.70 -5.70
CA TYR C 75 -35.58 14.73 -6.68
C TYR C 75 -35.59 16.03 -7.46
N ALA C 76 -36.21 15.97 -8.64
CA ALA C 76 -36.21 17.10 -9.56
C ALA C 76 -36.99 18.28 -8.97
N LYS C 77 -36.61 19.49 -9.38
CA LYS C 77 -37.30 20.70 -8.99
C LYS C 77 -37.85 21.36 -10.25
N GLU C 78 -39.15 21.63 -10.26
CA GLU C 78 -39.76 22.34 -11.37
C GLU C 78 -39.26 23.78 -11.40
N VAL C 79 -39.04 24.30 -12.61
CA VAL C 79 -38.48 25.64 -12.79
C VAL C 79 -39.54 26.55 -13.37
N THR C 80 -39.73 27.70 -12.73
CA THR C 80 -40.58 28.78 -13.24
C THR C 80 -39.88 30.09 -12.95
N ARG C 81 -40.22 31.11 -13.74
CA ARG C 81 -39.67 32.45 -13.54
C ARG C 81 -40.79 33.48 -13.63
N VAL C 82 -40.64 34.54 -12.83
CA VAL C 82 -41.61 35.63 -12.77
C VAL C 82 -40.84 36.94 -12.88
N LEU C 83 -41.12 37.70 -13.95
CA LEU C 83 -40.46 38.98 -14.15
C LEU C 83 -41.04 40.03 -13.21
N MET C 84 -40.23 41.02 -12.87
CA MET C 84 -40.68 42.09 -12.00
C MET C 84 -41.70 42.97 -12.70
N VAL C 85 -42.51 43.67 -11.91
CA VAL C 85 -43.45 44.62 -12.46
C VAL C 85 -42.71 45.70 -13.22
N GLU C 86 -43.32 46.16 -14.32
CA GLU C 86 -42.67 47.15 -15.17
C GLU C 86 -42.43 48.44 -14.39
N THR C 87 -41.39 49.17 -14.82
CA THR C 87 -40.97 50.37 -14.09
C THR C 87 -42.06 51.43 -14.09
N HIS C 88 -42.94 51.42 -15.10
CA HIS C 88 -44.01 52.40 -15.22
C HIS C 88 -45.30 51.95 -14.54
N ASN C 89 -45.25 50.90 -13.73
CA ASN C 89 -46.44 50.37 -13.06
C ASN C 89 -46.36 50.74 -11.58
N GLU C 90 -46.47 52.04 -11.29
CA GLU C 90 -46.43 52.65 -9.97
C GLU C 90 -45.09 52.47 -9.28
N ILE C 91 -44.13 51.77 -9.89
CA ILE C 91 -42.82 51.62 -9.27
C ILE C 91 -42.08 52.95 -9.27
N TYR C 92 -42.06 53.64 -10.41
CA TYR C 92 -41.35 54.91 -10.49
C TYR C 92 -42.17 56.08 -9.95
N ASP C 93 -43.48 55.91 -9.81
CA ASP C 93 -44.33 57.00 -9.31
C ASP C 93 -44.25 57.11 -7.79
N LYS C 94 -44.51 56.00 -7.11
CA LYS C 94 -44.51 55.95 -5.65
C LYS C 94 -43.13 55.72 -5.04
N PHE C 95 -42.16 55.21 -5.80
CA PHE C 95 -40.85 54.87 -5.27
C PHE C 95 -39.75 55.58 -6.05
N LYS C 96 -39.05 56.49 -5.37
CA LYS C 96 -38.01 57.31 -6.00
C LYS C 96 -36.72 56.51 -6.11
N GLN C 97 -36.10 56.56 -7.28
CA GLN C 97 -34.83 55.89 -7.55
C GLN C 97 -33.68 56.86 -7.28
N SER C 98 -32.93 56.60 -6.22
CA SER C 98 -31.81 57.46 -5.84
C SER C 98 -30.56 57.08 -6.63
N THR C 99 -29.41 57.62 -6.24
CA THR C 99 -28.14 57.29 -6.87
C THR C 99 -27.63 55.91 -6.48
N HIS C 100 -28.20 55.29 -5.46
CA HIS C 100 -27.75 53.99 -4.98
C HIS C 100 -28.76 52.87 -5.20
N SER C 101 -30.01 53.05 -4.76
CA SER C 101 -30.99 51.97 -4.78
C SER C 101 -31.84 51.99 -6.03
N ILE C 102 -32.05 50.81 -6.60
CA ILE C 102 -32.97 50.57 -7.69
C ILE C 102 -34.03 49.61 -7.17
N TYR C 103 -35.30 49.97 -7.33
CA TYR C 103 -36.39 49.20 -6.74
C TYR C 103 -36.97 48.23 -7.76
N MET C 104 -37.11 46.98 -7.36
CA MET C 104 -37.64 45.91 -8.20
C MET C 104 -38.76 45.23 -7.43
N PHE C 105 -39.99 45.41 -7.89
CA PHE C 105 -41.16 44.86 -7.22
C PHE C 105 -41.71 43.69 -8.02
N PHE C 106 -42.32 42.74 -7.31
CA PHE C 106 -42.85 41.53 -7.91
C PHE C 106 -44.29 41.32 -7.45
N ASN C 107 -45.09 40.72 -8.32
CA ASN C 107 -46.48 40.42 -8.01
C ASN C 107 -46.53 39.14 -7.18
N THR C 108 -46.99 39.27 -5.93
CA THR C 108 -47.06 38.10 -5.06
C THR C 108 -48.08 37.08 -5.56
N SER C 109 -49.17 37.55 -6.18
CA SER C 109 -50.14 36.63 -6.76
C SER C 109 -49.52 35.84 -7.89
N GLU C 110 -48.62 36.45 -8.67
CA GLU C 110 -47.94 35.72 -9.73
C GLU C 110 -46.93 34.73 -9.16
N LEU C 111 -46.32 35.06 -8.01
CA LEU C 111 -45.41 34.12 -7.37
C LEU C 111 -46.16 32.94 -6.77
N ARG C 112 -47.31 33.20 -6.14
CA ARG C 112 -48.11 32.13 -5.58
C ARG C 112 -48.73 31.25 -6.67
N GLU C 113 -48.89 31.78 -7.88
CA GLU C 113 -49.35 30.96 -8.99
C GLU C 113 -48.28 30.00 -9.45
N ALA C 114 -47.03 30.48 -9.58
CA ALA C 114 -45.94 29.61 -9.99
C ALA C 114 -45.58 28.59 -8.91
N VAL C 115 -45.69 28.99 -7.64
CA VAL C 115 -45.42 28.08 -6.52
C VAL C 115 -46.65 28.09 -5.61
N PRO C 116 -47.53 27.09 -5.72
CA PRO C 116 -48.80 27.15 -4.97
C PRO C 116 -48.64 27.16 -3.46
N GLU C 117 -47.65 26.45 -2.93
CA GLU C 117 -47.46 26.39 -1.49
C GLU C 117 -46.01 26.75 -1.14
N PRO C 118 -45.81 27.47 -0.03
CA PRO C 118 -44.45 27.89 0.33
C PRO C 118 -43.51 26.72 0.59
N VAL C 119 -44.04 25.59 1.08
CA VAL C 119 -43.19 24.45 1.42
C VAL C 119 -42.58 23.85 0.16
N LEU C 120 -43.26 23.98 -0.99
CA LEU C 120 -42.76 23.38 -2.22
C LEU C 120 -41.49 24.06 -2.70
N LEU C 121 -41.29 25.34 -2.36
CA LEU C 121 -40.13 26.07 -2.82
C LEU C 121 -38.84 25.47 -2.27
N SER C 122 -37.85 25.29 -3.14
CA SER C 122 -36.54 24.79 -2.74
C SER C 122 -35.42 25.81 -2.94
N ARG C 123 -35.49 26.63 -3.98
CA ARG C 123 -34.50 27.66 -4.21
C ARG C 123 -35.14 28.79 -5.02
N ALA C 124 -34.80 30.03 -4.68
CA ALA C 124 -35.26 31.20 -5.40
C ALA C 124 -34.13 32.22 -5.43
N GLU C 125 -33.69 32.60 -6.62
CA GLU C 125 -32.57 33.52 -6.79
C GLU C 125 -32.97 34.65 -7.71
N LEU C 126 -32.85 35.88 -7.22
CA LEU C 126 -33.06 37.06 -8.05
C LEU C 126 -31.89 37.20 -9.03
N ARG C 127 -32.21 37.58 -10.27
CA ARG C 127 -31.23 37.65 -11.34
C ARG C 127 -31.22 39.06 -11.92
N LEU C 128 -30.02 39.60 -12.12
CA LEU C 128 -29.84 40.94 -12.67
C LEU C 128 -28.92 40.88 -13.87
N LEU C 129 -29.20 41.73 -14.86
CA LEU C 129 -28.36 41.88 -16.04
C LEU C 129 -27.58 43.19 -15.88
N ARG C 130 -26.36 43.07 -15.36
CA ARG C 130 -25.51 44.25 -15.22
C ARG C 130 -25.17 44.80 -16.60
N LEU C 131 -25.13 46.14 -16.69
CA LEU C 131 -24.95 46.76 -17.99
C LEU C 131 -23.48 46.74 -18.42
N LYS C 132 -22.61 47.40 -17.66
CA LYS C 132 -21.19 47.41 -17.97
C LYS C 132 -20.40 47.98 -16.79
N LEU C 133 -19.35 47.30 -16.38
CA LEU C 133 -18.52 47.75 -15.26
C LEU C 133 -17.07 47.75 -15.70
N LYS C 134 -16.51 48.94 -15.91
CA LYS C 134 -15.09 49.09 -16.21
C LYS C 134 -14.26 49.28 -14.96
N VAL C 135 -14.92 49.51 -13.82
CA VAL C 135 -14.25 49.68 -12.53
C VAL C 135 -15.03 48.88 -11.50
N GLU C 136 -14.30 48.33 -10.53
CA GLU C 136 -14.94 47.52 -9.50
C GLU C 136 -15.85 48.36 -8.62
N GLN C 137 -16.91 47.73 -8.12
CA GLN C 137 -17.88 48.39 -7.26
C GLN C 137 -18.51 47.36 -6.33
N HIS C 138 -18.77 47.76 -5.10
CA HIS C 138 -19.42 46.90 -4.11
C HIS C 138 -20.88 47.30 -3.97
N VAL C 139 -21.77 46.31 -4.04
CA VAL C 139 -23.20 46.56 -4.00
C VAL C 139 -23.82 45.76 -2.85
N GLU C 140 -25.01 46.19 -2.43
CA GLU C 140 -25.74 45.55 -1.35
C GLU C 140 -27.21 45.44 -1.71
N LEU C 141 -27.80 44.29 -1.41
CA LEU C 141 -29.22 44.05 -1.62
C LEU C 141 -29.98 44.24 -0.32
N TYR C 142 -31.22 44.74 -0.43
CA TYR C 142 -32.04 45.02 0.74
C TYR C 142 -33.46 44.53 0.49
N GLN C 143 -34.13 44.15 1.57
CA GLN C 143 -35.51 43.69 1.54
C GLN C 143 -36.40 44.72 2.23
N LYS C 144 -37.57 44.98 1.65
CA LYS C 144 -38.54 45.89 2.23
C LYS C 144 -39.24 45.18 3.38
N TYR C 145 -38.65 45.28 4.58
CA TYR C 145 -39.21 44.61 5.74
C TYR C 145 -40.49 45.27 6.21
N SER C 146 -40.43 46.56 6.54
CA SER C 146 -41.59 47.33 6.95
C SER C 146 -42.06 48.19 5.79
N ASN C 147 -43.01 49.08 6.07
CA ASN C 147 -43.51 50.00 5.04
C ASN C 147 -42.44 51.00 4.60
N ASN C 148 -41.44 51.26 5.44
CA ASN C 148 -40.39 52.21 5.11
C ASN C 148 -39.01 51.61 5.34
N SER C 149 -38.87 50.76 6.35
CA SER C 149 -37.57 50.23 6.71
C SER C 149 -37.12 49.17 5.72
N TRP C 150 -35.79 49.03 5.60
CA TRP C 150 -35.16 48.04 4.73
C TRP C 150 -34.30 47.10 5.57
N ARG C 151 -34.37 45.81 5.26
CA ARG C 151 -33.61 44.79 5.96
C ARG C 151 -32.37 44.44 5.15
N TYR C 152 -31.23 44.32 5.83
CA TYR C 152 -29.98 44.02 5.14
C TYR C 152 -29.96 42.60 4.61
N LEU C 153 -29.37 42.43 3.44
CA LEU C 153 -29.25 41.10 2.83
C LEU C 153 -27.80 40.81 2.48
N SER C 154 -27.58 40.10 1.37
CA SER C 154 -26.24 39.74 0.95
C SER C 154 -25.56 40.90 0.21
N ASN C 155 -24.25 40.79 0.09
CA ASN C 155 -23.43 41.75 -0.64
C ASN C 155 -22.45 41.00 -1.53
N ARG C 156 -22.11 41.59 -2.67
CA ARG C 156 -21.23 40.94 -3.63
C ARG C 156 -20.36 41.98 -4.31
N LEU C 157 -19.13 41.58 -4.62
CA LEU C 157 -18.19 42.42 -5.35
C LEU C 157 -18.29 42.12 -6.84
N LEU C 158 -18.40 43.17 -7.65
CA LEU C 158 -18.59 43.05 -9.09
C LEU C 158 -17.24 43.27 -9.78
N ALA C 159 -16.72 42.22 -10.40
CA ALA C 159 -15.46 42.32 -11.12
C ALA C 159 -15.65 43.14 -12.39
N PRO C 160 -14.62 43.89 -12.81
CA PRO C 160 -14.75 44.68 -14.03
C PRO C 160 -14.94 43.81 -15.25
N SER C 161 -15.81 44.25 -16.16
CA SER C 161 -16.08 43.53 -17.38
C SER C 161 -16.53 44.52 -18.45
N ASP C 162 -15.99 44.37 -19.66
CA ASP C 162 -16.35 45.24 -20.77
C ASP C 162 -17.65 44.83 -21.44
N SER C 163 -18.24 43.71 -21.04
CA SER C 163 -19.47 43.19 -21.60
C SER C 163 -20.50 42.97 -20.49
N PRO C 164 -21.79 43.03 -20.83
CA PRO C 164 -22.81 42.78 -19.81
C PRO C 164 -22.73 41.36 -19.26
N GLU C 165 -23.03 41.23 -17.97
CA GLU C 165 -22.97 39.95 -17.28
C GLU C 165 -24.21 39.78 -16.41
N TRP C 166 -24.59 38.52 -16.18
CA TRP C 166 -25.72 38.21 -15.32
C TRP C 166 -25.24 37.95 -13.90
N LEU C 167 -25.91 38.57 -12.93
CA LEU C 167 -25.64 38.39 -11.52
C LEU C 167 -26.83 37.69 -10.85
N SER C 168 -26.54 36.90 -9.83
CA SER C 168 -27.57 36.14 -9.12
C SER C 168 -27.37 36.27 -7.63
N PHE C 169 -28.45 36.56 -6.90
CA PHE C 169 -28.45 36.65 -5.45
C PHE C 169 -29.48 35.68 -4.90
N ASP C 170 -29.05 34.78 -4.02
CA ASP C 170 -29.96 33.83 -3.40
C ASP C 170 -30.93 34.54 -2.47
N VAL C 171 -32.23 34.48 -2.81
CA VAL C 171 -33.27 35.12 -2.01
C VAL C 171 -34.34 34.09 -1.67
N THR C 172 -33.92 32.85 -1.44
CA THR C 172 -34.86 31.76 -1.21
C THR C 172 -35.71 32.00 0.04
N GLY C 173 -35.09 32.47 1.12
CA GLY C 173 -35.83 32.71 2.34
C GLY C 173 -36.81 33.85 2.25
N VAL C 174 -36.46 34.90 1.49
CA VAL C 174 -37.34 36.05 1.35
C VAL C 174 -38.57 35.67 0.53
N VAL C 175 -38.37 34.93 -0.56
CA VAL C 175 -39.49 34.53 -1.41
C VAL C 175 -40.43 33.60 -0.66
N ARG C 176 -39.88 32.73 0.19
CA ARG C 176 -40.73 31.83 0.98
C ARG C 176 -41.61 32.61 1.94
N GLN C 177 -41.07 33.67 2.55
CA GLN C 177 -41.89 34.51 3.41
C GLN C 177 -42.98 35.23 2.61
N TRP C 178 -42.65 35.64 1.38
CA TRP C 178 -43.65 36.31 0.54
C TRP C 178 -44.77 35.37 0.13
N LEU C 179 -44.47 34.08 -0.07
CA LEU C 179 -45.50 33.13 -0.46
C LEU C 179 -46.50 32.90 0.67
N SER C 180 -46.01 32.81 1.91
CA SER C 180 -46.89 32.53 3.04
C SER C 180 -47.61 33.80 3.50
N ARG C 181 -46.89 34.68 4.19
CA ARG C 181 -47.46 35.89 4.75
C ARG C 181 -46.86 37.11 4.05
N GLY C 182 -47.28 37.32 2.81
CA GLY C 182 -46.78 38.43 2.02
C GLY C 182 -47.87 39.41 1.63
N GLY C 183 -47.48 40.63 1.26
CA GLY C 183 -48.43 41.64 0.84
C GLY C 183 -48.82 41.48 -0.62
N GLU C 184 -49.56 42.47 -1.11
CA GLU C 184 -49.97 42.44 -2.51
C GLU C 184 -48.77 42.62 -3.45
N ILE C 185 -47.82 43.47 -3.06
CA ILE C 185 -46.64 43.73 -3.88
C ILE C 185 -45.45 44.02 -2.97
N GLU C 186 -44.47 43.14 -2.96
CA GLU C 186 -43.22 43.34 -2.25
C GLU C 186 -42.08 43.47 -3.27
N GLY C 187 -40.88 43.70 -2.76
CA GLY C 187 -39.74 43.85 -3.66
C GLY C 187 -38.46 44.09 -2.89
N PHE C 188 -37.37 44.14 -3.64
CA PHE C 188 -36.04 44.35 -3.11
C PHE C 188 -35.46 45.68 -3.60
N ARG C 189 -34.44 46.15 -2.89
CA ARG C 189 -33.69 47.34 -3.27
C ARG C 189 -32.21 46.99 -3.28
N LEU C 190 -31.51 47.40 -4.35
CA LEU C 190 -30.09 47.14 -4.50
C LEU C 190 -29.34 48.46 -4.48
N SER C 191 -28.58 48.68 -3.41
CA SER C 191 -27.81 49.91 -3.23
C SER C 191 -26.33 49.58 -3.18
N ALA C 192 -25.52 50.59 -3.42
CA ALA C 192 -24.07 50.44 -3.30
C ALA C 192 -23.67 50.42 -1.83
N HIS C 193 -22.52 49.82 -1.56
CA HIS C 193 -22.01 49.78 -0.19
C HIS C 193 -21.55 51.16 0.24
N CYS C 194 -21.91 51.54 1.45
CA CYS C 194 -21.50 52.83 2.03
C CYS C 194 -20.87 52.54 3.38
N SER C 195 -19.55 52.67 3.48
CA SER C 195 -18.91 52.61 4.78
C SER C 195 -19.27 53.84 5.59
N CYS C 196 -19.22 53.70 6.92
CA CYS C 196 -19.56 54.82 7.79
C CYS C 196 -18.72 56.06 7.49
N ASP C 197 -17.52 55.88 6.94
CA ASP C 197 -16.71 57.04 6.60
C ASP C 197 -17.21 57.73 5.34
N SER C 198 -17.95 57.04 4.49
CA SER C 198 -18.52 57.62 3.28
C SER C 198 -20.01 57.88 3.48
N ARG C 199 -20.43 59.12 3.25
CA ARG C 199 -21.86 59.41 3.32
C ARG C 199 -22.54 59.28 1.98
N ASP C 200 -21.79 59.20 0.89
CA ASP C 200 -22.33 58.97 -0.44
C ASP C 200 -21.99 57.56 -0.92
N ASN C 225 -33.03 40.45 -20.17
CA ASN C 225 -33.41 41.84 -20.08
C ASN C 225 -33.74 42.24 -18.65
N ARG C 226 -35.02 42.52 -18.40
CA ARG C 226 -35.43 43.05 -17.11
C ARG C 226 -35.18 42.01 -16.01
N PRO C 227 -34.93 42.46 -14.77
CA PRO C 227 -34.69 41.50 -13.68
C PRO C 227 -35.91 40.64 -13.41
N PHE C 228 -35.66 39.39 -13.05
CA PHE C 228 -36.72 38.43 -12.78
C PHE C 228 -36.30 37.54 -11.62
N LEU C 229 -37.26 36.73 -11.16
CA LEU C 229 -37.06 35.80 -10.06
C LEU C 229 -37.14 34.38 -10.61
N LEU C 230 -36.01 33.67 -10.55
CA LEU C 230 -35.96 32.27 -10.94
C LEU C 230 -36.36 31.41 -9.76
N LEU C 231 -37.32 30.51 -9.98
CA LEU C 231 -37.92 29.71 -8.91
C LEU C 231 -37.63 28.23 -9.13
N MET C 232 -37.36 27.53 -8.02
CA MET C 232 -37.15 26.09 -8.02
C MET C 232 -38.04 25.50 -6.94
N ALA C 233 -38.96 24.63 -7.34
CA ALA C 233 -39.94 24.13 -6.38
C ALA C 233 -40.39 22.72 -6.78
N THR C 234 -40.99 22.04 -5.81
CA THR C 234 -41.56 20.72 -6.04
C THR C 234 -42.94 20.86 -6.68
N PRO C 235 -43.20 20.19 -7.81
CA PRO C 235 -44.52 20.28 -8.42
C PRO C 235 -45.59 19.66 -7.53
N LEU C 236 -46.79 20.23 -7.59
CA LEU C 236 -47.92 19.64 -6.89
C LEU C 236 -48.23 18.25 -7.42
N GLU C 237 -47.99 18.01 -8.71
CA GLU C 237 -48.32 16.71 -9.32
C GLU C 237 -47.48 15.60 -8.70
N ARG C 238 -46.30 15.93 -8.17
CA ARG C 238 -45.39 14.97 -7.55
C ARG C 238 -45.22 15.22 -6.06
N ALA C 239 -46.19 15.90 -5.43
CA ALA C 239 -46.13 16.17 -4.00
C ALA C 239 -46.43 14.90 -3.23
N GLN C 240 -45.58 14.60 -2.24
CA GLN C 240 -45.74 13.37 -1.46
C GLN C 240 -47.02 13.38 -0.64
N HIS C 241 -47.42 14.55 -0.12
CA HIS C 241 -48.51 14.59 0.83
C HIS C 241 -49.88 14.34 0.20
N LEU C 242 -49.98 14.35 -1.13
CA LEU C 242 -51.24 14.13 -1.81
C LEU C 242 -51.32 12.70 -2.31
N GLN C 243 -52.45 12.04 -2.04
CA GLN C 243 -52.66 10.69 -2.52
C GLN C 243 -52.93 10.70 -4.02
N SER C 244 -52.36 9.72 -4.73
CA SER C 244 -52.54 9.64 -6.17
C SER C 244 -54.00 9.38 -6.51
N SER C 245 -54.46 10.00 -7.60
CA SER C 245 -55.84 9.84 -8.05
C SER C 245 -55.98 8.59 -8.91
N LEU D 2 -31.88 8.73 6.70
CA LEU D 2 -31.53 7.71 7.69
C LEU D 2 -31.06 8.36 8.98
N ASP D 3 -31.73 8.03 10.08
CA ASP D 3 -31.47 8.65 11.37
C ASP D 3 -30.19 8.07 11.97
N THR D 4 -29.23 8.95 12.27
CA THR D 4 -28.00 8.56 12.96
C THR D 4 -28.33 7.84 14.27
N ASN D 5 -29.28 8.39 15.05
CA ASN D 5 -29.68 7.74 16.28
C ASN D 5 -30.10 6.30 16.02
N TYR D 6 -30.56 6.02 14.80
CA TYR D 6 -30.94 4.67 14.40
C TYR D 6 -29.76 3.91 13.82
N CYS D 7 -29.02 4.53 12.89
CA CYS D 7 -27.89 3.88 12.24
C CYS D 7 -27.00 3.17 13.25
N PHE D 8 -26.60 3.89 14.31
CA PHE D 8 -25.76 3.31 15.36
C PHE D 8 -26.58 2.60 16.43
N SER D 9 -27.69 1.97 16.05
CA SER D 9 -28.53 1.28 17.02
C SER D 9 -29.35 0.18 16.36
N SER D 10 -28.72 -0.57 15.46
CA SER D 10 -29.34 -1.67 14.75
C SER D 10 -28.29 -2.38 13.92
N THR D 11 -28.34 -3.71 13.92
CA THR D 11 -27.47 -4.50 13.06
C THR D 11 -28.20 -4.80 11.75
N GLU D 12 -28.19 -3.81 10.86
CA GLU D 12 -28.83 -3.88 9.55
C GLU D 12 -27.80 -3.70 8.45
N LYS D 13 -27.85 -4.56 7.44
CA LYS D 13 -26.93 -4.51 6.31
C LYS D 13 -27.38 -3.45 5.31
N ASN D 14 -27.22 -2.20 5.72
CA ASN D 14 -27.44 -1.04 4.87
C ASN D 14 -26.39 0.01 5.22
N CYS D 15 -26.24 1.00 4.32
CA CYS D 15 -25.21 2.01 4.53
C CYS D 15 -25.64 2.93 5.65
N CYS D 16 -24.78 3.08 6.65
CA CYS D 16 -25.05 3.96 7.76
C CYS D 16 -23.76 4.25 8.50
N VAL D 17 -23.82 5.21 9.41
CA VAL D 17 -22.69 5.50 10.29
C VAL D 17 -22.76 4.54 11.48
N ARG D 18 -21.65 3.87 11.76
CA ARG D 18 -21.57 2.99 12.91
C ARG D 18 -20.81 3.67 14.03
N GLN D 19 -21.29 3.48 15.26
CA GLN D 19 -20.64 4.09 16.41
C GLN D 19 -19.31 3.40 16.68
N LEU D 20 -18.28 4.21 16.95
CA LEU D 20 -16.97 3.67 17.33
C LEU D 20 -16.20 4.78 18.03
N TYR D 21 -15.92 4.59 19.31
CA TYR D 21 -15.09 5.51 20.07
C TYR D 21 -13.69 4.92 20.16
N ILE D 22 -12.68 5.76 19.93
CA ILE D 22 -11.29 5.32 19.92
C ILE D 22 -10.60 5.92 21.14
N ASP D 23 -10.17 5.06 22.05
CA ASP D 23 -9.38 5.46 23.20
C ASP D 23 -7.91 5.19 22.88
N PHE D 24 -7.09 6.24 22.94
CA PHE D 24 -5.69 6.10 22.57
C PHE D 24 -4.98 5.08 23.46
N ARG D 25 -5.33 5.05 24.75
CA ARG D 25 -4.70 4.12 25.67
C ARG D 25 -5.28 2.72 25.54
N LYS D 26 -6.61 2.61 25.54
CA LYS D 26 -7.26 1.29 25.58
C LYS D 26 -7.29 0.63 24.21
N ASP D 27 -7.70 1.36 23.18
CA ASP D 27 -7.90 0.74 21.87
C ASP D 27 -6.60 0.63 21.08
N LEU D 28 -5.74 1.65 21.16
CA LEU D 28 -4.50 1.68 20.39
C LEU D 28 -3.26 1.43 21.23
N GLY D 29 -3.36 1.48 22.54
CA GLY D 29 -2.19 1.31 23.39
C GLY D 29 -1.18 2.43 23.29
N TRP D 30 -1.63 3.64 22.95
CA TRP D 30 -0.75 4.78 22.76
C TRP D 30 -0.91 5.76 23.92
N LYS D 31 0.22 6.23 24.45
CA LYS D 31 0.22 7.27 25.47
C LYS D 31 0.92 8.54 25.03
N TRP D 32 1.43 8.59 23.80
CA TRP D 32 2.16 9.77 23.34
C TRP D 32 1.23 10.89 22.93
N ILE D 33 -0.06 10.62 22.80
CA ILE D 33 -1.05 11.65 22.51
C ILE D 33 -1.59 12.09 23.87
N HIS D 34 -1.12 13.25 24.34
CA HIS D 34 -1.53 13.72 25.66
C HIS D 34 -2.98 14.16 25.67
N GLU D 35 -3.42 14.89 24.64
CA GLU D 35 -4.79 15.33 24.53
C GLU D 35 -5.27 15.14 23.09
N PRO D 36 -6.52 14.68 22.90
CA PRO D 36 -7.42 14.28 23.98
C PRO D 36 -7.19 12.85 24.43
N LYS D 37 -7.97 12.38 25.42
CA LYS D 37 -7.91 10.98 25.84
C LYS D 37 -8.60 10.06 24.85
N GLY D 38 -9.38 10.60 23.94
CA GLY D 38 -10.09 9.80 22.96
C GLY D 38 -11.05 10.66 22.18
N TYR D 39 -11.71 10.03 21.22
CA TYR D 39 -12.64 10.74 20.35
C TYR D 39 -13.54 9.75 19.64
N HIS D 40 -14.69 10.23 19.18
CA HIS D 40 -15.66 9.42 18.47
C HIS D 40 -15.33 9.48 16.98
N ALA D 41 -14.44 8.58 16.54
CA ALA D 41 -14.06 8.56 15.13
C ALA D 41 -15.20 8.03 14.27
N ASN D 42 -15.80 6.92 14.66
CA ASN D 42 -16.89 6.28 13.92
C ASN D 42 -16.44 5.80 12.55
N PHE D 43 -17.33 5.15 11.82
CA PHE D 43 -16.99 4.62 10.50
C PHE D 43 -18.27 4.31 9.74
N CYS D 44 -18.14 4.21 8.43
CA CYS D 44 -19.25 3.84 7.56
C CYS D 44 -19.22 2.35 7.28
N LEU D 45 -20.40 1.74 7.22
CA LEU D 45 -20.52 0.32 6.92
C LEU D 45 -21.90 0.06 6.33
N GLY D 46 -21.94 -0.82 5.34
CA GLY D 46 -23.19 -1.22 4.74
C GLY D 46 -23.08 -1.30 3.24
N PRO D 47 -23.77 -2.25 2.64
CA PRO D 47 -23.73 -2.37 1.18
C PRO D 47 -24.44 -1.19 0.52
N CYS D 48 -23.96 -0.85 -0.67
CA CYS D 48 -24.63 0.12 -1.54
C CYS D 48 -24.84 -0.68 -2.81
N PRO D 49 -25.90 -1.49 -2.86
CA PRO D 49 -26.06 -2.40 -4.00
C PRO D 49 -26.39 -1.65 -5.27
N TYR D 50 -25.80 -2.10 -6.37
CA TYR D 50 -26.15 -1.55 -7.67
C TYR D 50 -27.58 -1.92 -8.00
N ILE D 51 -28.34 -0.97 -8.53
CA ILE D 51 -29.73 -1.17 -8.89
C ILE D 51 -29.79 -1.23 -10.41
N TRP D 52 -30.21 -2.37 -10.94
CA TRP D 52 -30.41 -2.51 -12.38
C TRP D 52 -31.71 -1.82 -12.74
N SER D 53 -31.62 -0.74 -13.52
CA SER D 53 -32.76 0.11 -13.79
C SER D 53 -33.55 -0.34 -15.00
N LEU D 54 -34.86 -0.32 -14.85
CA LEU D 54 -35.84 -0.65 -15.88
C LEU D 54 -36.57 0.62 -16.33
N ASP D 55 -37.00 0.64 -17.59
CA ASP D 55 -37.80 1.76 -18.05
C ASP D 55 -39.12 1.83 -17.29
N THR D 56 -39.75 0.69 -17.05
CA THR D 56 -40.96 0.60 -16.23
C THR D 56 -40.59 0.06 -14.85
N GLN D 57 -41.21 0.63 -13.82
CA GLN D 57 -40.84 0.38 -12.44
C GLN D 57 -41.97 0.84 -11.54
N TYR D 58 -42.30 0.03 -10.53
CA TYR D 58 -43.33 0.43 -9.58
C TYR D 58 -42.96 1.76 -8.93
N SER D 59 -44.00 2.53 -8.59
CA SER D 59 -43.76 3.90 -8.14
C SER D 59 -42.98 3.94 -6.83
N LYS D 60 -43.25 3.00 -5.93
CA LYS D 60 -42.60 3.04 -4.62
C LYS D 60 -41.18 2.50 -4.65
N VAL D 61 -40.81 1.70 -5.65
CA VAL D 61 -39.46 1.17 -5.73
C VAL D 61 -38.45 2.25 -6.08
N LEU D 62 -38.92 3.39 -6.62
CA LEU D 62 -38.00 4.45 -7.03
C LEU D 62 -37.22 5.04 -5.87
N ALA D 63 -37.72 4.91 -4.65
CA ALA D 63 -37.02 5.44 -3.50
C ALA D 63 -35.70 4.74 -3.25
N LEU D 64 -35.51 3.53 -3.81
CA LEU D 64 -34.28 2.78 -3.60
C LEU D 64 -33.06 3.50 -4.20
N TYR D 65 -33.26 4.33 -5.23
CA TYR D 65 -32.11 4.94 -5.87
C TYR D 65 -31.56 6.10 -5.06
N ASN D 66 -32.42 6.77 -4.29
CA ASN D 66 -31.97 7.87 -3.44
C ASN D 66 -31.06 7.38 -2.32
N GLN D 67 -31.18 6.11 -1.94
CA GLN D 67 -30.43 5.54 -0.84
C GLN D 67 -29.30 4.63 -1.28
N HIS D 68 -29.53 3.76 -2.27
CA HIS D 68 -28.53 2.78 -2.64
C HIS D 68 -27.48 3.36 -3.59
N ASN D 69 -27.89 4.12 -4.60
CA ASN D 69 -26.94 4.74 -5.54
C ASN D 69 -27.46 6.11 -5.95
N PRO D 70 -27.27 7.13 -5.10
CA PRO D 70 -27.76 8.47 -5.46
C PRO D 70 -27.03 9.08 -6.65
N GLY D 71 -25.73 8.82 -6.77
CA GLY D 71 -24.91 9.37 -7.84
C GLY D 71 -24.97 8.63 -9.15
N ALA D 72 -25.66 7.48 -9.17
CA ALA D 72 -25.72 6.61 -10.36
C ALA D 72 -24.33 6.10 -10.72
N SER D 73 -23.56 5.73 -9.70
CA SER D 73 -22.21 5.20 -9.91
C SER D 73 -22.28 3.73 -10.36
N ALA D 74 -21.25 3.31 -11.08
CA ALA D 74 -21.16 1.92 -11.49
C ALA D 74 -20.93 0.98 -10.31
N ALA D 75 -20.18 1.43 -9.31
CA ALA D 75 -19.95 0.65 -8.09
C ALA D 75 -20.04 1.58 -6.89
N PRO D 76 -21.25 1.82 -6.39
CA PRO D 76 -21.42 2.71 -5.23
C PRO D 76 -20.80 2.13 -3.96
N CYS D 77 -20.24 3.01 -3.15
CA CYS D 77 -19.61 2.64 -1.88
C CYS D 77 -20.22 3.46 -0.75
N CYS D 78 -20.24 2.88 0.45
CA CYS D 78 -20.72 3.56 1.64
C CYS D 78 -19.55 4.34 2.21
N VAL D 79 -19.49 5.62 1.90
CA VAL D 79 -18.37 6.48 2.24
C VAL D 79 -18.91 7.63 3.07
N PRO D 80 -18.05 8.26 3.87
CA PRO D 80 -18.52 9.37 4.72
C PRO D 80 -18.97 10.57 3.90
N GLN D 81 -19.94 11.30 4.45
CA GLN D 81 -20.44 12.55 3.87
C GLN D 81 -19.99 13.76 4.66
N ALA D 82 -20.29 13.79 5.97
CA ALA D 82 -19.87 14.87 6.85
C ALA D 82 -18.60 14.43 7.59
N LEU D 83 -17.59 15.29 7.59
CA LEU D 83 -16.32 15.01 8.24
C LEU D 83 -15.92 16.17 9.12
N GLU D 84 -15.22 15.86 10.21
CA GLU D 84 -14.80 16.84 11.19
C GLU D 84 -13.33 16.65 11.53
N PRO D 85 -12.60 17.74 11.77
CA PRO D 85 -11.19 17.61 12.15
C PRO D 85 -11.04 17.17 13.60
N LEU D 86 -9.85 16.67 13.91
CA LEU D 86 -9.51 16.28 15.27
C LEU D 86 -8.20 16.94 15.67
N PRO D 87 -8.25 18.00 16.47
CA PRO D 87 -7.01 18.57 17.01
C PRO D 87 -6.46 17.68 18.12
N ILE D 88 -5.13 17.59 18.18
CA ILE D 88 -4.44 16.75 19.16
C ILE D 88 -3.25 17.53 19.71
N VAL D 89 -2.70 17.01 20.81
CA VAL D 89 -1.48 17.54 21.42
C VAL D 89 -0.56 16.36 21.70
N TYR D 90 0.63 16.38 21.12
CA TYR D 90 1.59 15.31 21.32
C TYR D 90 3.00 15.89 21.28
N TYR D 91 3.92 15.19 21.96
CA TYR D 91 5.31 15.62 22.03
C TYR D 91 6.12 15.00 20.92
N VAL D 92 7.01 15.79 20.33
CA VAL D 92 8.00 15.32 19.37
C VAL D 92 9.36 15.62 20.00
N GLY D 93 9.95 14.61 20.62
CA GLY D 93 11.16 14.82 21.40
C GLY D 93 10.87 15.53 22.70
N ARG D 94 11.32 16.79 22.82
CA ARG D 94 11.09 17.58 24.02
C ARG D 94 10.13 18.73 23.79
N LYS D 95 9.78 19.04 22.54
CA LYS D 95 8.92 20.17 22.24
C LYS D 95 7.49 19.69 22.05
N PRO D 96 6.53 20.20 22.81
CA PRO D 96 5.13 19.84 22.57
C PRO D 96 4.62 20.49 21.29
N LYS D 97 3.72 19.77 20.60
CA LYS D 97 3.18 20.22 19.34
C LYS D 97 1.66 20.06 19.35
N VAL D 98 0.96 21.09 18.88
CA VAL D 98 -0.48 21.07 18.74
C VAL D 98 -0.80 21.11 17.25
N GLU D 99 -1.39 20.03 16.74
CA GLU D 99 -1.71 19.92 15.33
C GLU D 99 -3.13 19.38 15.19
N GLN D 100 -3.76 19.70 14.06
CA GLN D 100 -5.13 19.30 13.79
C GLN D 100 -5.14 18.36 12.60
N LEU D 101 -5.67 17.15 12.81
CA LEU D 101 -5.79 16.17 11.75
C LEU D 101 -7.11 16.38 11.03
N SER D 102 -7.06 16.42 9.70
CA SER D 102 -8.25 16.67 8.90
C SER D 102 -9.02 15.38 8.68
N ASN D 103 -10.34 15.52 8.63
CA ASN D 103 -11.26 14.43 8.24
C ASN D 103 -11.03 13.18 9.09
N MET D 104 -11.29 13.33 10.39
CA MET D 104 -11.16 12.23 11.34
C MET D 104 -12.48 11.66 11.83
N ILE D 105 -13.44 12.52 12.16
CA ILE D 105 -14.73 12.10 12.69
C ILE D 105 -15.73 12.04 11.54
N VAL D 106 -16.43 10.91 11.44
CA VAL D 106 -17.50 10.72 10.47
C VAL D 106 -18.83 10.96 11.17
N ARG D 107 -19.63 11.89 10.66
CA ARG D 107 -20.94 12.17 11.21
C ARG D 107 -22.08 11.64 10.37
N SER D 108 -21.91 11.54 9.06
CA SER D 108 -22.95 10.99 8.19
C SER D 108 -22.28 10.23 7.05
N CYS D 109 -22.96 9.18 6.59
CA CYS D 109 -22.48 8.33 5.50
C CYS D 109 -23.46 8.36 4.34
N LYS D 110 -22.93 8.30 3.12
CA LYS D 110 -23.73 8.35 1.90
C LYS D 110 -23.18 7.35 0.90
N CYS D 111 -24.04 6.87 0.01
CA CYS D 111 -23.61 5.95 -1.04
C CYS D 111 -23.07 6.75 -2.22
N SER D 112 -21.89 6.36 -2.70
CA SER D 112 -21.22 7.11 -3.75
C SER D 112 -20.34 6.19 -4.60
N LEU E 1 32.11 -31.59 2.26
CA LEU E 1 32.46 -30.20 2.41
C LEU E 1 33.15 -29.72 1.15
N SER E 2 32.61 -28.64 0.56
CA SER E 2 33.17 -28.06 -0.66
C SER E 2 32.59 -26.67 -0.84
N THR E 3 33.43 -25.73 -1.28
CA THR E 3 32.96 -24.38 -1.53
C THR E 3 32.23 -24.31 -2.87
N CYS E 4 31.34 -23.33 -2.98
CA CYS E 4 30.64 -23.08 -4.22
C CYS E 4 31.57 -22.53 -5.29
N LYS E 5 31.34 -22.97 -6.51
CA LYS E 5 32.20 -22.72 -7.65
C LYS E 5 31.43 -22.28 -8.88
N THR E 6 30.25 -22.87 -9.11
CA THR E 6 29.45 -22.53 -10.28
C THR E 6 28.71 -21.22 -10.07
N ILE E 7 28.63 -20.41 -11.12
CA ILE E 7 28.01 -19.10 -11.09
C ILE E 7 26.82 -19.13 -12.05
N ASP E 8 25.68 -18.64 -11.59
CA ASP E 8 24.48 -18.58 -12.44
C ASP E 8 24.32 -17.15 -12.92
N MET E 9 25.11 -16.79 -13.94
CA MET E 9 25.07 -15.44 -14.47
C MET E 9 23.72 -15.12 -15.09
N GLU E 10 23.01 -16.13 -15.61
CA GLU E 10 21.74 -15.87 -16.27
C GLU E 10 20.67 -15.40 -15.29
N LEU E 11 20.60 -16.04 -14.12
CA LEU E 11 19.64 -15.62 -13.11
C LEU E 11 20.02 -14.28 -12.49
N VAL E 12 21.33 -14.04 -12.32
CA VAL E 12 21.77 -12.79 -11.73
C VAL E 12 21.41 -11.62 -12.63
N LYS E 13 21.62 -11.78 -13.95
CA LYS E 13 21.27 -10.72 -14.89
C LYS E 13 19.78 -10.42 -14.84
N ARG E 14 18.95 -11.47 -14.72
CA ARG E 14 17.50 -11.27 -14.71
C ARG E 14 17.07 -10.46 -13.49
N LYS E 15 17.70 -10.68 -12.33
CA LYS E 15 17.36 -9.89 -11.16
C LYS E 15 17.86 -8.45 -11.30
N ARG E 16 19.02 -8.27 -11.92
CA ARG E 16 19.52 -6.92 -12.15
C ARG E 16 18.61 -6.16 -13.12
N ILE E 17 18.08 -6.86 -14.11
CA ILE E 17 17.19 -6.22 -15.08
C ILE E 17 15.92 -5.74 -14.40
N GLU E 18 15.31 -6.62 -13.58
CA GLU E 18 14.10 -6.24 -12.87
C GLU E 18 14.36 -5.10 -11.88
N ALA E 19 15.56 -5.08 -11.29
CA ALA E 19 15.93 -3.94 -10.45
C ALA E 19 16.07 -2.67 -11.28
N ILE E 20 16.61 -2.80 -12.51
CA ILE E 20 16.71 -1.65 -13.40
C ILE E 20 15.33 -1.17 -13.81
N ARG E 21 14.38 -2.09 -13.98
CA ARG E 21 13.01 -1.71 -14.32
C ARG E 21 12.43 -0.79 -13.26
N GLY E 22 12.54 -1.17 -12.00
CA GLY E 22 12.05 -0.32 -10.93
C GLY E 22 12.92 0.90 -10.74
N GLN E 23 14.21 0.81 -11.10
CA GLN E 23 15.09 1.96 -10.96
C GLN E 23 14.68 3.07 -11.90
N ILE E 24 14.46 2.75 -13.18
CA ILE E 24 14.09 3.78 -14.15
C ILE E 24 12.74 4.38 -13.81
N LEU E 25 11.77 3.54 -13.43
CA LEU E 25 10.44 4.04 -13.10
C LEU E 25 10.47 4.93 -11.85
N SER E 26 11.30 4.57 -10.87
CA SER E 26 11.37 5.36 -9.64
C SER E 26 12.06 6.68 -9.86
N LYS E 27 13.08 6.69 -10.73
CA LYS E 27 13.78 7.93 -11.06
C LYS E 27 12.85 8.92 -11.74
N LEU E 28 11.98 8.40 -12.60
CA LEU E 28 11.00 9.18 -13.33
C LEU E 28 9.71 9.39 -12.56
N ARG E 29 9.63 8.87 -11.33
CA ARG E 29 8.44 8.95 -10.49
C ARG E 29 7.21 8.39 -11.21
N LEU E 30 7.40 7.24 -11.85
CA LEU E 30 6.35 6.54 -12.59
C LEU E 30 6.02 5.26 -11.84
N ALA E 31 4.77 5.14 -11.38
CA ALA E 31 4.36 3.90 -10.72
C ALA E 31 4.31 2.74 -11.71
N SER E 32 3.99 3.03 -12.98
CA SER E 32 3.95 2.03 -14.03
C SER E 32 4.32 2.73 -15.34
N PRO E 33 4.81 2.00 -16.33
CA PRO E 33 5.17 2.62 -17.61
C PRO E 33 3.97 3.31 -18.25
N PRO E 34 4.17 4.52 -18.75
CA PRO E 34 3.05 5.32 -19.28
C PRO E 34 2.51 4.82 -20.62
N SER E 35 1.20 5.03 -20.81
CA SER E 35 0.56 4.76 -22.09
C SER E 35 0.99 5.81 -23.11
N GLN E 36 1.19 5.38 -24.36
CA GLN E 36 1.71 6.22 -25.43
C GLN E 36 0.62 6.81 -26.34
N GLY E 37 -0.57 7.11 -25.80
CA GLY E 37 -1.69 7.46 -26.65
C GLY E 37 -1.54 8.80 -27.37
N GLU E 38 -1.20 9.86 -26.63
CA GLU E 38 -1.21 11.21 -27.20
C GLU E 38 0.04 11.57 -28.00
N VAL E 39 0.91 10.61 -28.28
CA VAL E 39 2.15 10.88 -29.03
C VAL E 39 1.82 11.19 -30.49
N PRO E 40 2.34 12.27 -31.06
CA PRO E 40 2.18 12.48 -32.51
C PRO E 40 3.12 11.57 -33.27
N PRO E 41 2.65 10.92 -34.33
CA PRO E 41 3.49 9.99 -35.08
C PRO E 41 4.56 10.71 -35.88
N GLY E 42 5.62 9.97 -36.21
CA GLY E 42 6.70 10.48 -37.02
C GLY E 42 7.98 10.64 -36.24
N PRO E 43 9.03 11.14 -36.89
CA PRO E 43 10.31 11.31 -36.20
C PRO E 43 10.22 12.37 -35.13
N LEU E 44 11.14 12.29 -34.18
CA LEU E 44 11.21 13.29 -33.12
C LEU E 44 11.52 14.66 -33.71
N PRO E 45 10.98 15.73 -33.11
CA PRO E 45 11.28 17.08 -33.62
C PRO E 45 12.76 17.39 -33.47
N GLU E 46 13.28 18.17 -34.43
CA GLU E 46 14.70 18.48 -34.44
C GLU E 46 15.13 19.22 -33.19
N ALA E 47 14.23 20.03 -32.61
CA ALA E 47 14.54 20.74 -31.38
C ALA E 47 14.73 19.78 -30.21
N VAL E 48 13.96 18.70 -30.19
CA VAL E 48 14.12 17.71 -29.12
C VAL E 48 15.39 16.89 -29.33
N LEU E 49 15.65 16.49 -30.58
CA LEU E 49 16.89 15.75 -30.87
C LEU E 49 18.12 16.61 -30.66
N ALA E 50 18.03 17.92 -30.96
CA ALA E 50 19.17 18.79 -30.74
C ALA E 50 19.46 18.96 -29.25
N LEU E 51 18.41 18.99 -28.43
CA LEU E 51 18.60 19.06 -26.98
C LEU E 51 19.17 17.75 -26.45
N TYR E 52 18.68 16.61 -26.96
CA TYR E 52 19.21 15.31 -26.54
C TYR E 52 20.65 15.12 -27.00
N ASN E 53 21.01 15.64 -28.18
CA ASN E 53 22.38 15.54 -28.63
C ASN E 53 23.32 16.38 -27.77
N SER E 54 22.83 17.50 -27.23
CA SER E 54 23.69 18.34 -26.40
C SER E 54 24.06 17.63 -25.10
N THR E 55 23.15 16.82 -24.56
CA THR E 55 23.45 16.09 -23.33
C THR E 55 24.36 14.90 -23.59
N ARG E 56 24.10 14.15 -24.66
CA ARG E 56 24.94 12.99 -24.96
C ARG E 56 26.33 13.40 -25.45
N ASP E 57 26.48 14.62 -25.97
CA ASP E 57 27.78 15.09 -26.43
C ASP E 57 28.73 15.24 -25.25
N ARG E 58 29.95 14.73 -25.39
CA ARG E 58 30.95 14.86 -24.34
C ARG E 58 31.60 16.23 -24.39
N VAL E 59 31.88 16.79 -23.21
CA VAL E 59 32.54 18.08 -23.08
C VAL E 59 33.59 17.99 -21.98
N ALA E 60 34.12 19.13 -21.56
CA ALA E 60 35.09 19.19 -20.47
C ALA E 60 34.87 20.45 -19.67
N GLY E 61 34.52 20.30 -18.39
CA GLY E 61 34.26 21.45 -17.55
C GLY E 61 34.46 21.11 -16.08
N GLU E 62 34.39 22.13 -15.25
CA GLU E 62 34.59 21.98 -13.82
C GLU E 62 33.29 21.64 -13.10
N PRO E 68 30.80 24.38 -3.80
CA PRO E 68 29.95 23.75 -2.79
C PRO E 68 28.47 23.76 -3.18
N GLU E 69 28.18 23.32 -4.41
CA GLU E 69 26.79 23.23 -4.82
C GLU E 69 26.23 21.86 -4.45
N PRO E 70 25.01 21.82 -3.92
CA PRO E 70 24.43 20.56 -3.46
C PRO E 70 24.54 19.45 -4.51
N GLU E 71 24.78 18.24 -4.03
CA GLU E 71 24.93 17.08 -4.90
C GLU E 71 23.62 16.77 -5.60
N ALA E 72 23.72 16.12 -6.76
CA ALA E 72 22.54 15.82 -7.56
C ALA E 72 21.62 14.85 -6.82
N ASP E 73 20.33 15.03 -7.05
CA ASP E 73 19.31 14.21 -6.39
C ASP E 73 19.19 12.86 -7.12
N TYR E 74 18.53 11.90 -6.45
CA TYR E 74 18.31 10.60 -7.06
C TYR E 74 17.35 10.69 -8.23
N TYR E 75 16.32 11.52 -8.13
CA TYR E 75 15.27 11.54 -9.13
C TYR E 75 15.72 12.26 -10.39
N ALA E 76 15.01 11.99 -11.49
CA ALA E 76 15.41 12.48 -12.79
C ALA E 76 15.38 14.00 -12.83
N LYS E 77 16.20 14.56 -13.71
CA LYS E 77 16.30 16.01 -13.90
C LYS E 77 15.86 16.39 -15.29
N GLU E 78 14.92 17.32 -15.38
CA GLU E 78 14.49 17.87 -16.65
C GLU E 78 15.62 18.64 -17.31
N VAL E 79 15.76 18.49 -18.61
CA VAL E 79 16.83 19.14 -19.37
C VAL E 79 16.20 20.19 -20.26
N THR E 80 16.73 21.41 -20.21
CA THR E 80 16.33 22.50 -21.07
C THR E 80 17.58 23.26 -21.50
N ARG E 81 17.46 23.97 -22.62
CA ARG E 81 18.54 24.81 -23.11
C ARG E 81 17.98 26.17 -23.45
N VAL E 82 18.78 27.21 -23.21
CA VAL E 82 18.41 28.59 -23.46
C VAL E 82 19.53 29.26 -24.22
N LEU E 83 19.23 29.69 -25.44
CA LEU E 83 20.24 30.35 -26.27
C LEU E 83 20.47 31.77 -25.77
N MET E 84 21.70 32.25 -25.98
CA MET E 84 22.03 33.61 -25.60
C MET E 84 21.30 34.61 -26.50
N VAL E 85 21.13 35.83 -25.98
CA VAL E 85 20.49 36.88 -26.76
C VAL E 85 21.30 37.15 -28.03
N GLU E 86 20.58 37.47 -29.10
CA GLU E 86 21.24 37.70 -30.38
C GLU E 86 22.21 38.86 -30.29
N THR E 87 23.26 38.80 -31.11
CA THR E 87 24.34 39.78 -31.01
C THR E 87 23.86 41.19 -31.36
N HIS E 88 22.81 41.31 -32.16
CA HIS E 88 22.32 42.61 -32.60
C HIS E 88 21.21 43.17 -31.71
N ASN E 89 21.00 42.61 -30.52
CA ASN E 89 19.95 43.05 -29.62
C ASN E 89 20.57 43.75 -28.41
N GLU E 90 21.21 44.89 -28.69
CA GLU E 90 21.74 45.76 -27.64
C GLU E 90 22.88 45.12 -26.85
N ILE E 91 23.26 43.88 -27.18
CA ILE E 91 24.36 43.25 -26.46
C ILE E 91 25.66 43.98 -26.71
N TYR E 92 25.95 44.31 -27.97
CA TYR E 92 27.18 45.01 -28.31
C TYR E 92 27.10 46.49 -28.04
N ASP E 93 25.90 47.03 -27.80
CA ASP E 93 25.74 48.47 -27.58
C ASP E 93 26.17 48.86 -26.17
N LYS E 94 25.63 48.20 -25.15
CA LYS E 94 26.01 48.58 -23.79
C LYS E 94 27.33 47.95 -23.36
N PHE E 95 27.69 46.82 -23.94
CA PHE E 95 28.98 46.19 -23.68
C PHE E 95 29.60 45.83 -25.03
N LYS E 96 30.59 46.61 -25.46
CA LYS E 96 31.18 46.43 -26.77
C LYS E 96 32.28 45.37 -26.73
N GLN E 97 32.18 44.36 -27.60
CA GLN E 97 33.23 43.37 -27.81
C GLN E 97 34.62 44.00 -27.85
N SER E 98 35.42 43.83 -26.79
CA SER E 98 36.73 44.44 -26.76
C SER E 98 37.75 43.53 -27.48
N THR E 99 39.03 43.91 -27.40
CA THR E 99 40.09 43.08 -27.96
C THR E 99 40.42 41.89 -27.08
N HIS E 100 39.99 41.91 -25.83
CA HIS E 100 40.27 40.83 -24.88
C HIS E 100 39.01 40.30 -24.19
N SER E 101 37.81 40.70 -24.61
CA SER E 101 36.59 40.32 -23.92
C SER E 101 35.51 39.89 -24.90
N ILE E 102 34.82 38.80 -24.57
CA ILE E 102 33.63 38.35 -25.29
C ILE E 102 32.46 38.35 -24.32
N TYR E 103 31.40 39.06 -24.68
CA TYR E 103 30.22 39.20 -23.82
C TYR E 103 29.09 38.31 -24.31
N MET E 104 28.51 37.54 -23.40
CA MET E 104 27.40 36.62 -23.71
C MET E 104 26.29 36.87 -22.71
N PHE E 105 25.18 37.44 -23.16
CA PHE E 105 24.06 37.80 -22.30
C PHE E 105 22.88 36.86 -22.54
N PHE E 106 22.07 36.68 -21.50
CA PHE E 106 20.93 35.78 -21.53
C PHE E 106 19.68 36.49 -21.01
N ASN E 107 18.54 36.11 -21.56
CA ASN E 107 17.26 36.66 -21.12
C ASN E 107 16.80 35.92 -19.87
N THR E 108 16.71 36.64 -18.75
CA THR E 108 16.33 36.01 -17.49
C THR E 108 14.89 35.51 -17.52
N SER E 109 14.00 36.19 -18.25
CA SER E 109 12.63 35.72 -18.38
C SER E 109 12.58 34.37 -19.08
N GLU E 110 13.48 34.16 -20.06
CA GLU E 110 13.55 32.87 -20.72
C GLU E 110 14.15 31.80 -19.80
N LEU E 111 15.05 32.19 -18.90
CA LEU E 111 15.61 31.23 -17.95
C LEU E 111 14.58 30.85 -16.90
N ARG E 112 13.84 31.84 -16.37
CA ARG E 112 12.79 31.54 -15.41
C ARG E 112 11.63 30.78 -16.03
N GLU E 113 11.45 30.87 -17.35
CA GLU E 113 10.45 30.05 -18.02
C GLU E 113 10.88 28.60 -18.09
N ALA E 114 12.14 28.35 -18.44
CA ALA E 114 12.65 26.99 -18.49
C ALA E 114 12.75 26.37 -17.10
N VAL E 115 13.07 27.17 -16.10
CA VAL E 115 13.14 26.73 -14.71
C VAL E 115 12.22 27.62 -13.88
N PRO E 116 11.01 27.17 -13.57
CA PRO E 116 10.02 28.06 -12.93
C PRO E 116 10.45 28.57 -11.56
N GLU E 117 11.14 27.75 -10.77
CA GLU E 117 11.57 28.16 -9.44
C GLU E 117 13.06 27.90 -9.28
N PRO E 118 13.77 28.80 -8.58
CA PRO E 118 15.23 28.63 -8.44
C PRO E 118 15.62 27.34 -7.74
N VAL E 119 14.79 26.85 -6.82
CA VAL E 119 15.14 25.63 -6.08
C VAL E 119 15.18 24.43 -7.01
N LEU E 120 14.40 24.46 -8.10
CA LEU E 120 14.33 23.32 -9.00
C LEU E 120 15.65 23.09 -9.72
N LEU E 121 16.43 24.15 -9.95
CA LEU E 121 17.68 24.02 -10.70
C LEU E 121 18.66 23.15 -9.93
N SER E 122 19.28 22.20 -10.64
CA SER E 122 20.31 21.34 -10.07
C SER E 122 21.68 21.52 -10.70
N ARG E 123 21.74 21.79 -12.00
CA ARG E 123 23.02 22.04 -12.67
C ARG E 123 22.76 22.92 -13.88
N ALA E 124 23.66 23.88 -14.11
CA ALA E 124 23.60 24.77 -15.25
C ALA E 124 25.02 25.03 -15.73
N GLU E 125 25.31 24.69 -16.98
CA GLU E 125 26.65 24.84 -17.53
C GLU E 125 26.57 25.65 -18.82
N LEU E 126 27.29 26.76 -18.86
CA LEU E 126 27.42 27.54 -20.08
C LEU E 126 28.29 26.80 -21.09
N ARG E 127 27.86 26.78 -22.34
CA ARG E 127 28.57 26.04 -23.39
C ARG E 127 28.87 26.96 -24.56
N LEU E 128 30.11 26.89 -25.04
CA LEU E 128 30.59 27.68 -26.17
C LEU E 128 31.20 26.74 -27.19
N LEU E 129 31.06 27.08 -28.46
CA LEU E 129 31.69 26.32 -29.55
C LEU E 129 32.94 27.10 -29.96
N ARG E 130 34.05 26.77 -29.33
CA ARG E 130 35.33 27.39 -29.67
C ARG E 130 35.77 26.95 -31.06
N LEU E 131 36.25 27.90 -31.86
CA LEU E 131 36.63 27.61 -33.23
C LEU E 131 38.08 27.13 -33.28
N LYS E 132 38.74 27.28 -34.41
CA LYS E 132 40.11 26.83 -34.57
C LYS E 132 41.06 27.64 -33.69
N LEU E 133 41.92 26.93 -32.96
CA LEU E 133 42.92 27.54 -32.10
C LEU E 133 44.26 26.90 -32.45
N LYS E 134 45.13 27.68 -33.09
CA LYS E 134 46.45 27.19 -33.45
C LYS E 134 47.50 27.41 -32.37
N VAL E 135 47.18 28.17 -31.33
CA VAL E 135 48.10 28.44 -30.22
C VAL E 135 47.32 28.30 -28.91
N GLU E 136 47.99 27.79 -27.88
CA GLU E 136 47.34 27.64 -26.59
C GLU E 136 47.03 29.01 -26.01
N GLN E 137 45.95 29.08 -25.23
CA GLN E 137 45.55 30.34 -24.62
C GLN E 137 44.82 30.06 -23.32
N HIS E 138 45.07 30.91 -22.34
CA HIS E 138 44.41 30.83 -21.04
C HIS E 138 43.30 31.88 -20.98
N VAL E 139 42.10 31.45 -20.63
CA VAL E 139 40.94 32.33 -20.61
C VAL E 139 40.31 32.31 -19.23
N GLU E 140 39.50 33.33 -18.96
CA GLU E 140 38.82 33.46 -17.69
C GLU E 140 37.37 33.87 -17.94
N LEU E 141 36.45 33.24 -17.20
CA LEU E 141 35.04 33.57 -17.29
C LEU E 141 34.66 34.48 -16.13
N TYR E 142 33.73 35.39 -16.39
CA TYR E 142 33.33 36.39 -15.42
C TYR E 142 31.81 36.51 -15.38
N GLN E 143 31.31 36.87 -14.21
CA GLN E 143 29.89 37.08 -13.97
C GLN E 143 29.62 38.57 -13.75
N LYS E 144 28.52 39.05 -14.33
CA LYS E 144 28.11 40.44 -14.13
C LYS E 144 27.49 40.52 -12.75
N TYR E 145 28.34 40.78 -11.75
CA TYR E 145 27.88 40.83 -10.37
C TYR E 145 27.03 42.07 -10.12
N SER E 146 27.59 43.24 -10.36
CA SER E 146 26.87 44.49 -10.22
C SER E 146 26.44 44.99 -11.59
N ASN E 147 25.93 46.21 -11.65
CA ASN E 147 25.52 46.79 -12.93
C ASN E 147 26.71 47.03 -13.85
N ASN E 148 27.91 47.16 -13.31
CA ASN E 148 29.09 47.41 -14.12
C ASN E 148 30.25 46.48 -13.81
N SER E 149 30.43 46.11 -12.54
CA SER E 149 31.58 45.29 -12.15
C SER E 149 31.38 43.85 -12.59
N TRP E 150 32.49 43.14 -12.77
CA TRP E 150 32.49 41.73 -13.16
C TRP E 150 33.16 40.90 -12.07
N ARG E 151 32.54 39.78 -11.72
CA ARG E 151 33.05 38.87 -10.70
C ARG E 151 33.71 37.66 -11.35
N TYR E 152 34.86 37.26 -10.82
CA TYR E 152 35.58 36.12 -11.36
C TYR E 152 34.85 34.82 -11.04
N LEU E 153 34.92 33.86 -11.98
CA LEU E 153 34.29 32.56 -11.84
C LEU E 153 35.33 31.45 -12.02
N SER E 154 35.44 30.92 -13.22
CA SER E 154 36.40 29.87 -13.52
C SER E 154 37.32 30.32 -14.64
N ASN E 155 38.45 29.63 -14.76
CA ASN E 155 39.45 29.90 -15.79
C ASN E 155 39.85 28.58 -16.44
N ARG E 156 40.20 28.63 -17.71
CA ARG E 156 40.54 27.42 -18.42
C ARG E 156 41.64 27.67 -19.43
N LEU E 157 42.54 26.69 -19.57
CA LEU E 157 43.57 26.70 -20.60
C LEU E 157 43.08 25.89 -21.78
N LEU E 158 43.14 26.47 -22.97
CA LEU E 158 42.64 25.83 -24.18
C LEU E 158 43.82 25.30 -24.98
N ALA E 159 43.93 23.97 -25.07
CA ALA E 159 44.99 23.37 -25.86
C ALA E 159 44.69 23.55 -27.35
N PRO E 160 45.72 23.69 -28.18
CA PRO E 160 45.49 23.85 -29.61
C PRO E 160 44.81 22.63 -30.21
N SER E 161 43.90 22.89 -31.13
CA SER E 161 43.17 21.82 -31.82
C SER E 161 42.75 22.32 -33.19
N ASP E 162 42.93 21.48 -34.21
CA ASP E 162 42.59 21.84 -35.57
C ASP E 162 41.11 21.72 -35.88
N SER E 163 40.31 21.22 -34.95
CA SER E 163 38.87 21.03 -35.16
C SER E 163 38.09 21.77 -34.09
N PRO E 164 36.86 22.20 -34.39
CA PRO E 164 36.04 22.88 -33.38
C PRO E 164 35.73 21.97 -32.20
N GLU E 165 35.68 22.57 -31.01
CA GLU E 165 35.43 21.84 -29.78
C GLU E 165 34.41 22.60 -28.95
N TRP E 166 33.65 21.87 -28.15
CA TRP E 166 32.69 22.47 -27.24
C TRP E 166 33.32 22.63 -25.85
N LEU E 167 33.16 23.81 -25.27
CA LEU E 167 33.63 24.11 -23.93
C LEU E 167 32.45 24.31 -23.00
N SER E 168 32.61 23.90 -21.74
CA SER E 168 31.54 24.02 -20.77
C SER E 168 32.10 24.54 -19.44
N PHE E 169 31.41 25.51 -18.86
CA PHE E 169 31.75 26.07 -17.56
C PHE E 169 30.55 25.89 -16.65
N ASP E 170 30.76 25.24 -15.51
CA ASP E 170 29.67 25.08 -14.55
C ASP E 170 29.32 26.44 -13.96
N VAL E 171 28.09 26.90 -14.23
CA VAL E 171 27.63 28.20 -13.76
C VAL E 171 26.32 27.99 -13.01
N THR E 172 26.19 26.86 -12.32
CA THR E 172 24.94 26.51 -11.65
C THR E 172 24.58 27.55 -10.60
N GLY E 173 25.56 28.01 -9.82
CA GLY E 173 25.27 28.99 -8.79
C GLY E 173 24.93 30.35 -9.35
N VAL E 174 25.56 30.73 -10.46
CA VAL E 174 25.29 32.05 -11.06
C VAL E 174 23.89 32.08 -11.66
N VAL E 175 23.52 31.03 -12.39
CA VAL E 175 22.18 30.96 -12.97
C VAL E 175 21.14 30.86 -11.86
N ARG E 176 21.49 30.19 -10.76
CA ARG E 176 20.56 30.06 -9.64
C ARG E 176 20.27 31.43 -9.03
N GLN E 177 21.29 32.29 -8.93
CA GLN E 177 21.09 33.65 -8.44
C GLN E 177 20.25 34.46 -9.42
N TRP E 178 20.46 34.25 -10.72
CA TRP E 178 19.70 35.00 -11.71
C TRP E 178 18.21 34.66 -11.67
N LEU E 179 17.88 33.41 -11.36
CA LEU E 179 16.47 33.02 -11.29
C LEU E 179 15.76 33.68 -10.13
N SER E 180 16.43 33.81 -8.97
CA SER E 180 15.80 34.38 -7.78
C SER E 180 15.78 35.90 -7.86
N ARG E 181 16.92 36.53 -7.63
CA ARG E 181 17.02 37.99 -7.60
C ARG E 181 17.89 38.45 -8.76
N GLY E 182 17.35 38.33 -9.96
CA GLY E 182 18.06 38.75 -11.16
C GLY E 182 17.35 39.85 -11.92
N GLY E 183 18.09 40.54 -12.78
CA GLY E 183 17.53 41.60 -13.59
C GLY E 183 16.87 41.06 -14.84
N GLU E 184 16.49 41.99 -15.72
CA GLU E 184 15.86 41.60 -16.98
C GLU E 184 16.85 40.90 -17.91
N ILE E 185 18.11 41.31 -17.88
CA ILE E 185 19.13 40.77 -18.79
C ILE E 185 20.45 40.70 -18.02
N GLU E 186 20.93 39.49 -17.80
CA GLU E 186 22.24 39.21 -17.21
C GLU E 186 23.12 38.54 -18.27
N GLY E 187 24.36 38.25 -17.91
CA GLY E 187 25.25 37.63 -18.86
C GLY E 187 26.62 37.35 -18.28
N PHE E 188 27.44 36.69 -19.09
CA PHE E 188 28.81 36.32 -18.73
C PHE E 188 29.80 37.08 -19.61
N ARG E 189 31.05 37.13 -19.14
CA ARG E 189 32.15 37.70 -19.91
C ARG E 189 33.29 36.71 -19.94
N LEU E 190 33.85 36.50 -21.14
CA LEU E 190 34.97 35.58 -21.33
C LEU E 190 36.16 36.41 -21.80
N SER E 191 37.17 36.55 -20.94
CA SER E 191 38.36 37.33 -21.23
C SER E 191 39.59 36.43 -21.24
N ALA E 192 40.64 36.92 -21.89
CA ALA E 192 41.93 36.24 -21.87
C ALA E 192 42.64 36.50 -20.53
N HIS E 193 43.53 35.58 -20.18
CA HIS E 193 44.31 35.75 -18.96
C HIS E 193 45.37 36.84 -19.16
N CYS E 194 45.51 37.70 -18.15
CA CYS E 194 46.50 38.77 -18.17
C CYS E 194 47.30 38.72 -16.87
N SER E 195 48.57 38.36 -16.96
CA SER E 195 49.46 38.50 -15.81
C SER E 195 49.69 39.98 -15.53
N CYS E 196 49.98 40.29 -14.26
CA CYS E 196 50.14 41.68 -13.86
C CYS E 196 51.25 42.37 -14.65
N ASP E 197 52.30 41.64 -15.01
CA ASP E 197 53.37 42.22 -15.82
C ASP E 197 53.04 42.27 -17.31
N SER E 198 52.06 41.47 -17.77
CA SER E 198 51.66 41.44 -19.19
C SER E 198 50.15 41.69 -19.27
N ARG E 199 49.75 42.96 -19.13
CA ARG E 199 48.35 43.36 -19.23
C ARG E 199 47.94 43.80 -20.63
N ASP E 200 48.74 43.47 -21.66
CA ASP E 200 48.42 43.85 -23.03
C ASP E 200 47.94 42.67 -23.86
N ASN E 201 47.63 41.54 -23.23
CA ASN E 201 47.21 40.35 -23.95
C ASN E 201 45.88 40.59 -24.65
N THR E 202 45.64 39.83 -25.72
CA THR E 202 44.41 39.89 -26.47
C THR E 202 43.76 38.51 -26.51
N LEU E 203 42.44 38.50 -26.69
CA LEU E 203 41.68 37.26 -26.77
C LEU E 203 41.76 36.75 -28.21
N GLN E 204 42.64 35.77 -28.44
CA GLN E 204 42.86 35.23 -29.77
C GLN E 204 41.93 34.07 -30.12
N VAL E 205 41.19 33.53 -29.15
CA VAL E 205 40.27 32.44 -29.44
C VAL E 205 39.07 32.99 -30.23
N ASP E 206 38.49 32.12 -31.04
CA ASP E 206 37.32 32.46 -31.84
C ASP E 206 36.14 31.64 -31.34
N ILE E 207 35.10 32.33 -30.87
CA ILE E 207 33.86 31.69 -30.43
C ILE E 207 32.80 31.89 -31.50
N ASN E 208 32.05 30.83 -31.81
CA ASN E 208 31.02 30.93 -32.82
C ASN E 208 29.96 31.95 -32.41
N GLY E 209 29.49 32.73 -33.38
CA GLY E 209 28.59 33.82 -33.12
C GLY E 209 29.26 35.16 -32.86
N PHE E 210 30.59 35.19 -32.86
CA PHE E 210 31.34 36.42 -32.61
C PHE E 210 32.35 36.68 -33.72
N MET E 224 22.17 28.26 -34.17
CA MET E 224 23.26 28.55 -35.10
C MET E 224 24.60 28.20 -34.46
N ASN E 225 24.59 27.19 -33.58
CA ASN E 225 25.76 26.74 -32.83
C ASN E 225 26.34 27.84 -31.95
N ARG E 226 25.57 28.90 -31.71
CA ARG E 226 25.98 29.98 -30.84
C ARG E 226 25.93 29.53 -29.39
N PRO E 227 26.68 30.19 -28.49
CA PRO E 227 26.72 29.74 -27.10
C PRO E 227 25.34 29.74 -26.46
N PHE E 228 25.12 28.75 -25.59
CA PHE E 228 23.83 28.57 -24.94
C PHE E 228 24.05 28.10 -23.51
N LEU E 229 22.95 28.06 -22.75
CA LEU E 229 22.95 27.62 -21.36
C LEU E 229 22.19 26.30 -21.28
N LEU E 230 22.90 25.22 -20.96
CA LEU E 230 22.27 23.93 -20.74
C LEU E 230 21.80 23.86 -19.29
N LEU E 231 20.53 23.56 -19.09
CA LEU E 231 19.91 23.59 -17.78
C LEU E 231 19.42 22.20 -17.40
N MET E 232 19.61 21.85 -16.13
CA MET E 232 19.16 20.58 -15.57
C MET E 232 18.42 20.89 -14.28
N ALA E 233 17.14 20.53 -14.22
CA ALA E 233 16.32 20.91 -13.08
C ALA E 233 15.23 19.88 -12.83
N THR E 234 14.66 19.94 -11.63
CA THR E 234 13.55 19.07 -11.25
C THR E 234 12.24 19.64 -11.81
N PRO E 235 11.45 18.85 -12.51
CA PRO E 235 10.17 19.36 -13.01
C PRO E 235 9.22 19.71 -11.88
N LEU E 236 8.39 20.74 -12.11
CA LEU E 236 7.38 21.10 -11.13
C LEU E 236 6.41 19.96 -10.88
N GLU E 237 6.13 19.15 -11.90
CA GLU E 237 5.17 18.05 -11.74
C GLU E 237 5.67 17.02 -10.75
N ARG E 238 6.99 16.88 -10.59
CA ARG E 238 7.59 15.93 -9.67
C ARG E 238 8.37 16.62 -8.56
N ALA E 239 8.06 17.88 -8.30
CA ALA E 239 8.69 18.67 -7.24
C ALA E 239 8.12 18.29 -5.88
N GLN E 240 8.98 18.33 -4.86
CA GLN E 240 8.56 18.01 -3.50
C GLN E 240 8.25 19.29 -2.71
N ALA F 1 24.74 11.66 0.57
CA ALA F 1 25.14 10.91 1.75
C ALA F 1 24.92 11.73 3.02
N LEU F 2 24.95 11.05 4.17
CA LEU F 2 24.81 11.69 5.47
C LEU F 2 26.15 11.66 6.19
N ASP F 3 26.60 12.81 6.66
CA ASP F 3 27.88 12.92 7.33
C ASP F 3 27.70 12.85 8.84
N THR F 4 28.81 13.02 9.56
CA THR F 4 28.79 12.96 11.02
C THR F 4 28.06 14.15 11.62
N ASN F 5 28.08 15.29 10.94
CA ASN F 5 27.43 16.50 11.47
C ASN F 5 25.94 16.28 11.74
N TYR F 6 25.28 15.43 10.95
CA TYR F 6 23.86 15.20 11.11
C TYR F 6 23.52 14.02 12.00
N CYS F 7 24.33 12.96 11.99
CA CYS F 7 23.97 11.74 12.70
C CYS F 7 24.62 11.60 14.07
N PHE F 8 25.45 12.56 14.48
CA PHE F 8 25.94 12.56 15.84
C PHE F 8 25.01 13.33 16.76
N SER F 9 24.01 14.00 16.19
CA SER F 9 23.06 14.82 16.93
C SER F 9 21.66 14.25 16.99
N SER F 10 21.22 13.49 15.97
CA SER F 10 19.89 12.91 15.97
C SER F 10 19.93 11.39 15.86
N THR F 11 19.15 10.74 16.71
CA THR F 11 18.89 9.30 16.64
C THR F 11 18.35 8.91 15.27
N GLU F 12 19.13 8.18 14.47
CA GLU F 12 18.68 7.78 13.14
C GLU F 12 18.54 6.27 13.10
N LYS F 13 17.35 5.78 12.76
CA LYS F 13 17.11 4.36 12.61
C LYS F 13 17.41 3.86 11.21
N ASN F 14 18.00 4.70 10.37
CA ASN F 14 18.46 4.37 9.03
C ASN F 14 19.97 4.39 8.95
N CYS F 15 20.48 4.12 7.76
CA CYS F 15 21.91 4.00 7.55
C CYS F 15 22.63 5.34 7.74
N CYS F 16 23.68 5.34 8.55
CA CYS F 16 24.49 6.53 8.76
C CYS F 16 25.82 6.16 9.40
N VAL F 17 26.66 7.17 9.63
CA VAL F 17 27.96 6.98 10.23
C VAL F 17 27.79 6.75 11.73
N ARG F 18 28.40 5.70 12.24
CA ARG F 18 28.35 5.37 13.66
C ARG F 18 29.68 5.72 14.32
N GLN F 19 29.60 6.23 15.54
CA GLN F 19 30.81 6.62 16.27
C GLN F 19 31.63 5.40 16.66
N LEU F 20 32.94 5.48 16.47
CA LEU F 20 33.84 4.43 16.93
C LEU F 20 35.25 4.99 17.03
N TYR F 21 35.78 5.04 18.25
CA TYR F 21 37.16 5.40 18.50
C TYR F 21 37.96 4.13 18.77
N ILE F 22 39.10 3.99 18.10
CA ILE F 22 39.95 2.81 18.23
C ILE F 22 41.27 3.24 18.86
N ASP F 23 41.58 2.67 20.02
CA ASP F 23 42.85 2.90 20.72
C ASP F 23 43.81 1.77 20.34
N PHE F 24 44.96 2.14 19.78
CA PHE F 24 45.90 1.12 19.30
C PHE F 24 46.38 0.22 20.43
N ARG F 25 46.57 0.78 21.63
CA ARG F 25 47.08 -0.03 22.74
C ARG F 25 45.99 -0.91 23.32
N LYS F 26 44.80 -0.35 23.57
CA LYS F 26 43.76 -1.08 24.26
C LYS F 26 43.02 -2.03 23.32
N ASP F 27 42.66 -1.54 22.13
CA ASP F 27 41.82 -2.33 21.24
C ASP F 27 42.63 -3.34 20.42
N LEU F 28 43.83 -2.95 19.98
CA LEU F 28 44.63 -3.82 19.14
C LEU F 28 45.84 -4.42 19.85
N GLY F 29 46.18 -3.95 21.04
CA GLY F 29 47.36 -4.46 21.71
C GLY F 29 48.66 -4.06 21.03
N TRP F 30 48.67 -2.91 20.36
CA TRP F 30 49.83 -2.44 19.62
C TRP F 30 50.56 -1.34 20.38
N LYS F 31 51.87 -1.45 20.43
CA LYS F 31 52.72 -0.42 21.01
C LYS F 31 53.68 0.21 19.99
N TRP F 32 53.66 -0.24 18.74
CA TRP F 32 54.63 0.26 17.76
C TRP F 32 54.20 1.57 17.10
N ILE F 33 52.94 1.97 17.25
CA ILE F 33 52.48 3.25 16.71
C ILE F 33 52.64 4.28 17.81
N HIS F 34 53.70 5.08 17.71
CA HIS F 34 53.98 6.08 18.75
C HIS F 34 52.95 7.20 18.71
N GLU F 35 52.63 7.70 17.52
CA GLU F 35 51.61 8.71 17.35
C GLU F 35 50.75 8.35 16.14
N PRO F 36 49.42 8.51 16.23
CA PRO F 36 48.74 8.93 17.46
C PRO F 36 48.47 7.75 18.39
N LYS F 37 47.89 8.02 19.55
CA LYS F 37 47.44 6.95 20.44
C LYS F 37 46.15 6.32 19.96
N GLY F 38 45.46 6.95 19.02
CA GLY F 38 44.20 6.44 18.52
C GLY F 38 43.56 7.47 17.62
N TYR F 39 42.40 7.09 17.07
CA TYR F 39 41.69 7.97 16.15
C TYR F 39 40.26 7.49 16.01
N HIS F 40 39.40 8.41 15.54
CA HIS F 40 37.98 8.13 15.33
C HIS F 40 37.79 7.56 13.93
N ALA F 41 37.94 6.24 13.82
CA ALA F 41 37.81 5.59 12.52
C ALA F 41 36.36 5.61 12.03
N ASN F 42 35.42 5.28 12.91
CA ASN F 42 33.99 5.23 12.61
C ASN F 42 33.66 4.12 11.62
N PHE F 43 32.37 3.93 11.36
CA PHE F 43 31.91 2.90 10.43
C PHE F 43 30.47 3.19 10.03
N CYS F 44 30.06 2.58 8.93
CA CYS F 44 28.68 2.66 8.45
C CYS F 44 27.90 1.46 8.94
N LEU F 45 26.65 1.68 9.32
CA LEU F 45 25.76 0.61 9.74
C LEU F 45 24.33 1.11 9.56
N GLY F 46 23.46 0.21 9.13
CA GLY F 46 22.07 0.55 8.96
C GLY F 46 21.49 -0.04 7.69
N PRO F 47 20.20 -0.35 7.70
CA PRO F 47 19.57 -0.92 6.50
C PRO F 47 19.51 0.09 5.37
N CYS F 48 19.57 -0.42 4.14
CA CYS F 48 19.37 0.39 2.94
C CYS F 48 18.24 -0.19 2.11
N PRO F 49 16.99 0.13 2.45
CA PRO F 49 15.87 -0.36 1.66
C PRO F 49 15.86 0.29 0.29
N TYR F 50 15.33 -0.43 -0.70
CA TYR F 50 15.15 0.15 -2.02
C TYR F 50 14.32 1.42 -1.89
N ILE F 51 14.67 2.43 -2.70
CA ILE F 51 14.05 3.74 -2.50
C ILE F 51 12.57 3.71 -2.83
N TRP F 52 12.14 2.78 -3.67
CA TRP F 52 10.70 2.60 -3.86
C TRP F 52 10.09 1.80 -2.71
N SER F 53 10.91 1.04 -1.99
CA SER F 53 10.46 0.16 -0.92
C SER F 53 10.44 0.82 0.45
N LEU F 54 10.87 2.08 0.54
CA LEU F 54 10.86 2.76 1.83
C LEU F 54 9.43 3.01 2.28
N ASP F 55 9.19 2.91 3.59
CA ASP F 55 7.87 3.17 4.13
C ASP F 55 7.47 4.62 3.96
N THR F 56 8.43 5.54 4.13
CA THR F 56 8.17 6.96 3.90
C THR F 56 9.37 7.61 3.23
N GLN F 57 9.59 8.90 3.51
CA GLN F 57 10.61 9.66 2.81
C GLN F 57 10.94 10.94 3.56
N TYR F 58 11.57 10.80 4.72
CA TYR F 58 12.02 11.95 5.48
C TYR F 58 13.01 12.77 4.65
N SER F 59 13.03 14.08 4.89
CA SER F 59 13.82 14.97 4.04
C SER F 59 15.31 14.63 4.12
N LYS F 60 15.78 14.25 5.32
CA LYS F 60 17.19 13.91 5.47
C LYS F 60 17.51 12.51 5.01
N VAL F 61 16.53 11.60 5.00
CA VAL F 61 16.78 10.23 4.57
C VAL F 61 16.97 10.13 3.06
N LEU F 62 16.46 11.10 2.30
CA LEU F 62 16.59 11.06 0.86
C LEU F 62 18.03 11.22 0.39
N ALA F 63 18.88 11.87 1.19
CA ALA F 63 20.26 12.11 0.80
C ALA F 63 21.08 10.84 0.68
N LEU F 64 20.68 9.75 1.33
CA LEU F 64 21.43 8.51 1.23
C LEU F 64 21.40 7.93 -0.18
N TYR F 65 20.29 8.15 -0.89
CA TYR F 65 20.06 7.56 -2.20
C TYR F 65 20.56 8.40 -3.37
N ASN F 66 21.38 9.42 -3.12
CA ASN F 66 21.84 10.27 -4.23
C ASN F 66 22.64 9.49 -5.26
N GLN F 67 23.36 8.45 -4.82
CA GLN F 67 24.14 7.60 -5.72
C GLN F 67 23.55 6.20 -5.80
N HIS F 68 22.24 6.08 -5.61
CA HIS F 68 21.59 4.79 -5.49
C HIS F 68 21.43 4.16 -6.87
N ASN F 69 21.82 2.89 -6.97
CA ASN F 69 21.79 2.14 -8.22
C ASN F 69 21.31 0.73 -7.89
N PRO F 70 20.00 0.51 -7.85
CA PRO F 70 19.49 -0.81 -7.45
C PRO F 70 19.97 -1.96 -8.34
N GLY F 71 20.19 -1.72 -9.62
CA GLY F 71 20.65 -2.82 -10.46
C GLY F 71 22.13 -3.10 -10.40
N ALA F 72 22.91 -2.24 -9.75
CA ALA F 72 24.36 -2.42 -9.69
C ALA F 72 24.74 -3.48 -8.64
N SER F 73 24.43 -3.20 -7.39
CA SER F 73 24.71 -4.16 -6.32
C SER F 73 23.65 -5.26 -6.32
N ALA F 74 24.03 -6.43 -5.81
CA ALA F 74 23.06 -7.52 -5.70
C ALA F 74 22.00 -7.20 -4.66
N ALA F 75 22.41 -6.52 -3.58
CA ALA F 75 21.55 -6.00 -2.53
C ALA F 75 22.16 -4.65 -2.17
N PRO F 76 21.34 -3.63 -1.92
CA PRO F 76 21.91 -2.33 -1.56
C PRO F 76 22.63 -2.41 -0.23
N CYS F 77 23.76 -1.73 -0.14
CA CYS F 77 24.55 -1.71 1.08
C CYS F 77 24.90 -0.28 1.48
N CYS F 78 25.02 -0.08 2.78
CA CYS F 78 25.40 1.20 3.36
C CYS F 78 26.92 1.26 3.43
N VAL F 79 27.52 1.98 2.47
CA VAL F 79 28.97 2.04 2.34
C VAL F 79 29.42 3.48 2.54
N PRO F 80 30.64 3.73 3.01
CA PRO F 80 31.10 5.10 3.17
C PRO F 80 31.30 5.80 1.83
N GLN F 81 31.05 7.10 1.81
CA GLN F 81 31.31 7.93 0.65
C GLN F 81 32.49 8.88 0.86
N ALA F 82 32.48 9.66 1.93
CA ALA F 82 33.57 10.56 2.25
C ALA F 82 34.51 9.88 3.23
N LEU F 83 35.81 9.91 2.91
CA LEU F 83 36.84 9.28 3.72
C LEU F 83 37.99 10.27 3.92
N GLU F 84 38.70 10.12 5.03
CA GLU F 84 39.77 11.02 5.40
C GLU F 84 41.01 10.22 5.77
N PRO F 85 42.20 10.75 5.45
CA PRO F 85 43.44 10.03 5.75
C PRO F 85 43.80 10.11 7.22
N LEU F 86 44.69 9.20 7.63
CA LEU F 86 45.21 9.15 8.99
C LEU F 86 46.73 9.10 8.95
N PRO F 87 47.41 10.21 9.26
CA PRO F 87 48.87 10.17 9.40
C PRO F 87 49.28 9.54 10.73
N ILE F 88 50.39 8.80 10.69
CA ILE F 88 50.90 8.08 11.85
C ILE F 88 52.40 8.29 11.94
N VAL F 89 52.97 7.93 13.09
CA VAL F 89 54.40 7.94 13.34
C VAL F 89 54.78 6.61 13.96
N TYR F 90 55.71 5.89 13.34
CA TYR F 90 56.15 4.61 13.87
C TYR F 90 57.63 4.41 13.55
N TYR F 91 58.29 3.64 14.41
CA TYR F 91 59.71 3.35 14.27
C TYR F 91 59.94 2.05 13.50
N VAL F 92 60.93 2.06 12.62
CA VAL F 92 61.44 0.87 11.96
C VAL F 92 62.89 0.74 12.40
N GLY F 93 63.14 -0.08 13.41
CA GLY F 93 64.47 -0.14 13.99
C GLY F 93 64.76 1.09 14.83
N ARG F 94 65.68 1.93 14.36
CA ARG F 94 66.05 3.14 15.07
C ARG F 94 65.58 4.42 14.39
N LYS F 95 65.05 4.34 13.17
CA LYS F 95 64.67 5.54 12.43
C LYS F 95 63.17 5.77 12.56
N PRO F 96 62.74 6.93 13.06
CA PRO F 96 61.30 7.23 13.06
C PRO F 96 60.80 7.55 11.66
N LYS F 97 59.56 7.17 11.39
CA LYS F 97 58.95 7.36 10.07
C LYS F 97 57.57 7.96 10.22
N VAL F 98 57.27 8.95 9.38
CA VAL F 98 55.96 9.59 9.34
C VAL F 98 55.30 9.24 8.01
N GLU F 99 54.20 8.51 8.07
CA GLU F 99 53.49 8.07 6.87
C GLU F 99 51.99 8.30 7.05
N GLN F 100 51.30 8.48 5.93
CA GLN F 100 49.87 8.77 5.92
C GLN F 100 49.12 7.65 5.22
N LEU F 101 48.16 7.04 5.93
CA LEU F 101 47.32 5.99 5.39
C LEU F 101 46.06 6.60 4.76
N SER F 102 45.73 6.15 3.55
CA SER F 102 44.57 6.67 2.83
C SER F 102 43.28 5.98 3.28
N ASN F 103 42.19 6.74 3.26
CA ASN F 103 40.84 6.23 3.48
C ASN F 103 40.73 5.46 4.79
N MET F 104 40.96 6.16 5.89
CA MET F 104 40.91 5.56 7.22
C MET F 104 39.70 5.98 8.04
N ILE F 105 39.37 7.27 8.04
CA ILE F 105 38.24 7.79 8.81
C ILE F 105 37.02 7.87 7.90
N VAL F 106 35.88 7.39 8.40
CA VAL F 106 34.63 7.46 7.65
C VAL F 106 33.91 8.75 8.05
N ARG F 107 33.63 9.60 7.07
CA ARG F 107 32.97 10.87 7.31
C ARG F 107 31.52 10.90 6.87
N SER F 108 31.15 10.18 5.82
CA SER F 108 29.77 10.13 5.37
C SER F 108 29.46 8.74 4.82
N CYS F 109 28.21 8.31 4.98
CA CYS F 109 27.76 7.01 4.51
C CYS F 109 26.63 7.18 3.51
N LYS F 110 26.59 6.29 2.52
CA LYS F 110 25.59 6.34 1.46
C LYS F 110 25.08 4.93 1.17
N CYS F 111 23.85 4.86 0.69
CA CYS F 111 23.26 3.60 0.25
C CYS F 111 23.64 3.35 -1.20
N SER F 112 24.08 2.14 -1.50
CA SER F 112 24.61 1.82 -2.82
C SER F 112 23.48 1.39 -3.76
N THR G 3 12.63 -4.16 7.59
CA THR G 3 13.80 -3.71 8.35
C THR G 3 13.50 -3.51 9.83
N CYS G 4 13.12 -4.60 10.51
CA CYS G 4 12.97 -4.54 11.95
C CYS G 4 14.34 -4.48 12.61
N LYS G 5 14.42 -3.77 13.73
CA LYS G 5 15.71 -3.45 14.34
C LYS G 5 16.28 -4.69 15.01
N THR G 6 17.26 -5.33 14.34
CA THR G 6 17.83 -6.58 14.82
C THR G 6 19.36 -6.58 14.95
N ILE G 7 20.03 -5.43 14.92
CA ILE G 7 21.49 -5.40 14.85
C ILE G 7 22.07 -4.79 16.12
N ASP G 8 23.06 -5.48 16.70
CA ASP G 8 23.78 -5.05 17.89
C ASP G 8 25.15 -4.53 17.46
N MET G 9 25.37 -3.23 17.60
CA MET G 9 26.64 -2.62 17.18
C MET G 9 27.85 -3.24 17.86
N GLU G 10 27.65 -3.93 18.99
CA GLU G 10 28.79 -4.49 19.71
C GLU G 10 29.51 -5.54 18.87
N LEU G 11 28.76 -6.39 18.16
CA LEU G 11 29.39 -7.36 17.28
C LEU G 11 30.00 -6.67 16.05
N VAL G 12 29.31 -5.65 15.53
CA VAL G 12 29.79 -4.95 14.35
C VAL G 12 31.08 -4.18 14.65
N LYS G 13 31.15 -3.52 15.80
CA LYS G 13 32.33 -2.76 16.16
C LYS G 13 33.56 -3.64 16.22
N ARG G 14 33.42 -4.87 16.75
CA ARG G 14 34.57 -5.76 16.88
C ARG G 14 35.14 -6.13 15.51
N LYS G 15 34.26 -6.33 14.53
CA LYS G 15 34.74 -6.64 13.19
C LYS G 15 35.37 -5.42 12.52
N ARG G 16 34.82 -4.23 12.78
CA ARG G 16 35.43 -3.02 12.24
C ARG G 16 36.80 -2.77 12.85
N ILE G 17 36.95 -3.04 14.16
CA ILE G 17 38.23 -2.86 14.82
C ILE G 17 39.26 -3.86 14.29
N GLU G 18 38.86 -5.13 14.21
CA GLU G 18 39.78 -6.16 13.72
C GLU G 18 40.13 -5.95 12.26
N ALA G 19 39.21 -5.39 11.47
CA ALA G 19 39.53 -5.05 10.09
C ALA G 19 40.58 -3.95 10.02
N ILE G 20 40.55 -3.01 10.96
CA ILE G 20 41.55 -1.95 11.01
C ILE G 20 42.93 -2.53 11.26
N ARG G 21 43.01 -3.61 12.05
CA ARG G 21 44.30 -4.25 12.31
C ARG G 21 44.97 -4.68 11.02
N GLY G 22 44.25 -5.40 10.17
CA GLY G 22 44.82 -5.81 8.90
C GLY G 22 44.94 -4.67 7.90
N GLN G 23 44.08 -3.67 8.01
CA GLN G 23 44.14 -2.54 7.08
C GLN G 23 45.43 -1.76 7.26
N ILE G 24 45.80 -1.47 8.50
CA ILE G 24 47.02 -0.71 8.75
C ILE G 24 48.25 -1.53 8.36
N LEU G 25 48.26 -2.82 8.71
CA LEU G 25 49.40 -3.67 8.39
C LEU G 25 49.56 -3.85 6.89
N SER G 26 48.44 -3.97 6.16
CA SER G 26 48.52 -4.19 4.72
C SER G 26 48.95 -2.93 3.98
N LYS G 27 48.45 -1.76 4.40
CA LYS G 27 48.87 -0.51 3.77
C LYS G 27 50.35 -0.25 3.99
N LEU G 28 50.88 -0.63 5.13
CA LEU G 28 52.30 -0.48 5.43
C LEU G 28 53.14 -1.65 4.92
N ARG G 29 52.50 -2.66 4.32
CA ARG G 29 53.19 -3.83 3.79
C ARG G 29 54.06 -4.50 4.86
N LEU G 30 53.49 -4.66 6.04
CA LEU G 30 54.19 -5.23 7.19
C LEU G 30 53.65 -6.62 7.47
N ALA G 31 54.51 -7.64 7.34
CA ALA G 31 54.13 -9.00 7.69
C ALA G 31 53.92 -9.15 9.18
N SER G 32 54.65 -8.38 9.99
CA SER G 32 54.49 -8.37 11.44
C SER G 32 54.82 -6.98 11.95
N PRO G 33 54.28 -6.59 13.10
CA PRO G 33 54.61 -5.28 13.66
C PRO G 33 56.09 -5.15 13.92
N PRO G 34 56.69 -4.00 13.64
CA PRO G 34 58.15 -3.88 13.78
C PRO G 34 58.57 -3.99 15.24
N SER G 35 59.74 -4.57 15.45
CA SER G 35 60.25 -4.76 16.80
C SER G 35 60.65 -3.43 17.42
N GLN G 36 60.39 -3.29 18.71
CA GLN G 36 60.70 -2.07 19.44
C GLN G 36 62.06 -2.14 20.14
N GLY G 37 62.94 -3.01 19.66
CA GLY G 37 64.21 -3.20 20.36
C GLY G 37 65.13 -2.02 20.21
N GLU G 38 65.35 -1.58 18.98
CA GLU G 38 66.29 -0.50 18.68
C GLU G 38 65.68 0.88 18.83
N VAL G 39 64.47 0.98 19.39
CA VAL G 39 63.86 2.31 19.57
C VAL G 39 64.63 3.08 20.64
N PRO G 40 65.08 4.29 20.35
CA PRO G 40 65.78 5.09 21.37
C PRO G 40 64.81 5.65 22.39
N PRO G 41 65.18 5.62 23.67
CA PRO G 41 64.26 6.13 24.70
C PRO G 41 64.11 7.64 24.60
N GLY G 42 62.96 8.12 25.09
CA GLY G 42 62.70 9.54 25.15
C GLY G 42 61.64 9.99 24.16
N PRO G 43 61.34 11.29 24.18
CA PRO G 43 60.34 11.83 23.26
C PRO G 43 60.84 11.85 21.83
N LEU G 44 59.88 11.92 20.90
CA LEU G 44 60.21 12.03 19.49
C LEU G 44 60.96 13.33 19.22
N PRO G 45 61.88 13.33 18.25
CA PRO G 45 62.58 14.58 17.90
C PRO G 45 61.60 15.62 17.38
N GLU G 46 61.89 16.88 17.70
CA GLU G 46 60.99 17.96 17.34
C GLU G 46 60.80 18.07 15.83
N ALA G 47 61.84 17.73 15.05
CA ALA G 47 61.70 17.79 13.59
C ALA G 47 60.71 16.75 13.09
N VAL G 48 60.69 15.58 13.72
CA VAL G 48 59.72 14.55 13.34
C VAL G 48 58.34 14.93 13.85
N LEU G 49 58.25 15.44 15.08
CA LEU G 49 56.98 15.86 15.62
C LEU G 49 56.40 17.04 14.85
N ALA G 50 57.27 17.94 14.37
CA ALA G 50 56.79 19.05 13.54
C ALA G 50 56.28 18.55 12.19
N LEU G 51 56.91 17.50 11.66
CA LEU G 51 56.44 16.92 10.41
C LEU G 51 55.08 16.24 10.59
N TYR G 52 54.90 15.53 11.71
CA TYR G 52 53.61 14.91 11.98
C TYR G 52 52.53 15.96 12.22
N ASN G 53 52.87 17.09 12.82
CA ASN G 53 51.90 18.16 13.01
C ASN G 53 51.49 18.79 11.69
N SER G 54 52.40 18.83 10.72
CA SER G 54 52.09 19.42 9.42
C SER G 54 51.04 18.60 8.67
N THR G 55 51.04 17.28 8.86
CA THR G 55 50.06 16.44 8.18
C THR G 55 48.68 16.57 8.81
N ARG G 56 48.62 16.58 10.14
CA ARG G 56 47.35 16.77 10.82
C ARG G 56 46.82 18.19 10.66
N ASP G 57 47.70 19.13 10.32
CA ASP G 57 47.32 20.52 10.18
C ASP G 57 46.29 20.70 9.07
N ARG G 58 45.24 21.47 9.36
CA ARG G 58 44.22 21.74 8.37
C ARG G 58 44.70 22.81 7.41
N VAL G 59 44.33 22.67 6.14
CA VAL G 59 44.73 23.61 5.10
C VAL G 59 43.52 23.91 4.23
N ALA G 60 43.29 25.19 3.95
CA ALA G 60 42.22 25.62 3.04
C ALA G 60 42.78 25.61 1.62
N GLY G 61 42.91 24.41 1.07
CA GLY G 61 43.42 24.25 -0.28
C GLY G 61 42.44 23.58 -1.21
N GLU G 62 41.90 24.36 -2.15
CA GLU G 62 40.94 23.84 -3.12
C GLU G 62 41.64 23.39 -4.39
N PRO G 70 44.40 4.45 -8.19
CA PRO G 70 44.16 3.02 -8.38
C PRO G 70 44.76 2.16 -7.27
N GLU G 71 45.50 1.12 -7.65
CA GLU G 71 46.11 0.24 -6.66
C GLU G 71 47.19 0.97 -5.87
N ALA G 72 47.90 1.91 -6.49
CA ALA G 72 48.99 2.61 -5.82
C ALA G 72 48.51 3.49 -4.67
N ASP G 73 47.24 3.88 -4.66
CA ASP G 73 46.71 4.77 -3.63
C ASP G 73 46.33 4.05 -2.34
N TYR G 74 46.12 2.74 -2.38
CA TYR G 74 45.75 2.02 -1.15
C TYR G 74 46.91 2.01 -0.16
N TYR G 75 48.13 1.82 -0.63
CA TYR G 75 49.26 1.63 0.26
C TYR G 75 49.77 2.97 0.80
N ALA G 76 50.45 2.89 1.94
CA ALA G 76 50.89 4.08 2.66
C ALA G 76 51.91 4.88 1.87
N LYS G 77 51.95 6.18 2.15
CA LYS G 77 52.91 7.10 1.56
C LYS G 77 53.75 7.73 2.66
N GLU G 78 55.08 7.61 2.53
CA GLU G 78 55.98 8.27 3.47
C GLU G 78 55.90 9.78 3.31
N VAL G 79 55.93 10.49 4.43
CA VAL G 79 55.77 11.94 4.45
C VAL G 79 57.09 12.60 4.85
N THR G 80 57.51 13.60 4.06
CA THR G 80 58.65 14.45 4.38
C THR G 80 58.30 15.87 3.99
N ARG G 81 58.97 16.84 4.60
CA ARG G 81 58.77 18.25 4.26
C ARG G 81 60.12 18.94 4.09
N VAL G 82 60.14 19.92 3.19
CA VAL G 82 61.35 20.69 2.89
C VAL G 82 60.98 22.17 2.98
N LEU G 83 61.61 22.89 3.91
CA LEU G 83 61.34 24.31 4.08
C LEU G 83 61.98 25.11 2.96
N MET G 84 61.37 26.26 2.65
CA MET G 84 61.93 27.13 1.63
C MET G 84 63.23 27.76 2.14
N VAL G 85 64.07 28.18 1.19
CA VAL G 85 65.30 28.87 1.56
C VAL G 85 64.93 30.15 2.30
N GLU G 86 65.74 30.49 3.30
CA GLU G 86 65.46 31.67 4.11
C GLU G 86 65.51 32.93 3.25
N THR G 87 64.74 33.94 3.67
CA THR G 87 64.56 35.13 2.84
C THR G 87 65.86 35.90 2.63
N HIS G 88 66.79 35.82 3.57
CA HIS G 88 68.04 36.54 3.47
C HIS G 88 69.17 35.74 2.81
N ASN G 89 68.84 34.62 2.18
CA ASN G 89 69.83 33.77 1.52
C ASN G 89 69.70 33.91 0.01
N GLU G 90 70.06 35.09 -0.48
CA GLU G 90 70.06 35.46 -1.89
C GLU G 90 68.65 35.54 -2.49
N ILE G 91 67.63 35.17 -1.72
CA ILE G 91 66.27 35.27 -2.23
C ILE G 91 65.88 36.73 -2.40
N TYR G 92 66.17 37.56 -1.41
CA TYR G 92 65.81 38.97 -1.43
C TYR G 92 66.73 39.83 -2.28
N ASP G 93 67.90 39.32 -2.67
CA ASP G 93 68.85 40.13 -3.43
C ASP G 93 68.44 40.24 -4.91
N LYS G 94 68.24 39.10 -5.58
CA LYS G 94 67.85 39.12 -6.98
C LYS G 94 66.35 39.31 -7.17
N PHE G 95 65.57 39.00 -6.14
CA PHE G 95 64.12 39.14 -6.16
C PHE G 95 63.74 39.94 -4.93
N LYS G 96 63.23 41.15 -5.12
CA LYS G 96 63.03 42.04 -3.99
C LYS G 96 61.83 41.66 -3.13
N GLN G 97 60.95 40.79 -3.62
CA GLN G 97 59.80 40.29 -2.85
C GLN G 97 59.03 41.45 -2.22
N SER G 98 58.66 42.41 -3.07
CA SER G 98 57.98 43.63 -2.68
C SER G 98 56.48 43.36 -2.58
N THR G 99 55.69 44.44 -2.57
CA THR G 99 54.23 44.34 -2.46
C THR G 99 53.57 43.77 -3.70
N HIS G 100 54.30 43.54 -4.79
CA HIS G 100 53.68 43.05 -6.02
C HIS G 100 53.76 41.53 -6.16
N SER G 101 54.66 40.87 -5.43
CA SER G 101 54.88 39.44 -5.59
C SER G 101 55.72 38.93 -4.43
N ILE G 102 55.42 37.73 -3.96
CA ILE G 102 56.19 37.04 -2.93
C ILE G 102 56.89 35.85 -3.57
N TYR G 103 58.22 35.80 -3.44
CA TYR G 103 59.04 34.76 -4.04
C TYR G 103 59.44 33.74 -2.97
N MET G 104 59.24 32.46 -3.27
CA MET G 104 59.59 31.36 -2.36
C MET G 104 60.41 30.34 -3.13
N PHE G 105 61.70 30.25 -2.80
CA PHE G 105 62.62 29.35 -3.47
C PHE G 105 62.96 28.16 -2.59
N PHE G 106 63.29 27.03 -3.22
CA PHE G 106 63.59 25.78 -2.54
C PHE G 106 64.89 25.19 -3.05
N ASN G 107 65.61 24.50 -2.16
CA ASN G 107 66.84 23.82 -2.53
C ASN G 107 66.48 22.47 -3.15
N THR G 108 66.84 22.30 -4.43
CA THR G 108 66.49 21.07 -5.14
C THR G 108 67.22 19.85 -4.58
N SER G 109 68.45 20.04 -4.08
CA SER G 109 69.18 18.91 -3.50
C SER G 109 68.47 18.37 -2.27
N GLU G 110 67.82 19.24 -1.48
CA GLU G 110 67.06 18.77 -0.33
C GLU G 110 65.79 18.05 -0.76
N LEU G 111 65.22 18.43 -1.92
CA LEU G 111 64.04 17.73 -2.41
C LEU G 111 64.37 16.33 -2.88
N ARG G 112 65.48 16.17 -3.62
CA ARG G 112 65.89 14.85 -4.07
C ARG G 112 66.33 13.95 -2.93
N GLU G 113 66.74 14.53 -1.81
CA GLU G 113 67.07 13.72 -0.63
C GLU G 113 65.80 13.15 0.01
N ALA G 114 64.77 13.98 0.14
CA ALA G 114 63.52 13.51 0.72
C ALA G 114 62.81 12.51 -0.19
N VAL G 115 62.93 12.67 -1.50
CA VAL G 115 62.36 11.73 -2.47
C VAL G 115 63.49 11.27 -3.40
N PRO G 116 64.06 10.09 -3.16
CA PRO G 116 65.26 9.69 -3.93
C PRO G 116 65.03 9.58 -5.43
N GLU G 117 63.86 9.13 -5.86
CA GLU G 117 63.57 8.98 -7.27
C GLU G 117 62.27 9.70 -7.61
N PRO G 118 62.20 10.34 -8.77
CA PRO G 118 60.97 11.09 -9.12
C PRO G 118 59.73 10.22 -9.21
N VAL G 119 59.87 8.96 -9.60
CA VAL G 119 58.71 8.10 -9.78
C VAL G 119 58.02 7.82 -8.44
N LEU G 120 58.77 7.84 -7.34
CA LEU G 120 58.18 7.54 -6.04
C LEU G 120 57.21 8.61 -5.60
N LEU G 121 57.40 9.85 -6.06
CA LEU G 121 56.55 10.95 -5.62
C LEU G 121 55.10 10.72 -6.04
N SER G 122 54.19 10.91 -5.10
CA SER G 122 52.75 10.81 -5.35
C SER G 122 52.02 12.12 -5.15
N ARG G 123 52.44 12.95 -4.20
CA ARG G 123 51.82 14.25 -4.00
C ARG G 123 52.83 15.21 -3.40
N ALA G 124 52.78 16.46 -3.86
CA ALA G 124 53.62 17.53 -3.34
C ALA G 124 52.80 18.81 -3.32
N GLU G 125 52.63 19.40 -2.14
CA GLU G 125 51.82 20.59 -1.98
C GLU G 125 52.60 21.69 -1.27
N LEU G 126 52.72 22.84 -1.92
CA LEU G 126 53.29 24.02 -1.29
C LEU G 126 52.33 24.58 -0.25
N ARG G 127 52.87 24.96 0.91
CA ARG G 127 52.03 25.44 2.00
C ARG G 127 52.51 26.80 2.50
N LEU G 128 51.57 27.71 2.69
CA LEU G 128 51.83 29.05 3.18
C LEU G 128 50.91 29.32 4.37
N LEU G 129 51.39 30.10 5.33
CA LEU G 129 50.60 30.47 6.50
C LEU G 129 50.07 31.89 6.31
N ARG G 130 48.88 31.98 5.72
CA ARG G 130 48.21 33.27 5.60
C ARG G 130 47.71 33.74 6.96
N LEU G 131 47.89 35.03 7.25
CA LEU G 131 47.50 35.56 8.55
C LEU G 131 46.03 35.96 8.55
N LYS G 132 45.68 36.94 9.37
CA LYS G 132 44.30 37.40 9.44
C LYS G 132 43.97 38.22 8.18
N LEU G 133 42.82 37.94 7.59
CA LEU G 133 42.39 38.61 6.35
C LEU G 133 40.99 39.16 6.57
N LYS G 134 40.86 40.49 6.61
CA LYS G 134 39.57 41.13 6.77
C LYS G 134 38.85 41.38 5.45
N VAL G 135 39.52 41.24 4.32
CA VAL G 135 38.91 41.42 3.01
C VAL G 135 39.38 40.30 2.10
N GLU G 136 38.48 39.84 1.22
CA GLU G 136 38.84 38.77 0.29
C GLU G 136 39.89 39.25 -0.70
N GLN G 137 40.69 38.31 -1.18
CA GLN G 137 41.76 38.64 -2.11
C GLN G 137 41.99 37.47 -3.06
N HIS G 138 42.27 37.80 -4.31
CA HIS G 138 42.55 36.82 -5.36
C HIS G 138 44.06 36.77 -5.60
N VAL G 139 44.63 35.57 -5.58
CA VAL G 139 46.06 35.39 -5.72
C VAL G 139 46.34 34.43 -6.88
N GLU G 140 47.58 34.47 -7.35
CA GLU G 140 48.03 33.62 -8.44
C GLU G 140 49.40 33.05 -8.12
N LEU G 141 49.59 31.76 -8.39
CA LEU G 141 50.87 31.09 -8.20
C LEU G 141 51.59 30.95 -9.52
N TYR G 142 52.92 31.07 -9.49
CA TYR G 142 53.74 31.02 -10.70
C TYR G 142 54.98 30.17 -10.45
N GLN G 143 55.45 29.54 -11.52
CA GLN G 143 56.65 28.72 -11.51
C GLN G 143 57.74 29.41 -12.33
N LYS G 144 58.98 29.37 -11.81
CA LYS G 144 60.13 29.95 -12.51
C LYS G 144 60.54 29.00 -13.63
N TYR G 145 59.96 29.20 -14.82
CA TYR G 145 60.25 28.33 -15.95
C TYR G 145 61.66 28.54 -16.47
N SER G 146 61.97 29.76 -16.90
CA SER G 146 63.30 30.10 -17.39
C SER G 146 64.07 30.89 -16.31
N ASN G 147 65.22 31.44 -16.70
CA ASN G 147 66.00 32.24 -15.77
C ASN G 147 65.29 33.52 -15.36
N ASN G 148 64.37 34.00 -16.17
CA ASN G 148 63.63 35.23 -15.87
C ASN G 148 62.13 35.08 -15.97
N SER G 149 61.63 34.28 -16.90
CA SER G 149 60.20 34.15 -17.11
C SER G 149 59.58 33.29 -16.01
N TRP G 150 58.30 33.54 -15.75
CA TRP G 150 57.51 32.80 -14.78
C TRP G 150 56.35 32.12 -15.48
N ARG G 151 56.11 30.86 -15.15
CA ARG G 151 55.03 30.09 -15.75
C ARG G 151 53.85 30.02 -14.80
N TYR G 152 52.65 30.20 -15.34
CA TYR G 152 51.44 30.18 -14.53
C TYR G 152 51.16 28.77 -14.02
N LEU G 153 50.63 28.70 -12.80
CA LEU G 153 50.29 27.42 -12.17
C LEU G 153 48.82 27.36 -11.76
N SER G 154 48.36 28.25 -10.90
CA SER G 154 46.97 28.24 -10.46
C SER G 154 46.66 29.55 -9.77
N ASN G 155 45.36 29.82 -9.63
CA ASN G 155 44.85 30.99 -8.92
C ASN G 155 43.71 30.55 -8.01
N ARG G 156 43.61 31.23 -6.86
CA ARG G 156 42.60 30.87 -5.86
C ARG G 156 42.12 32.12 -5.15
N LEU G 157 40.83 32.10 -4.77
CA LEU G 157 40.25 33.19 -3.99
C LEU G 157 40.35 32.87 -2.52
N LEU G 158 40.86 33.83 -1.75
CA LEU G 158 41.10 33.65 -0.31
C LEU G 158 39.97 34.34 0.45
N ALA G 159 39.16 33.55 1.13
CA ALA G 159 38.06 34.10 1.91
C ALA G 159 38.58 34.78 3.17
N PRO G 160 37.91 35.85 3.62
CA PRO G 160 38.35 36.55 4.83
C PRO G 160 38.23 35.66 6.06
N SER G 161 39.18 35.82 6.97
CA SER G 161 39.19 35.07 8.22
C SER G 161 39.92 35.87 9.29
N ASP G 162 39.34 35.91 10.50
CA ASP G 162 39.90 36.66 11.60
C ASP G 162 41.05 35.94 12.30
N SER G 163 41.33 34.69 11.94
CA SER G 163 42.38 33.90 12.55
C SER G 163 43.35 33.41 11.48
N PRO G 164 44.61 33.14 11.84
CA PRO G 164 45.57 32.65 10.85
C PRO G 164 45.14 31.31 10.26
N GLU G 165 45.42 31.14 8.97
CA GLU G 165 45.04 29.93 8.25
C GLU G 165 46.21 29.46 7.39
N TRP G 166 46.26 28.15 7.17
CA TRP G 166 47.24 27.54 6.29
C TRP G 166 46.65 27.35 4.90
N LEU G 167 47.42 27.72 3.89
CA LEU G 167 47.02 27.56 2.49
C LEU G 167 47.88 26.49 1.85
N SER G 168 47.30 25.76 0.90
CA SER G 168 47.98 24.66 0.24
C SER G 168 47.75 24.73 -1.26
N PHE G 169 48.83 24.57 -2.02
CA PHE G 169 48.77 24.56 -3.48
C PHE G 169 49.35 23.23 -3.97
N ASP G 170 48.56 22.47 -4.71
CA ASP G 170 49.05 21.22 -5.28
C ASP G 170 50.07 21.51 -6.36
N VAL G 171 51.32 21.10 -6.13
CA VAL G 171 52.40 21.33 -7.07
C VAL G 171 53.10 20.02 -7.37
N THR G 172 52.34 18.92 -7.40
CA THR G 172 52.93 17.59 -7.54
C THR G 172 53.69 17.46 -8.86
N GLY G 173 53.12 17.96 -9.95
CA GLY G 173 53.78 17.83 -11.24
C GLY G 173 55.04 18.69 -11.33
N VAL G 174 55.00 19.88 -10.71
CA VAL G 174 56.16 20.77 -10.76
C VAL G 174 57.32 20.19 -9.95
N VAL G 175 57.03 19.67 -8.76
CA VAL G 175 58.08 19.10 -7.92
C VAL G 175 58.65 17.84 -8.57
N ARG G 176 57.80 17.05 -9.24
CA ARG G 176 58.29 15.86 -9.93
C ARG G 176 59.27 16.23 -11.04
N GLN G 177 58.99 17.32 -11.76
CA GLN G 177 59.93 17.79 -12.77
C GLN G 177 61.23 18.26 -12.13
N TRP G 178 61.14 18.92 -10.97
CA TRP G 178 62.33 19.39 -10.29
C TRP G 178 63.20 18.24 -9.79
N LEU G 179 62.58 17.13 -9.40
CA LEU G 179 63.33 15.98 -8.93
C LEU G 179 64.14 15.35 -10.05
N SER G 180 63.55 15.29 -11.26
CA SER G 180 64.23 14.66 -12.39
C SER G 180 65.25 15.61 -13.01
N ARG G 181 64.78 16.60 -13.75
CA ARG G 181 65.63 17.55 -14.47
C ARG G 181 65.46 18.94 -13.90
N GLY G 182 66.00 19.15 -12.70
CA GLY G 182 65.89 20.44 -12.04
C GLY G 182 67.21 21.12 -11.82
N GLY G 183 67.16 22.43 -11.58
CA GLY G 183 68.36 23.22 -11.34
C GLY G 183 68.81 23.13 -9.89
N GLU G 184 69.79 23.97 -9.56
CA GLU G 184 70.31 24.00 -8.19
C GLU G 184 69.28 24.58 -7.24
N ILE G 185 68.52 25.59 -7.68
CA ILE G 185 67.53 26.25 -6.83
C ILE G 185 66.36 26.71 -7.68
N GLU G 186 65.18 26.13 -7.44
CA GLU G 186 63.95 26.54 -8.08
C GLU G 186 63.04 27.20 -7.05
N GLY G 187 61.88 27.65 -7.49
CA GLY G 187 60.97 28.30 -6.57
C GLY G 187 59.69 28.74 -7.24
N PHE G 188 58.78 29.26 -6.41
CA PHE G 188 57.47 29.74 -6.83
C PHE G 188 57.35 31.24 -6.59
N ARG G 189 56.38 31.85 -7.26
CA ARG G 189 56.04 33.26 -7.06
C ARG G 189 54.55 33.36 -6.81
N LEU G 190 54.16 34.12 -5.78
CA LEU G 190 52.76 34.33 -5.44
C LEU G 190 52.43 35.80 -5.64
N SER G 191 51.62 36.09 -6.66
CA SER G 191 51.20 37.43 -7.00
C SER G 191 49.69 37.54 -6.88
N ALA G 192 49.20 38.77 -6.79
CA ALA G 192 47.77 38.98 -6.80
C ALA G 192 47.22 38.83 -8.21
N HIS G 193 45.94 38.50 -8.31
CA HIS G 193 45.29 38.38 -9.60
C HIS G 193 45.09 39.75 -10.23
N CYS G 194 45.33 39.84 -11.53
CA CYS G 194 45.18 41.07 -12.29
C CYS G 194 44.28 40.82 -13.50
N SER G 195 43.09 41.39 -13.49
CA SER G 195 42.25 41.39 -14.69
C SER G 195 42.86 42.29 -15.75
N CYS G 196 42.58 41.97 -17.01
CA CYS G 196 43.16 42.75 -18.11
C CYS G 196 42.78 44.22 -18.02
N ASP G 197 41.56 44.52 -17.57
CA ASP G 197 41.13 45.90 -17.37
C ASP G 197 41.60 46.48 -16.04
N SER G 198 41.96 45.64 -15.09
CA SER G 198 42.37 46.10 -13.77
C SER G 198 43.68 46.89 -13.84
N ARG G 199 44.11 47.37 -12.68
CA ARG G 199 45.36 48.12 -12.56
C ARG G 199 46.50 47.16 -12.23
N ASP G 200 47.48 47.63 -11.47
CA ASP G 200 48.61 46.80 -11.04
C ASP G 200 48.33 46.47 -9.58
N ASN G 201 47.51 45.44 -9.38
CA ASN G 201 47.03 45.07 -8.06
C ASN G 201 48.17 44.67 -7.15
N THR G 202 48.10 45.13 -5.91
CA THR G 202 49.07 44.78 -4.89
C THR G 202 48.62 43.56 -4.12
N LEU G 203 49.58 42.77 -3.67
CA LEU G 203 49.29 41.58 -2.87
C LEU G 203 48.91 42.01 -1.46
N GLN G 204 47.68 41.73 -1.05
CA GLN G 204 47.15 42.19 0.23
C GLN G 204 47.03 41.08 1.25
N VAL G 205 47.78 39.99 1.10
CA VAL G 205 47.80 38.91 2.08
C VAL G 205 49.12 39.00 2.84
N ASP G 206 49.07 38.57 4.11
CA ASP G 206 50.24 38.58 4.98
C ASP G 206 50.69 37.15 5.20
N ILE G 207 51.91 36.85 4.79
CA ILE G 207 52.52 35.53 4.98
C ILE G 207 53.43 35.58 6.18
N ASN G 208 53.44 34.49 6.97
CA ASN G 208 54.21 34.48 8.21
C ASN G 208 55.70 34.65 7.95
N GLY G 209 56.18 34.22 6.79
CA GLY G 209 57.59 34.36 6.46
C GLY G 209 58.02 35.72 5.97
N PHE G 210 57.10 36.65 5.84
CA PHE G 210 57.42 37.97 5.30
C PHE G 210 56.74 39.09 6.08
N ASN G 225 55.38 28.25 10.58
CA ASN G 225 56.36 29.32 10.35
C ASN G 225 56.41 29.72 8.88
N ARG G 226 57.59 29.63 8.28
CA ARG G 226 57.79 30.04 6.90
C ARG G 226 57.27 28.97 5.95
N PRO G 227 56.94 29.35 4.71
CA PRO G 227 56.38 28.38 3.77
C PRO G 227 57.32 27.21 3.50
N PHE G 228 56.73 26.03 3.29
CA PHE G 228 57.49 24.81 3.08
C PHE G 228 56.77 23.95 2.04
N LEU G 229 57.45 22.88 1.62
CA LEU G 229 56.92 21.91 0.65
C LEU G 229 56.70 20.60 1.39
N LEU G 230 55.43 20.21 1.54
CA LEU G 230 55.07 18.92 2.12
C LEU G 230 55.07 17.85 1.04
N LEU G 231 55.82 16.77 1.27
CA LEU G 231 56.01 15.72 0.28
C LEU G 231 55.44 14.40 0.79
N MET G 232 54.78 13.68 -0.11
CA MET G 232 54.24 12.35 0.17
C MET G 232 54.64 11.44 -0.97
N ALA G 233 55.36 10.36 -0.67
CA ALA G 233 55.90 9.49 -1.70
C ALA G 233 55.97 8.07 -1.19
N THR G 234 56.12 7.15 -2.12
CA THR G 234 56.29 5.74 -1.78
C THR G 234 57.71 5.48 -1.32
N PRO G 235 57.92 4.84 -0.17
CA PRO G 235 59.29 4.57 0.28
C PRO G 235 60.00 3.63 -0.67
N LEU G 236 61.33 3.78 -0.72
CA LEU G 236 62.15 2.90 -1.56
C LEU G 236 61.99 1.44 -1.16
N GLU G 237 61.79 1.17 0.14
CA GLU G 237 61.69 -0.20 0.62
C GLU G 237 60.42 -0.91 0.12
N ARG G 238 59.35 -0.18 -0.17
CA ARG G 238 58.09 -0.84 -0.46
C ARG G 238 57.59 -0.59 -1.88
N ALA G 239 58.45 -0.28 -2.83
CA ALA G 239 57.97 0.01 -4.19
C ALA G 239 57.60 -1.29 -4.89
N GLN G 240 56.32 -1.44 -5.24
CA GLN G 240 55.85 -2.62 -5.93
C GLN G 240 54.84 -2.19 -7.00
N HIS G 241 55.32 -1.40 -7.95
CA HIS G 241 54.49 -0.90 -9.04
C HIS G 241 55.36 -0.32 -10.16
N THR H 4 32.93 -5.06 -17.92
CA THR H 4 33.56 -4.25 -18.95
C THR H 4 35.04 -4.03 -18.65
N ASN H 5 35.36 -2.88 -18.07
CA ASN H 5 36.76 -2.57 -17.74
C ASN H 5 37.35 -3.61 -16.79
N TYR H 6 36.55 -4.11 -15.86
CA TYR H 6 36.99 -5.12 -14.91
C TYR H 6 36.58 -6.51 -15.37
N CYS H 7 36.52 -7.46 -14.44
CA CYS H 7 36.21 -8.86 -14.71
C CYS H 7 37.00 -9.40 -15.91
N PHE H 8 38.31 -9.53 -15.68
CA PHE H 8 39.17 -10.12 -16.69
C PHE H 8 39.15 -11.65 -16.63
N SER H 9 38.65 -12.21 -15.54
CA SER H 9 38.55 -13.64 -15.35
C SER H 9 37.08 -14.02 -15.41
N SER H 10 36.71 -14.82 -16.41
CA SER H 10 35.33 -15.26 -16.53
C SER H 10 34.94 -16.09 -15.31
N THR H 11 33.74 -15.84 -14.80
CA THR H 11 33.19 -16.56 -13.65
C THR H 11 34.21 -16.54 -12.50
N GLU H 12 34.38 -15.35 -11.96
CA GLU H 12 35.34 -15.08 -10.90
C GLU H 12 34.62 -14.63 -9.64
N LYS H 13 35.01 -15.21 -8.52
CA LYS H 13 34.44 -14.86 -7.23
C LYS H 13 35.01 -13.58 -6.66
N ASN H 14 35.63 -12.75 -7.50
CA ASN H 14 36.14 -11.47 -7.05
C ASN H 14 35.21 -10.36 -7.52
N CYS H 15 35.29 -9.21 -6.86
CA CYS H 15 34.39 -8.11 -7.16
C CYS H 15 34.86 -7.41 -8.44
N CYS H 16 33.96 -7.29 -9.41
CA CYS H 16 34.26 -6.54 -10.62
C CYS H 16 32.97 -6.24 -11.35
N VAL H 17 33.07 -5.41 -12.38
CA VAL H 17 31.91 -5.03 -13.18
C VAL H 17 31.61 -6.10 -14.22
N ARG H 18 30.35 -6.53 -14.28
CA ARG H 18 29.90 -7.51 -15.26
C ARG H 18 29.20 -6.78 -16.40
N GLN H 19 29.43 -7.25 -17.62
CA GLN H 19 28.80 -6.64 -18.77
C GLN H 19 27.30 -6.94 -18.79
N LEU H 20 26.51 -5.90 -19.07
CA LEU H 20 25.07 -6.07 -19.20
C LEU H 20 24.54 -4.88 -20.00
N TYR H 21 24.02 -5.17 -21.19
CA TYR H 21 23.38 -4.17 -22.03
C TYR H 21 21.86 -4.30 -21.88
N ILE H 22 21.18 -3.17 -21.69
CA ILE H 22 19.75 -3.17 -21.45
C ILE H 22 19.07 -2.56 -22.67
N ASP H 23 18.28 -3.37 -23.36
CA ASP H 23 17.46 -2.92 -24.48
C ASP H 23 16.05 -2.68 -23.96
N PHE H 24 15.56 -1.46 -24.11
CA PHE H 24 14.25 -1.11 -23.57
C PHE H 24 13.16 -1.97 -24.19
N ARG H 25 13.29 -2.29 -25.47
CA ARG H 25 12.27 -3.08 -26.17
C ARG H 25 12.37 -4.56 -25.80
N LYS H 26 13.58 -5.13 -25.88
CA LYS H 26 13.73 -6.56 -25.69
C LYS H 26 13.79 -6.96 -24.22
N ASP H 27 14.56 -6.23 -23.42
CA ASP H 27 14.78 -6.66 -22.03
C ASP H 27 13.68 -6.18 -21.09
N LEU H 28 13.17 -4.97 -21.31
CA LEU H 28 12.17 -4.40 -20.42
C LEU H 28 10.76 -4.38 -21.01
N GLY H 29 10.61 -4.63 -22.31
CA GLY H 29 9.30 -4.57 -22.93
C GLY H 29 8.72 -3.18 -23.00
N TRP H 30 9.56 -2.16 -23.06
CA TRP H 30 9.13 -0.76 -23.07
C TRP H 30 9.26 -0.19 -24.48
N LYS H 31 8.22 0.52 -24.91
CA LYS H 31 8.25 1.22 -26.19
C LYS H 31 8.14 2.73 -26.04
N TRP H 32 8.02 3.24 -24.82
CA TRP H 32 7.84 4.66 -24.56
C TRP H 32 9.14 5.45 -24.49
N ILE H 33 10.29 4.79 -24.41
CA ILE H 33 11.58 5.47 -24.39
C ILE H 33 12.07 5.54 -25.84
N HIS H 34 11.93 6.71 -26.45
CA HIS H 34 12.29 6.88 -27.86
C HIS H 34 13.80 6.82 -28.06
N GLU H 35 14.56 7.52 -27.23
CA GLU H 35 16.01 7.52 -27.32
C GLU H 35 16.61 7.40 -25.93
N PRO H 36 17.66 6.58 -25.75
CA PRO H 36 18.23 5.73 -26.80
C PRO H 36 17.49 4.40 -26.93
N LYS H 37 17.93 3.56 -27.86
CA LYS H 37 17.39 2.21 -27.97
C LYS H 37 17.90 1.28 -26.88
N GLY H 38 18.92 1.70 -26.15
CA GLY H 38 19.50 0.89 -25.11
C GLY H 38 20.77 1.53 -24.60
N TYR H 39 21.37 0.87 -23.61
CA TYR H 39 22.59 1.38 -23.01
C TYR H 39 23.28 0.28 -22.23
N HIS H 40 24.58 0.46 -22.00
CA HIS H 40 25.40 -0.50 -21.26
C HIS H 40 25.32 -0.15 -19.78
N ALA H 41 24.31 -0.68 -19.10
CA ALA H 41 24.11 -0.38 -17.68
C ALA H 41 25.20 -1.02 -16.83
N ASN H 42 25.48 -2.30 -17.08
CA ASN H 42 26.47 -3.07 -16.33
C ASN H 42 26.04 -3.24 -14.88
N PHE H 43 26.80 -4.03 -14.11
CA PHE H 43 26.46 -4.24 -12.71
C PHE H 43 27.67 -4.85 -12.00
N CYS H 44 27.68 -4.71 -10.68
CA CYS H 44 28.73 -5.28 -9.85
C CYS H 44 28.29 -6.65 -9.31
N LEU H 45 29.23 -7.57 -9.23
CA LEU H 45 28.94 -8.89 -8.69
C LEU H 45 30.20 -9.53 -8.16
N GLY H 46 30.07 -10.23 -7.04
CA GLY H 46 31.15 -11.00 -6.45
C GLY H 46 31.20 -10.84 -4.95
N PRO H 47 31.53 -11.92 -4.25
CA PRO H 47 31.65 -11.84 -2.79
C PRO H 47 32.89 -11.07 -2.38
N CYS H 48 32.79 -10.37 -1.25
CA CYS H 48 33.94 -9.74 -0.61
C CYS H 48 34.00 -10.22 0.83
N PRO H 49 34.62 -11.38 1.05
CA PRO H 49 34.62 -11.96 2.40
C PRO H 49 35.42 -11.11 3.35
N TYR H 50 34.90 -10.97 4.56
CA TYR H 50 35.62 -10.28 5.61
C TYR H 50 36.92 -11.03 5.93
N ILE H 51 38.03 -10.30 5.95
CA ILE H 51 39.31 -10.91 6.25
C ILE H 51 39.52 -10.84 7.75
N TRP H 52 39.65 -11.99 8.40
CA TRP H 52 39.99 -12.00 9.81
C TRP H 52 41.49 -11.78 9.91
N SER H 53 41.90 -10.67 10.51
CA SER H 53 43.30 -10.28 10.51
C SER H 53 44.07 -10.88 11.67
N LEU H 54 45.39 -10.83 11.54
CA LEU H 54 46.35 -11.31 12.51
C LEU H 54 47.52 -10.34 12.49
N ASP H 55 48.18 -10.19 13.64
CA ASP H 55 49.35 -9.33 13.68
C ASP H 55 50.45 -9.86 12.77
N THR H 56 50.63 -11.18 12.73
CA THR H 56 51.57 -11.81 11.81
C THR H 56 50.81 -12.43 10.64
N GLN H 57 51.40 -12.36 9.45
CA GLN H 57 50.74 -12.70 8.20
C GLN H 57 51.80 -12.84 7.12
N TYR H 58 51.66 -13.88 6.29
CA TYR H 58 52.57 -14.02 5.16
C TYR H 58 52.51 -12.76 4.28
N SER H 59 53.66 -12.42 3.69
CA SER H 59 53.77 -11.14 2.99
C SER H 59 52.82 -11.07 1.80
N LYS H 60 52.63 -12.19 1.10
CA LYS H 60 51.83 -12.19 -0.11
C LYS H 60 50.33 -12.20 0.17
N VAL H 61 49.91 -12.64 1.37
CA VAL H 61 48.49 -12.64 1.69
C VAL H 61 47.96 -11.23 1.92
N LEU H 62 48.85 -10.26 2.15
CA LEU H 62 48.42 -8.90 2.43
C LEU H 62 47.65 -8.27 1.27
N ALA H 63 47.85 -8.76 0.04
CA ALA H 63 47.13 -8.22 -1.10
C ALA H 63 45.63 -8.47 -0.99
N LEU H 64 45.21 -9.44 -0.18
CA LEU H 64 43.79 -9.74 -0.04
C LEU H 64 43.01 -8.58 0.55
N TYR H 65 43.66 -7.70 1.33
CA TYR H 65 42.90 -6.62 1.96
C TYR H 65 42.60 -5.51 0.97
N ASN H 66 43.53 -5.22 0.06
CA ASN H 66 43.32 -4.20 -0.95
C ASN H 66 42.16 -4.56 -1.89
N GLN H 67 41.84 -5.85 -2.01
CA GLN H 67 40.84 -6.33 -2.95
C GLN H 67 39.53 -6.71 -2.26
N HIS H 68 39.59 -7.50 -1.17
CA HIS H 68 38.37 -7.98 -0.56
C HIS H 68 37.74 -6.96 0.37
N ASN H 69 38.54 -6.28 1.19
CA ASN H 69 38.03 -5.25 2.11
C ASN H 69 39.02 -4.10 2.20
N PRO H 70 39.06 -3.24 1.18
CA PRO H 70 39.99 -2.10 1.25
C PRO H 70 39.61 -1.07 2.32
N GLY H 71 38.32 -0.86 2.57
CA GLY H 71 37.88 0.10 3.55
C GLY H 71 37.86 -0.38 4.99
N ALA H 72 38.13 -1.67 5.21
CA ALA H 72 38.09 -2.27 6.55
C ALA H 72 36.68 -2.19 7.13
N SER H 73 35.68 -2.50 6.32
CA SER H 73 34.30 -2.49 6.73
C SER H 73 33.95 -3.75 7.52
N ALA H 74 32.91 -3.64 8.36
CA ALA H 74 32.44 -4.82 9.08
C ALA H 74 31.82 -5.83 8.12
N ALA H 75 31.17 -5.36 7.05
CA ALA H 75 30.67 -6.25 6.02
C ALA H 75 30.89 -5.60 4.65
N PRO H 76 31.86 -6.07 3.89
CA PRO H 76 32.10 -5.51 2.55
C PRO H 76 31.03 -5.92 1.55
N CYS H 77 30.70 -5.00 0.66
CA CYS H 77 29.79 -5.28 -0.44
C CYS H 77 30.45 -4.84 -1.75
N CYS H 78 30.11 -5.56 -2.83
CA CYS H 78 30.64 -5.24 -4.15
C CYS H 78 29.71 -4.18 -4.73
N VAL H 79 30.13 -2.93 -4.63
CA VAL H 79 29.29 -1.77 -4.95
C VAL H 79 30.01 -1.00 -6.05
N PRO H 80 29.26 -0.25 -6.87
CA PRO H 80 29.90 0.56 -7.90
C PRO H 80 30.72 1.69 -7.30
N GLN H 81 31.79 2.05 -8.00
CA GLN H 81 32.62 3.20 -7.65
C GLN H 81 32.45 4.34 -8.63
N ALA H 82 32.66 4.08 -9.92
CA ALA H 82 32.47 5.08 -10.97
C ALA H 82 31.11 4.88 -11.59
N LEU H 83 30.35 5.98 -11.71
CA LEU H 83 29.01 5.95 -12.26
C LEU H 83 28.84 7.06 -13.29
N GLU H 84 27.99 6.80 -14.28
CA GLU H 84 27.76 7.74 -15.37
C GLU H 84 26.26 7.93 -15.59
N PRO H 85 25.84 9.14 -15.92
CA PRO H 85 24.42 9.40 -16.16
C PRO H 85 23.98 8.87 -17.52
N LEU H 86 22.67 8.72 -17.66
CA LEU H 86 22.05 8.27 -18.91
C LEU H 86 20.94 9.23 -19.31
N PRO H 87 21.17 10.10 -20.29
CA PRO H 87 20.07 10.93 -20.80
C PRO H 87 19.15 10.12 -21.69
N ILE H 88 17.85 10.40 -21.59
CA ILE H 88 16.83 9.70 -22.35
C ILE H 88 15.83 10.71 -22.89
N VAL H 89 15.00 10.25 -23.83
CA VAL H 89 13.92 11.04 -24.39
C VAL H 89 12.66 10.18 -24.37
N TYR H 90 11.61 10.68 -23.72
CA TYR H 90 10.35 9.96 -23.64
C TYR H 90 9.22 10.99 -23.61
N TYR H 91 8.05 10.56 -24.08
CA TYR H 91 6.88 11.42 -24.14
C TYR H 91 6.04 11.31 -22.87
N VAL H 92 5.53 12.45 -22.42
CA VAL H 92 4.55 12.52 -21.34
C VAL H 92 3.29 13.11 -21.96
N GLY H 93 2.36 12.23 -22.34
CA GLY H 93 1.20 12.67 -23.09
C GLY H 93 1.56 13.03 -24.52
N ARG H 94 1.50 14.32 -24.84
CA ARG H 94 1.84 14.81 -26.18
C ARG H 94 3.13 15.61 -26.21
N LYS H 95 3.70 15.92 -25.04
CA LYS H 95 4.89 16.74 -24.96
C LYS H 95 6.12 15.85 -24.82
N PRO H 96 7.11 15.97 -25.71
CA PRO H 96 8.34 15.21 -25.53
C PRO H 96 9.16 15.75 -24.37
N LYS H 97 9.89 14.85 -23.70
CA LYS H 97 10.68 15.19 -22.54
C LYS H 97 12.08 14.63 -22.69
N VAL H 98 13.08 15.46 -22.41
CA VAL H 98 14.48 15.06 -22.40
C VAL H 98 14.96 15.16 -20.95
N GLU H 99 15.31 14.02 -20.36
CA GLU H 99 15.75 13.98 -18.98
C GLU H 99 16.98 13.10 -18.85
N GLN H 100 17.76 13.38 -17.81
CA GLN H 100 19.01 12.66 -17.55
C GLN H 100 18.88 11.95 -16.21
N LEU H 101 19.02 10.63 -16.23
CA LEU H 101 18.98 9.82 -15.02
C LEU H 101 20.39 9.71 -14.47
N SER H 102 20.55 9.97 -13.18
CA SER H 102 21.86 9.94 -12.56
C SER H 102 22.25 8.51 -12.20
N ASN H 103 23.55 8.23 -12.30
CA ASN H 103 24.14 6.99 -11.81
C ASN H 103 23.43 5.75 -12.37
N MET H 104 23.51 5.62 -13.70
CA MET H 104 22.92 4.49 -14.41
C MET H 104 23.94 3.49 -14.90
N ILE H 105 25.06 3.96 -15.46
CA ILE H 105 26.09 3.09 -15.99
C ILE H 105 27.15 2.88 -14.93
N VAL H 106 27.53 1.63 -14.71
CA VAL H 106 28.62 1.27 -13.79
C VAL H 106 29.88 1.06 -14.60
N ARG H 107 30.93 1.80 -14.26
CA ARG H 107 32.21 1.67 -14.96
C ARG H 107 33.25 0.91 -14.15
N SER H 108 33.24 1.01 -12.82
CA SER H 108 34.17 0.29 -11.99
C SER H 108 33.49 -0.09 -10.69
N CYS H 109 33.88 -1.23 -10.13
CA CYS H 109 33.32 -1.73 -8.88
C CYS H 109 34.44 -1.86 -7.84
N LYS H 110 34.11 -1.52 -6.60
CA LYS H 110 35.02 -1.64 -5.47
C LYS H 110 34.21 -2.16 -4.29
N CYS H 111 34.85 -2.88 -3.38
CA CYS H 111 34.16 -3.31 -2.17
C CYS H 111 34.31 -2.29 -1.06
N SER H 112 33.18 -1.96 -0.44
CA SER H 112 33.12 -0.92 0.58
C SER H 112 32.12 -1.32 1.66
N HIS I 1 -61.24 6.94 -43.97
CA HIS I 1 -60.99 6.07 -42.83
C HIS I 1 -60.88 4.61 -43.27
N GLN I 2 -59.74 3.99 -43.01
CA GLN I 2 -59.53 2.61 -43.40
C GLN I 2 -60.34 1.66 -42.52
N ASP I 3 -60.82 0.58 -43.15
CA ASP I 3 -61.52 -0.46 -42.42
C ASP I 3 -60.51 -1.28 -41.62
N LYS I 4 -60.99 -1.97 -40.59
CA LYS I 4 -60.08 -2.62 -39.66
C LYS I 4 -59.38 -3.80 -40.32
N VAL I 5 -58.10 -3.97 -39.98
CA VAL I 5 -57.32 -5.11 -40.44
C VAL I 5 -57.75 -6.37 -39.68
N PRO I 6 -58.13 -7.45 -40.36
CA PRO I 6 -58.68 -8.60 -39.65
C PRO I 6 -57.57 -9.45 -39.05
N CYS I 7 -57.99 -10.43 -38.24
CA CYS I 7 -57.06 -11.39 -37.67
C CYS I 7 -56.75 -12.50 -38.67
N LYS I 8 -55.47 -12.89 -38.72
CA LYS I 8 -55.05 -13.97 -39.59
C LYS I 8 -55.41 -15.30 -38.93
N MET I 9 -56.37 -16.01 -39.52
CA MET I 9 -56.90 -17.24 -38.94
C MET I 9 -56.23 -18.46 -39.56
N VAL I 10 -55.87 -19.42 -38.70
CA VAL I 10 -55.37 -20.73 -39.11
C VAL I 10 -56.14 -21.76 -38.29
N ASP I 11 -55.91 -23.05 -38.62
CA ASP I 11 -56.61 -24.14 -37.97
C ASP I 11 -56.42 -24.11 -36.45
N LYS I 12 -57.47 -23.65 -35.74
CA LYS I 12 -57.44 -23.50 -34.28
C LYS I 12 -56.31 -22.59 -33.83
N LYS I 13 -55.89 -21.67 -34.71
CA LYS I 13 -54.82 -20.72 -34.41
C LYS I 13 -55.26 -19.37 -34.94
N VAL I 14 -55.52 -18.43 -34.04
CA VAL I 14 -55.95 -17.08 -34.38
C VAL I 14 -54.87 -16.10 -33.97
N SER I 15 -54.45 -15.24 -34.90
CA SER I 15 -53.38 -14.29 -34.69
C SER I 15 -53.94 -12.87 -34.88
N CYS I 16 -54.27 -12.22 -33.76
CA CYS I 16 -54.73 -10.84 -33.78
C CYS I 16 -53.65 -9.87 -33.32
N GLN I 17 -52.38 -10.26 -33.39
CA GLN I 17 -51.32 -9.45 -32.85
C GLN I 17 -51.02 -8.25 -33.75
N VAL I 18 -50.58 -7.17 -33.11
CA VAL I 18 -50.15 -5.93 -33.78
C VAL I 18 -51.22 -5.45 -34.75
N LEU I 19 -52.47 -5.42 -34.28
CA LEU I 19 -53.59 -4.90 -35.05
C LEU I 19 -54.18 -3.64 -34.43
N GLY I 20 -53.59 -3.12 -33.36
CA GLY I 20 -54.10 -1.92 -32.73
C GLY I 20 -55.44 -2.09 -32.05
N LEU I 21 -55.78 -3.31 -31.63
CA LEU I 21 -57.08 -3.57 -31.03
C LEU I 21 -57.17 -2.93 -29.64
N LEU I 22 -58.35 -2.38 -29.34
CA LEU I 22 -58.60 -1.81 -28.02
C LEU I 22 -59.23 -2.81 -27.08
N GLN I 23 -59.97 -3.79 -27.59
CA GLN I 23 -60.64 -4.79 -26.77
C GLN I 23 -60.48 -6.16 -27.40
N VAL I 24 -60.71 -7.19 -26.59
CA VAL I 24 -60.63 -8.57 -27.07
C VAL I 24 -61.76 -8.82 -28.06
N PRO I 25 -61.47 -9.34 -29.26
CA PRO I 25 -62.54 -9.57 -30.23
C PRO I 25 -63.53 -10.61 -29.74
N SER I 26 -64.80 -10.41 -30.11
CA SER I 26 -65.87 -11.34 -29.77
C SER I 26 -66.42 -12.07 -30.99
N VAL I 27 -65.87 -11.83 -32.17
CA VAL I 27 -66.33 -12.48 -33.40
C VAL I 27 -65.41 -13.63 -33.81
N LEU I 28 -64.51 -14.06 -32.92
CA LEU I 28 -63.60 -15.16 -33.19
C LEU I 28 -64.33 -16.49 -33.03
N PRO I 29 -63.89 -17.53 -33.74
CA PRO I 29 -64.57 -18.82 -33.67
C PRO I 29 -64.47 -19.42 -32.28
N PRO I 30 -65.51 -20.12 -31.82
CA PRO I 30 -65.46 -20.71 -30.47
C PRO I 30 -64.45 -21.82 -30.33
N ASP I 31 -64.14 -22.54 -31.40
CA ASP I 31 -63.22 -23.67 -31.35
C ASP I 31 -61.75 -23.27 -31.32
N THR I 32 -61.45 -21.97 -31.22
CA THR I 32 -60.06 -21.51 -31.20
C THR I 32 -59.30 -22.10 -30.02
N GLU I 33 -58.09 -22.59 -30.28
CA GLU I 33 -57.23 -23.13 -29.24
C GLU I 33 -56.01 -22.27 -28.95
N THR I 34 -55.59 -21.41 -29.88
CA THR I 34 -54.43 -20.54 -29.69
C THR I 34 -54.79 -19.14 -30.13
N LEU I 35 -54.70 -18.18 -29.20
CA LEU I 35 -55.03 -16.79 -29.47
C LEU I 35 -53.85 -15.90 -29.11
N ASP I 36 -53.47 -15.03 -30.04
CA ASP I 36 -52.33 -14.13 -29.89
C ASP I 36 -52.85 -12.70 -30.00
N LEU I 37 -53.01 -12.02 -28.85
CA LEU I 37 -53.46 -10.64 -28.80
C LEU I 37 -52.34 -9.70 -28.38
N SER I 38 -51.11 -10.05 -28.69
CA SER I 38 -49.97 -9.24 -28.27
C SER I 38 -49.87 -7.96 -29.11
N GLY I 39 -49.24 -6.94 -28.53
CA GLY I 39 -48.94 -5.73 -29.26
C GLY I 39 -50.15 -4.86 -29.59
N ASN I 40 -51.21 -4.95 -28.80
CA ASN I 40 -52.38 -4.10 -28.96
C ASN I 40 -52.50 -3.16 -27.77
N GLN I 41 -53.56 -2.35 -27.77
CA GLN I 41 -53.82 -1.40 -26.68
C GLN I 41 -54.87 -1.93 -25.71
N LEU I 42 -54.83 -3.21 -25.38
CA LEU I 42 -55.76 -3.77 -24.39
C LEU I 42 -55.43 -3.20 -23.02
N ARG I 43 -56.40 -2.54 -22.39
CA ARG I 43 -56.22 -1.96 -21.07
C ARG I 43 -56.88 -2.78 -19.96
N SER I 44 -57.68 -3.78 -20.31
CA SER I 44 -58.34 -4.62 -19.33
C SER I 44 -58.77 -5.93 -19.98
N ILE I 45 -58.84 -6.98 -19.17
CA ILE I 45 -59.28 -8.29 -19.63
C ILE I 45 -60.53 -8.64 -18.83
N LEU I 46 -61.68 -8.41 -19.43
CA LEU I 46 -62.96 -8.80 -18.83
C LEU I 46 -63.28 -10.25 -19.20
N ALA I 47 -64.11 -10.87 -18.35
CA ALA I 47 -64.53 -12.24 -18.61
C ALA I 47 -65.61 -12.33 -19.68
N SER I 48 -66.33 -11.24 -19.95
CA SER I 48 -67.47 -11.29 -20.85
C SER I 48 -67.07 -11.62 -22.29
N PRO I 49 -66.08 -10.95 -22.92
CA PRO I 49 -65.75 -11.31 -24.30
C PRO I 49 -64.94 -12.58 -24.41
N LEU I 50 -64.00 -12.78 -23.48
CA LEU I 50 -63.04 -13.87 -23.59
C LEU I 50 -63.64 -15.22 -23.26
N GLY I 51 -64.60 -15.28 -22.34
CA GLY I 51 -65.15 -16.55 -21.87
C GLY I 51 -65.79 -17.40 -22.95
N PHE I 52 -66.04 -16.83 -24.14
CA PHE I 52 -66.66 -17.61 -25.20
C PHE I 52 -65.71 -18.65 -25.79
N TYR I 53 -64.41 -18.50 -25.59
CA TYR I 53 -63.41 -19.41 -26.17
C TYR I 53 -62.96 -20.38 -25.09
N THR I 54 -63.82 -21.37 -24.79
CA THR I 54 -63.52 -22.35 -23.77
C THR I 54 -62.48 -23.37 -24.21
N ALA I 55 -62.15 -23.41 -25.50
CA ALA I 55 -61.18 -24.37 -26.03
C ALA I 55 -59.75 -23.84 -26.00
N LEU I 56 -59.53 -22.64 -25.46
CA LEU I 56 -58.20 -22.04 -25.48
C LEU I 56 -57.21 -22.87 -24.66
N ARG I 57 -55.99 -22.98 -25.18
CA ARG I 57 -54.91 -23.65 -24.47
C ARG I 57 -53.69 -22.74 -24.39
N HIS I 58 -53.53 -21.86 -25.38
CA HIS I 58 -52.41 -20.94 -25.46
C HIS I 58 -52.96 -19.54 -25.68
N LEU I 59 -52.81 -18.67 -24.69
CA LEU I 59 -53.31 -17.31 -24.75
C LEU I 59 -52.16 -16.35 -24.46
N ASP I 60 -51.87 -15.47 -25.43
CA ASP I 60 -50.78 -14.51 -25.32
C ASP I 60 -51.39 -13.11 -25.31
N LEU I 61 -51.30 -12.44 -24.17
CA LEU I 61 -51.78 -11.07 -24.00
C LEU I 61 -50.63 -10.13 -23.68
N SER I 62 -49.44 -10.46 -24.17
CA SER I 62 -48.23 -9.72 -23.82
C SER I 62 -48.14 -8.40 -24.56
N THR I 63 -47.36 -7.49 -24.00
CA THR I 63 -47.05 -6.19 -24.62
C THR I 63 -48.32 -5.41 -24.91
N ASN I 64 -49.19 -5.30 -23.91
CA ASN I 64 -50.36 -4.45 -23.97
C ASN I 64 -50.32 -3.46 -22.81
N GLU I 65 -51.46 -2.88 -22.47
CA GLU I 65 -51.57 -1.95 -21.35
C GLU I 65 -52.58 -2.43 -20.31
N ILE I 66 -52.71 -3.75 -20.18
CA ILE I 66 -53.74 -4.34 -19.32
C ILE I 66 -53.46 -3.97 -17.87
N SER I 67 -54.39 -3.24 -17.26
CA SER I 67 -54.29 -2.86 -15.86
C SER I 67 -55.44 -3.38 -15.00
N PHE I 68 -56.50 -3.92 -15.60
CA PHE I 68 -57.64 -4.44 -14.87
C PHE I 68 -57.87 -5.89 -15.27
N LEU I 69 -58.14 -6.74 -14.28
CA LEU I 69 -58.43 -8.15 -14.50
C LEU I 69 -59.71 -8.52 -13.76
N GLN I 70 -60.75 -8.85 -14.50
CA GLN I 70 -61.99 -9.28 -13.88
C GLN I 70 -61.77 -10.61 -13.15
N PRO I 71 -62.29 -10.75 -11.93
CA PRO I 71 -61.89 -11.90 -11.08
C PRO I 71 -62.10 -13.26 -11.70
N GLY I 72 -63.13 -13.44 -12.53
CA GLY I 72 -63.42 -14.75 -13.10
C GLY I 72 -62.96 -14.94 -14.53
N ALA I 73 -62.06 -14.07 -14.99
CA ALA I 73 -61.72 -14.02 -16.41
C ALA I 73 -61.09 -15.32 -16.89
N PHE I 74 -59.97 -15.71 -16.29
CA PHE I 74 -59.21 -16.87 -16.78
C PHE I 74 -59.73 -18.20 -16.27
N GLN I 75 -60.59 -18.20 -15.25
CA GLN I 75 -61.13 -19.47 -14.74
C GLN I 75 -62.05 -20.14 -15.74
N ALA I 76 -62.64 -19.36 -16.66
CA ALA I 76 -63.51 -19.95 -17.68
C ALA I 76 -62.74 -20.78 -18.68
N LEU I 77 -61.44 -20.53 -18.85
CA LEU I 77 -60.62 -21.27 -19.80
C LEU I 77 -60.09 -22.52 -19.10
N THR I 78 -60.93 -23.55 -19.08
CA THR I 78 -60.61 -24.77 -18.34
C THR I 78 -59.51 -25.59 -18.99
N HIS I 79 -59.21 -25.35 -20.26
CA HIS I 79 -58.15 -26.08 -20.97
C HIS I 79 -56.90 -25.23 -21.17
N LEU I 80 -56.83 -24.04 -20.57
CA LEU I 80 -55.72 -23.14 -20.78
C LEU I 80 -54.43 -23.75 -20.22
N GLU I 81 -53.37 -23.72 -21.02
CA GLU I 81 -52.08 -24.26 -20.63
C GLU I 81 -50.99 -23.21 -20.55
N HIS I 82 -50.96 -22.25 -21.47
CA HIS I 82 -49.99 -21.16 -21.46
C HIS I 82 -50.72 -19.82 -21.44
N LEU I 83 -50.34 -18.96 -20.51
CA LEU I 83 -50.87 -17.61 -20.40
C LEU I 83 -49.71 -16.63 -20.32
N SER I 84 -49.73 -15.62 -21.19
CA SER I 84 -48.68 -14.60 -21.21
C SER I 84 -49.32 -13.24 -20.99
N LEU I 85 -49.05 -12.65 -19.82
CA LEU I 85 -49.45 -11.29 -19.50
C LEU I 85 -48.25 -10.37 -19.39
N ALA I 86 -47.15 -10.73 -20.03
CA ALA I 86 -45.91 -9.97 -19.91
C ALA I 86 -46.08 -8.57 -20.48
N HIS I 87 -45.36 -7.62 -19.89
CA HIS I 87 -45.34 -6.22 -20.32
C HIS I 87 -46.76 -5.65 -20.34
N ASN I 88 -47.29 -5.50 -19.13
CA ASN I 88 -48.60 -4.89 -18.92
C ASN I 88 -48.57 -4.11 -17.62
N ARG I 89 -49.65 -3.39 -17.35
CA ARG I 89 -49.77 -2.59 -16.14
C ARG I 89 -50.49 -3.35 -15.04
N LEU I 90 -50.07 -4.59 -14.78
CA LEU I 90 -50.74 -5.45 -13.82
C LEU I 90 -50.36 -5.14 -12.37
N ALA I 91 -49.46 -4.19 -12.13
CA ALA I 91 -49.09 -3.86 -10.76
C ALA I 91 -50.28 -3.29 -9.99
N MET I 92 -51.18 -2.58 -10.66
CA MET I 92 -52.34 -1.97 -10.04
C MET I 92 -53.59 -2.84 -10.16
N ALA I 93 -53.45 -4.09 -10.60
CA ALA I 93 -54.61 -4.94 -10.81
C ALA I 93 -55.29 -5.28 -9.48
N THR I 94 -54.51 -5.48 -8.42
CA THR I 94 -55.09 -5.85 -7.13
C THR I 94 -55.87 -4.69 -6.51
N ALA I 95 -55.42 -3.45 -6.73
CA ALA I 95 -56.13 -2.30 -6.18
C ALA I 95 -57.47 -2.06 -6.85
N LEU I 96 -57.64 -2.54 -8.09
CA LEU I 96 -58.88 -2.31 -8.83
C LEU I 96 -59.90 -3.42 -8.65
N SER I 97 -59.44 -4.67 -8.54
CA SER I 97 -60.33 -5.81 -8.40
C SER I 97 -59.77 -6.78 -7.37
N ALA I 98 -60.67 -7.33 -6.55
CA ALA I 98 -60.28 -8.19 -5.44
C ALA I 98 -60.17 -9.65 -5.88
N GLY I 99 -59.36 -10.40 -5.12
CA GLY I 99 -59.11 -11.79 -5.40
C GLY I 99 -57.87 -12.06 -6.23
N GLY I 100 -57.39 -11.07 -6.99
CA GLY I 100 -56.25 -11.24 -7.85
C GLY I 100 -56.52 -12.24 -8.96
N LEU I 101 -55.42 -12.80 -9.47
CA LEU I 101 -55.52 -13.89 -10.42
C LEU I 101 -56.14 -15.11 -9.75
N GLY I 102 -57.01 -15.81 -10.46
CA GLY I 102 -57.69 -16.95 -9.90
C GLY I 102 -56.90 -18.23 -10.01
N PRO I 103 -57.51 -19.34 -9.61
CA PRO I 103 -56.84 -20.64 -9.80
C PRO I 103 -56.71 -20.99 -11.27
N LEU I 104 -55.58 -21.61 -11.61
CA LEU I 104 -55.27 -22.00 -12.99
C LEU I 104 -54.93 -23.49 -12.99
N PRO I 105 -55.93 -24.36 -13.07
CA PRO I 105 -55.68 -25.80 -12.89
C PRO I 105 -54.80 -26.42 -13.97
N ARG I 106 -54.87 -25.94 -15.21
CA ARG I 106 -54.17 -26.57 -16.31
C ARG I 106 -53.01 -25.74 -16.86
N VAL I 107 -52.78 -24.55 -16.34
CA VAL I 107 -51.71 -23.70 -16.87
C VAL I 107 -50.36 -24.25 -16.43
N THR I 108 -49.52 -24.55 -17.42
CA THR I 108 -48.18 -25.08 -17.17
C THR I 108 -47.09 -24.02 -17.23
N SER I 109 -47.26 -23.01 -18.08
CA SER I 109 -46.27 -21.95 -18.25
C SER I 109 -46.96 -20.60 -18.14
N LEU I 110 -46.50 -19.78 -17.20
CA LEU I 110 -47.06 -18.47 -16.95
C LEU I 110 -45.97 -17.41 -17.06
N ASP I 111 -46.26 -16.34 -17.78
CA ASP I 111 -45.32 -15.23 -17.96
C ASP I 111 -45.96 -13.95 -17.41
N LEU I 112 -45.35 -13.40 -16.36
CA LEU I 112 -45.81 -12.16 -15.75
C LEU I 112 -44.69 -11.13 -15.74
N SER I 113 -43.76 -11.21 -16.69
CA SER I 113 -42.60 -10.35 -16.68
C SER I 113 -42.96 -8.94 -17.14
N GLY I 114 -42.17 -7.97 -16.69
CA GLY I 114 -42.35 -6.61 -17.15
C GLY I 114 -43.64 -5.96 -16.75
N ASN I 115 -44.19 -6.31 -15.59
CA ASN I 115 -45.45 -5.74 -15.11
C ASN I 115 -45.24 -4.83 -13.90
N SER I 116 -43.99 -4.42 -13.64
CA SER I 116 -43.65 -3.56 -12.52
C SER I 116 -44.23 -4.10 -11.21
N LEU I 117 -44.18 -5.42 -11.05
CA LEU I 117 -44.71 -6.05 -9.86
C LEU I 117 -43.86 -5.73 -8.64
N TYR I 118 -44.53 -5.64 -7.49
CA TYR I 118 -43.93 -5.21 -6.24
C TYR I 118 -44.11 -6.31 -5.20
N SER I 119 -43.24 -6.30 -4.19
CA SER I 119 -43.36 -7.28 -3.12
C SER I 119 -44.61 -7.01 -2.30
N GLY I 120 -45.46 -8.03 -2.16
CA GLY I 120 -46.74 -7.85 -1.51
C GLY I 120 -47.85 -7.83 -2.53
N LEU I 121 -47.71 -6.96 -3.54
CA LEU I 121 -48.64 -6.96 -4.65
C LEU I 121 -48.51 -8.24 -5.46
N LEU I 122 -47.29 -8.76 -5.58
CA LEU I 122 -47.07 -10.05 -6.24
C LEU I 122 -47.80 -11.17 -5.51
N GLU I 123 -47.66 -11.21 -4.19
CA GLU I 123 -48.32 -12.25 -3.41
C GLU I 123 -49.84 -12.11 -3.47
N ARG I 124 -50.36 -10.89 -3.60
CA ARG I 124 -51.79 -10.71 -3.77
C ARG I 124 -52.25 -11.21 -5.13
N LEU I 125 -51.46 -10.96 -6.17
CA LEU I 125 -51.88 -11.28 -7.53
C LEU I 125 -51.80 -12.78 -7.81
N LEU I 126 -50.72 -13.43 -7.39
CA LEU I 126 -50.50 -14.83 -7.72
C LEU I 126 -51.59 -15.71 -7.10
N GLY I 127 -52.06 -16.68 -7.87
CA GLY I 127 -53.00 -17.66 -7.41
C GLY I 127 -52.44 -19.07 -7.48
N GLU I 128 -53.21 -20.02 -6.97
CA GLU I 128 -52.78 -21.40 -6.95
C GLU I 128 -52.70 -21.96 -8.36
N ALA I 129 -51.61 -22.69 -8.63
CA ALA I 129 -51.35 -23.26 -9.96
C ALA I 129 -50.72 -24.63 -9.78
N PRO I 130 -51.54 -25.68 -9.65
CA PRO I 130 -50.98 -27.01 -9.39
C PRO I 130 -50.17 -27.58 -10.54
N SER I 131 -50.44 -27.18 -11.77
CA SER I 131 -49.77 -27.71 -12.94
C SER I 131 -48.68 -26.79 -13.48
N LEU I 132 -48.41 -25.68 -12.81
CA LEU I 132 -47.45 -24.71 -13.32
C LEU I 132 -46.05 -25.30 -13.33
N HIS I 133 -45.35 -25.12 -14.46
CA HIS I 133 -44.01 -25.65 -14.66
C HIS I 133 -42.97 -24.59 -14.95
N THR I 134 -43.36 -23.47 -15.56
CA THR I 134 -42.45 -22.36 -15.83
C THR I 134 -43.12 -21.05 -15.39
N LEU I 135 -42.43 -20.28 -14.56
CA LEU I 135 -42.94 -19.00 -14.10
C LEU I 135 -41.87 -17.93 -14.32
N SER I 136 -42.29 -16.80 -14.87
CA SER I 136 -41.40 -15.69 -15.16
C SER I 136 -41.94 -14.43 -14.50
N LEU I 137 -41.15 -13.87 -13.57
CA LEU I 137 -41.46 -12.61 -12.92
C LEU I 137 -40.37 -11.58 -13.21
N ALA I 138 -39.72 -11.73 -14.35
CA ALA I 138 -38.57 -10.89 -14.69
C ALA I 138 -39.01 -9.46 -15.01
N GLU I 139 -38.03 -8.56 -14.97
CA GLU I 139 -38.25 -7.16 -15.33
C GLU I 139 -39.38 -6.53 -14.51
N ASN I 140 -39.43 -6.86 -13.23
CA ASN I 140 -40.37 -6.28 -12.29
C ASN I 140 -39.58 -5.50 -11.24
N SER I 141 -40.27 -5.14 -10.15
CA SER I 141 -39.66 -4.36 -9.07
C SER I 141 -39.69 -5.13 -7.75
N LEU I 142 -39.41 -6.42 -7.81
CA LEU I 142 -39.41 -7.26 -6.62
C LEU I 142 -38.14 -7.02 -5.83
N THR I 143 -38.30 -6.56 -4.58
CA THR I 143 -37.15 -6.27 -3.72
C THR I 143 -36.78 -7.45 -2.81
N ARG I 144 -37.70 -8.37 -2.55
CA ARG I 144 -37.44 -9.43 -1.59
C ARG I 144 -38.28 -10.66 -1.92
N LEU I 145 -37.83 -11.80 -1.41
CA LEU I 145 -38.56 -13.06 -1.52
C LEU I 145 -38.77 -13.60 -0.12
N THR I 146 -40.04 -13.77 0.26
CA THR I 146 -40.41 -14.26 1.58
C THR I 146 -40.71 -15.76 1.52
N ARG I 147 -40.87 -16.35 2.70
CA ARG I 147 -41.27 -17.75 2.78
C ARG I 147 -42.68 -17.96 2.25
N HIS I 148 -43.50 -16.91 2.18
CA HIS I 148 -44.87 -17.00 1.68
C HIS I 148 -45.02 -16.35 0.31
N THR I 149 -43.94 -16.27 -0.47
CA THR I 149 -44.03 -15.63 -1.78
C THR I 149 -44.51 -16.61 -2.85
N PHE I 150 -43.82 -17.75 -2.98
CA PHE I 150 -44.16 -18.74 -4.01
C PHE I 150 -44.86 -19.92 -3.34
N ARG I 151 -46.16 -19.77 -3.15
CA ARG I 151 -46.99 -20.79 -2.54
C ARG I 151 -47.99 -21.34 -3.55
N ASP I 152 -48.46 -22.56 -3.28
CA ASP I 152 -49.52 -23.21 -4.05
C ASP I 152 -49.11 -23.44 -5.51
N MET I 153 -47.82 -23.65 -5.76
CA MET I 153 -47.33 -24.08 -7.07
C MET I 153 -46.25 -25.13 -6.86
N PRO I 154 -46.63 -26.32 -6.37
CA PRO I 154 -45.62 -27.33 -6.04
C PRO I 154 -44.91 -27.90 -7.26
N ALA I 155 -45.55 -27.91 -8.43
CA ALA I 155 -44.98 -28.52 -9.62
C ALA I 155 -43.95 -27.63 -10.31
N LEU I 156 -43.72 -26.43 -9.78
CA LEU I 156 -42.82 -25.48 -10.42
C LEU I 156 -41.40 -26.05 -10.50
N GLU I 157 -40.79 -25.96 -11.69
CA GLU I 157 -39.43 -26.42 -11.90
C GLU I 157 -38.52 -25.38 -12.53
N GLN I 158 -39.06 -24.34 -13.15
CA GLN I 158 -38.26 -23.26 -13.71
C GLN I 158 -38.83 -21.92 -13.24
N LEU I 159 -37.97 -21.08 -12.66
CA LEU I 159 -38.37 -19.78 -12.14
C LEU I 159 -37.39 -18.72 -12.63
N ASP I 160 -37.90 -17.73 -13.33
CA ASP I 160 -37.08 -16.66 -13.90
C ASP I 160 -37.36 -15.36 -13.14
N LEU I 161 -36.32 -14.80 -12.52
CA LEU I 161 -36.44 -13.58 -11.74
C LEU I 161 -35.38 -12.56 -12.12
N HIS I 162 -34.92 -12.57 -13.37
CA HIS I 162 -33.87 -11.65 -13.75
C HIS I 162 -34.42 -10.23 -13.91
N SER I 163 -33.50 -9.27 -13.85
CA SER I 163 -33.83 -7.84 -13.99
C SER I 163 -34.87 -7.40 -12.95
N ASN I 164 -34.57 -7.67 -11.69
CA ASN I 164 -35.37 -7.18 -10.58
C ASN I 164 -34.45 -6.40 -9.62
N VAL I 165 -34.99 -6.05 -8.45
CA VAL I 165 -34.22 -5.34 -7.45
C VAL I 165 -34.13 -6.19 -6.18
N LEU I 166 -34.08 -7.51 -6.35
CA LEU I 166 -34.02 -8.40 -5.20
C LEU I 166 -32.76 -8.14 -4.38
N MET I 167 -32.94 -8.03 -3.06
CA MET I 167 -31.84 -7.72 -2.17
C MET I 167 -31.80 -8.71 -1.01
N ASP I 168 -32.97 -9.22 -0.63
CA ASP I 168 -33.10 -10.10 0.52
C ASP I 168 -33.94 -11.32 0.13
N ILE I 169 -33.47 -12.51 0.50
CA ILE I 169 -34.17 -13.76 0.27
C ILE I 169 -34.28 -14.48 1.61
N GLU I 170 -35.50 -14.74 2.06
CA GLU I 170 -35.70 -15.41 3.33
C GLU I 170 -35.28 -16.87 3.24
N ASP I 171 -35.04 -17.48 4.40
CA ASP I 171 -34.47 -18.82 4.47
C ASP I 171 -35.34 -19.84 3.74
N GLY I 172 -36.64 -19.87 4.06
CA GLY I 172 -37.52 -20.86 3.48
C GLY I 172 -38.26 -20.39 2.26
N ALA I 173 -37.68 -19.43 1.53
CA ALA I 173 -38.38 -18.81 0.42
C ALA I 173 -38.70 -19.80 -0.68
N PHE I 174 -37.89 -20.84 -0.86
CA PHE I 174 -38.08 -21.82 -1.91
C PHE I 174 -38.54 -23.17 -1.37
N GLU I 175 -38.98 -23.23 -0.10
CA GLU I 175 -39.40 -24.50 0.47
C GLU I 175 -40.63 -25.05 -0.24
N GLY I 176 -41.45 -24.19 -0.82
CA GLY I 176 -42.65 -24.60 -1.52
C GLY I 176 -42.44 -25.07 -2.94
N LEU I 177 -41.19 -25.10 -3.41
CA LEU I 177 -40.85 -25.52 -4.78
C LEU I 177 -39.79 -26.60 -4.71
N PRO I 178 -40.14 -27.80 -4.23
CA PRO I 178 -39.12 -28.84 -4.09
C PRO I 178 -38.56 -29.36 -5.39
N ARG I 179 -39.33 -29.28 -6.49
CA ARG I 179 -38.90 -29.81 -7.77
C ARG I 179 -38.16 -28.78 -8.63
N LEU I 180 -37.87 -27.61 -8.07
CA LEU I 180 -37.24 -26.54 -8.85
C LEU I 180 -35.88 -26.99 -9.39
N THR I 181 -35.64 -26.70 -10.67
CA THR I 181 -34.43 -27.12 -11.36
C THR I 181 -33.66 -25.97 -12.00
N HIS I 182 -34.34 -24.90 -12.40
CA HIS I 182 -33.69 -23.75 -13.02
C HIS I 182 -34.14 -22.49 -12.28
N LEU I 183 -33.18 -21.74 -11.76
CA LEU I 183 -33.45 -20.49 -11.05
C LEU I 183 -32.53 -19.41 -11.61
N ASN I 184 -33.12 -18.32 -12.08
CA ASN I 184 -32.37 -17.24 -12.74
C ASN I 184 -32.54 -15.98 -11.90
N LEU I 185 -31.44 -15.51 -11.32
CA LEU I 185 -31.43 -14.30 -10.51
C LEU I 185 -30.45 -13.27 -11.09
N SER I 186 -30.23 -13.31 -12.40
CA SER I 186 -29.31 -12.37 -13.03
C SER I 186 -29.89 -10.96 -12.99
N ARG I 187 -28.99 -9.98 -13.03
CA ARG I 187 -29.36 -8.57 -12.97
C ARG I 187 -30.26 -8.28 -11.78
N ASN I 188 -29.65 -8.33 -10.60
CA ASN I 188 -30.35 -8.06 -9.35
C ASN I 188 -29.39 -7.39 -8.39
N SER I 189 -29.87 -7.12 -7.17
CA SER I 189 -29.11 -6.40 -6.17
C SER I 189 -28.73 -7.29 -4.98
N LEU I 190 -28.53 -8.58 -5.23
CA LEU I 190 -28.04 -9.46 -4.18
C LEU I 190 -26.60 -9.09 -3.82
N THR I 191 -26.31 -9.09 -2.53
CA THR I 191 -25.00 -8.66 -2.03
C THR I 191 -24.22 -9.74 -1.33
N CYS I 192 -24.89 -10.75 -0.77
CA CYS I 192 -24.20 -11.76 0.03
C CYS I 192 -25.11 -12.98 0.12
N ILE I 193 -24.58 -14.16 -0.20
CA ILE I 193 -25.33 -15.41 -0.16
C ILE I 193 -24.77 -16.23 0.99
N SER I 194 -25.59 -16.44 2.02
CA SER I 194 -25.17 -17.15 3.22
C SER I 194 -25.48 -18.64 3.17
N ASP I 195 -26.42 -19.07 2.34
CA ASP I 195 -26.87 -20.44 2.37
C ASP I 195 -27.34 -20.86 0.98
N PHE I 196 -27.22 -22.15 0.69
CA PHE I 196 -27.77 -22.75 -0.52
C PHE I 196 -28.35 -24.11 -0.14
N SER I 197 -29.67 -24.22 -0.17
CA SER I 197 -30.36 -25.42 0.31
C SER I 197 -31.23 -26.05 -0.78
N LEU I 198 -31.03 -25.67 -2.04
CA LEU I 198 -31.86 -26.17 -3.14
C LEU I 198 -31.24 -27.46 -3.64
N GLN I 199 -31.75 -28.60 -3.16
CA GLN I 199 -31.15 -29.89 -3.46
C GLN I 199 -31.39 -30.28 -4.92
N GLN I 200 -32.64 -30.18 -5.38
CA GLN I 200 -32.97 -30.61 -6.73
C GLN I 200 -32.58 -29.59 -7.79
N LEU I 201 -32.08 -28.42 -7.39
CA LEU I 201 -31.74 -27.39 -8.36
C LEU I 201 -30.52 -27.80 -9.17
N ARG I 202 -30.56 -27.52 -10.46
CA ARG I 202 -29.47 -27.89 -11.37
C ARG I 202 -28.81 -26.69 -12.03
N VAL I 203 -29.56 -25.65 -12.36
CA VAL I 203 -29.02 -24.46 -13.01
C VAL I 203 -29.33 -23.24 -12.15
N LEU I 204 -28.30 -22.46 -11.84
CA LEU I 204 -28.43 -21.28 -10.99
C LEU I 204 -27.64 -20.14 -11.61
N ASP I 205 -28.31 -19.03 -11.89
CA ASP I 205 -27.70 -17.85 -12.50
C ASP I 205 -27.74 -16.71 -11.50
N LEU I 206 -26.57 -16.36 -10.95
CA LEU I 206 -26.43 -15.24 -10.04
C LEU I 206 -25.59 -14.11 -10.64
N SER I 207 -25.54 -14.04 -11.97
CA SER I 207 -24.71 -13.05 -12.64
C SER I 207 -25.27 -11.65 -12.44
N CYS I 208 -24.38 -10.66 -12.61
CA CYS I 208 -24.75 -9.25 -12.59
C CYS I 208 -25.48 -8.87 -11.30
N ASN I 209 -24.86 -9.23 -10.16
CA ASN I 209 -25.33 -8.78 -8.86
C ASN I 209 -24.19 -8.06 -8.14
N SER I 210 -24.28 -7.94 -6.82
CA SER I 210 -23.20 -7.40 -6.00
C SER I 210 -22.78 -8.40 -4.92
N ILE I 211 -22.85 -9.69 -5.23
CA ILE I 211 -22.60 -10.75 -4.26
C ILE I 211 -21.12 -10.77 -3.88
N GLU I 212 -20.80 -10.19 -2.72
CA GLU I 212 -19.42 -10.17 -2.26
C GLU I 212 -18.98 -11.54 -1.74
N ALA I 213 -19.91 -12.34 -1.26
CA ALA I 213 -19.58 -13.63 -0.65
C ALA I 213 -20.66 -14.64 -0.97
N PHE I 214 -20.22 -15.85 -1.33
CA PHE I 214 -21.13 -16.95 -1.67
C PHE I 214 -20.76 -18.17 -0.83
N GLN I 215 -21.74 -18.71 -0.13
CA GLN I 215 -21.51 -19.86 0.75
C GLN I 215 -22.69 -20.81 0.68
N THR I 216 -22.40 -22.10 0.52
CA THR I 216 -23.42 -23.15 0.51
C THR I 216 -23.47 -23.87 1.85
N ALA I 217 -24.58 -24.57 2.07
CA ALA I 217 -24.69 -25.44 3.23
C ALA I 217 -23.79 -26.66 3.06
N SER I 218 -23.12 -27.05 4.13
CA SER I 218 -22.15 -28.14 4.11
C SER I 218 -22.74 -29.43 4.63
N GLN I 219 -22.25 -30.55 4.09
CA GLN I 219 -22.65 -31.92 4.42
C GLN I 219 -24.16 -32.12 4.33
N PRO I 220 -24.75 -32.08 3.14
CA PRO I 220 -26.19 -32.24 3.01
C PRO I 220 -26.62 -33.68 3.17
N GLN I 221 -27.92 -33.86 3.47
CA GLN I 221 -28.48 -35.20 3.56
C GLN I 221 -28.34 -35.94 2.22
N ALA I 222 -28.52 -35.22 1.12
CA ALA I 222 -28.29 -35.76 -0.21
C ALA I 222 -27.48 -34.75 -1.00
N GLU I 223 -26.80 -35.23 -2.04
CA GLU I 223 -25.92 -34.39 -2.82
C GLU I 223 -26.73 -33.37 -3.62
N PHE I 224 -26.31 -32.11 -3.56
CA PHE I 224 -26.98 -31.08 -4.35
C PHE I 224 -26.76 -31.37 -5.83
N GLN I 225 -27.81 -31.22 -6.62
CA GLN I 225 -27.79 -31.57 -8.03
C GLN I 225 -27.32 -30.43 -8.91
N LEU I 226 -26.83 -29.34 -8.32
CA LEU I 226 -26.40 -28.19 -9.10
C LEU I 226 -25.25 -28.57 -10.02
N THR I 227 -25.39 -28.23 -11.30
CA THR I 227 -24.35 -28.50 -12.29
C THR I 227 -23.95 -27.27 -13.09
N TRP I 228 -24.62 -26.14 -12.93
CA TRP I 228 -24.37 -24.94 -13.72
C TRP I 228 -24.55 -23.74 -12.80
N LEU I 229 -23.45 -23.08 -12.43
CA LEU I 229 -23.48 -21.94 -11.53
C LEU I 229 -22.79 -20.77 -12.20
N ASP I 230 -23.43 -19.60 -12.18
CA ASP I 230 -22.91 -18.39 -12.80
C ASP I 230 -22.81 -17.29 -11.74
N LEU I 231 -21.61 -16.75 -11.56
CA LEU I 231 -21.38 -15.66 -10.62
C LEU I 231 -20.61 -14.52 -11.26
N ARG I 232 -20.75 -14.33 -12.56
CA ARG I 232 -19.96 -13.30 -13.24
C ARG I 232 -20.47 -11.92 -12.89
N GLU I 233 -19.57 -10.94 -13.03
CA GLU I 233 -19.86 -9.52 -12.81
C GLU I 233 -20.50 -9.26 -11.46
N ASN I 234 -19.90 -9.83 -10.43
CA ASN I 234 -20.30 -9.65 -9.05
C ASN I 234 -19.18 -8.84 -8.38
N LYS I 235 -19.02 -9.00 -7.07
CA LYS I 235 -17.91 -8.34 -6.40
C LYS I 235 -17.18 -9.36 -5.54
N LEU I 236 -17.14 -10.60 -6.02
CA LEU I 236 -16.58 -11.69 -5.23
C LEU I 236 -15.11 -11.41 -4.93
N LEU I 237 -14.72 -11.70 -3.69
CA LEU I 237 -13.35 -11.54 -3.24
C LEU I 237 -12.65 -12.88 -3.06
N HIS I 238 -13.38 -13.98 -3.09
CA HIS I 238 -12.86 -15.29 -2.76
C HIS I 238 -13.41 -16.33 -3.71
N PHE I 239 -12.65 -17.41 -3.89
CA PHE I 239 -13.15 -18.56 -4.63
C PHE I 239 -14.14 -19.31 -3.74
N PRO I 240 -15.35 -19.58 -4.21
CA PRO I 240 -16.35 -20.22 -3.35
C PRO I 240 -15.96 -21.64 -2.99
N ASP I 241 -16.30 -22.04 -1.75
CA ASP I 241 -16.10 -23.41 -1.29
C ASP I 241 -17.24 -24.25 -1.88
N LEU I 242 -16.98 -24.82 -3.06
CA LEU I 242 -17.97 -25.58 -3.80
C LEU I 242 -17.88 -27.08 -3.55
N ALA I 243 -17.31 -27.49 -2.41
CA ALA I 243 -17.29 -28.90 -2.06
C ALA I 243 -18.68 -29.45 -1.78
N ALA I 244 -19.65 -28.59 -1.50
CA ALA I 244 -21.03 -29.02 -1.31
C ALA I 244 -21.79 -29.19 -2.61
N LEU I 245 -21.13 -29.00 -3.76
CA LEU I 245 -21.74 -29.15 -5.08
C LEU I 245 -20.90 -30.16 -5.86
N PRO I 246 -21.04 -31.45 -5.57
CA PRO I 246 -20.18 -32.45 -6.22
C PRO I 246 -20.40 -32.58 -7.71
N ARG I 247 -21.63 -32.41 -8.19
CA ARG I 247 -21.96 -32.64 -9.60
C ARG I 247 -21.75 -31.41 -10.47
N LEU I 248 -21.17 -30.34 -9.91
CA LEU I 248 -21.01 -29.10 -10.66
C LEU I 248 -20.09 -29.31 -11.86
N ILE I 249 -20.52 -28.79 -13.01
CA ILE I 249 -19.81 -28.95 -14.27
C ILE I 249 -19.36 -27.62 -14.85
N TYR I 250 -20.17 -26.57 -14.71
CA TYR I 250 -19.88 -25.26 -15.24
C TYR I 250 -19.77 -24.24 -14.11
N LEU I 251 -18.83 -23.31 -14.25
CA LEU I 251 -18.64 -22.26 -13.25
C LEU I 251 -17.98 -21.06 -13.91
N ASN I 252 -18.68 -19.94 -13.98
CA ASN I 252 -18.17 -18.71 -14.56
C ASN I 252 -17.98 -17.70 -13.42
N LEU I 253 -16.74 -17.46 -13.05
CA LEU I 253 -16.40 -16.46 -12.04
C LEU I 253 -15.76 -15.22 -12.67
N SER I 254 -16.03 -14.97 -13.95
CA SER I 254 -15.41 -13.86 -14.65
C SER I 254 -15.89 -12.52 -14.09
N ASN I 255 -15.01 -11.52 -14.16
CA ASN I 255 -15.30 -10.16 -13.74
C ASN I 255 -15.72 -10.11 -12.27
N ASN I 256 -14.73 -10.35 -11.42
CA ASN I 256 -14.91 -10.24 -9.98
C ASN I 256 -13.64 -9.60 -9.42
N LEU I 257 -13.43 -9.73 -8.11
CA LEU I 257 -12.23 -9.26 -7.44
C LEU I 257 -11.55 -10.40 -6.71
N ILE I 258 -11.69 -11.63 -7.24
CA ILE I 258 -11.24 -12.82 -6.54
C ILE I 258 -9.72 -12.85 -6.47
N ARG I 259 -9.19 -13.18 -5.29
CA ARG I 259 -7.77 -13.42 -5.08
C ARG I 259 -7.59 -14.77 -4.42
N LEU I 260 -6.54 -15.48 -4.82
CA LEU I 260 -6.25 -16.80 -4.28
C LEU I 260 -5.10 -16.75 -3.29
N PRO I 261 -5.22 -17.50 -2.17
CA PRO I 261 -4.17 -17.54 -1.16
N ILE I 271 -14.80 -16.74 5.22
CA ILE I 271 -15.44 -15.87 4.23
C ILE I 271 -15.96 -14.60 4.91
N HIS I 272 -15.69 -13.45 4.29
CA HIS I 272 -16.08 -12.16 4.84
C HIS I 272 -16.60 -11.27 3.73
N ALA I 273 -17.51 -10.37 4.10
CA ALA I 273 -18.08 -9.38 3.19
C ALA I 273 -17.82 -8.01 3.79
N PRO I 274 -16.66 -7.41 3.51
CA PRO I 274 -16.28 -6.17 4.22
C PRO I 274 -17.23 -5.01 3.97
N SER I 275 -17.78 -4.90 2.76
CA SER I 275 -18.72 -3.82 2.47
C SER I 275 -20.01 -4.00 3.27
N GLU I 276 -20.39 -5.24 3.57
CA GLU I 276 -21.59 -5.52 4.34
C GLU I 276 -21.32 -5.73 5.82
N GLY I 277 -20.15 -6.25 6.18
CA GLY I 277 -19.81 -6.53 7.56
C GLY I 277 -20.14 -7.93 8.02
N TRP I 278 -20.47 -8.83 7.09
CA TRP I 278 -20.89 -10.19 7.41
C TRP I 278 -19.70 -11.15 7.33
N SER I 279 -19.60 -12.04 8.31
CA SER I 279 -18.66 -13.15 8.23
C SER I 279 -19.25 -14.33 8.97
N ALA I 280 -19.15 -15.52 8.36
CA ALA I 280 -19.65 -16.74 8.98
C ALA I 280 -18.80 -17.93 8.58
N ARG I 293 -11.76 -34.17 -3.10
CA ARG I 293 -12.00 -33.75 -4.47
C ARG I 293 -13.19 -32.80 -4.55
N PRO I 294 -12.98 -31.54 -4.15
CA PRO I 294 -14.12 -30.61 -4.10
C PRO I 294 -14.71 -30.27 -5.46
N LEU I 295 -13.90 -30.22 -6.51
CA LEU I 295 -14.35 -29.90 -7.85
C LEU I 295 -13.82 -30.90 -8.87
N SER I 296 -13.88 -32.18 -8.53
CA SER I 296 -13.36 -33.21 -9.42
C SER I 296 -14.19 -33.37 -10.69
N GLN I 297 -15.46 -32.96 -10.66
CA GLN I 297 -16.35 -33.10 -11.80
C GLN I 297 -16.44 -31.83 -12.64
N LEU I 298 -15.69 -30.80 -12.30
CA LEU I 298 -15.76 -29.54 -13.04
C LEU I 298 -15.18 -29.71 -14.44
N LEU I 299 -15.84 -29.09 -15.42
CA LEU I 299 -15.42 -29.15 -16.82
C LEU I 299 -14.94 -27.82 -17.35
N ASN I 300 -15.73 -26.76 -17.15
CA ASN I 300 -15.44 -25.42 -17.68
C ASN I 300 -15.36 -24.45 -16.51
N LEU I 301 -14.23 -23.76 -16.40
CA LEU I 301 -14.02 -22.78 -15.34
C LEU I 301 -13.49 -21.49 -15.94
N ASP I 302 -14.20 -20.40 -15.71
CA ASP I 302 -13.80 -19.08 -16.18
C ASP I 302 -13.47 -18.22 -14.97
N LEU I 303 -12.18 -17.99 -14.74
CA LEU I 303 -11.71 -17.10 -13.69
C LEU I 303 -11.13 -15.80 -14.26
N SER I 304 -11.47 -15.48 -15.51
CA SER I 304 -10.93 -14.30 -16.16
C SER I 304 -11.40 -13.02 -15.47
N TYR I 305 -10.65 -11.94 -15.70
CA TYR I 305 -10.96 -10.62 -15.17
C TYR I 305 -11.15 -10.67 -13.65
N ASN I 306 -10.06 -11.02 -12.97
CA ASN I 306 -10.02 -11.04 -11.51
C ASN I 306 -8.73 -10.39 -11.07
N GLU I 307 -8.38 -10.58 -9.80
CA GLU I 307 -7.17 -10.02 -9.22
C GLU I 307 -6.28 -11.12 -8.66
N ILE I 308 -6.25 -12.26 -9.35
CA ILE I 308 -5.43 -13.40 -8.92
C ILE I 308 -3.97 -13.09 -9.26
N GLU I 309 -3.13 -13.05 -8.23
CA GLU I 309 -1.71 -12.78 -8.39
C GLU I 309 -0.85 -14.04 -8.37
N LEU I 310 -1.28 -15.07 -7.63
CA LEU I 310 -0.54 -16.33 -7.55
C LEU I 310 -1.53 -17.47 -7.43
N ILE I 311 -1.16 -18.61 -8.02
CA ILE I 311 -2.02 -19.79 -8.05
C ILE I 311 -1.50 -20.78 -7.01
N PRO I 312 -2.29 -21.12 -5.99
CA PRO I 312 -1.83 -22.10 -5.00
C PRO I 312 -1.65 -23.47 -5.62
N ASP I 313 -0.72 -24.24 -5.05
CA ASP I 313 -0.45 -25.58 -5.56
C ASP I 313 -1.64 -26.50 -5.34
N SER I 314 -2.34 -26.35 -4.21
CA SER I 314 -3.49 -27.19 -3.92
C SER I 314 -4.69 -26.85 -4.80
N PHE I 315 -4.69 -25.69 -5.43
CA PHE I 315 -5.86 -25.27 -6.23
C PHE I 315 -5.99 -26.11 -7.49
N LEU I 316 -4.90 -26.28 -8.23
CA LEU I 316 -4.97 -26.99 -9.51
C LEU I 316 -5.18 -28.48 -9.32
N GLU I 317 -4.65 -29.05 -8.25
CA GLU I 317 -4.73 -30.50 -8.06
C GLU I 317 -6.18 -30.96 -7.91
N HIS I 318 -7.01 -30.16 -7.24
CA HIS I 318 -8.41 -30.52 -7.06
C HIS I 318 -9.20 -30.45 -8.35
N LEU I 319 -8.73 -29.67 -9.32
CA LEU I 319 -9.47 -29.45 -10.57
C LEU I 319 -9.05 -30.51 -11.61
N THR I 320 -9.38 -31.75 -11.30
CA THR I 320 -9.21 -32.84 -12.26
C THR I 320 -10.42 -32.92 -13.17
N SER I 321 -10.22 -33.58 -14.32
CA SER I 321 -11.23 -33.71 -15.36
C SER I 321 -11.75 -32.36 -15.85
N LEU I 322 -11.00 -31.29 -15.57
CA LEU I 322 -11.33 -29.96 -16.08
C LEU I 322 -10.88 -29.87 -17.52
N CYS I 323 -11.80 -29.48 -18.41
CA CYS I 323 -11.49 -29.37 -19.83
C CYS I 323 -11.11 -27.97 -20.27
N PHE I 324 -11.69 -26.94 -19.66
CA PHE I 324 -11.43 -25.56 -20.05
C PHE I 324 -11.14 -24.72 -18.82
N LEU I 325 -10.10 -23.91 -18.90
CA LEU I 325 -9.69 -23.04 -17.79
C LEU I 325 -9.25 -21.71 -18.37
N ASN I 326 -9.99 -20.66 -18.08
CA ASN I 326 -9.68 -19.31 -18.56
C ASN I 326 -9.18 -18.49 -17.38
N LEU I 327 -7.92 -18.04 -17.46
CA LEU I 327 -7.34 -17.14 -16.47
C LEU I 327 -6.90 -15.82 -17.10
N SER I 328 -7.50 -15.46 -18.23
CA SER I 328 -7.12 -14.24 -18.92
C SER I 328 -7.42 -13.02 -18.07
N ARG I 329 -6.63 -11.96 -18.26
CA ARG I 329 -6.80 -10.69 -17.56
C ARG I 329 -6.77 -10.88 -16.04
N ASN I 330 -5.59 -11.24 -15.57
CA ASN I 330 -5.32 -11.40 -14.15
C ASN I 330 -3.93 -10.86 -13.86
N CYS I 331 -3.58 -10.81 -12.58
CA CYS I 331 -2.29 -10.31 -12.15
C CYS I 331 -1.25 -11.42 -12.01
N LEU I 332 -1.47 -12.55 -12.67
CA LEU I 332 -0.57 -13.70 -12.58
C LEU I 332 0.80 -13.35 -13.12
N ARG I 333 1.85 -13.74 -12.38
CA ARG I 333 3.22 -13.57 -12.82
C ARG I 333 3.94 -14.89 -13.10
N THR I 334 3.48 -15.99 -12.50
CA THR I 334 4.08 -17.30 -12.72
C THR I 334 2.98 -18.35 -12.72
N PHE I 335 3.04 -19.28 -13.68
CA PHE I 335 2.11 -20.39 -13.77
C PHE I 335 2.90 -21.68 -13.96
N GLU I 336 2.89 -22.54 -12.94
CA GLU I 336 3.65 -23.79 -12.97
C GLU I 336 2.71 -24.96 -12.69
N ALA I 337 2.50 -25.81 -13.70
CA ALA I 337 1.76 -27.05 -13.53
C ALA I 337 2.74 -28.22 -13.48
N ARG I 338 3.44 -28.31 -12.36
CA ARG I 338 4.53 -29.26 -12.19
C ARG I 338 4.10 -30.58 -11.55
N ARG I 339 2.93 -30.64 -10.93
CA ARG I 339 2.47 -31.89 -10.33
C ARG I 339 2.26 -32.95 -11.40
N LEU I 340 2.57 -34.20 -11.04
CA LEU I 340 2.46 -35.30 -11.98
C LEU I 340 0.99 -35.57 -12.32
N GLY I 341 0.64 -35.38 -13.58
CA GLY I 341 -0.72 -35.61 -14.03
C GLY I 341 -1.73 -34.56 -13.66
N SER I 342 -1.28 -33.40 -13.18
CA SER I 342 -2.22 -32.33 -12.85
C SER I 342 -2.84 -31.75 -14.11
N LEU I 343 -4.15 -31.50 -14.05
CA LEU I 343 -4.92 -31.00 -15.18
C LEU I 343 -4.70 -31.88 -16.42
N PRO I 344 -5.12 -33.15 -16.38
CA PRO I 344 -4.83 -34.04 -17.52
C PRO I 344 -5.74 -33.79 -18.71
N CYS I 345 -7.03 -33.55 -18.45
CA CYS I 345 -8.02 -33.38 -19.51
C CYS I 345 -8.18 -31.93 -19.96
N LEU I 346 -7.28 -31.04 -19.53
CA LEU I 346 -7.40 -29.61 -19.84
C LEU I 346 -7.15 -29.40 -21.33
N MET I 347 -8.24 -29.27 -22.10
CA MET I 347 -8.11 -29.06 -23.54
C MET I 347 -7.66 -27.65 -23.88
N LEU I 348 -8.05 -26.66 -23.08
CA LEU I 348 -7.73 -25.27 -23.35
C LEU I 348 -7.26 -24.59 -22.08
N LEU I 349 -6.20 -23.77 -22.22
CA LEU I 349 -5.67 -22.97 -21.12
C LEU I 349 -5.43 -21.57 -21.64
N ASP I 350 -6.16 -20.60 -21.09
CA ASP I 350 -6.06 -19.20 -21.47
C ASP I 350 -5.40 -18.43 -20.33
N LEU I 351 -4.14 -18.04 -20.52
CA LEU I 351 -3.39 -17.25 -19.56
C LEU I 351 -3.03 -15.88 -20.15
N SER I 352 -3.84 -15.41 -21.10
CA SER I 352 -3.49 -14.22 -21.86
C SER I 352 -3.63 -12.97 -21.02
N HIS I 353 -2.86 -11.94 -21.39
CA HIS I 353 -2.95 -10.61 -20.80
C HIS I 353 -2.75 -10.65 -19.28
N ASN I 354 -1.65 -11.26 -18.86
CA ASN I 354 -1.22 -11.26 -17.48
C ASN I 354 0.16 -10.60 -17.40
N ALA I 355 0.83 -10.79 -16.26
CA ALA I 355 2.21 -10.36 -16.08
C ALA I 355 3.16 -11.54 -16.03
N LEU I 356 2.81 -12.61 -16.76
CA LEU I 356 3.57 -13.86 -16.76
C LEU I 356 5.01 -13.64 -17.21
N GLU I 357 5.96 -13.81 -16.30
CA GLU I 357 7.38 -13.74 -16.64
C GLU I 357 7.98 -15.10 -16.92
N THR I 358 7.56 -16.13 -16.19
CA THR I 358 8.00 -17.50 -16.41
C THR I 358 6.81 -18.44 -16.21
N LEU I 359 6.85 -19.56 -16.92
CA LEU I 359 5.86 -20.61 -16.73
C LEU I 359 6.54 -21.96 -16.85
N GLU I 360 6.23 -22.86 -15.93
CA GLU I 360 6.87 -24.17 -15.84
C GLU I 360 5.82 -25.25 -16.11
N LEU I 361 5.66 -25.59 -17.38
CA LEU I 361 4.77 -26.69 -17.78
C LEU I 361 5.59 -27.97 -17.74
N GLY I 362 5.41 -28.76 -16.68
CA GLY I 362 6.18 -29.97 -16.53
C GLY I 362 5.87 -30.98 -17.62
N ALA I 363 6.86 -31.83 -17.91
CA ALA I 363 6.68 -32.86 -18.93
C ALA I 363 5.66 -33.89 -18.47
N ARG I 364 4.81 -34.32 -19.41
CA ARG I 364 3.75 -35.30 -19.15
C ARG I 364 2.80 -34.81 -18.06
N ALA I 365 2.46 -33.52 -18.11
CA ALA I 365 1.53 -32.91 -17.17
C ALA I 365 0.22 -32.52 -17.84
N LEU I 366 0.28 -31.59 -18.81
CA LEU I 366 -0.90 -31.21 -19.58
C LEU I 366 -0.95 -32.01 -20.88
N GLY I 367 -1.23 -33.31 -20.72
CA GLY I 367 -1.17 -34.21 -21.85
C GLY I 367 -2.24 -33.96 -22.90
N SER I 368 -3.43 -33.52 -22.48
CA SER I 368 -4.50 -33.28 -23.43
C SER I 368 -4.73 -31.79 -23.63
N LEU I 369 -3.66 -31.02 -23.81
CA LEU I 369 -3.73 -29.58 -24.01
C LEU I 369 -3.55 -29.29 -25.49
N ARG I 370 -4.61 -28.79 -26.14
CA ARG I 370 -4.57 -28.49 -27.56
C ARG I 370 -4.37 -27.00 -27.85
N THR I 371 -4.81 -26.13 -26.96
CA THR I 371 -4.73 -24.68 -27.15
C THR I 371 -4.08 -24.04 -25.95
N LEU I 372 -3.06 -23.22 -26.19
CA LEU I 372 -2.34 -22.50 -25.14
C LEU I 372 -2.25 -21.04 -25.56
N LEU I 373 -2.96 -20.18 -24.84
CA LEU I 373 -3.05 -18.75 -25.15
C LEU I 373 -2.24 -17.97 -24.13
N LEU I 374 -1.16 -17.35 -24.59
CA LEU I 374 -0.24 -16.64 -23.69
C LEU I 374 0.06 -15.22 -24.17
N GLN I 375 -0.77 -14.66 -25.05
CA GLN I 375 -0.49 -13.34 -25.59
C GLN I 375 -0.69 -12.26 -24.53
N GLY I 376 0.05 -11.17 -24.67
CA GLY I 376 -0.04 -10.07 -23.73
C GLY I 376 0.69 -10.27 -22.43
N ASN I 377 1.66 -11.17 -22.37
CA ASN I 377 2.43 -11.46 -21.17
C ASN I 377 3.83 -10.86 -21.28
N ALA I 378 4.65 -11.14 -20.26
CA ALA I 378 6.00 -10.60 -20.16
C ALA I 378 7.04 -11.72 -20.17
N LEU I 379 6.77 -12.79 -20.91
CA LEU I 379 7.74 -13.87 -21.02
C LEU I 379 8.98 -13.39 -21.78
N ARG I 380 10.15 -13.82 -21.32
CA ARG I 380 11.39 -13.52 -22.01
C ARG I 380 12.28 -14.75 -22.07
N ASP I 381 12.75 -15.20 -20.92
CA ASP I 381 13.58 -16.41 -20.82
C ASP I 381 12.71 -17.56 -20.34
N LEU I 382 12.77 -18.67 -21.07
CA LEU I 382 12.02 -19.87 -20.75
C LEU I 382 12.94 -21.06 -20.97
N PRO I 383 12.66 -22.19 -20.32
CA PRO I 383 13.34 -23.44 -20.67
C PRO I 383 13.13 -23.76 -22.13
N PRO I 384 14.15 -24.29 -22.81
CA PRO I 384 14.05 -24.44 -24.27
C PRO I 384 12.92 -25.36 -24.71
N TYR I 385 12.59 -26.37 -23.92
CA TYR I 385 11.57 -27.35 -24.28
C TYR I 385 10.31 -27.18 -23.43
N THR I 386 9.90 -25.93 -23.21
CA THR I 386 8.69 -25.68 -22.45
C THR I 386 7.45 -26.16 -23.21
N PHE I 387 7.30 -25.71 -24.46
CA PHE I 387 6.17 -26.11 -25.29
C PHE I 387 6.39 -27.45 -25.99
N ALA I 388 7.63 -27.95 -26.02
CA ALA I 388 7.88 -29.23 -26.66
C ALA I 388 7.35 -30.41 -25.85
N ASN I 389 7.17 -30.25 -24.54
CA ASN I 389 6.69 -31.34 -23.71
C ASN I 389 5.18 -31.55 -23.80
N LEU I 390 4.45 -30.56 -24.31
CA LEU I 390 3.01 -30.71 -24.47
C LEU I 390 2.73 -31.68 -25.61
N ALA I 391 2.06 -32.80 -25.30
CA ALA I 391 1.95 -33.90 -26.24
C ALA I 391 1.05 -33.53 -27.42
N SER I 392 -0.11 -32.94 -27.15
CA SER I 392 -1.12 -32.68 -28.18
C SER I 392 -1.34 -31.19 -28.39
N LEU I 393 -0.30 -30.38 -28.23
CA LEU I 393 -0.41 -28.94 -28.45
C LEU I 393 -0.63 -28.65 -29.94
N GLN I 394 -1.63 -27.82 -30.24
CA GLN I 394 -1.95 -27.45 -31.62
C GLN I 394 -1.90 -25.95 -31.83
N ARG I 395 -2.60 -25.18 -31.01
CA ARG I 395 -2.61 -23.72 -31.12
C ARG I 395 -1.75 -23.13 -30.01
N LEU I 396 -0.92 -22.16 -30.38
CA LEU I 396 -0.03 -21.50 -29.43
C LEU I 396 0.09 -20.04 -29.85
N ASN I 397 -0.30 -19.14 -28.95
CA ASN I 397 -0.32 -17.70 -29.24
C ASN I 397 0.61 -17.01 -28.26
N LEU I 398 1.72 -16.48 -28.77
CA LEU I 398 2.72 -15.76 -27.99
C LEU I 398 2.85 -14.33 -28.45
N GLN I 399 1.74 -13.71 -28.84
CA GLN I 399 1.78 -12.35 -29.38
C GLN I 399 2.18 -11.35 -28.31
N GLY I 400 3.07 -10.43 -28.68
CA GLY I 400 3.55 -9.42 -27.75
C GLY I 400 4.34 -9.95 -26.58
N ASN I 401 5.17 -10.97 -26.81
CA ASN I 401 5.85 -11.66 -25.72
C ASN I 401 7.38 -11.70 -25.88
N ARG I 402 7.94 -10.96 -26.83
CA ARG I 402 9.40 -10.80 -26.99
C ARG I 402 10.16 -12.11 -26.76
N VAL I 403 9.70 -13.17 -27.44
CA VAL I 403 10.30 -14.50 -27.36
C VAL I 403 11.26 -14.67 -28.52
N SER I 404 12.36 -15.39 -28.28
CA SER I 404 13.38 -15.64 -29.29
C SER I 404 13.45 -17.12 -29.64
N PRO I 405 13.04 -17.53 -30.84
CA PRO I 405 13.18 -18.93 -31.24
C PRO I 405 14.64 -19.32 -31.46
N CYS I 406 14.92 -20.61 -31.30
CA CYS I 406 16.26 -21.15 -31.48
C CYS I 406 16.55 -21.44 -32.95
N GLY I 407 17.74 -21.97 -33.21
CA GLY I 407 18.14 -22.48 -34.49
C GLY I 407 17.93 -23.96 -34.67
N GLY I 408 17.29 -24.63 -33.71
CA GLY I 408 16.96 -26.02 -33.83
C GLY I 408 18.11 -26.96 -33.58
N PRO I 409 18.47 -27.74 -34.59
CA PRO I 409 19.52 -28.77 -34.40
C PRO I 409 20.90 -28.18 -34.15
N ASP I 410 21.30 -27.23 -34.98
CA ASP I 410 22.60 -26.58 -34.87
C ASP I 410 22.39 -25.11 -34.54
N GLU I 411 23.51 -24.40 -34.36
CA GLU I 411 23.52 -23.01 -33.94
C GLU I 411 22.62 -22.81 -32.71
N PRO I 412 22.97 -23.40 -31.57
CA PRO I 412 22.08 -23.34 -30.41
C PRO I 412 21.90 -21.90 -29.93
N GLY I 413 20.65 -21.57 -29.59
CA GLY I 413 20.29 -20.24 -29.19
C GLY I 413 21.11 -19.74 -28.02
N PRO I 414 21.37 -18.43 -27.99
CA PRO I 414 22.28 -17.87 -26.99
C PRO I 414 21.78 -17.99 -25.56
N SER I 415 20.58 -17.49 -25.26
CA SER I 415 20.08 -17.44 -23.90
C SER I 415 18.59 -17.72 -23.88
N GLY I 416 18.20 -18.79 -23.19
CA GLY I 416 16.80 -19.13 -22.99
C GLY I 416 15.98 -19.11 -24.27
N CYS I 417 16.62 -19.33 -25.41
CA CYS I 417 15.89 -19.43 -26.65
C CYS I 417 14.82 -20.51 -26.51
N VAL I 418 13.62 -20.20 -26.96
CA VAL I 418 12.53 -21.15 -26.90
C VAL I 418 12.54 -21.96 -28.19
N ALA I 419 12.60 -23.28 -28.04
CA ALA I 419 12.75 -24.17 -29.19
C ALA I 419 11.36 -24.51 -29.74
N PHE I 420 11.15 -24.20 -31.01
CA PHE I 420 9.93 -24.55 -31.72
C PHE I 420 10.17 -25.63 -32.76
N SER I 421 11.32 -26.31 -32.71
CA SER I 421 11.70 -27.27 -33.73
C SER I 421 11.15 -28.66 -33.48
N GLY I 422 10.84 -29.01 -32.23
CA GLY I 422 10.49 -30.39 -31.92
C GLY I 422 9.01 -30.69 -31.76
N ILE I 423 8.16 -29.67 -31.75
CA ILE I 423 6.73 -29.87 -31.49
C ILE I 423 6.09 -30.39 -32.78
N THR I 424 5.95 -31.71 -32.89
CA THR I 424 5.39 -32.33 -34.08
C THR I 424 3.87 -32.21 -34.17
N SER I 425 3.19 -31.86 -33.08
CA SER I 425 1.74 -31.73 -33.11
C SER I 425 1.28 -30.27 -33.28
N LEU I 426 2.17 -29.31 -33.14
CA LEU I 426 1.79 -27.91 -33.26
C LEU I 426 1.34 -27.60 -34.68
N ARG I 427 0.27 -26.84 -34.81
CA ARG I 427 -0.29 -26.47 -36.10
C ARG I 427 -0.31 -24.96 -36.35
N SER I 428 -0.63 -24.17 -35.33
CA SER I 428 -0.73 -22.73 -35.47
C SER I 428 0.12 -22.06 -34.42
N LEU I 429 0.96 -21.12 -34.84
CA LEU I 429 1.88 -20.42 -33.96
C LEU I 429 1.89 -18.94 -34.31
N SER I 430 1.88 -18.09 -33.28
CA SER I 430 1.88 -16.65 -33.45
C SER I 430 3.00 -16.04 -32.64
N LEU I 431 3.96 -15.43 -33.33
CA LEU I 431 5.08 -14.72 -32.71
C LEU I 431 5.00 -13.23 -33.05
N VAL I 432 3.78 -12.70 -33.09
CA VAL I 432 3.56 -11.30 -33.42
C VAL I 432 4.05 -10.42 -32.27
N ASP I 433 4.61 -9.26 -32.62
CA ASP I 433 5.01 -8.24 -31.64
C ASP I 433 6.00 -8.80 -30.62
N ASN I 434 6.84 -9.73 -31.05
CA ASN I 434 7.85 -10.34 -30.18
C ASN I 434 9.23 -9.73 -30.36
N GLU I 435 9.33 -8.60 -31.06
CA GLU I 435 10.60 -7.89 -31.23
C GLU I 435 11.69 -8.82 -31.73
N ILE I 436 11.31 -9.76 -32.60
CA ILE I 436 12.25 -10.76 -33.08
C ILE I 436 13.23 -10.09 -34.05
N GLU I 437 14.51 -10.11 -33.70
CA GLU I 437 15.55 -9.48 -34.52
C GLU I 437 16.05 -10.42 -35.62
N LEU I 438 16.23 -11.70 -35.29
CA LEU I 438 16.81 -12.66 -36.21
C LEU I 438 16.09 -13.99 -36.07
N LEU I 439 15.51 -14.47 -37.16
CA LEU I 439 14.85 -15.78 -37.20
C LEU I 439 15.87 -16.80 -37.69
N ARG I 440 16.34 -17.66 -36.80
CA ARG I 440 17.41 -18.59 -37.11
C ARG I 440 16.91 -19.68 -38.07
N ALA I 441 17.87 -20.41 -38.65
CA ALA I 441 17.57 -21.29 -39.78
C ALA I 441 16.66 -22.45 -39.38
N GLY I 442 17.07 -23.26 -38.40
CA GLY I 442 16.29 -24.42 -38.02
C GLY I 442 15.20 -24.13 -37.00
N ALA I 443 14.53 -22.99 -37.11
CA ALA I 443 13.57 -22.59 -36.09
C ALA I 443 12.38 -23.55 -36.01
N PHE I 444 11.90 -24.03 -37.15
CA PHE I 444 10.76 -24.96 -37.19
C PHE I 444 11.06 -26.13 -38.12
N LEU I 445 12.19 -26.79 -37.90
CA LEU I 445 12.62 -27.84 -38.83
C LEU I 445 11.68 -29.03 -38.80
N HIS I 446 11.14 -29.37 -37.63
CA HIS I 446 10.26 -30.53 -37.49
C HIS I 446 8.97 -30.16 -36.77
N THR I 447 8.40 -29.00 -37.12
CA THR I 447 7.11 -28.56 -36.58
C THR I 447 6.21 -28.28 -37.77
N PRO I 448 5.43 -29.26 -38.20
CA PRO I 448 4.61 -29.09 -39.41
C PRO I 448 3.47 -28.10 -39.24
N LEU I 449 3.80 -26.81 -39.16
CA LEU I 449 2.80 -25.79 -38.93
C LEU I 449 1.95 -25.57 -40.17
N THR I 450 0.66 -25.36 -39.96
CA THR I 450 -0.23 -24.96 -41.05
C THR I 450 -0.38 -23.45 -41.14
N GLU I 451 -0.24 -22.75 -40.00
CA GLU I 451 -0.31 -21.29 -39.95
C GLU I 451 0.84 -20.78 -39.10
N LEU I 452 1.47 -19.70 -39.55
CA LEU I 452 2.59 -19.08 -38.84
C LEU I 452 2.51 -17.58 -39.05
N ASP I 453 2.49 -16.83 -37.94
CA ASP I 453 2.33 -15.38 -37.98
C ASP I 453 3.56 -14.75 -37.31
N LEU I 454 4.39 -14.08 -38.11
CA LEU I 454 5.58 -13.40 -37.63
C LEU I 454 5.48 -11.89 -37.86
N SER I 455 4.26 -11.37 -37.90
CA SER I 455 4.03 -9.98 -38.20
C SER I 455 4.40 -9.09 -37.02
N SER I 456 4.44 -7.78 -37.28
CA SER I 456 4.72 -6.76 -36.25
C SER I 456 6.06 -7.03 -35.55
N ASN I 457 7.07 -7.40 -36.33
CA ASN I 457 8.43 -7.59 -35.85
C ASN I 457 9.35 -6.73 -36.70
N PRO I 458 9.41 -5.42 -36.42
CA PRO I 458 10.23 -4.53 -37.26
C PRO I 458 11.70 -4.91 -37.20
N GLY I 459 12.37 -4.77 -38.34
CA GLY I 459 13.77 -5.12 -38.41
C GLY I 459 14.05 -6.60 -38.41
N LEU I 460 13.05 -7.43 -38.68
CA LEU I 460 13.26 -8.87 -38.67
C LEU I 460 14.23 -9.28 -39.77
N GLU I 461 15.17 -10.15 -39.40
CA GLU I 461 16.14 -10.70 -40.34
C GLU I 461 15.87 -12.19 -40.47
N VAL I 462 15.22 -12.58 -41.56
CA VAL I 462 14.98 -14.00 -41.82
C VAL I 462 16.28 -14.61 -42.33
N ALA I 463 16.80 -15.59 -41.59
CA ALA I 463 18.00 -16.26 -42.04
C ALA I 463 17.68 -17.18 -43.22
N THR I 464 18.73 -17.53 -43.97
CA THR I 464 18.56 -18.40 -45.12
C THR I 464 18.03 -19.76 -44.67
N GLY I 465 16.84 -20.12 -45.15
CA GLY I 465 16.22 -21.36 -44.74
C GLY I 465 15.62 -21.34 -43.36
N ALA I 466 15.20 -20.16 -42.88
CA ALA I 466 14.62 -20.08 -41.54
C ALA I 466 13.34 -20.90 -41.44
N LEU I 467 12.56 -20.96 -42.53
CA LEU I 467 11.38 -21.82 -42.60
C LEU I 467 11.81 -23.18 -43.15
N GLY I 468 12.53 -23.91 -42.30
CA GLY I 468 13.21 -25.13 -42.69
C GLY I 468 12.34 -26.25 -43.21
N GLY I 469 11.47 -26.79 -42.35
CA GLY I 469 10.64 -27.91 -42.74
C GLY I 469 9.19 -27.55 -42.99
N LEU I 470 8.94 -26.30 -43.36
CA LEU I 470 7.58 -25.80 -43.54
C LEU I 470 7.12 -25.81 -45.00
N GLU I 471 7.94 -26.33 -45.92
CA GLU I 471 7.54 -26.32 -47.33
C GLU I 471 6.33 -27.21 -47.58
N ALA I 472 6.19 -28.29 -46.83
CA ALA I 472 5.10 -29.24 -47.07
C ALA I 472 3.83 -28.94 -46.29
N SER I 473 3.95 -28.37 -45.09
CA SER I 473 2.81 -28.21 -44.20
C SER I 473 2.20 -26.82 -44.22
N LEU I 474 2.99 -25.77 -44.45
CA LEU I 474 2.52 -24.41 -44.26
C LEU I 474 1.44 -24.05 -45.27
N GLU I 475 0.37 -23.42 -44.78
CA GLU I 475 -0.71 -22.92 -45.61
C GLU I 475 -0.97 -21.43 -45.44
N VAL I 476 -0.70 -20.87 -44.26
CA VAL I 476 -0.91 -19.45 -43.98
C VAL I 476 0.38 -18.89 -43.42
N LEU I 477 0.85 -17.79 -44.01
CA LEU I 477 2.07 -17.12 -43.57
C LEU I 477 1.86 -15.62 -43.58
N ALA I 478 2.29 -14.95 -42.51
CA ALA I 478 2.10 -13.51 -42.37
C ALA I 478 3.37 -12.88 -41.84
N LEU I 479 3.85 -11.86 -42.55
CA LEU I 479 5.04 -11.10 -42.18
C LEU I 479 4.78 -9.61 -42.30
N GLN I 480 3.58 -9.18 -41.87
CA GLN I 480 3.18 -7.79 -42.04
C GLN I 480 3.93 -6.88 -41.08
N GLY I 481 4.31 -5.71 -41.57
CA GLY I 481 4.94 -4.70 -40.73
C GLY I 481 6.38 -4.97 -40.37
N ASN I 482 7.01 -5.95 -41.00
CA ASN I 482 8.40 -6.30 -40.68
C ASN I 482 9.40 -5.42 -41.39
N GLY I 483 8.98 -4.61 -42.36
CA GLY I 483 9.89 -3.74 -43.09
C GLY I 483 10.93 -4.48 -43.89
N LEU I 484 10.61 -5.69 -44.35
CA LEU I 484 11.57 -6.51 -45.08
C LEU I 484 11.93 -5.86 -46.41
N MET I 485 13.23 -5.82 -46.71
CA MET I 485 13.70 -5.37 -48.01
C MET I 485 13.88 -6.51 -49.00
N VAL I 486 13.91 -7.75 -48.51
CA VAL I 486 14.03 -8.93 -49.37
C VAL I 486 13.53 -10.11 -48.56
N LEU I 487 12.97 -11.10 -49.25
CA LEU I 487 12.45 -12.30 -48.61
C LEU I 487 13.39 -13.47 -48.87
N GLN I 488 13.91 -14.05 -47.80
CA GLN I 488 14.96 -15.06 -47.85
C GLN I 488 14.45 -16.49 -47.96
N VAL I 489 13.13 -16.69 -48.05
CA VAL I 489 12.53 -18.02 -48.09
C VAL I 489 12.09 -18.32 -49.52
N ASP I 490 12.28 -19.57 -49.94
CA ASP I 490 11.92 -19.99 -51.29
C ASP I 490 10.42 -20.29 -51.30
N LEU I 491 9.63 -19.27 -51.62
CA LEU I 491 8.18 -19.41 -51.60
C LEU I 491 7.63 -20.41 -52.62
N PRO I 492 8.12 -20.48 -53.87
CA PRO I 492 7.51 -21.43 -54.83
C PRO I 492 7.53 -22.88 -54.38
N CYS I 493 8.51 -23.29 -53.58
CA CYS I 493 8.57 -24.66 -53.11
C CYS I 493 7.60 -24.95 -51.98
N PHE I 494 6.89 -23.94 -51.47
CA PHE I 494 5.84 -24.16 -50.47
C PHE I 494 4.57 -24.57 -51.22
N ILE I 495 4.49 -25.87 -51.52
CA ILE I 495 3.45 -26.39 -52.40
C ILE I 495 2.05 -26.30 -51.78
N CYS I 496 1.94 -26.24 -50.45
CA CYS I 496 0.66 -26.20 -49.78
C CYS I 496 0.26 -24.81 -49.32
N LEU I 497 1.10 -23.80 -49.55
CA LEU I 497 0.79 -22.45 -49.11
C LEU I 497 -0.41 -21.89 -49.86
N LYS I 498 -1.34 -21.30 -49.14
CA LYS I 498 -2.57 -20.76 -49.71
C LYS I 498 -2.74 -19.27 -49.46
N ARG I 499 -2.42 -18.77 -48.27
CA ARG I 499 -2.56 -17.36 -47.93
C ARG I 499 -1.21 -16.82 -47.48
N LEU I 500 -0.75 -15.79 -48.17
CA LEU I 500 0.54 -15.16 -47.87
C LEU I 500 0.33 -13.67 -47.67
N ASN I 501 0.86 -13.14 -46.57
CA ASN I 501 0.72 -11.72 -46.22
C ASN I 501 2.11 -11.11 -46.12
N LEU I 502 2.44 -10.23 -47.07
CA LEU I 502 3.71 -9.51 -47.06
C LEU I 502 3.50 -8.00 -46.98
N ALA I 503 2.36 -7.56 -46.47
CA ALA I 503 2.03 -6.15 -46.47
C ALA I 503 2.93 -5.37 -45.51
N GLU I 504 3.00 -4.06 -45.74
CA GLU I 504 3.76 -3.13 -44.90
C GLU I 504 5.24 -3.55 -44.81
N ASN I 505 5.87 -3.61 -45.98
CA ASN I 505 7.28 -3.97 -46.08
C ASN I 505 7.91 -3.13 -47.18
N ARG I 506 9.22 -3.34 -47.39
CA ARG I 506 9.97 -2.68 -48.45
C ARG I 506 10.35 -3.65 -49.57
N LEU I 507 9.65 -4.77 -49.68
CA LEU I 507 9.92 -5.74 -50.75
C LEU I 507 9.64 -5.14 -52.11
N SER I 508 10.47 -5.50 -53.09
CA SER I 508 10.31 -4.98 -54.44
C SER I 508 10.25 -6.12 -55.46
N HIS I 509 10.91 -7.23 -55.16
CA HIS I 509 10.94 -8.39 -56.03
C HIS I 509 10.60 -9.64 -55.22
N LEU I 510 10.01 -10.62 -55.91
CA LEU I 510 9.64 -11.89 -55.32
C LEU I 510 10.20 -13.03 -56.15
N PRO I 511 10.46 -14.19 -55.54
CA PRO I 511 10.98 -15.32 -56.31
C PRO I 511 9.98 -15.78 -57.37
N ALA I 512 10.51 -16.20 -58.52
CA ALA I 512 9.67 -16.56 -59.65
C ALA I 512 8.94 -17.87 -59.38
N TRP I 513 7.67 -17.91 -59.77
CA TRP I 513 6.84 -19.12 -59.66
C TRP I 513 6.91 -19.85 -60.99
N THR I 514 7.82 -20.82 -61.08
CA THR I 514 7.99 -21.57 -62.32
C THR I 514 6.87 -22.60 -62.51
N GLN I 515 6.45 -23.26 -61.43
CA GLN I 515 5.40 -24.26 -61.49
C GLN I 515 4.19 -23.78 -60.71
N ALA I 516 3.02 -24.35 -61.05
CA ALA I 516 1.78 -23.95 -60.43
C ALA I 516 1.76 -24.33 -58.94
N VAL I 517 1.30 -23.39 -58.12
CA VAL I 517 1.20 -23.61 -56.67
C VAL I 517 -0.27 -23.43 -56.27
N SER I 518 -0.56 -23.58 -54.98
CA SER I 518 -1.91 -23.49 -54.47
C SER I 518 -2.20 -22.15 -53.79
N LEU I 519 -1.34 -21.16 -53.97
CA LEU I 519 -1.53 -19.85 -53.34
C LEU I 519 -2.80 -19.19 -53.89
N GLU I 520 -3.64 -18.72 -52.98
CA GLU I 520 -4.92 -18.09 -53.32
C GLU I 520 -4.94 -16.60 -53.02
N VAL I 521 -4.63 -16.21 -51.79
CA VAL I 521 -4.57 -14.80 -51.39
C VAL I 521 -3.11 -14.38 -51.33
N LEU I 522 -2.80 -13.21 -51.89
CA LEU I 522 -1.45 -12.65 -51.87
C LEU I 522 -1.57 -11.16 -51.55
N ASP I 523 -1.10 -10.76 -50.37
CA ASP I 523 -1.20 -9.38 -49.91
C ASP I 523 0.16 -8.73 -50.03
N LEU I 524 0.29 -7.80 -50.98
CA LEU I 524 1.53 -7.04 -51.17
C LEU I 524 1.31 -5.55 -50.94
N ARG I 525 0.27 -5.18 -50.19
CA ARG I 525 -0.05 -3.78 -49.99
C ARG I 525 1.06 -3.08 -49.20
N ASN I 526 1.27 -1.80 -49.53
CA ASN I 526 2.26 -0.96 -48.85
C ASN I 526 3.65 -1.58 -48.93
N ASN I 527 4.12 -1.73 -50.17
CA ASN I 527 5.45 -2.25 -50.44
C ASN I 527 6.14 -1.40 -51.49
N SER I 528 7.30 -1.84 -51.96
CA SER I 528 8.06 -1.13 -52.98
C SER I 528 8.04 -1.85 -54.32
N PHE I 529 6.94 -2.55 -54.61
CA PHE I 529 6.80 -3.25 -55.88
C PHE I 529 6.60 -2.25 -57.00
N SER I 530 7.46 -2.30 -58.02
CA SER I 530 7.33 -1.50 -59.22
C SER I 530 6.85 -2.32 -60.41
N LEU I 531 7.47 -3.46 -60.67
CA LEU I 531 7.09 -4.37 -61.74
C LEU I 531 6.77 -5.73 -61.16
N LEU I 532 5.67 -6.34 -61.63
CA LEU I 532 5.31 -7.72 -61.31
C LEU I 532 5.24 -8.46 -62.65
N PRO I 533 6.38 -8.86 -63.20
CA PRO I 533 6.39 -9.44 -64.54
C PRO I 533 5.80 -10.84 -64.57
N GLY I 534 5.27 -11.21 -65.74
CA GLY I 534 4.79 -12.56 -65.97
C GLY I 534 5.87 -13.62 -65.85
N SER I 535 7.14 -13.23 -65.88
CA SER I 535 8.22 -14.19 -65.64
C SER I 535 8.23 -14.64 -64.20
N ALA I 536 8.19 -13.69 -63.26
CA ALA I 536 8.17 -14.01 -61.84
C ALA I 536 6.79 -14.39 -61.33
N MET I 537 5.74 -14.12 -62.11
CA MET I 537 4.36 -14.45 -61.72
C MET I 537 3.72 -15.45 -62.68
N GLY I 538 4.54 -16.17 -63.45
CA GLY I 538 3.99 -17.14 -64.39
C GLY I 538 3.19 -18.23 -63.70
N GLY I 539 3.71 -18.75 -62.60
CA GLY I 539 2.96 -19.68 -61.79
C GLY I 539 1.80 -19.00 -61.09
N LEU I 540 1.08 -19.80 -60.30
CA LEU I 540 -0.10 -19.37 -59.54
C LEU I 540 -1.09 -18.56 -60.37
N GLU I 541 -1.01 -18.63 -61.70
CA GLU I 541 -2.00 -17.96 -62.53
C GLU I 541 -3.35 -18.66 -62.44
N THR I 542 -3.34 -19.96 -62.12
CA THR I 542 -4.57 -20.73 -62.00
C THR I 542 -5.17 -20.69 -60.60
N SER I 543 -4.34 -20.59 -59.56
CA SER I 543 -4.79 -20.67 -58.18
C SER I 543 -5.05 -19.31 -57.54
N LEU I 544 -4.47 -18.24 -58.07
CA LEU I 544 -4.65 -16.93 -57.47
C LEU I 544 -6.11 -16.48 -57.59
N ARG I 545 -6.62 -15.90 -56.52
CA ARG I 545 -7.98 -15.39 -56.46
C ARG I 545 -8.06 -13.93 -56.05
N ARG I 546 -7.30 -13.52 -55.06
CA ARG I 546 -7.27 -12.14 -54.60
C ARG I 546 -5.82 -11.67 -54.52
N LEU I 547 -5.52 -10.55 -55.16
CA LEU I 547 -4.16 -10.00 -55.21
C LEU I 547 -4.20 -8.55 -54.72
N TYR I 548 -3.88 -8.36 -53.43
CA TYR I 548 -3.83 -7.02 -52.86
C TYR I 548 -2.54 -6.33 -53.27
N LEU I 549 -2.66 -5.10 -53.78
CA LEU I 549 -1.47 -4.37 -54.24
C LEU I 549 -1.55 -2.87 -54.02
N GLN I 550 -2.54 -2.36 -53.30
CA GLN I 550 -2.66 -0.92 -53.08
C GLN I 550 -1.50 -0.43 -52.21
N GLY I 551 -0.90 0.69 -52.61
CA GLY I 551 0.22 1.26 -51.91
C GLY I 551 1.58 0.89 -52.45
N ASN I 552 1.72 0.74 -53.76
CA ASN I 552 2.98 0.38 -54.39
C ASN I 552 3.31 1.35 -55.50
N PRO I 553 4.59 1.64 -55.73
CA PRO I 553 4.98 2.49 -56.88
C PRO I 553 4.95 1.72 -58.18
N LEU I 554 3.74 1.42 -58.63
CA LEU I 554 3.55 0.61 -59.84
C LEU I 554 4.01 1.39 -61.06
N SER I 555 4.86 0.75 -61.87
CA SER I 555 5.23 1.30 -63.18
C SER I 555 4.09 1.02 -64.15
N CYS I 556 3.36 2.08 -64.51
CA CYS I 556 2.19 1.92 -65.36
C CYS I 556 2.56 1.35 -66.72
N CYS I 557 1.89 0.27 -67.10
CA CYS I 557 2.06 -0.43 -68.38
C CYS I 557 3.47 -0.97 -68.57
N GLY I 558 4.30 -0.98 -67.52
CA GLY I 558 5.66 -1.47 -67.64
C GLY I 558 5.79 -2.96 -67.41
N ASN I 559 4.85 -3.53 -66.65
CA ASN I 559 4.87 -4.95 -66.31
C ASN I 559 4.00 -5.80 -67.22
N GLY I 560 2.74 -5.42 -67.40
CA GLY I 560 1.85 -6.13 -68.31
C GLY I 560 1.03 -7.26 -67.73
N TRP I 561 1.69 -8.21 -67.06
CA TRP I 561 0.98 -9.36 -66.51
C TRP I 561 -0.08 -8.95 -65.50
N LEU I 562 0.19 -7.89 -64.73
CA LEU I 562 -0.77 -7.42 -63.75
C LEU I 562 -2.05 -6.92 -64.40
N ALA I 563 -1.94 -6.31 -65.59
CA ALA I 563 -3.13 -5.85 -66.29
C ALA I 563 -3.94 -7.02 -66.83
N ALA I 564 -3.27 -8.01 -67.42
CA ALA I 564 -3.97 -9.18 -67.96
C ALA I 564 -4.64 -9.99 -66.87
N GLN I 565 -4.04 -10.05 -65.68
CA GLN I 565 -4.63 -10.77 -64.56
C GLN I 565 -5.78 -10.01 -63.91
N LEU I 566 -5.92 -8.72 -64.19
CA LEU I 566 -6.93 -7.91 -63.53
C LEU I 566 -8.34 -8.37 -63.85
N HIS I 567 -8.53 -9.02 -65.00
CA HIS I 567 -9.85 -9.45 -65.43
C HIS I 567 -10.34 -10.63 -64.59
N GLN I 568 -9.87 -11.84 -64.89
CA GLN I 568 -10.34 -13.05 -64.26
C GLN I 568 -9.29 -13.56 -63.27
N GLY I 569 -9.72 -13.94 -62.08
CA GLY I 569 -8.84 -14.55 -61.11
C GLY I 569 -7.94 -13.58 -60.37
N ARG I 570 -8.45 -12.42 -59.99
CA ARG I 570 -7.69 -11.45 -59.22
C ARG I 570 -8.66 -10.42 -58.62
N VAL I 571 -8.12 -9.60 -57.72
CA VAL I 571 -8.92 -8.59 -57.04
C VAL I 571 -8.15 -7.28 -56.99
N ASP I 572 -8.65 -6.32 -56.22
CA ASP I 572 -8.00 -5.02 -56.06
C ASP I 572 -7.01 -5.03 -54.90
N HIS J 1 78.41 -22.67 43.75
CA HIS J 1 77.89 -23.37 42.59
C HIS J 1 78.03 -22.49 41.33
N GLN J 2 78.72 -23.02 40.33
CA GLN J 2 78.94 -22.28 39.09
C GLN J 2 77.63 -22.08 38.34
N ASP J 3 77.54 -20.98 37.61
CA ASP J 3 76.33 -20.66 36.87
C ASP J 3 76.14 -21.61 35.68
N LYS J 4 74.88 -21.68 35.24
CA LYS J 4 74.41 -22.65 34.26
C LYS J 4 73.09 -22.11 33.71
N VAL J 5 72.75 -22.50 32.49
CA VAL J 5 71.47 -22.07 31.93
C VAL J 5 70.38 -22.68 32.80
N PRO J 6 69.53 -21.85 33.41
CA PRO J 6 68.63 -22.30 34.51
C PRO J 6 67.34 -22.97 34.05
N CYS J 7 67.46 -24.18 33.52
CA CYS J 7 66.26 -24.97 33.24
C CYS J 7 65.85 -25.71 34.50
N LYS J 8 64.54 -25.73 34.75
CA LYS J 8 63.98 -26.44 35.90
C LYS J 8 63.92 -27.93 35.56
N MET J 9 64.73 -28.74 36.22
CA MET J 9 64.80 -30.16 35.94
C MET J 9 63.87 -30.94 36.86
N VAL J 10 63.13 -31.87 36.26
CA VAL J 10 62.30 -32.84 36.97
C VAL J 10 62.62 -34.20 36.36
N ASP J 11 62.07 -35.25 36.97
CA ASP J 11 62.33 -36.61 36.50
C ASP J 11 61.97 -36.74 35.02
N LYS J 12 62.99 -36.73 34.17
CA LYS J 12 62.83 -36.83 32.71
C LYS J 12 61.93 -35.73 32.15
N LYS J 13 61.90 -34.58 32.85
CA LYS J 13 61.09 -33.43 32.44
C LYS J 13 61.94 -32.17 32.61
N VAL J 14 62.29 -31.55 31.49
CA VAL J 14 63.13 -30.34 31.49
C VAL J 14 62.31 -29.18 30.98
N SER J 15 62.30 -28.08 31.74
CA SER J 15 61.52 -26.89 31.43
C SER J 15 62.49 -25.73 31.26
N CYS J 16 62.82 -25.41 30.01
CA CYS J 16 63.68 -24.29 29.68
C CYS J 16 62.91 -23.10 29.14
N GLN J 17 61.61 -23.03 29.41
CA GLN J 17 60.77 -22.01 28.79
C GLN J 17 61.02 -20.63 29.38
N VAL J 18 60.84 -19.61 28.54
CA VAL J 18 60.92 -18.20 28.91
C VAL J 18 62.24 -17.91 29.61
N LEU J 19 63.34 -18.40 29.05
CA LEU J 19 64.68 -18.14 29.57
C LEU J 19 65.53 -17.30 28.64
N GLY J 20 64.97 -16.83 27.52
CA GLY J 20 65.75 -16.03 26.59
C GLY J 20 66.84 -16.78 25.87
N LEU J 21 66.69 -18.09 25.73
CA LEU J 21 67.72 -18.91 25.09
C LEU J 21 67.79 -18.61 23.60
N LEU J 22 69.01 -18.55 23.07
CA LEU J 22 69.23 -18.33 21.65
C LEU J 22 69.37 -19.64 20.88
N GLN J 23 69.82 -20.71 21.52
CA GLN J 23 70.03 -22.00 20.87
C GLN J 23 69.51 -23.12 21.75
N VAL J 24 69.29 -24.27 21.14
CA VAL J 24 68.84 -25.45 21.88
C VAL J 24 69.95 -25.90 22.84
N PRO J 25 69.66 -26.09 24.12
CA PRO J 25 70.72 -26.51 25.05
C PRO J 25 71.26 -27.88 24.71
N SER J 26 72.56 -28.06 24.93
CA SER J 26 73.23 -29.33 24.73
C SER J 26 73.68 -29.97 26.04
N VAL J 27 73.41 -29.34 27.18
CA VAL J 27 73.81 -29.86 28.48
C VAL J 27 72.66 -30.53 29.21
N LEU J 28 71.55 -30.79 28.53
CA LEU J 28 70.42 -31.45 29.18
C LEU J 28 70.65 -32.95 29.27
N PRO J 29 70.06 -33.61 30.27
CA PRO J 29 70.29 -35.04 30.45
C PRO J 29 69.76 -35.84 29.28
N PRO J 30 70.44 -36.93 28.91
CA PRO J 30 69.98 -37.73 27.76
C PRO J 30 68.67 -38.44 28.00
N ASP J 31 68.34 -38.81 29.23
CA ASP J 31 67.12 -39.54 29.51
C ASP J 31 65.86 -38.66 29.51
N THR J 32 66.00 -37.40 29.12
CA THR J 32 64.86 -36.49 29.09
C THR J 32 63.78 -36.99 28.16
N GLU J 33 62.53 -36.97 28.63
CA GLU J 33 61.39 -37.36 27.81
C GLU J 33 60.48 -36.19 27.45
N THR J 34 60.51 -35.10 28.20
CA THR J 34 59.66 -33.94 27.94
C THR J 34 60.54 -32.69 28.04
N LEU J 35 60.63 -31.94 26.94
CA LEU J 35 61.44 -30.73 26.87
C LEU J 35 60.57 -29.56 26.44
N ASP J 36 60.63 -28.47 27.19
CA ASP J 36 59.84 -27.27 26.93
C ASP J 36 60.79 -26.11 26.68
N LEU J 37 60.97 -25.77 25.40
CA LEU J 37 61.81 -24.65 24.99
C LEU J 37 60.98 -23.49 24.47
N SER J 38 59.76 -23.36 24.95
CA SER J 38 58.85 -22.32 24.47
C SER J 38 59.26 -20.94 25.01
N GLY J 39 58.86 -19.90 24.27
CA GLY J 39 59.05 -18.55 24.75
C GLY J 39 60.49 -18.08 24.77
N ASN J 40 61.34 -18.63 23.93
CA ASN J 40 62.72 -18.19 23.79
C ASN J 40 62.93 -17.57 22.41
N GLN J 41 64.16 -17.14 22.15
CA GLN J 41 64.51 -16.55 20.85
C GLN J 41 65.24 -17.54 19.96
N LEU J 42 64.80 -18.80 19.94
CA LEU J 42 65.40 -19.79 19.05
C LEU J 42 65.05 -19.44 17.61
N ARG J 43 66.07 -19.23 16.78
CA ARG J 43 65.86 -18.88 15.38
C ARG J 43 66.07 -20.04 14.42
N SER J 44 66.60 -21.17 14.90
CA SER J 44 66.82 -22.32 14.04
C SER J 44 66.94 -23.58 14.90
N ILE J 45 66.54 -24.70 14.33
CA ILE J 45 66.60 -25.99 15.00
C ILE J 45 67.53 -26.87 14.19
N LEU J 46 68.79 -26.97 14.62
CA LEU J 46 69.75 -27.86 14.00
C LEU J 46 69.64 -29.26 14.60
N ALA J 47 70.07 -30.26 13.82
CA ALA J 47 70.05 -31.64 14.28
C ALA J 47 71.17 -31.94 15.26
N SER J 48 72.24 -31.14 15.27
CA SER J 48 73.41 -31.46 16.08
C SER J 48 73.11 -31.43 17.58
N PRO J 49 72.49 -30.38 18.15
CA PRO J 49 72.23 -30.39 19.60
C PRO J 49 71.05 -31.26 19.98
N LEU J 50 70.00 -31.25 19.15
CA LEU J 50 68.74 -31.87 19.54
C LEU J 50 68.80 -33.39 19.49
N GLY J 51 69.54 -33.94 18.52
CA GLY J 51 69.58 -35.38 18.32
C GLY J 51 70.11 -36.18 19.50
N PHE J 52 70.73 -35.51 20.49
CA PHE J 52 71.26 -36.21 21.64
C PHE J 52 70.18 -36.72 22.59
N TYR J 53 68.96 -36.17 22.50
CA TYR J 53 67.87 -36.55 23.40
C TYR J 53 66.94 -37.51 22.66
N THR J 54 67.39 -38.76 22.56
CA THR J 54 66.62 -39.80 21.87
C THR J 54 65.43 -40.29 22.67
N ALA J 55 65.31 -39.93 23.95
CA ALA J 55 64.20 -40.34 24.78
C ALA J 55 63.03 -39.38 24.74
N LEU J 56 63.10 -38.31 23.94
CA LEU J 56 62.05 -37.30 23.93
C LEU J 56 60.73 -37.89 23.45
N ARG J 57 59.65 -37.48 24.11
CA ARG J 57 58.31 -37.86 23.71
C ARG J 57 57.43 -36.62 23.54
N HIS J 58 57.75 -35.57 24.29
CA HIS J 58 57.01 -34.31 24.25
C HIS J 58 58.00 -33.17 24.08
N LEU J 59 57.92 -32.48 22.93
CA LEU J 59 58.83 -31.40 22.59
C LEU J 59 58.02 -30.16 22.26
N ASP J 60 58.21 -29.08 23.03
CA ASP J 60 57.50 -27.84 22.84
C ASP J 60 58.48 -26.75 22.41
N LEU J 61 58.36 -26.31 21.16
CA LEU J 61 59.18 -25.24 20.60
C LEU J 61 58.34 -24.03 20.22
N SER J 62 57.24 -23.81 20.94
CA SER J 62 56.29 -22.77 20.58
C SER J 62 56.80 -21.39 20.99
N THR J 63 56.27 -20.37 20.33
CA THR J 63 56.54 -18.97 20.65
C THR J 63 58.04 -18.66 20.61
N ASN J 64 58.69 -19.06 19.52
CA ASN J 64 60.08 -18.70 19.28
C ASN J 64 60.19 -17.97 17.95
N GLU J 65 61.41 -17.91 17.38
CA GLU J 65 61.64 -17.28 16.09
C GLU J 65 62.22 -18.26 15.09
N ILE J 66 61.87 -19.53 15.21
CA ILE J 66 62.47 -20.59 14.40
C ILE J 66 62.07 -20.39 12.94
N SER J 67 63.08 -20.16 12.09
CA SER J 67 62.86 -20.04 10.65
C SER J 67 63.59 -21.08 9.83
N PHE J 68 64.51 -21.84 10.44
CA PHE J 68 65.27 -22.87 9.75
C PHE J 68 65.10 -24.19 10.48
N LEU J 69 64.93 -25.27 9.70
CA LEU J 69 64.81 -26.62 10.23
C LEU J 69 65.76 -27.52 9.43
N GLN J 70 66.78 -28.05 10.10
CA GLN J 70 67.69 -28.98 9.44
C GLN J 70 66.94 -30.24 9.06
N PRO J 71 67.14 -30.77 7.85
CA PRO J 71 66.25 -31.82 7.34
C PRO J 71 66.15 -33.05 8.23
N GLY J 72 67.20 -33.43 8.94
CA GLY J 72 67.15 -34.63 9.75
C GLY J 72 66.91 -34.41 11.23
N ALA J 73 66.46 -33.21 11.60
CA ALA J 73 66.40 -32.84 13.01
C ALA J 73 65.41 -33.70 13.78
N PHE J 74 64.15 -33.72 13.36
CA PHE J 74 63.12 -34.40 14.13
C PHE J 74 63.05 -35.90 13.83
N GLN J 75 63.65 -36.35 12.73
CA GLN J 75 63.63 -37.78 12.44
C GLN J 75 64.46 -38.59 13.44
N ALA J 76 65.44 -37.95 14.10
CA ALA J 76 66.23 -38.65 15.10
C ALA J 76 65.43 -38.98 16.36
N LEU J 77 64.35 -38.25 16.62
CA LEU J 77 63.53 -38.47 17.80
C LEU J 77 62.49 -39.54 17.48
N THR J 78 62.93 -40.80 17.59
CA THR J 78 62.10 -41.94 17.20
C THR J 78 60.95 -42.19 18.16
N HIS J 79 61.00 -41.63 19.38
CA HIS J 79 59.94 -41.81 20.37
C HIS J 79 59.06 -40.56 20.51
N LEU J 80 59.23 -39.57 19.64
CA LEU J 80 58.49 -38.32 19.77
C LEU J 80 57.00 -38.54 19.53
N GLU J 81 56.18 -38.00 20.43
CA GLU J 81 54.73 -38.13 20.36
C GLU J 81 54.01 -36.81 20.17
N HIS J 82 54.46 -35.76 20.85
CA HIS J 82 53.88 -34.42 20.71
C HIS J 82 54.97 -33.44 20.32
N LEU J 83 54.72 -32.68 19.25
CA LEU J 83 55.62 -31.65 18.79
C LEU J 83 54.84 -30.36 18.58
N SER J 84 55.30 -29.27 19.19
CA SER J 84 54.65 -27.97 19.08
C SER J 84 55.64 -26.98 18.49
N LEU J 85 55.38 -26.55 17.25
CA LEU J 85 56.14 -25.50 16.59
C LEU J 85 55.32 -24.23 16.41
N ALA J 86 54.29 -24.05 17.23
CA ALA J 86 53.38 -22.93 17.07
C ALA J 86 54.10 -21.60 17.30
N HIS J 87 53.64 -20.57 16.58
CA HIS J 87 54.16 -19.21 16.71
C HIS J 87 55.67 -19.17 16.46
N ASN J 88 56.02 -19.44 15.21
CA ASN J 88 57.39 -19.39 14.74
C ASN J 88 57.38 -18.88 13.29
N ARG J 89 58.57 -18.63 12.77
CA ARG J 89 58.72 -18.13 11.41
C ARG J 89 58.93 -19.27 10.41
N LEU J 90 58.09 -20.30 10.49
CA LEU J 90 58.25 -21.50 9.68
C LEU J 90 57.73 -21.34 8.25
N ALA J 91 57.14 -20.20 7.90
CA ALA J 91 56.67 -20.01 6.53
C ALA J 91 57.83 -20.02 5.54
N MET J 92 59.00 -19.55 5.98
CA MET J 92 60.19 -19.47 5.14
C MET J 92 61.12 -20.66 5.35
N ALA J 93 60.67 -21.70 6.05
CA ALA J 93 61.53 -22.85 6.31
C ALA J 93 61.84 -23.62 5.03
N THR J 94 60.87 -23.72 4.13
CA THR J 94 61.07 -24.48 2.90
C THR J 94 62.07 -23.79 1.97
N ALA J 95 62.10 -22.46 1.97
CA ALA J 95 63.03 -21.74 1.11
C ALA J 95 64.47 -21.91 1.55
N LEU J 96 64.71 -22.24 2.81
CA LEU J 96 66.08 -22.40 3.32
C LEU J 96 66.57 -23.84 3.23
N SER J 97 65.68 -24.81 3.43
CA SER J 97 66.07 -26.22 3.42
C SER J 97 65.03 -27.03 2.67
N ALA J 98 65.51 -28.00 1.89
CA ALA J 98 64.64 -28.83 1.05
C ALA J 98 64.13 -30.03 1.82
N GLY J 99 62.99 -30.55 1.37
CA GLY J 99 62.33 -31.67 1.99
C GLY J 99 61.29 -31.31 3.01
N GLY J 100 61.34 -30.11 3.59
CA GLY J 100 60.39 -29.72 4.60
C GLY J 100 60.54 -30.58 5.84
N LEU J 101 59.45 -30.66 6.60
CA LEU J 101 59.40 -31.58 7.73
C LEU J 101 59.46 -33.02 7.22
N GLY J 102 60.20 -33.86 7.94
CA GLY J 102 60.36 -35.23 7.54
C GLY J 102 59.22 -36.09 8.05
N PRO J 103 59.32 -37.40 7.85
CA PRO J 103 58.31 -38.30 8.42
C PRO J 103 58.34 -38.31 9.93
N LEU J 104 57.16 -38.38 10.53
CA LEU J 104 56.99 -38.42 11.97
C LEU J 104 56.14 -39.65 12.30
N PRO J 105 56.76 -40.82 12.40
CA PRO J 105 55.97 -42.06 12.53
C PRO J 105 55.17 -42.16 13.81
N ARG J 106 55.66 -41.59 14.91
CA ARG J 106 55.02 -41.78 16.22
C ARG J 106 54.39 -40.51 16.77
N VAL J 107 54.47 -39.38 16.06
CA VAL J 107 53.89 -38.14 16.53
C VAL J 107 52.36 -38.23 16.42
N THR J 108 51.67 -38.03 17.54
CA THR J 108 50.22 -38.10 17.57
C THR J 108 49.54 -36.74 17.50
N SER J 109 50.17 -35.70 18.06
CA SER J 109 49.60 -34.35 18.07
C SER J 109 50.66 -33.36 17.58
N LEU J 110 50.32 -32.61 16.55
CA LEU J 110 51.22 -31.63 15.95
C LEU J 110 50.55 -30.28 15.95
N ASP J 111 51.29 -29.25 16.38
CA ASP J 111 50.80 -27.88 16.42
C ASP J 111 51.71 -27.03 15.54
N LEU J 112 51.16 -26.49 14.45
CA LEU J 112 51.89 -25.63 13.53
C LEU J 112 51.21 -24.27 13.39
N SER J 113 50.49 -23.85 14.43
CA SER J 113 49.69 -22.65 14.39
C SER J 113 50.57 -21.39 14.48
N GLY J 114 50.03 -20.29 13.96
CA GLY J 114 50.70 -19.01 14.10
C GLY J 114 52.03 -18.90 13.40
N ASN J 115 52.20 -19.59 12.28
CA ASN J 115 53.46 -19.56 11.52
C ASN J 115 53.31 -18.84 10.19
N SER J 116 52.22 -18.09 10.00
CA SER J 116 51.95 -17.36 8.75
C SER J 116 52.14 -18.28 7.54
N LEU J 117 51.69 -19.52 7.69
CA LEU J 117 51.84 -20.50 6.61
C LEU J 117 50.97 -20.12 5.42
N TYR J 118 51.44 -20.48 4.23
CA TYR J 118 50.83 -20.07 2.99
C TYR J 118 50.43 -21.32 2.21
N SER J 119 49.44 -21.17 1.34
CA SER J 119 49.02 -22.29 0.52
C SER J 119 50.13 -22.65 -0.46
N GLY J 120 50.53 -23.92 -0.46
CA GLY J 120 51.68 -24.33 -1.23
C GLY J 120 52.88 -24.52 -0.33
N LEU J 121 53.17 -23.51 0.47
CA LEU J 121 54.22 -23.65 1.48
C LEU J 121 53.80 -24.64 2.55
N LEU J 122 52.50 -24.67 2.89
CA LEU J 122 52.00 -25.67 3.82
C LEU J 122 52.20 -27.08 3.27
N GLU J 123 51.85 -27.28 2.00
CA GLU J 123 52.00 -28.60 1.38
C GLU J 123 53.47 -29.00 1.27
N ARG J 124 54.37 -28.04 1.09
CA ARG J 124 55.79 -28.34 1.08
C ARG J 124 56.27 -28.76 2.46
N LEU J 125 55.80 -28.07 3.50
CA LEU J 125 56.33 -28.30 4.84
C LEU J 125 55.80 -29.61 5.43
N LEU J 126 54.50 -29.88 5.25
CA LEU J 126 53.91 -31.04 5.88
C LEU J 126 54.53 -32.33 5.37
N GLY J 127 54.79 -33.26 6.29
CA GLY J 127 55.30 -34.57 5.96
C GLY J 127 54.35 -35.67 6.40
N GLU J 128 54.73 -36.89 6.06
CA GLU J 128 53.92 -38.05 6.40
C GLU J 128 53.88 -38.27 7.91
N ALA J 129 52.69 -38.55 8.42
CA ALA J 129 52.47 -38.75 9.85
C ALA J 129 51.43 -39.85 10.04
N PRO J 130 51.86 -41.10 10.08
CA PRO J 130 50.88 -42.21 10.17
C PRO J 130 50.11 -42.23 11.47
N SER J 131 50.68 -41.72 12.56
CA SER J 131 50.04 -41.78 13.87
C SER J 131 49.39 -40.47 14.28
N LEU J 132 49.42 -39.45 13.43
CA LEU J 132 48.87 -38.15 13.78
C LEU J 132 47.35 -38.23 13.92
N HIS J 133 46.84 -37.69 15.02
CA HIS J 133 45.40 -37.63 15.27
C HIS J 133 44.88 -36.22 15.50
N THR J 134 45.72 -35.29 15.94
CA THR J 134 45.34 -33.90 16.14
C THR J 134 46.34 -33.00 15.43
N LEU J 135 45.84 -32.14 14.55
CA LEU J 135 46.65 -31.19 13.81
C LEU J 135 46.03 -29.80 13.92
N SER J 136 46.89 -28.80 14.17
CA SER J 136 46.46 -27.41 14.30
C SER J 136 47.24 -26.56 13.32
N LEU J 137 46.52 -25.93 12.38
CA LEU J 137 47.10 -24.99 11.44
C LEU J 137 46.45 -23.61 11.59
N ALA J 138 46.00 -23.31 12.80
CA ALA J 138 45.29 -22.07 13.05
C ALA J 138 46.24 -20.87 13.01
N GLU J 139 45.64 -19.68 12.88
CA GLU J 139 46.38 -18.43 12.90
C GLU J 139 47.48 -18.41 11.83
N ASN J 140 47.16 -18.92 10.65
CA ASN J 140 48.05 -18.88 9.50
C ASN J 140 47.40 -18.04 8.41
N SER J 141 47.97 -18.12 7.21
CA SER J 141 47.48 -17.36 6.06
C SER J 141 47.02 -18.29 4.95
N LEU J 142 46.34 -19.37 5.31
CA LEU J 142 45.86 -20.34 4.33
C LEU J 142 44.63 -19.78 3.62
N THR J 143 44.72 -19.63 2.30
CA THR J 143 43.62 -19.11 1.51
C THR J 143 42.73 -20.19 0.92
N ARG J 144 43.24 -21.42 0.77
CA ARG J 144 42.49 -22.46 0.10
C ARG J 144 42.94 -23.83 0.60
N LEU J 145 42.07 -24.82 0.39
CA LEU J 145 42.36 -26.21 0.69
C LEU J 145 42.16 -27.00 -0.60
N THR J 146 43.22 -27.65 -1.06
CA THR J 146 43.19 -28.43 -2.30
C THR J 146 42.99 -29.91 -1.99
N ARG J 147 42.78 -30.68 -3.06
CA ARG J 147 42.66 -32.12 -2.94
C ARG J 147 43.96 -32.78 -2.48
N HIS J 148 45.10 -32.10 -2.68
CA HIS J 148 46.41 -32.61 -2.28
C HIS J 148 46.98 -31.86 -1.08
N THR J 149 46.12 -31.31 -0.22
CA THR J 149 46.62 -30.52 0.90
C THR J 149 47.01 -31.40 2.08
N PHE J 150 46.07 -32.22 2.56
CA PHE J 150 46.29 -33.08 3.74
C PHE J 150 46.49 -34.51 3.27
N ARG J 151 47.74 -34.85 2.95
CA ARG J 151 48.10 -36.18 2.49
C ARG J 151 49.00 -36.88 3.50
N ASP J 152 48.99 -38.21 3.43
CA ASP J 152 49.87 -39.07 4.22
C ASP J 152 49.66 -38.94 5.72
N MET J 153 48.43 -38.65 6.14
CA MET J 153 48.04 -38.69 7.55
C MET J 153 46.65 -39.30 7.68
N PRO J 154 46.52 -40.60 7.41
CA PRO J 154 45.18 -41.21 7.41
C PRO J 154 44.53 -41.27 8.78
N ALA J 155 45.32 -41.32 9.85
CA ALA J 155 44.77 -41.46 11.20
C ALA J 155 44.26 -40.15 11.77
N LEU J 156 44.39 -39.05 11.04
CA LEU J 156 43.97 -37.74 11.56
C LEU J 156 42.47 -37.74 11.86
N GLU J 157 42.12 -37.27 13.05
CA GLU J 157 40.71 -37.16 13.44
C GLU J 157 40.30 -35.79 13.94
N GLN J 158 41.23 -34.92 14.31
CA GLN J 158 40.92 -33.54 14.69
C GLN J 158 41.82 -32.61 13.92
N LEU J 159 41.20 -31.64 13.24
CA LEU J 159 41.92 -30.67 12.42
C LEU J 159 41.39 -29.28 12.74
N ASP J 160 42.27 -28.40 13.18
CA ASP J 160 41.92 -27.03 13.56
C ASP J 160 42.48 -26.08 12.51
N LEU J 161 41.59 -25.32 11.87
CA LEU J 161 41.98 -24.38 10.82
C LEU J 161 41.39 -23.00 11.06
N HIS J 162 41.16 -22.65 12.33
CA HIS J 162 40.52 -21.37 12.62
C HIS J 162 41.52 -20.23 12.45
N SER J 163 40.97 -19.01 12.33
CA SER J 163 41.76 -17.80 12.16
C SER J 163 42.68 -17.88 10.94
N ASN J 164 42.09 -18.21 9.79
CA ASN J 164 42.80 -18.19 8.53
C ASN J 164 42.05 -17.32 7.53
N VAL J 165 42.47 -17.36 6.26
CA VAL J 165 41.81 -16.60 5.21
C VAL J 165 41.25 -17.56 4.16
N LEU J 166 40.81 -18.74 4.61
CA LEU J 166 40.30 -19.76 3.71
C LEU J 166 39.06 -19.26 2.97
N MET J 167 39.04 -19.44 1.65
CA MET J 167 37.94 -18.98 0.82
C MET J 167 37.41 -20.10 -0.08
N ASP J 168 38.29 -21.03 -0.45
CA ASP J 168 37.95 -22.10 -1.38
C ASP J 168 38.39 -23.44 -0.82
N ILE J 169 37.50 -24.43 -0.89
CA ILE J 169 37.77 -25.80 -0.48
C ILE J 169 37.41 -26.72 -1.64
N GLU J 170 38.40 -27.45 -2.14
CA GLU J 170 38.16 -28.35 -3.26
C GLU J 170 37.33 -29.55 -2.80
N ASP J 171 36.71 -30.23 -3.78
CA ASP J 171 35.76 -31.29 -3.47
C ASP J 171 36.42 -32.41 -2.67
N GLY J 172 37.57 -32.90 -3.13
CA GLY J 172 38.22 -34.02 -2.48
C GLY J 172 39.27 -33.62 -1.46
N ALA J 173 39.11 -32.43 -0.88
CA ALA J 173 40.12 -31.91 0.04
C ALA J 173 40.27 -32.77 1.29
N PHE J 174 39.21 -33.43 1.72
CA PHE J 174 39.22 -34.23 2.93
C PHE J 174 39.16 -35.73 2.65
N GLU J 175 39.36 -36.16 1.40
CA GLU J 175 39.29 -37.58 1.08
C GLU J 175 40.38 -38.38 1.78
N GLY J 176 41.51 -37.74 2.09
CA GLY J 176 42.60 -38.42 2.75
C GLY J 176 42.49 -38.53 4.25
N LEU J 177 41.40 -38.06 4.85
CA LEU J 177 41.19 -38.09 6.29
C LEU J 177 39.83 -38.73 6.58
N PRO J 178 39.69 -40.04 6.35
CA PRO J 178 38.37 -40.66 6.53
C PRO J 178 37.90 -40.71 7.97
N ARG J 179 38.82 -40.72 8.95
CA ARG J 179 38.45 -40.84 10.35
C ARG J 179 38.24 -39.48 11.03
N LEU J 180 38.23 -38.40 10.26
CA LEU J 180 38.11 -37.07 10.85
C LEU J 180 36.78 -36.92 11.60
N THR J 181 36.86 -36.37 12.80
CA THR J 181 35.66 -36.23 13.65
C THR J 181 35.44 -34.78 14.08
N HIS J 182 36.51 -34.01 14.20
CA HIS J 182 36.43 -32.62 14.62
C HIS J 182 37.13 -31.73 13.61
N LEU J 183 36.39 -30.78 13.04
CA LEU J 183 36.94 -29.84 12.07
C LEU J 183 36.48 -28.44 12.46
N ASN J 184 37.45 -27.54 12.64
CA ASN J 184 37.19 -26.18 13.09
C ASN J 184 37.63 -25.21 12.01
N LEU J 185 36.67 -24.49 11.43
CA LEU J 185 36.93 -23.47 10.42
C LEU J 185 36.43 -22.10 10.88
N SER J 186 36.41 -21.86 12.19
CA SER J 186 35.94 -20.60 12.71
C SER J 186 36.86 -19.46 12.29
N ARG J 187 36.28 -18.27 12.17
CA ARG J 187 37.02 -17.08 11.76
C ARG J 187 37.78 -17.34 10.47
N ASN J 188 37.04 -17.38 9.37
CA ASN J 188 37.59 -17.59 8.04
C ASN J 188 36.76 -16.78 7.05
N SER J 189 37.12 -16.90 5.78
CA SER J 189 36.50 -16.13 4.71
C SER J 189 35.67 -17.02 3.78
N LEU J 190 35.09 -18.09 4.29
CA LEU J 190 34.19 -18.90 3.51
C LEU J 190 32.91 -18.13 3.21
N THR J 191 32.43 -18.25 1.98
CA THR J 191 31.27 -17.49 1.53
C THR J 191 30.08 -18.35 1.13
N CYS J 192 30.29 -19.60 0.73
CA CYS J 192 29.21 -20.41 0.22
C CYS J 192 29.63 -21.87 0.28
N ILE J 193 28.78 -22.70 0.87
CA ILE J 193 29.02 -24.14 1.02
C ILE J 193 28.04 -24.87 0.12
N SER J 194 28.54 -25.54 -0.91
CA SER J 194 27.69 -26.22 -1.87
C SER J 194 27.43 -27.68 -1.54
N ASP J 195 28.30 -28.30 -0.75
CA ASP J 195 28.21 -29.73 -0.50
C ASP J 195 28.79 -30.04 0.88
N PHE J 196 28.31 -31.12 1.48
CA PHE J 196 28.85 -31.65 2.73
C PHE J 196 28.89 -33.17 2.62
N SER J 197 30.10 -33.73 2.49
CA SER J 197 30.28 -35.15 2.23
C SER J 197 31.15 -35.83 3.28
N LEU J 198 31.34 -35.22 4.44
CA LEU J 198 32.22 -35.75 5.48
C LEU J 198 31.40 -36.71 6.34
N GLN J 199 31.53 -38.01 6.06
CA GLN J 199 30.65 -39.00 6.67
C GLN J 199 30.91 -39.19 8.16
N GLN J 200 32.17 -39.43 8.54
CA GLN J 200 32.49 -39.75 9.93
C GLN J 200 32.59 -38.52 10.82
N LEU J 201 32.45 -37.32 10.26
CA LEU J 201 32.64 -36.09 11.03
C LEU J 201 31.52 -35.93 12.05
N ARG J 202 31.87 -35.45 13.24
CA ARG J 202 30.92 -35.27 14.34
C ARG J 202 30.78 -33.82 14.79
N VAL J 203 31.86 -33.05 14.80
CA VAL J 203 31.83 -31.65 15.22
C VAL J 203 32.35 -30.80 14.09
N LEU J 204 31.58 -29.77 13.73
CA LEU J 204 31.94 -28.86 12.64
C LEU J 204 31.65 -27.44 13.08
N ASP J 205 32.68 -26.59 13.05
CA ASP J 205 32.57 -25.19 13.45
C ASP J 205 32.81 -24.33 12.23
N LEU J 206 31.74 -23.71 11.72
CA LEU J 206 31.81 -22.78 10.60
C LEU J 206 31.46 -21.35 11.04
N SER J 207 31.65 -21.04 12.31
CA SER J 207 31.29 -19.74 12.84
C SER J 207 32.21 -18.64 12.29
N CYS J 208 31.70 -17.42 12.33
CA CYS J 208 32.47 -16.22 11.97
C CYS J 208 33.08 -16.34 10.57
N ASN J 209 32.22 -16.63 9.60
CA ASN J 209 32.60 -16.60 8.20
C ASN J 209 31.69 -15.63 7.46
N SER J 210 31.61 -15.75 6.14
CA SER J 210 30.66 -15.01 5.33
C SER J 210 29.77 -15.96 4.54
N ILE J 211 29.46 -17.11 5.14
CA ILE J 211 28.71 -18.17 4.46
C ILE J 211 27.29 -17.70 4.19
N GLU J 212 27.04 -17.26 2.96
CA GLU J 212 25.70 -16.81 2.59
C GLU J 212 24.75 -17.99 2.38
N ALA J 213 25.28 -19.15 1.99
CA ALA J 213 24.46 -20.30 1.70
C ALA J 213 25.18 -21.57 2.15
N PHE J 214 24.44 -22.47 2.80
CA PHE J 214 24.96 -23.73 3.27
C PHE J 214 24.05 -24.84 2.77
N GLN J 215 24.65 -25.83 2.12
CA GLN J 215 23.89 -26.92 1.52
C GLN J 215 24.62 -28.24 1.73
N THR J 216 23.88 -29.26 2.13
CA THR J 216 24.40 -30.60 2.26
C THR J 216 24.07 -31.39 1.01
N ALA J 217 24.76 -32.51 0.84
CA ALA J 217 24.42 -33.40 -0.27
C ALA J 217 23.03 -33.97 -0.07
N SER J 218 22.26 -34.04 -1.14
CA SER J 218 20.89 -34.48 -1.07
C SER J 218 20.83 -35.97 -1.38
N GLN J 219 19.93 -36.67 -0.68
CA GLN J 219 19.80 -38.12 -0.80
C GLN J 219 21.19 -38.73 -0.58
N PRO J 220 21.71 -38.71 0.65
CA PRO J 220 23.08 -39.18 0.84
C PRO J 220 23.20 -40.68 0.70
N GLN J 221 24.38 -41.13 0.27
CA GLN J 221 24.64 -42.55 0.13
C GLN J 221 24.67 -43.25 1.49
N ALA J 222 25.28 -42.61 2.48
CA ALA J 222 25.33 -43.14 3.83
C ALA J 222 24.98 -42.04 4.82
N GLU J 223 24.59 -42.45 6.03
CA GLU J 223 24.16 -41.51 7.05
C GLU J 223 25.36 -40.74 7.59
N PHE J 224 25.29 -39.41 7.53
CA PHE J 224 26.34 -38.57 8.10
C PHE J 224 26.26 -38.58 9.63
N GLN J 225 27.43 -38.64 10.27
CA GLN J 225 27.52 -38.74 11.72
C GLN J 225 27.57 -37.38 12.42
N LEU J 226 27.35 -36.29 11.68
CA LEU J 226 27.46 -34.96 12.27
C LEU J 226 26.43 -34.76 13.37
N THR J 227 26.89 -34.27 14.53
CA THR J 227 26.02 -34.01 15.66
C THR J 227 26.14 -32.60 16.22
N TRP J 228 27.08 -31.79 15.74
CA TRP J 228 27.31 -30.45 16.27
C TRP J 228 27.70 -29.54 15.10
N LEU J 229 26.80 -28.64 14.72
CA LEU J 229 27.03 -27.73 13.61
C LEU J 229 26.84 -26.30 14.07
N ASP J 230 27.82 -25.45 13.78
CA ASP J 230 27.81 -24.04 14.19
C ASP J 230 27.94 -23.17 12.96
N LEU J 231 26.95 -22.31 12.73
CA LEU J 231 26.96 -21.35 11.63
C LEU J 231 26.66 -19.95 12.15
N ARG J 232 27.03 -19.68 13.39
CA ARG J 232 26.73 -18.39 13.98
C ARG J 232 27.58 -17.29 13.33
N GLU J 233 27.08 -16.06 13.42
CA GLU J 233 27.81 -14.87 12.99
C GLU J 233 28.29 -15.02 11.55
N ASN J 234 27.36 -15.44 10.69
CA ASN J 234 27.64 -15.62 9.28
C ASN J 234 26.82 -14.64 8.45
N LYS J 235 26.51 -15.02 7.21
CA LYS J 235 25.70 -14.21 6.31
C LYS J 235 24.59 -15.03 5.66
N LEU J 236 24.12 -16.07 6.36
CA LEU J 236 23.11 -16.96 5.82
C LEU J 236 21.79 -16.23 5.60
N LEU J 237 21.13 -16.54 4.48
CA LEU J 237 19.83 -15.96 4.16
C LEU J 237 18.68 -16.96 4.30
N HIS J 238 18.98 -18.25 4.43
CA HIS J 238 17.95 -19.29 4.42
C HIS J 238 18.31 -20.36 5.44
N PHE J 239 17.28 -21.04 5.93
CA PHE J 239 17.48 -22.16 6.84
C PHE J 239 18.00 -23.37 6.07
N PRO J 240 19.11 -23.97 6.50
CA PRO J 240 19.68 -25.08 5.73
C PRO J 240 18.79 -26.31 5.77
N ASP J 241 18.81 -27.05 4.66
CA ASP J 241 18.10 -28.33 4.56
C ASP J 241 18.95 -29.38 5.27
N LEU J 242 18.68 -29.60 6.55
CA LEU J 242 19.47 -30.50 7.37
C LEU J 242 18.90 -31.92 7.41
N ALA J 243 18.12 -32.30 6.39
CA ALA J 243 17.62 -33.66 6.31
C ALA J 243 18.74 -34.66 6.03
N ALA J 244 19.87 -34.21 5.52
CA ALA J 244 21.02 -35.07 5.30
C ALA J 244 21.88 -35.26 6.54
N LEU J 245 21.47 -34.71 7.69
CA LEU J 245 22.19 -34.83 8.95
C LEU J 245 21.25 -35.40 9.99
N PRO J 246 20.98 -36.71 9.95
CA PRO J 246 20.00 -37.29 10.88
C PRO J 246 20.44 -37.22 12.34
N ARG J 247 21.73 -37.33 12.61
CA ARG J 247 22.24 -37.40 13.98
C ARG J 247 22.51 -36.02 14.58
N LEU J 248 22.17 -34.95 13.88
CA LEU J 248 22.47 -33.61 14.37
C LEU J 248 21.70 -33.34 15.65
N ILE J 249 22.41 -32.81 16.66
CA ILE J 249 21.84 -32.53 17.97
C ILE J 249 21.89 -31.05 18.31
N TYR J 250 22.98 -30.38 17.92
CA TYR J 250 23.19 -28.96 18.21
C TYR J 250 23.28 -28.20 16.91
N LEU J 251 22.70 -26.99 16.89
CA LEU J 251 22.73 -26.17 15.69
C LEU J 251 22.57 -24.71 16.12
N ASN J 252 23.62 -23.91 15.91
CA ASN J 252 23.61 -22.49 16.27
C ASN J 252 23.62 -21.68 14.98
N LEU J 253 22.48 -21.06 14.65
CA LEU J 253 22.35 -20.17 13.50
C LEU J 253 22.24 -18.71 13.91
N SER J 254 22.73 -18.37 15.10
CA SER J 254 22.58 -17.01 15.62
C SER J 254 23.38 -16.01 14.78
N ASN J 255 22.87 -14.78 14.74
CA ASN J 255 23.51 -13.65 14.04
C ASN J 255 23.72 -13.98 12.55
N ASN J 256 22.59 -14.03 11.86
CA ASN J 256 22.58 -14.21 10.41
C ASN J 256 21.50 -13.30 9.84
N LEU J 257 21.10 -13.57 8.59
CA LEU J 257 20.04 -12.83 7.92
C LEU J 257 18.93 -13.78 7.48
N ILE J 258 18.73 -14.86 8.24
CA ILE J 258 17.81 -15.91 7.84
C ILE J 258 16.37 -15.40 7.88
N ARG J 259 15.62 -15.72 6.85
CA ARG J 259 14.19 -15.45 6.78
C ARG J 259 13.48 -16.74 6.42
N LEU J 260 12.32 -16.97 7.03
CA LEU J 260 11.55 -18.18 6.77
C LEU J 260 10.34 -17.86 5.91
N PRO J 261 10.16 -18.55 4.77
CA PRO J 261 9.02 -18.36 3.88
C PRO J 261 7.69 -18.60 4.55
N ILE J 271 18.12 -22.60 -3.28
CA ILE J 271 19.13 -21.87 -2.54
C ILE J 271 19.92 -20.97 -3.47
N HIS J 272 20.12 -19.73 -3.05
CA HIS J 272 20.82 -18.73 -3.85
C HIS J 272 21.74 -17.92 -2.96
N ALA J 273 22.86 -17.46 -3.53
CA ALA J 273 23.82 -16.61 -2.84
C ALA J 273 23.99 -15.34 -3.66
N PRO J 274 23.14 -14.33 -3.45
CA PRO J 274 23.16 -13.16 -4.34
C PRO J 274 24.46 -12.39 -4.34
N SER J 275 25.14 -12.31 -3.18
CA SER J 275 26.41 -11.60 -3.14
C SER J 275 27.47 -12.29 -3.99
N GLU J 276 27.40 -13.62 -4.09
CA GLU J 276 28.32 -14.41 -4.90
C GLU J 276 27.78 -14.74 -6.28
N GLY J 277 26.47 -14.92 -6.41
CA GLY J 277 25.88 -15.31 -7.67
C GLY J 277 25.68 -16.80 -7.85
N TRP J 278 25.82 -17.59 -6.79
CA TRP J 278 25.69 -19.04 -6.88
C TRP J 278 24.27 -19.48 -6.57
N SER J 279 23.77 -20.39 -7.40
CA SER J 279 22.49 -21.05 -7.22
C SER J 279 22.62 -22.47 -7.76
N ALA J 280 21.85 -23.39 -7.17
CA ALA J 280 21.95 -24.78 -7.56
C ALA J 280 20.56 -25.39 -7.75
N LEU J 281 20.53 -26.51 -8.45
CA LEU J 281 19.29 -27.19 -8.81
C LEU J 281 18.56 -27.70 -7.58
N GLN J 297 16.70 -36.71 16.92
CA GLN J 297 16.59 -35.48 16.14
C GLN J 297 17.30 -34.33 16.84
N LEU J 298 17.10 -33.12 16.32
CA LEU J 298 17.77 -31.95 16.86
C LEU J 298 17.24 -31.62 18.26
N LEU J 299 18.14 -31.21 19.15
CA LEU J 299 17.82 -30.91 20.53
C LEU J 299 17.91 -29.43 20.86
N ASN J 300 19.00 -28.77 20.51
CA ASN J 300 19.23 -27.36 20.83
C ASN J 300 19.38 -26.57 19.55
N LEU J 301 18.53 -25.56 19.37
CA LEU J 301 18.55 -24.72 18.18
C LEU J 301 18.51 -23.26 18.59
N ASP J 302 19.50 -22.49 18.14
CA ASP J 302 19.58 -21.06 18.41
C ASP J 302 19.38 -20.30 17.10
N LEU J 303 18.21 -19.69 16.94
CA LEU J 303 17.92 -18.85 15.79
C LEU J 303 17.86 -17.36 16.16
N SER J 304 18.47 -16.99 17.27
CA SER J 304 18.44 -15.60 17.72
C SER J 304 19.20 -14.71 16.74
N TYR J 305 18.90 -13.41 16.80
CA TYR J 305 19.55 -12.40 15.99
C TYR J 305 19.47 -12.75 14.50
N ASN J 306 18.25 -12.79 14.00
CA ASN J 306 17.99 -13.01 12.58
C ASN J 306 16.92 -12.03 12.13
N GLU J 307 16.38 -12.26 10.94
CA GLU J 307 15.34 -11.41 10.37
C GLU J 307 14.09 -12.21 10.07
N ILE J 308 13.77 -13.16 10.94
CA ILE J 308 12.56 -13.96 10.78
C ILE J 308 11.37 -13.11 11.18
N GLU J 309 10.47 -12.88 10.22
CA GLU J 309 9.27 -12.09 10.47
C GLU J 309 8.04 -12.95 10.74
N LEU J 310 7.98 -14.13 10.16
CA LEU J 310 6.86 -15.05 10.38
C LEU J 310 7.41 -16.47 10.34
N ILE J 311 6.86 -17.34 11.18
CA ILE J 311 7.31 -18.72 11.30
C ILE J 311 6.28 -19.61 10.60
N PRO J 312 6.65 -20.35 9.57
CA PRO J 312 5.68 -21.21 8.89
C PRO J 312 5.19 -22.33 9.79
N ASP J 313 3.96 -22.77 9.53
CA ASP J 313 3.36 -23.84 10.32
C ASP J 313 4.08 -25.17 10.10
N SER J 314 4.55 -25.40 8.87
CA SER J 314 5.26 -26.65 8.58
C SER J 314 6.65 -26.69 9.21
N PHE J 315 7.17 -25.52 9.64
CA PHE J 315 8.52 -25.48 10.20
C PHE J 315 8.58 -26.17 11.55
N LEU J 316 7.63 -25.87 12.44
CA LEU J 316 7.67 -26.40 13.80
C LEU J 316 7.38 -27.89 13.85
N GLU J 317 6.55 -28.40 12.94
CA GLU J 317 6.14 -29.80 13.00
C GLU J 317 7.34 -30.73 12.84
N HIS J 318 8.30 -30.36 11.99
CA HIS J 318 9.48 -31.19 11.78
C HIS J 318 10.41 -31.20 12.98
N LEU J 319 10.37 -30.16 13.82
CA LEU J 319 11.31 -30.02 14.94
C LEU J 319 10.75 -30.70 16.18
N THR J 320 10.66 -32.01 16.12
CA THR J 320 10.28 -32.81 17.28
C THR J 320 11.52 -33.10 18.13
N SER J 321 11.26 -33.48 19.39
CA SER J 321 12.30 -33.75 20.37
C SER J 321 13.24 -32.57 20.59
N LEU J 322 12.82 -31.37 20.21
CA LEU J 322 13.60 -30.17 20.45
C LEU J 322 13.43 -29.73 21.90
N CYS J 323 14.55 -29.56 22.59
CA CYS J 323 14.53 -29.17 24.00
C CYS J 323 14.71 -27.68 24.24
N PHE J 324 15.50 -27.00 23.40
CA PHE J 324 15.77 -25.58 23.56
C PHE J 324 15.62 -24.88 22.22
N LEU J 325 14.92 -23.74 22.23
CA LEU J 325 14.69 -22.97 21.01
C LEU J 325 14.79 -21.49 21.37
N ASN J 326 15.81 -20.82 20.82
CA ASN J 326 16.02 -19.40 21.05
C ASN J 326 15.67 -18.63 19.78
N LEU J 327 14.65 -17.78 19.88
CA LEU J 327 14.26 -16.88 18.79
C LEU J 327 14.38 -15.41 19.19
N SER J 328 15.23 -15.12 20.17
CA SER J 328 15.38 -13.74 20.65
C SER J 328 15.94 -12.85 19.54
N ARG J 329 15.56 -11.57 19.60
CA ARG J 329 16.03 -10.56 18.66
C ARG J 329 15.73 -10.96 17.22
N ASN J 330 14.43 -10.96 16.90
CA ASN J 330 13.94 -11.29 15.57
C ASN J 330 12.77 -10.37 15.23
N CYS J 331 12.26 -10.49 14.01
CA CYS J 331 11.15 -9.67 13.54
C CYS J 331 9.79 -10.31 13.82
N LEU J 332 9.73 -11.27 14.74
CA LEU J 332 8.48 -11.98 14.99
C LEU J 332 7.43 -11.03 15.57
N ARG J 333 6.22 -11.11 15.01
CA ARG J 333 5.08 -10.34 15.51
C ARG J 333 3.99 -11.22 16.10
N THR J 334 3.92 -12.49 15.71
CA THR J 334 2.96 -13.43 16.26
C THR J 334 3.62 -14.80 16.32
N PHE J 335 3.42 -15.51 17.44
CA PHE J 335 3.93 -16.87 17.62
C PHE J 335 2.77 -17.74 18.06
N GLU J 336 2.32 -18.62 17.17
CA GLU J 336 1.17 -19.49 17.42
C GLU J 336 1.58 -20.93 17.15
N ALA J 337 1.57 -21.76 18.20
CA ALA J 337 1.82 -23.18 18.06
C ALA J 337 0.47 -23.92 18.07
N ARG J 338 -0.26 -23.74 16.97
CA ARG J 338 -1.63 -24.24 16.86
C ARG J 338 -1.62 -25.59 16.14
N ARG J 339 -1.09 -26.59 16.84
CA ARG J 339 -1.04 -27.95 16.32
C ARG J 339 -1.03 -28.91 17.49
N LEU J 340 -1.70 -30.05 17.34
CA LEU J 340 -1.80 -31.03 18.41
C LEU J 340 -0.44 -31.67 18.66
N GLY J 341 0.10 -31.44 19.84
CA GLY J 341 1.36 -32.03 20.23
C GLY J 341 2.59 -31.41 19.61
N SER J 342 2.47 -30.24 18.99
CA SER J 342 3.63 -29.60 18.38
C SER J 342 4.59 -29.11 19.46
N LEU J 343 5.89 -29.34 19.23
CA LEU J 343 6.94 -28.99 20.16
C LEU J 343 6.66 -29.52 21.57
N PRO J 344 6.60 -30.84 21.76
CA PRO J 344 6.25 -31.39 23.08
C PRO J 344 7.38 -31.33 24.10
N CYS J 345 8.60 -31.60 23.66
CA CYS J 345 9.75 -31.69 24.57
C CYS J 345 10.45 -30.37 24.78
N LEU J 346 9.89 -29.26 24.30
CA LEU J 346 10.54 -27.95 24.37
C LEU J 346 10.57 -27.49 25.82
N MET J 347 11.72 -27.67 26.47
CA MET J 347 11.87 -27.24 27.87
C MET J 347 12.00 -25.72 27.97
N LEU J 348 12.61 -25.08 26.98
CA LEU J 348 12.86 -23.64 27.01
C LEU J 348 12.48 -23.02 25.68
N LEU J 349 11.80 -21.88 25.75
CA LEU J 349 11.40 -21.11 24.58
C LEU J 349 11.74 -19.65 24.83
N ASP J 350 12.65 -19.10 24.03
CA ASP J 350 13.10 -17.72 24.16
C ASP J 350 12.56 -16.93 22.97
N LEU J 351 11.56 -16.10 23.23
CA LEU J 351 10.97 -15.22 22.22
C LEU J 351 11.18 -13.75 22.59
N SER J 352 12.25 -13.48 23.35
CA SER J 352 12.44 -12.15 23.91
C SER J 352 12.87 -11.15 22.85
N HIS J 353 12.53 -9.89 23.10
CA HIS J 353 12.97 -8.75 22.28
C HIS J 353 12.59 -8.93 20.81
N ASN J 354 11.30 -9.18 20.59
CA ASN J 354 10.71 -9.20 19.26
C ASN J 354 9.64 -8.13 19.18
N ALA J 355 8.78 -8.22 18.17
CA ALA J 355 7.61 -7.33 18.07
C ALA J 355 6.32 -8.08 18.36
N LEU J 356 6.38 -9.08 19.23
CA LEU J 356 5.22 -9.91 19.55
C LEU J 356 4.08 -9.08 20.11
N GLU J 357 2.98 -8.98 19.34
CA GLU J 357 1.76 -8.33 19.80
C GLU J 357 0.75 -9.33 20.36
N THR J 358 0.68 -10.52 19.76
CA THR J 358 -0.19 -11.59 20.22
C THR J 358 0.55 -12.91 20.11
N LEU J 359 0.20 -13.84 21.00
CA LEU J 359 0.73 -15.19 20.95
C LEU J 359 -0.38 -16.17 21.32
N GLU J 360 -0.50 -17.25 20.54
CA GLU J 360 -1.54 -18.25 20.73
C GLU J 360 -0.86 -19.57 21.09
N LEU J 361 -0.62 -19.76 22.38
CA LEU J 361 -0.09 -21.02 22.89
C LEU J 361 -1.27 -21.94 23.17
N GLY J 362 -1.52 -22.87 22.25
CA GLY J 362 -2.66 -23.75 22.39
C GLY J 362 -2.54 -24.67 23.59
N ALA J 363 -3.70 -25.08 24.10
CA ALA J 363 -3.73 -25.98 25.25
C ALA J 363 -3.18 -27.35 24.86
N ARG J 364 -2.42 -27.95 25.77
CA ARG J 364 -1.82 -29.27 25.56
C ARG J 364 -0.92 -29.29 24.32
N ALA J 365 -0.16 -28.21 24.13
CA ALA J 365 0.79 -28.11 23.03
C ALA J 365 2.23 -28.15 23.54
N LEU J 366 2.64 -27.16 24.33
CA LEU J 366 3.96 -27.16 24.95
C LEU J 366 3.82 -27.66 26.39
N GLY J 367 3.53 -28.96 26.49
CA GLY J 367 3.26 -29.56 27.79
C GLY J 367 4.46 -29.59 28.72
N SER J 368 5.66 -29.76 28.16
CA SER J 368 6.87 -29.83 28.97
C SER J 368 7.69 -28.55 28.82
N LEU J 369 7.03 -27.40 28.90
CA LEU J 369 7.69 -26.10 28.77
C LEU J 369 7.87 -25.52 30.17
N ARG J 370 9.11 -25.39 30.62
CA ARG J 370 9.41 -24.86 31.95
C ARG J 370 9.83 -23.40 31.93
N THR J 371 10.42 -22.91 30.84
CA THR J 371 10.92 -21.55 30.77
C THR J 371 10.34 -20.87 29.53
N LEU J 372 9.73 -19.70 29.74
CA LEU J 372 9.15 -18.91 28.66
C LEU J 372 9.62 -17.48 28.82
N LEU J 373 10.46 -17.01 27.90
CA LEU J 373 11.06 -15.68 27.96
C LEU J 373 10.41 -14.81 26.90
N LEU J 374 9.67 -13.78 27.34
CA LEU J 374 8.92 -12.92 26.43
C LEU J 374 9.19 -11.44 26.69
N GLN J 375 10.30 -11.12 27.36
CA GLN J 375 10.60 -9.72 27.67
C GLN J 375 10.97 -8.95 26.41
N GLY J 376 10.69 -7.66 26.42
CA GLY J 376 11.02 -6.82 25.29
C GLY J 376 10.09 -6.92 24.11
N ASN J 377 8.86 -7.39 24.31
CA ASN J 377 7.89 -7.55 23.23
C ASN J 377 6.84 -6.43 23.33
N ALA J 378 5.85 -6.50 22.43
CA ALA J 378 4.80 -5.50 22.35
C ALA J 378 3.43 -6.08 22.68
N LEU J 379 3.41 -7.06 23.59
CA LEU J 379 2.15 -7.64 24.04
C LEU J 379 1.36 -6.62 24.85
N ARG J 380 0.05 -6.62 24.69
CA ARG J 380 -0.79 -5.78 25.52
C ARG J 380 -2.01 -6.55 26.00
N ASP J 381 -2.90 -6.89 25.08
CA ASP J 381 -4.09 -7.67 25.38
C ASP J 381 -3.87 -9.12 24.95
N LEU J 382 -4.13 -10.05 25.86
CA LEU J 382 -4.00 -11.48 25.62
C LEU J 382 -5.21 -12.17 26.23
N PRO J 383 -5.55 -13.36 25.75
CA PRO J 383 -6.55 -14.18 26.44
C PRO J 383 -6.13 -14.42 27.88
N PRO J 384 -7.09 -14.43 28.81
CA PRO J 384 -6.71 -14.48 30.24
C PRO J 384 -5.95 -15.72 30.63
N TYR J 385 -6.20 -16.86 29.98
CA TYR J 385 -5.58 -18.13 30.34
C TYR J 385 -4.55 -18.57 29.31
N THR J 386 -3.75 -17.63 28.79
CA THR J 386 -2.70 -17.99 27.84
C THR J 386 -1.59 -18.77 28.53
N PHE J 387 -1.05 -18.24 29.62
CA PHE J 387 0.01 -18.92 30.36
C PHE J 387 -0.52 -19.98 31.32
N ALA J 388 -1.83 -19.99 31.58
CA ALA J 388 -2.41 -20.99 32.45
C ALA J 388 -2.44 -22.38 31.81
N ASN J 389 -2.39 -22.45 30.48
CA ASN J 389 -2.45 -23.73 29.78
C ASN J 389 -1.13 -24.48 29.79
N LEU J 390 -0.03 -23.80 30.09
CA LEU J 390 1.28 -24.46 30.15
C LEU J 390 1.34 -25.34 31.40
N ALA J 391 1.51 -26.65 31.19
CA ALA J 391 1.37 -27.59 32.29
C ALA J 391 2.51 -27.45 33.31
N SER J 392 3.75 -27.37 32.82
CA SER J 392 4.92 -27.37 33.70
C SER J 392 5.68 -26.05 33.61
N LEU J 393 4.98 -24.94 33.41
CA LEU J 393 5.63 -23.64 33.35
C LEU J 393 6.19 -23.27 34.71
N GLN J 394 7.45 -22.84 34.74
CA GLN J 394 8.13 -22.45 35.97
C GLN J 394 8.66 -21.03 35.90
N ARG J 395 9.41 -20.68 34.87
CA ARG J 395 9.97 -19.36 34.69
C ARG J 395 9.17 -18.61 33.61
N LEU J 396 8.81 -17.36 33.90
CA LEU J 396 8.05 -16.55 32.95
C LEU J 396 8.50 -15.10 33.10
N ASN J 397 9.02 -14.53 32.03
CA ASN J 397 9.56 -13.16 32.04
C ASN J 397 8.79 -12.32 31.03
N LEU J 398 8.02 -11.36 31.52
CA LEU J 398 7.23 -10.45 30.69
C LEU J 398 7.69 -9.01 30.88
N GLN J 399 8.99 -8.81 31.04
CA GLN J 399 9.51 -7.47 31.29
C GLN J 399 9.31 -6.58 30.07
N GLY J 400 8.85 -5.36 30.33
CA GLY J 400 8.60 -4.41 29.25
C GLY J 400 7.49 -4.83 28.31
N ASN J 401 6.42 -5.44 28.84
CA ASN J 401 5.38 -6.02 28.01
C ASN J 401 3.98 -5.51 28.32
N ARG J 402 3.84 -4.44 29.09
CA ARG J 402 2.57 -3.75 29.33
C ARG J 402 1.40 -4.70 29.51
N VAL J 403 1.59 -5.69 30.39
CA VAL J 403 0.56 -6.67 30.70
C VAL J 403 -0.19 -6.22 31.94
N SER J 404 -1.50 -6.50 31.97
CA SER J 404 -2.33 -6.14 33.11
C SER J 404 -2.84 -7.39 33.79
N PRO J 405 -2.36 -7.73 34.98
CA PRO J 405 -2.88 -8.90 35.68
C PRO J 405 -4.32 -8.69 36.12
N CYS J 406 -5.06 -9.78 36.20
CA CYS J 406 -6.46 -9.71 36.63
C CYS J 406 -6.54 -9.72 38.15
N CYS J 417 -7.09 -8.71 30.23
CA CYS J 417 -6.23 -8.96 31.37
C CYS J 417 -5.71 -10.40 31.36
N VAL J 418 -4.43 -10.57 31.61
CA VAL J 418 -3.82 -11.89 31.69
C VAL J 418 -3.89 -12.37 33.13
N ALA J 419 -4.46 -13.56 33.33
CA ALA J 419 -4.66 -14.12 34.66
C ALA J 419 -3.44 -14.92 35.08
N PHE J 420 -2.87 -14.55 36.23
CA PHE J 420 -1.74 -15.28 36.82
C PHE J 420 -2.14 -16.07 38.07
N SER J 421 -3.44 -16.26 38.30
CA SER J 421 -3.91 -16.86 39.54
C SER J 421 -3.89 -18.39 39.51
N GLY J 422 -3.94 -19.01 38.34
CA GLY J 422 -4.13 -20.45 38.27
C GLY J 422 -2.87 -21.27 38.03
N ILE J 423 -1.74 -20.61 37.79
CA ILE J 423 -0.51 -21.33 37.47
C ILE J 423 0.10 -21.90 38.74
N THR J 424 -0.22 -23.15 39.04
CA THR J 424 0.27 -23.79 40.26
C THR J 424 1.71 -24.26 40.15
N SER J 425 2.25 -24.34 38.93
CA SER J 425 3.63 -24.78 38.70
C SER J 425 4.61 -23.63 38.56
N LEU J 426 4.12 -22.40 38.42
CA LEU J 426 5.00 -21.25 38.23
C LEU J 426 5.86 -21.02 39.46
N ARG J 427 7.13 -20.71 39.22
CA ARG J 427 8.09 -20.47 40.30
C ARG J 427 8.67 -19.06 40.30
N SER J 428 8.99 -18.52 39.12
CA SER J 428 9.56 -17.19 39.01
C SER J 428 8.78 -16.38 37.98
N LEU J 429 8.39 -15.16 38.34
CA LEU J 429 7.59 -14.31 37.48
C LEU J 429 8.15 -12.89 37.52
N SER J 430 8.24 -12.26 36.35
CA SER J 430 8.76 -10.90 36.23
C SER J 430 7.80 -10.06 35.43
N LEU J 431 7.22 -9.05 36.06
CA LEU J 431 6.34 -8.08 35.41
C LEU J 431 6.96 -6.69 35.43
N VAL J 432 8.28 -6.62 35.23
CA VAL J 432 8.99 -5.36 35.25
C VAL J 432 8.63 -4.53 34.02
N ASP J 433 8.55 -3.21 34.19
CA ASP J 433 8.34 -2.28 33.09
C ASP J 433 7.06 -2.57 32.31
N ASN J 434 6.02 -3.05 33.01
CA ASN J 434 4.75 -3.34 32.38
C ASN J 434 3.72 -2.23 32.59
N GLU J 435 4.15 -1.08 33.09
CA GLU J 435 3.27 0.09 33.27
C GLU J 435 2.00 -0.27 34.04
N ILE J 436 2.15 -1.16 35.03
CA ILE J 436 1.01 -1.64 35.79
C ILE J 436 0.52 -0.52 36.70
N GLU J 437 -0.73 -0.10 36.52
CA GLU J 437 -1.29 0.99 37.30
C GLU J 437 -1.82 0.52 38.65
N LEU J 438 -2.49 -0.63 38.67
CA LEU J 438 -3.13 -1.15 39.87
C LEU J 438 -2.99 -2.66 39.88
N LEU J 439 -2.39 -3.20 40.93
CA LEU J 439 -2.28 -4.65 41.11
C LEU J 439 -3.47 -5.11 41.93
N ARG J 440 -4.44 -5.74 41.28
CA ARG J 440 -5.68 -6.12 41.93
C ARG J 440 -5.47 -7.29 42.88
N ALA J 441 -6.42 -7.47 43.78
CA ALA J 441 -6.30 -8.46 44.84
C ALA J 441 -6.39 -9.88 44.27
N GLY J 442 -5.75 -10.82 44.97
CA GLY J 442 -5.72 -12.20 44.54
C GLY J 442 -5.07 -12.42 43.19
N ALA J 443 -4.02 -11.66 42.88
CA ALA J 443 -3.38 -11.76 41.58
C ALA J 443 -2.73 -13.13 41.39
N PHE J 444 -2.22 -13.72 42.46
CA PHE J 444 -1.53 -15.01 42.44
C PHE J 444 -2.10 -15.92 43.52
N LEU J 445 -3.42 -16.10 43.49
CA LEU J 445 -4.12 -16.80 44.57
C LEU J 445 -3.69 -18.27 44.65
N HIS J 446 -3.40 -18.90 43.53
CA HIS J 446 -3.00 -20.30 43.49
C HIS J 446 -1.71 -20.46 42.70
N THR J 447 -0.77 -19.54 42.91
CA THR J 447 0.53 -19.57 42.25
C THR J 447 1.62 -19.49 43.32
N PRO J 448 2.11 -20.63 43.80
CA PRO J 448 3.14 -20.62 44.85
C PRO J 448 4.49 -20.16 44.32
N LEU J 449 4.61 -18.87 43.99
CA LEU J 449 5.83 -18.35 43.41
C LEU J 449 6.94 -18.23 44.45
N THR J 450 8.16 -18.54 44.05
CA THR J 450 9.33 -18.31 44.89
C THR J 450 9.97 -16.95 44.66
N GLU J 451 9.86 -16.42 43.44
CA GLU J 451 10.42 -15.11 43.11
C GLU J 451 9.38 -14.30 42.35
N LEU J 452 9.27 -13.02 42.69
CA LEU J 452 8.32 -12.13 42.02
C LEU J 452 8.93 -10.74 41.92
N ASP J 453 8.99 -10.21 40.70
CA ASP J 453 9.61 -8.92 40.43
C ASP J 453 8.56 -8.00 39.82
N LEU J 454 8.16 -6.96 40.58
CA LEU J 454 7.20 -5.98 40.12
C LEU J 454 7.82 -4.59 40.02
N SER J 455 9.13 -4.54 39.81
CA SER J 455 9.85 -3.27 39.80
C SER J 455 9.58 -2.50 38.52
N SER J 456 10.02 -1.24 38.51
CA SER J 456 9.92 -0.35 37.35
C SER J 456 8.47 -0.22 36.88
N ASN J 457 7.55 -0.11 37.82
CA ASN J 457 6.13 0.13 37.53
C ASN J 457 5.68 1.35 38.33
N PRO J 458 6.03 2.56 37.86
CA PRO J 458 5.68 3.76 38.63
C PRO J 458 4.18 3.93 38.75
N GLY J 459 3.75 4.45 39.91
CA GLY J 459 2.34 4.64 40.17
C GLY J 459 1.58 3.39 40.50
N LEU J 460 2.27 2.30 40.84
CA LEU J 460 1.61 1.05 41.15
C LEU J 460 0.72 1.20 42.37
N GLU J 461 -0.49 0.65 42.28
CA GLU J 461 -1.44 0.63 43.38
C GLU J 461 -1.61 -0.81 43.84
N VAL J 462 -0.93 -1.15 44.93
CA VAL J 462 -1.00 -2.48 45.52
C VAL J 462 -2.31 -2.59 46.30
N ALA J 463 -3.14 -3.57 45.94
CA ALA J 463 -4.37 -3.80 46.67
C ALA J 463 -4.06 -4.38 48.04
N THR J 464 -5.05 -4.28 48.94
CA THR J 464 -4.88 -4.76 50.31
C THR J 464 -4.59 -6.25 50.39
N GLY J 465 -4.88 -7.00 49.32
CA GLY J 465 -4.67 -8.43 49.32
C GLY J 465 -4.10 -8.94 48.01
N ALA J 466 -3.32 -8.09 47.33
CA ALA J 466 -2.77 -8.45 46.03
C ALA J 466 -1.86 -9.67 46.12
N LEU J 467 -1.09 -9.79 47.21
CA LEU J 467 -0.28 -10.98 47.43
C LEU J 467 -1.08 -11.99 48.25
N GLY J 468 -2.08 -12.57 47.59
CA GLY J 468 -3.05 -13.42 48.23
C GLY J 468 -2.48 -14.67 48.88
N GLY J 469 -1.96 -15.58 48.08
CA GLY J 469 -1.45 -16.83 48.59
C GLY J 469 0.07 -16.94 48.59
N LEU J 470 0.75 -15.80 48.63
CA LEU J 470 2.20 -15.77 48.54
C LEU J 470 2.91 -15.65 49.88
N GLU J 471 2.17 -15.66 51.00
CA GLU J 471 2.81 -15.52 52.30
C GLU J 471 3.70 -16.71 52.63
N ALA J 472 3.33 -17.91 52.18
CA ALA J 472 4.06 -19.12 52.52
C ALA J 472 5.16 -19.47 51.53
N SER J 473 4.97 -19.15 50.24
CA SER J 473 5.88 -19.59 49.20
C SER J 473 6.92 -18.55 48.79
N LEU J 474 6.59 -17.27 48.87
CA LEU J 474 7.46 -16.24 48.31
C LEU J 474 8.79 -16.16 49.06
N GLU J 475 9.87 -16.07 48.30
CA GLU J 475 11.21 -15.90 48.83
C GLU J 475 11.92 -14.66 48.30
N VAL J 476 11.59 -14.22 47.09
CA VAL J 476 12.19 -13.04 46.48
C VAL J 476 11.07 -12.10 46.05
N LEU J 477 11.15 -10.84 46.46
CA LEU J 477 10.16 -9.83 46.10
C LEU J 477 10.89 -8.53 45.78
N ALA J 478 10.50 -7.88 44.68
CA ALA J 478 11.16 -6.66 44.23
C ALA J 478 10.11 -5.67 43.76
N LEU J 479 10.16 -4.46 44.31
CA LEU J 479 9.27 -3.36 43.96
C LEU J 479 10.06 -2.07 43.76
N GLN J 480 11.22 -2.19 43.12
CA GLN J 480 12.11 -1.04 42.96
C GLN J 480 11.56 -0.07 41.92
N GLY J 481 11.69 1.22 42.21
CA GLY J 481 11.29 2.25 41.27
C GLY J 481 9.81 2.49 41.13
N ASN J 482 8.99 1.89 42.00
CA ASN J 482 7.55 2.06 41.90
C ASN J 482 7.06 3.34 42.55
N GLY J 483 7.90 4.04 43.29
CA GLY J 483 7.48 5.27 43.95
C GLY J 483 6.37 5.06 44.97
N LEU J 484 6.33 3.89 45.58
CA LEU J 484 5.25 3.55 46.52
C LEU J 484 5.32 4.45 47.75
N MET J 485 4.16 4.98 48.14
CA MET J 485 4.07 5.75 49.37
C MET J 485 3.67 4.91 50.57
N VAL J 486 3.13 3.70 50.35
CA VAL J 486 2.76 2.82 51.44
C VAL J 486 2.60 1.41 50.89
N LEU J 487 2.90 0.41 51.72
CA LEU J 487 2.74 -1.00 51.39
C LEU J 487 1.56 -1.53 52.19
N GLN J 488 0.56 -2.06 51.50
CA GLN J 488 -0.70 -2.42 52.15
C GLN J 488 -0.70 -3.84 52.71
N VAL J 489 0.37 -4.61 52.50
CA VAL J 489 0.46 -5.98 52.99
C VAL J 489 1.53 -6.02 54.08
N ASP J 490 1.27 -6.80 55.12
CA ASP J 490 2.19 -6.95 56.25
C ASP J 490 3.29 -7.92 55.87
N LEU J 491 4.44 -7.39 55.45
CA LEU J 491 5.54 -8.23 55.01
C LEU J 491 6.05 -9.22 56.06
N PRO J 492 6.12 -8.90 57.36
CA PRO J 492 6.63 -9.89 58.32
C PRO J 492 5.90 -11.22 58.30
N CYS J 493 4.63 -11.25 57.88
CA CYS J 493 3.92 -12.52 57.83
C CYS J 493 4.36 -13.40 56.67
N PHE J 494 5.22 -12.89 55.79
CA PHE J 494 5.83 -13.70 54.72
C PHE J 494 7.03 -14.43 55.34
N ILE J 495 6.74 -15.58 55.96
CA ILE J 495 7.74 -16.27 56.77
C ILE J 495 8.89 -16.82 55.93
N CYS J 496 8.69 -17.03 54.64
CA CYS J 496 9.72 -17.59 53.78
C CYS J 496 10.46 -16.55 52.95
N LEU J 497 10.06 -15.28 53.05
CA LEU J 497 10.73 -14.23 52.28
C LEU J 497 12.16 -14.05 52.76
N LYS J 498 13.10 -13.97 51.82
CA LYS J 498 14.52 -13.83 52.14
C LYS J 498 15.15 -12.56 51.58
N ARG J 499 14.81 -12.17 50.35
CA ARG J 499 15.37 -10.98 49.73
C ARG J 499 14.23 -10.06 49.30
N LEU J 500 14.22 -8.85 49.84
CA LEU J 500 13.18 -7.87 49.54
C LEU J 500 13.83 -6.56 49.10
N ASN J 501 13.37 -6.03 47.97
CA ASN J 501 13.91 -4.79 47.40
C ASN J 501 12.79 -3.75 47.35
N LEU J 502 12.90 -2.71 48.17
CA LEU J 502 11.96 -1.61 48.18
C LEU J 502 12.63 -0.28 47.81
N ALA J 503 13.77 -0.35 47.12
CA ALA J 503 14.54 0.85 46.82
C ALA J 503 13.80 1.73 45.81
N GLU J 504 14.18 3.00 45.78
CA GLU J 504 13.65 3.99 44.84
C GLU J 504 12.12 4.10 44.95
N ASN J 505 11.67 4.41 46.16
CA ASN J 505 10.26 4.62 46.45
C ASN J 505 10.14 5.76 47.47
N ARG J 506 8.90 6.09 47.82
CA ARG J 506 8.65 7.10 48.83
C ARG J 506 8.11 6.50 50.13
N LEU J 507 8.25 5.19 50.31
CA LEU J 507 7.83 4.56 51.54
C LEU J 507 8.72 5.02 52.69
N SER J 508 8.13 5.22 53.86
CA SER J 508 8.87 5.70 55.02
C SER J 508 8.67 4.80 56.23
N HIS J 509 7.52 4.14 56.31
CA HIS J 509 7.23 3.26 57.44
C HIS J 509 6.82 1.88 56.92
N LEU J 510 7.18 0.86 57.69
CA LEU J 510 6.88 -0.53 57.42
C LEU J 510 6.27 -1.18 58.65
N PRO J 511 5.48 -2.24 58.47
CA PRO J 511 4.92 -2.93 59.63
C PRO J 511 6.01 -3.51 60.51
N ALA J 512 5.76 -3.49 61.82
CA ALA J 512 6.76 -3.93 62.78
C ALA J 512 6.96 -5.44 62.70
N TRP J 513 8.21 -5.87 62.84
CA TRP J 513 8.57 -7.29 62.83
C TRP J 513 8.56 -7.79 64.26
N THR J 514 7.42 -8.36 64.67
CA THR J 514 7.27 -8.86 66.03
C THR J 514 8.01 -10.19 66.23
N GLN J 515 7.96 -11.06 65.24
CA GLN J 515 8.61 -12.37 65.30
C GLN J 515 9.75 -12.45 64.30
N ALA J 516 10.69 -13.34 64.57
CA ALA J 516 11.85 -13.50 63.70
C ALA J 516 11.44 -14.06 62.34
N VAL J 517 12.01 -13.49 61.28
CA VAL J 517 11.71 -13.91 59.92
C VAL J 517 13.00 -14.37 59.25
N SER J 518 12.91 -14.78 57.99
CA SER J 518 14.04 -15.29 57.24
C SER J 518 14.63 -14.26 56.28
N LEU J 519 14.25 -13.00 56.41
CA LEU J 519 14.77 -11.96 55.53
C LEU J 519 16.27 -11.78 55.74
N GLU J 520 17.02 -11.79 54.64
CA GLU J 520 18.47 -11.66 54.70
C GLU J 520 18.98 -10.37 54.11
N VAL J 521 18.61 -10.05 52.87
CA VAL J 521 19.00 -8.81 52.22
C VAL J 521 17.83 -7.85 52.26
N LEU J 522 18.10 -6.60 52.63
CA LEU J 522 17.06 -5.57 52.71
C LEU J 522 17.61 -4.28 52.11
N ASP J 523 17.07 -3.90 50.96
CA ASP J 523 17.50 -2.70 50.24
C ASP J 523 16.40 -1.65 50.38
N LEU J 524 16.68 -0.60 51.16
CA LEU J 524 15.74 0.50 51.36
C LEU J 524 16.30 1.82 50.85
N ARG J 525 17.25 1.76 49.91
CA ARG J 525 17.91 2.97 49.42
C ARG J 525 16.93 3.86 48.68
N ASN J 526 17.17 5.17 48.79
CA ASN J 526 16.39 6.20 48.09
C ASN J 526 14.91 6.13 48.49
N ASN J 527 14.67 6.32 49.78
CA ASN J 527 13.30 6.38 50.30
C ASN J 527 13.12 7.54 51.27
N ASP K 1 -63.61 0.69 -2.58
CA ASP K 1 -63.14 0.29 -1.27
C ASP K 1 -63.65 -1.09 -0.89
N ILE K 2 -62.98 -1.73 0.07
CA ILE K 2 -63.35 -3.04 0.58
C ILE K 2 -63.80 -2.85 2.02
N GLN K 3 -65.11 -2.82 2.23
CA GLN K 3 -65.66 -2.71 3.56
C GLN K 3 -65.62 -4.06 4.27
N VAL K 4 -65.46 -4.02 5.59
CA VAL K 4 -65.37 -5.23 6.41
C VAL K 4 -66.27 -5.03 7.62
N THR K 5 -66.96 -6.09 8.04
CA THR K 5 -68.04 -5.99 9.00
C THR K 5 -67.95 -7.11 10.03
N GLN K 6 -68.29 -6.77 11.28
CA GLN K 6 -68.41 -7.73 12.36
C GLN K 6 -69.86 -7.69 12.83
N SER K 7 -70.61 -8.77 12.55
CA SER K 7 -72.06 -8.74 12.73
C SER K 7 -72.45 -8.57 14.19
N SER K 8 -71.72 -9.22 15.10
CA SER K 8 -72.05 -9.20 16.52
C SER K 8 -71.16 -8.18 17.23
N SER K 9 -71.74 -7.07 17.65
CA SER K 9 -70.99 -6.06 18.39
C SER K 9 -70.65 -6.55 19.80
N TYR K 10 -71.47 -7.44 20.35
CA TYR K 10 -71.23 -8.02 21.66
C TYR K 10 -71.42 -9.52 21.58
N LEU K 11 -70.62 -10.26 22.34
CA LEU K 11 -70.68 -11.72 22.37
C LEU K 11 -70.58 -12.18 23.81
N SER K 12 -71.60 -12.89 24.28
CA SER K 12 -71.64 -13.41 25.63
C SER K 12 -71.01 -14.79 25.68
N VAL K 13 -70.15 -15.01 26.67
CA VAL K 13 -69.47 -16.29 26.84
C VAL K 13 -68.93 -16.34 28.25
N SER K 14 -68.85 -17.55 28.81
CA SER K 14 -68.32 -17.76 30.15
C SER K 14 -66.88 -18.28 30.07
N LEU K 15 -66.21 -18.21 31.21
CA LEU K 15 -64.80 -18.60 31.28
C LEU K 15 -64.65 -20.09 31.00
N GLY K 16 -63.62 -20.44 30.23
CA GLY K 16 -63.32 -21.82 29.91
C GLY K 16 -64.11 -22.39 28.75
N ASP K 17 -64.98 -21.61 28.13
CA ASP K 17 -65.80 -22.08 27.01
C ASP K 17 -65.23 -21.58 25.69
N ARG K 18 -65.69 -22.17 24.61
CA ARG K 18 -65.24 -21.81 23.27
C ARG K 18 -65.91 -20.51 22.82
N VAL K 19 -65.11 -19.63 22.21
CA VAL K 19 -65.58 -18.35 21.71
C VAL K 19 -65.20 -18.24 20.23
N THR K 20 -66.12 -17.72 19.43
CA THR K 20 -65.88 -17.49 18.01
C THR K 20 -66.39 -16.11 17.62
N ILE K 21 -65.54 -15.32 16.99
CA ILE K 21 -65.88 -13.97 16.53
C ILE K 21 -65.83 -13.97 15.01
N THR K 22 -66.93 -13.54 14.39
CA THR K 22 -67.04 -13.52 12.93
C THR K 22 -66.71 -12.14 12.39
N CYS K 23 -66.19 -12.12 11.16
CA CYS K 23 -65.87 -10.87 10.48
C CYS K 23 -65.85 -11.12 8.98
N LYS K 24 -66.76 -10.49 8.25
CA LYS K 24 -66.92 -10.72 6.83
C LYS K 24 -66.44 -9.50 6.03
N ALA K 25 -65.82 -9.76 4.88
CA ALA K 25 -65.35 -8.72 3.98
C ALA K 25 -66.31 -8.58 2.81
N SER K 26 -66.33 -7.38 2.23
CA SER K 26 -67.26 -7.10 1.13
C SER K 26 -66.88 -7.87 -0.14
N ASP K 27 -65.59 -8.14 -0.34
CA ASP K 27 -65.13 -8.86 -1.50
C ASP K 27 -63.99 -9.79 -1.08
N HIS K 28 -63.60 -10.69 -1.98
CA HIS K 28 -62.60 -11.71 -1.67
C HIS K 28 -61.25 -11.05 -1.49
N ILE K 29 -60.83 -10.89 -0.23
CA ILE K 29 -59.51 -10.36 0.08
C ILE K 29 -58.46 -11.44 0.20
N LYS K 30 -58.86 -12.70 0.32
CA LYS K 30 -57.96 -13.85 0.26
C LYS K 30 -56.79 -13.74 1.23
N ASN K 31 -57.04 -13.99 2.53
CA ASN K 31 -56.03 -14.08 3.57
C ASN K 31 -55.59 -12.72 4.09
N TRP K 32 -55.61 -11.69 3.25
CA TRP K 32 -55.11 -10.39 3.65
C TRP K 32 -56.04 -9.71 4.64
N LEU K 33 -56.04 -10.20 5.87
CA LEU K 33 -56.88 -9.69 6.94
C LEU K 33 -56.20 -9.96 8.28
N ALA K 34 -56.26 -8.99 9.18
CA ALA K 34 -55.63 -9.09 10.48
C ALA K 34 -56.67 -9.04 11.60
N TRP K 35 -56.28 -9.54 12.77
CA TRP K 35 -57.11 -9.50 13.97
C TRP K 35 -56.37 -8.72 15.06
N TYR K 36 -57.13 -7.91 15.81
CA TYR K 36 -56.56 -7.06 16.84
C TYR K 36 -57.33 -7.23 18.14
N GLN K 37 -56.62 -7.05 19.25
CA GLN K 37 -57.19 -7.12 20.59
C GLN K 37 -56.91 -5.81 21.31
N GLN K 38 -57.91 -5.28 21.99
CA GLN K 38 -57.78 -4.01 22.69
C GLN K 38 -58.45 -4.12 24.05
N LYS K 39 -57.65 -4.07 25.12
CA LYS K 39 -58.20 -3.98 26.46
C LYS K 39 -58.93 -2.65 26.62
N PRO K 40 -59.84 -2.56 27.60
CA PRO K 40 -60.62 -1.32 27.76
C PRO K 40 -59.77 -0.07 27.95
N GLY K 41 -58.58 -0.20 28.56
CA GLY K 41 -57.73 0.95 28.78
C GLY K 41 -56.43 0.91 28.00
N ILE K 42 -56.06 -0.27 27.51
CA ILE K 42 -54.79 -0.44 26.82
C ILE K 42 -54.99 -0.16 25.33
N ALA K 43 -53.87 0.03 24.64
CA ALA K 43 -53.86 0.27 23.21
C ALA K 43 -54.05 -1.04 22.45
N PRO K 44 -54.49 -0.98 21.19
CA PRO K 44 -54.68 -2.21 20.42
C PRO K 44 -53.37 -2.96 20.22
N ARG K 45 -53.48 -4.28 20.15
CA ARG K 45 -52.35 -5.17 19.91
C ARG K 45 -52.70 -6.16 18.81
N LEU K 46 -51.75 -6.43 17.93
CA LEU K 46 -51.97 -7.34 16.82
C LEU K 46 -51.94 -8.79 17.30
N LEU K 47 -53.01 -9.52 17.00
CA LEU K 47 -53.11 -10.94 17.37
C LEU K 47 -52.79 -11.87 16.21
N VAL K 48 -53.47 -11.69 15.08
CA VAL K 48 -53.33 -12.58 13.93
C VAL K 48 -53.06 -11.72 12.70
N SER K 49 -51.87 -11.89 12.11
CA SER K 49 -51.56 -11.30 10.82
C SER K 49 -51.77 -12.37 9.75
N GLY K 50 -52.48 -12.01 8.69
CA GLY K 50 -52.98 -13.01 7.78
C GLY K 50 -54.19 -13.70 8.36
N ALA K 51 -54.72 -14.68 7.62
CA ALA K 51 -55.94 -15.34 8.05
C ALA K 51 -55.69 -16.30 9.21
N THR K 52 -54.48 -16.83 9.33
CA THR K 52 -54.25 -17.92 10.28
C THR K 52 -53.01 -17.72 11.15
N SER K 53 -52.02 -16.99 10.65
CA SER K 53 -50.72 -16.90 11.32
C SER K 53 -50.84 -16.09 12.60
N LEU K 54 -50.55 -16.72 13.74
CA LEU K 54 -50.56 -16.04 15.02
C LEU K 54 -49.29 -15.21 15.19
N GLU K 55 -49.44 -14.03 15.77
CA GLU K 55 -48.30 -13.16 16.01
C GLU K 55 -47.45 -13.73 17.14
N ALA K 56 -46.18 -13.33 17.16
CA ALA K 56 -45.25 -13.80 18.18
C ALA K 56 -45.69 -13.34 19.56
N GLY K 57 -45.70 -14.27 20.52
CA GLY K 57 -46.12 -13.96 21.87
C GLY K 57 -47.59 -14.14 22.15
N VAL K 58 -48.40 -14.46 21.13
CA VAL K 58 -49.83 -14.67 21.32
C VAL K 58 -50.04 -16.09 21.85
N PRO K 59 -50.91 -16.27 22.85
CA PRO K 59 -51.17 -17.63 23.35
C PRO K 59 -51.77 -18.52 22.27
N SER K 60 -51.49 -19.81 22.37
CA SER K 60 -52.00 -20.78 21.40
C SER K 60 -53.52 -20.94 21.48
N ARG K 61 -54.15 -20.38 22.51
CA ARG K 61 -55.61 -20.50 22.63
C ARG K 61 -56.32 -19.75 21.51
N PHE K 62 -55.74 -18.66 21.02
CA PHE K 62 -56.33 -17.93 19.91
C PHE K 62 -55.99 -18.61 18.59
N SER K 63 -56.88 -18.46 17.61
CA SER K 63 -56.68 -19.04 16.31
C SER K 63 -57.54 -18.31 15.29
N GLY K 64 -57.03 -18.19 14.07
CA GLY K 64 -57.74 -17.57 12.98
C GLY K 64 -57.97 -18.56 11.85
N SER K 65 -59.04 -18.32 11.09
CA SER K 65 -59.38 -19.17 9.96
C SER K 65 -60.19 -18.37 8.96
N GLY K 66 -60.35 -18.93 7.77
CA GLY K 66 -61.17 -18.30 6.75
C GLY K 66 -60.40 -17.86 5.52
N SER K 67 -61.10 -17.82 4.38
CA SER K 67 -60.51 -17.36 3.13
C SER K 67 -61.60 -16.72 2.30
N GLY K 68 -61.21 -15.75 1.48
CA GLY K 68 -62.16 -15.05 0.63
C GLY K 68 -62.90 -13.95 1.35
N LYS K 69 -64.10 -14.26 1.84
CA LYS K 69 -64.95 -13.27 2.50
C LYS K 69 -65.26 -13.60 3.95
N ASN K 70 -65.50 -14.87 4.27
CA ASN K 70 -65.86 -15.27 5.63
C ASN K 70 -64.61 -15.57 6.44
N PHE K 71 -64.56 -15.03 7.66
CA PHE K 71 -63.43 -15.24 8.56
C PHE K 71 -63.94 -15.36 9.99
N THR K 72 -63.12 -15.97 10.84
CA THR K 72 -63.51 -16.20 12.22
C THR K 72 -62.28 -16.30 13.10
N LEU K 73 -62.33 -15.63 14.25
CA LEU K 73 -61.30 -15.71 15.28
C LEU K 73 -61.83 -16.54 16.45
N SER K 74 -61.21 -17.69 16.68
CA SER K 74 -61.69 -18.62 17.70
C SER K 74 -60.80 -18.59 18.93
N ILE K 75 -61.42 -18.80 20.09
CA ILE K 75 -60.72 -18.95 21.36
C ILE K 75 -61.10 -20.30 21.93
N THR K 76 -60.09 -21.15 22.19
CA THR K 76 -60.36 -22.51 22.62
C THR K 76 -60.97 -22.54 24.02
N SER K 77 -60.33 -21.89 24.99
CA SER K 77 -60.83 -21.79 26.35
C SER K 77 -60.68 -20.34 26.80
N LEU K 78 -61.82 -19.68 27.06
CA LEU K 78 -61.79 -18.28 27.40
C LEU K 78 -61.11 -18.05 28.74
N GLN K 79 -60.29 -17.01 28.82
CA GLN K 79 -59.60 -16.63 30.04
C GLN K 79 -60.02 -15.22 30.44
N THR K 80 -59.73 -14.88 31.70
CA THR K 80 -60.10 -13.57 32.22
C THR K 80 -59.36 -12.44 31.50
N GLU K 81 -58.14 -12.71 31.02
CA GLU K 81 -57.38 -11.71 30.28
C GLU K 81 -57.89 -11.49 28.87
N ASP K 82 -58.75 -12.38 28.36
CA ASP K 82 -59.28 -12.27 27.01
C ASP K 82 -60.54 -11.40 26.95
N VAL K 83 -61.08 -10.97 28.08
CA VAL K 83 -62.25 -10.11 28.10
C VAL K 83 -61.88 -8.74 27.54
N ALA K 84 -62.06 -8.57 26.24
CA ALA K 84 -61.71 -7.32 25.57
C ALA K 84 -62.44 -7.25 24.24
N THR K 85 -62.32 -6.10 23.58
CA THR K 85 -62.90 -5.89 22.27
C THR K 85 -61.92 -6.34 21.19
N TYR K 86 -62.44 -7.01 20.17
CA TYR K 86 -61.63 -7.54 19.08
C TYR K 86 -62.06 -6.91 17.76
N TYR K 87 -61.08 -6.53 16.95
CA TYR K 87 -61.31 -5.91 15.66
C TYR K 87 -60.64 -6.72 14.56
N CYS K 88 -61.20 -6.63 13.36
CA CYS K 88 -60.56 -7.17 12.17
C CYS K 88 -60.29 -6.03 11.19
N GLN K 89 -59.20 -6.15 10.45
CA GLN K 89 -58.77 -5.11 9.53
C GLN K 89 -58.18 -5.75 8.29
N GLN K 90 -58.84 -5.54 7.14
CA GLN K 90 -58.34 -6.05 5.88
C GLN K 90 -57.21 -5.16 5.36
N TYR K 91 -56.28 -5.77 4.65
CA TYR K 91 -55.23 -5.01 3.98
C TYR K 91 -54.97 -5.55 2.59
N TRP K 92 -56.05 -5.93 1.88
CA TRP K 92 -55.92 -6.30 0.48
C TRP K 92 -55.66 -5.09 -0.39
N SER K 93 -56.23 -3.94 -0.05
CA SER K 93 -56.05 -2.73 -0.84
C SER K 93 -56.32 -1.51 0.04
N THR K 94 -55.57 -0.45 -0.20
CA THR K 94 -55.83 0.80 0.49
C THR K 94 -57.13 1.41 -0.02
N PRO K 95 -57.91 2.07 0.85
CA PRO K 95 -57.61 2.34 2.26
C PRO K 95 -57.81 1.13 3.17
N TRP K 96 -56.96 0.99 4.19
CA TRP K 96 -57.21 -0.03 5.21
C TRP K 96 -58.50 0.31 5.95
N THR K 97 -59.34 -0.70 6.15
CA THR K 97 -60.63 -0.51 6.82
C THR K 97 -60.75 -1.48 7.99
N PHE K 98 -61.33 -1.00 9.09
CA PHE K 98 -61.55 -1.78 10.28
C PHE K 98 -63.00 -2.25 10.35
N GLY K 99 -63.24 -3.18 11.28
CA GLY K 99 -64.59 -3.61 11.60
C GLY K 99 -65.16 -2.83 12.76
N GLY K 100 -66.43 -3.11 13.06
CA GLY K 100 -67.11 -2.44 14.16
C GLY K 100 -66.63 -2.88 15.53
N GLY K 101 -65.94 -4.00 15.61
CA GLY K 101 -65.47 -4.51 16.88
C GLY K 101 -66.45 -5.50 17.50
N THR K 102 -65.93 -6.29 18.44
CA THR K 102 -66.73 -7.28 19.16
C THR K 102 -66.25 -7.32 20.60
N THR K 103 -67.04 -6.74 21.50
CA THR K 103 -66.70 -6.69 22.92
C THR K 103 -67.23 -7.93 23.61
N LEU K 104 -66.35 -8.66 24.28
CA LEU K 104 -66.76 -9.87 24.99
C LEU K 104 -67.40 -9.52 26.33
N GLU K 105 -68.36 -10.34 26.73
CA GLU K 105 -69.06 -10.16 28.00
C GLU K 105 -69.33 -11.52 28.61
N ILE K 106 -69.42 -11.56 29.93
CA ILE K 106 -69.65 -12.79 30.67
C ILE K 106 -71.16 -13.01 30.80
N ARG K 107 -71.62 -14.20 30.42
CA ARG K 107 -73.04 -14.49 30.54
C ARG K 107 -73.37 -14.85 31.98
N ARG K 108 -74.60 -14.54 32.38
CA ARG K 108 -75.09 -14.83 33.72
C ARG K 108 -76.60 -14.77 33.72
N ALA K 109 -77.19 -15.14 34.85
CA ALA K 109 -78.64 -15.09 35.01
C ALA K 109 -79.11 -13.64 35.03
N ASP K 110 -80.38 -13.46 34.65
CA ASP K 110 -80.95 -12.12 34.55
C ASP K 110 -81.13 -11.51 35.94
N ALA K 111 -80.99 -10.19 36.01
CA ALA K 111 -81.15 -9.45 37.25
C ALA K 111 -81.81 -8.12 36.94
N ALA K 112 -82.85 -7.78 37.72
CA ALA K 112 -83.58 -6.54 37.51
C ALA K 112 -82.78 -5.36 38.07
N PRO K 113 -82.92 -4.18 37.47
CA PRO K 113 -82.23 -3.00 37.98
C PRO K 113 -82.86 -2.47 39.26
N THR K 114 -82.02 -1.84 40.08
CA THR K 114 -82.45 -1.20 41.33
C THR K 114 -82.57 0.29 41.08
N VAL K 115 -83.79 0.74 40.78
CA VAL K 115 -84.03 2.14 40.45
C VAL K 115 -84.05 2.98 41.72
N SER K 116 -83.69 4.25 41.57
CA SER K 116 -83.65 5.18 42.71
C SER K 116 -83.78 6.59 42.18
N ILE K 117 -84.86 7.28 42.56
CA ILE K 117 -85.12 8.65 42.13
C ILE K 117 -84.66 9.61 43.23
N PHE K 118 -83.97 10.68 42.83
CA PHE K 118 -83.41 11.63 43.77
C PHE K 118 -83.86 13.04 43.42
N PRO K 119 -84.54 13.75 44.32
CA PRO K 119 -84.89 15.15 44.07
C PRO K 119 -83.65 16.03 44.06
N PRO K 120 -83.70 17.19 43.41
CA PRO K 120 -82.54 18.09 43.43
C PRO K 120 -82.21 18.56 44.84
N SER K 121 -80.91 18.71 45.10
CA SER K 121 -80.46 19.11 46.42
C SER K 121 -80.77 20.58 46.69
N SER K 122 -80.98 20.90 47.96
CA SER K 122 -81.26 22.28 48.34
C SER K 122 -80.06 23.18 48.08
N GLU K 123 -78.85 22.66 48.19
CA GLU K 123 -77.66 23.45 47.86
C GLU K 123 -77.61 23.78 46.37
N GLN K 124 -78.06 22.86 45.52
CA GLN K 124 -78.10 23.14 44.09
C GLN K 124 -79.20 24.12 43.74
N LEU K 125 -80.32 24.09 44.47
CA LEU K 125 -81.42 25.02 44.20
C LEU K 125 -80.99 26.46 44.45
N THR K 126 -80.05 26.68 45.37
CA THR K 126 -79.57 28.03 45.63
C THR K 126 -78.77 28.59 44.47
N SER K 127 -78.22 27.73 43.61
CA SER K 127 -77.45 28.16 42.45
C SER K 127 -78.32 28.47 41.24
N GLY K 128 -79.64 28.26 41.33
CA GLY K 128 -80.53 28.53 40.24
C GLY K 128 -80.78 27.38 39.30
N GLY K 129 -80.14 26.24 39.52
CA GLY K 129 -80.32 25.07 38.68
C GLY K 129 -80.68 23.86 39.50
N ALA K 130 -81.53 23.01 38.92
CA ALA K 130 -81.99 21.79 39.55
C ALA K 130 -81.85 20.63 38.59
N SER K 131 -81.47 19.47 39.12
CA SER K 131 -81.31 18.26 38.33
C SER K 131 -81.73 17.06 39.15
N VAL K 132 -82.74 16.34 38.66
CA VAL K 132 -83.18 15.09 39.28
C VAL K 132 -82.34 13.95 38.74
N VAL K 133 -81.87 13.08 39.63
CA VAL K 133 -81.00 11.98 39.26
C VAL K 133 -81.75 10.67 39.48
N CYS K 134 -81.47 9.69 38.62
CA CYS K 134 -82.08 8.37 38.72
C CYS K 134 -81.04 7.32 38.35
N PHE K 135 -80.62 6.53 39.34
CA PHE K 135 -79.67 5.46 39.11
C PHE K 135 -80.39 4.17 38.77
N LEU K 136 -79.74 3.34 37.94
CA LEU K 136 -80.23 2.00 37.59
C LEU K 136 -79.03 1.07 37.68
N ASN K 137 -78.83 0.48 38.85
CA ASN K 137 -77.61 -0.24 39.17
C ASN K 137 -77.85 -1.74 39.19
N ASN K 138 -76.82 -2.49 38.78
CA ASN K 138 -76.75 -3.95 38.92
C ASN K 138 -77.93 -4.62 38.20
N PHE K 139 -77.84 -4.61 36.87
CA PHE K 139 -78.82 -5.30 36.04
C PHE K 139 -78.10 -6.05 34.93
N TYR K 140 -78.79 -7.06 34.38
CA TYR K 140 -78.27 -7.89 33.31
C TYR K 140 -79.46 -8.42 32.53
N PRO K 141 -79.40 -8.44 31.19
CA PRO K 141 -78.28 -7.98 30.34
C PRO K 141 -78.15 -6.46 30.23
N LYS K 142 -77.29 -6.01 29.32
CA LYS K 142 -76.96 -4.59 29.25
C LYS K 142 -78.11 -3.76 28.69
N ASP K 143 -78.98 -4.35 27.87
CA ASP K 143 -80.04 -3.59 27.22
C ASP K 143 -81.04 -3.08 28.25
N ILE K 144 -81.27 -1.76 28.25
CA ILE K 144 -82.21 -1.14 29.17
C ILE K 144 -82.66 0.18 28.55
N ASN K 145 -83.82 0.66 28.98
CA ASN K 145 -84.39 1.90 28.49
C ASN K 145 -84.90 2.74 29.66
N VAL K 146 -84.75 4.05 29.55
CA VAL K 146 -85.13 4.99 30.61
C VAL K 146 -86.00 6.09 30.00
N LYS K 147 -87.07 6.44 30.70
CA LYS K 147 -87.99 7.48 30.27
C LYS K 147 -88.34 8.38 31.45
N TRP K 148 -88.32 9.68 31.22
CA TRP K 148 -88.73 10.66 32.23
C TRP K 148 -90.10 11.21 31.88
N LYS K 149 -90.92 11.46 32.91
CA LYS K 149 -92.25 12.02 32.73
C LYS K 149 -92.50 13.03 33.84
N ILE K 150 -92.54 14.30 33.49
CA ILE K 150 -92.85 15.37 34.42
C ILE K 150 -94.32 15.73 34.26
N ASP K 151 -95.09 15.57 35.34
CA ASP K 151 -96.53 15.82 35.34
C ASP K 151 -97.26 14.95 34.31
N GLY K 152 -96.71 13.76 34.03
CA GLY K 152 -97.36 12.80 33.15
C GLY K 152 -96.96 12.88 31.70
N SER K 153 -96.21 13.91 31.29
CA SER K 153 -95.78 14.06 29.91
C SER K 153 -94.33 13.61 29.78
N GLU K 154 -94.06 12.80 28.75
CA GLU K 154 -92.72 12.28 28.52
C GLU K 154 -91.74 13.41 28.30
N ARG K 155 -90.54 13.27 28.87
CA ARG K 155 -89.52 14.31 28.84
C ARG K 155 -88.24 13.75 28.21
N GLN K 156 -87.69 14.50 27.26
CA GLN K 156 -86.40 14.17 26.66
C GLN K 156 -85.41 15.33 26.69
N ASN K 157 -85.87 16.57 26.79
CA ASN K 157 -84.98 17.71 26.94
C ASN K 157 -84.31 17.66 28.31
N GLY K 158 -83.00 17.90 28.32
CA GLY K 158 -82.24 17.92 29.55
C GLY K 158 -81.85 16.57 30.09
N VAL K 159 -82.12 15.48 29.36
CA VAL K 159 -81.79 14.14 29.82
C VAL K 159 -80.36 13.82 29.39
N LEU K 160 -79.57 13.29 30.31
CA LEU K 160 -78.17 12.95 30.04
C LEU K 160 -77.89 11.59 30.67
N ASN K 161 -77.91 10.55 29.84
CA ASN K 161 -77.71 9.18 30.32
C ASN K 161 -76.22 8.82 30.31
N SER K 162 -75.90 7.81 31.10
CA SER K 162 -74.52 7.30 31.20
C SER K 162 -74.58 5.83 31.61
N TRP K 163 -73.64 5.06 31.10
CA TRP K 163 -73.60 3.62 31.31
C TRP K 163 -72.20 3.20 31.75
N THR K 164 -72.14 2.38 32.80
CA THR K 164 -70.86 1.83 33.25
C THR K 164 -70.51 0.59 32.46
N ASP K 165 -69.22 0.26 32.45
CA ASP K 165 -68.78 -1.00 31.88
C ASP K 165 -69.15 -2.15 32.81
N GLN K 166 -69.11 -3.37 32.26
CA GLN K 166 -69.51 -4.55 33.03
C GLN K 166 -68.64 -4.69 34.26
N ASP K 167 -69.29 -4.92 35.41
CA ASP K 167 -68.57 -5.04 36.66
C ASP K 167 -67.70 -6.30 36.65
N SER K 168 -66.52 -6.20 37.26
CA SER K 168 -65.58 -7.31 37.28
C SER K 168 -65.93 -8.37 38.31
N LYS K 169 -66.80 -8.06 39.27
CA LYS K 169 -67.15 -9.01 40.33
C LYS K 169 -68.39 -9.82 39.95
N ASP K 170 -69.55 -9.18 39.94
CA ASP K 170 -70.82 -9.85 39.71
C ASP K 170 -71.28 -9.78 38.26
N SER K 171 -70.49 -9.18 37.36
CA SER K 171 -70.80 -9.14 35.94
C SER K 171 -72.14 -8.46 35.66
N THR K 172 -72.37 -7.34 36.33
CA THR K 172 -73.60 -6.57 36.17
C THR K 172 -73.28 -5.16 35.68
N TYR K 173 -74.28 -4.53 35.08
CA TYR K 173 -74.15 -3.19 34.54
C TYR K 173 -74.93 -2.19 35.40
N SER K 174 -74.60 -0.92 35.22
CA SER K 174 -75.28 0.16 35.94
C SER K 174 -75.47 1.34 35.00
N MET K 175 -76.55 2.09 35.22
CA MET K 175 -76.91 3.19 34.35
C MET K 175 -77.37 4.39 35.19
N SER K 176 -76.96 5.58 34.78
CA SER K 176 -77.33 6.83 35.44
C SER K 176 -78.04 7.73 34.44
N SER K 177 -79.05 8.45 34.92
CA SER K 177 -79.83 9.37 34.08
C SER K 177 -80.15 10.62 34.88
N THR K 178 -79.63 11.76 34.43
CA THR K 178 -79.82 13.03 35.11
C THR K 178 -80.67 13.95 34.24
N LEU K 179 -81.72 14.51 34.84
CA LEU K 179 -82.64 15.42 34.17
C LEU K 179 -82.46 16.81 34.75
N THR K 180 -81.71 17.65 34.04
CA THR K 180 -81.39 18.99 34.52
C THR K 180 -82.43 20.00 34.00
N LEU K 181 -82.85 20.89 34.89
CA LEU K 181 -83.79 21.95 34.55
C LEU K 181 -83.40 23.22 35.29
N THR K 182 -84.00 24.34 34.87
CA THR K 182 -83.85 25.57 35.61
C THR K 182 -84.69 25.52 36.89
N LYS K 183 -84.30 26.35 37.87
CA LYS K 183 -85.02 26.36 39.14
C LYS K 183 -86.47 26.80 38.95
N ASP K 184 -86.71 27.75 38.04
CA ASP K 184 -88.06 28.25 37.84
C ASP K 184 -88.95 27.20 37.17
N GLU K 185 -88.43 26.49 36.16
CA GLU K 185 -89.23 25.45 35.51
C GLU K 185 -89.41 24.25 36.42
N TYR K 186 -88.41 23.93 37.25
CA TYR K 186 -88.57 22.84 38.21
C TYR K 186 -89.65 23.15 39.22
N GLU K 187 -89.80 24.42 39.61
CA GLU K 187 -90.87 24.81 40.52
C GLU K 187 -92.23 24.89 39.84
N ARG K 188 -92.27 24.81 38.51
CA ARG K 188 -93.53 24.88 37.76
C ARG K 188 -94.22 23.53 37.64
N HIS K 189 -93.58 22.45 38.09
CA HIS K 189 -94.16 21.11 38.04
C HIS K 189 -94.00 20.44 39.39
N ASN K 190 -94.81 19.41 39.61
CA ASN K 190 -94.78 18.67 40.87
C ASN K 190 -94.37 17.21 40.70
N SER K 191 -95.00 16.50 39.76
CA SER K 191 -94.70 15.08 39.57
C SER K 191 -93.42 14.89 38.78
N TYR K 192 -92.60 13.95 39.22
CA TYR K 192 -91.40 13.53 38.50
C TYR K 192 -91.23 12.04 38.69
N THR K 193 -91.06 11.31 37.58
CA THR K 193 -90.95 9.87 37.64
C THR K 193 -89.78 9.40 36.78
N CYS K 194 -89.38 8.14 36.99
CA CYS K 194 -88.25 7.54 36.30
C CYS K 194 -88.61 6.08 35.99
N GLU K 195 -89.20 5.85 34.83
CA GLU K 195 -89.58 4.51 34.42
C GLU K 195 -88.39 3.79 33.79
N ALA K 196 -88.39 2.46 33.94
CA ALA K 196 -87.28 1.64 33.48
C ALA K 196 -87.82 0.44 32.71
N THR K 197 -87.44 0.32 31.44
CA THR K 197 -87.84 -0.79 30.59
C THR K 197 -86.67 -1.78 30.49
N HIS K 198 -86.89 -3.00 30.96
CA HIS K 198 -85.86 -4.03 30.93
C HIS K 198 -86.52 -5.39 30.73
N LYS K 199 -85.72 -6.34 30.26
CA LYS K 199 -86.24 -7.67 29.97
C LYS K 199 -86.66 -8.43 31.22
N THR K 200 -86.22 -7.98 32.41
CA THR K 200 -86.51 -8.72 33.63
C THR K 200 -87.98 -8.64 34.01
N SER K 201 -88.68 -7.59 33.56
CA SER K 201 -90.07 -7.40 33.90
C SER K 201 -90.85 -6.95 32.67
N THR K 202 -92.08 -7.45 32.55
CA THR K 202 -92.95 -7.03 31.45
C THR K 202 -93.48 -5.62 31.66
N SER K 203 -93.54 -5.15 32.91
CA SER K 203 -93.99 -3.81 33.25
C SER K 203 -92.80 -2.95 33.69
N PRO K 204 -92.86 -1.64 33.44
CA PRO K 204 -91.72 -0.78 33.82
C PRO K 204 -91.59 -0.63 35.32
N ILE K 205 -90.35 -0.56 35.78
CA ILE K 205 -90.05 -0.31 37.19
C ILE K 205 -90.11 1.20 37.40
N VAL K 206 -91.09 1.65 38.18
CA VAL K 206 -91.40 3.07 38.35
C VAL K 206 -90.89 3.54 39.70
N LYS K 207 -90.29 4.74 39.71
CA LYS K 207 -89.88 5.41 40.93
C LYS K 207 -90.16 6.90 40.77
N SER K 208 -91.07 7.43 41.58
CA SER K 208 -91.52 8.80 41.43
C SER K 208 -91.56 9.50 42.78
N PHE K 209 -91.66 10.83 42.73
CA PHE K 209 -91.74 11.65 43.94
C PHE K 209 -92.47 12.94 43.59
N ASN K 210 -93.28 13.42 44.52
CA ASN K 210 -93.91 14.72 44.38
C ASN K 210 -92.94 15.81 44.84
N ARG K 211 -93.10 17.01 44.28
CA ARG K 211 -92.19 18.10 44.59
C ARG K 211 -92.22 18.46 46.07
N ASN K 212 -93.42 18.46 46.67
CA ASN K 212 -93.57 18.79 48.08
C ASN K 212 -94.87 18.22 48.63
N GLN L 1 -36.22 -1.23 22.93
CA GLN L 1 -36.66 -1.93 21.72
C GLN L 1 -37.41 -0.97 20.82
N VAL L 2 -38.31 -1.52 19.99
CA VAL L 2 -39.12 -0.69 19.11
C VAL L 2 -40.16 0.06 19.93
N GLN L 3 -40.31 1.35 19.64
CA GLN L 3 -41.23 2.19 20.40
C GLN L 3 -41.81 3.27 19.50
N LEU L 4 -43.04 3.65 19.80
CA LEU L 4 -43.72 4.75 19.14
C LEU L 4 -44.42 5.59 20.19
N LYS L 5 -44.28 6.91 20.09
CA LYS L 5 -44.83 7.82 21.09
C LYS L 5 -45.44 9.03 20.38
N GLU L 6 -46.72 9.29 20.65
CA GLU L 6 -47.41 10.42 20.05
C GLU L 6 -47.21 11.67 20.90
N SER L 7 -47.29 12.83 20.23
CA SER L 7 -47.17 14.13 20.89
C SER L 7 -48.31 15.00 20.40
N GLY L 8 -49.30 15.22 21.27
CA GLY L 8 -50.48 15.97 20.91
C GLY L 8 -50.66 17.22 21.74
N PRO L 9 -51.48 18.16 21.26
CA PRO L 9 -51.73 19.38 22.03
C PRO L 9 -52.60 19.15 23.24
N GLY L 10 -53.43 18.11 23.24
CA GLY L 10 -54.32 17.84 24.36
C GLY L 10 -55.69 18.44 24.16
N LEU L 11 -55.75 19.77 23.99
CA LEU L 11 -56.98 20.48 23.72
C LEU L 11 -56.90 21.11 22.33
N VAL L 12 -58.03 21.10 21.62
CA VAL L 12 -58.14 21.69 20.29
C VAL L 12 -59.41 22.50 20.23
N ALA L 13 -59.30 23.75 19.83
CA ALA L 13 -60.50 24.57 19.69
C ALA L 13 -61.24 24.19 18.40
N PRO L 14 -62.57 24.31 18.40
CA PRO L 14 -63.32 24.06 17.17
C PRO L 14 -62.87 24.97 16.04
N SER L 15 -62.93 24.44 14.82
CA SER L 15 -62.49 25.06 13.57
C SER L 15 -60.98 25.25 13.52
N GLN L 16 -60.24 24.89 14.56
CA GLN L 16 -58.79 24.98 14.57
C GLN L 16 -58.17 23.65 14.11
N SER L 17 -56.93 23.74 13.65
CA SER L 17 -56.23 22.57 13.14
C SER L 17 -55.66 21.74 14.29
N LEU L 18 -55.44 20.47 14.01
CA LEU L 18 -54.84 19.53 14.96
C LEU L 18 -53.51 19.05 14.39
N SER L 19 -52.47 19.07 15.23
CA SER L 19 -51.14 18.62 14.85
C SER L 19 -50.63 17.62 15.87
N ILE L 20 -50.23 16.44 15.39
CA ILE L 20 -49.72 15.36 16.23
C ILE L 20 -48.43 14.84 15.60
N THR L 21 -47.43 14.59 16.45
CA THR L 21 -46.13 14.08 16.01
C THR L 21 -45.90 12.71 16.63
N CYS L 22 -45.53 11.74 15.77
CA CYS L 22 -45.30 10.36 16.18
C CYS L 22 -43.81 10.09 16.12
N THR L 23 -43.14 10.12 17.27
CA THR L 23 -41.73 9.82 17.35
C THR L 23 -41.51 8.31 17.48
N VAL L 24 -40.53 7.80 16.75
CA VAL L 24 -40.27 6.37 16.69
C VAL L 24 -38.81 6.10 17.00
N SER L 25 -38.55 4.86 17.43
CA SER L 25 -37.19 4.42 17.75
C SER L 25 -37.10 2.92 17.53
N GLY L 26 -35.89 2.45 17.27
CA GLY L 26 -35.66 1.04 17.02
C GLY L 26 -35.85 0.58 15.60
N PHE L 27 -36.29 1.47 14.71
CA PHE L 27 -36.44 1.15 13.30
C PHE L 27 -36.37 2.46 12.51
N SER L 28 -35.96 2.34 11.25
CA SER L 28 -35.84 3.50 10.39
C SER L 28 -37.16 3.78 9.68
N LEU L 29 -37.49 5.07 9.57
CA LEU L 29 -38.69 5.46 8.83
C LEU L 29 -38.54 5.23 7.33
N THR L 30 -37.31 5.07 6.84
CA THR L 30 -37.11 4.79 5.42
C THR L 30 -37.46 3.36 5.05
N GLY L 31 -37.65 2.47 6.01
CA GLY L 31 -37.94 1.08 5.72
C GLY L 31 -39.24 0.58 6.31
N TYR L 32 -40.01 1.47 6.93
CA TYR L 32 -41.25 1.09 7.58
C TYR L 32 -42.32 2.15 7.37
N GLY L 33 -43.57 1.71 7.20
CA GLY L 33 -44.68 2.63 7.08
C GLY L 33 -45.31 2.92 8.43
N ILE L 34 -45.96 4.09 8.51
CA ILE L 34 -46.58 4.56 9.75
C ILE L 34 -48.04 4.88 9.47
N ASN L 35 -48.94 4.15 10.10
CA ASN L 35 -50.36 4.39 10.01
C ASN L 35 -50.81 5.40 11.06
N TRP L 36 -51.94 6.05 10.78
CA TRP L 36 -52.62 6.90 11.75
C TRP L 36 -54.02 6.36 11.94
N VAL L 37 -54.32 5.91 13.17
CA VAL L 37 -55.63 5.39 13.52
C VAL L 37 -56.13 6.15 14.73
N ARG L 38 -57.40 6.56 14.70
CA ARG L 38 -58.02 7.24 15.81
C ARG L 38 -59.20 6.43 16.33
N GLN L 39 -59.43 6.53 17.64
CA GLN L 39 -60.53 5.83 18.29
C GLN L 39 -61.32 6.83 19.12
N PRO L 40 -62.58 7.10 18.79
CA PRO L 40 -63.40 7.97 19.64
C PRO L 40 -63.60 7.36 21.01
N PRO L 41 -64.10 8.14 21.98
CA PRO L 41 -64.46 7.54 23.27
C PRO L 41 -65.46 6.42 23.12
N GLY L 42 -66.39 6.54 22.17
CA GLY L 42 -67.25 5.42 21.83
C GLY L 42 -66.49 4.36 21.05
N LYS L 43 -67.08 3.16 21.02
CA LYS L 43 -66.42 2.01 20.42
C LYS L 43 -66.13 2.25 18.95
N GLY L 44 -65.02 1.66 18.48
CA GLY L 44 -64.71 1.66 17.07
C GLY L 44 -63.39 2.32 16.70
N LEU L 45 -62.51 1.56 16.04
CA LEU L 45 -61.31 2.14 15.47
C LEU L 45 -61.61 2.73 14.10
N GLU L 46 -60.89 3.80 13.76
CA GLU L 46 -61.07 4.48 12.47
C GLU L 46 -59.70 4.78 11.90
N TRP L 47 -59.35 4.09 10.81
CA TRP L 47 -58.09 4.35 10.13
C TRP L 47 -58.15 5.69 9.41
N LEU L 48 -57.15 6.54 9.65
CA LEU L 48 -57.08 7.85 9.03
C LEU L 48 -56.22 7.86 7.77
N GLY L 49 -55.03 7.27 7.85
CA GLY L 49 -54.15 7.24 6.70
C GLY L 49 -52.82 6.62 7.07
N MET L 50 -51.90 6.65 6.11
CA MET L 50 -50.56 6.14 6.35
C MET L 50 -49.60 6.83 5.39
N ILE L 51 -48.33 6.92 5.81
CA ILE L 51 -47.26 7.42 4.96
C ILE L 51 -46.30 6.27 4.70
N TRP L 52 -46.15 5.90 3.44
CA TRP L 52 -45.29 4.78 3.09
C TRP L 52 -43.83 5.16 3.28
N SER L 53 -42.98 4.12 3.36
CA SER L 53 -41.57 4.33 3.64
C SER L 53 -40.90 5.26 2.63
N ASP L 54 -41.42 5.31 1.41
CA ASP L 54 -40.90 6.21 0.39
C ASP L 54 -41.47 7.63 0.50
N GLY L 55 -42.40 7.87 1.40
CA GLY L 55 -43.04 9.16 1.54
C GLY L 55 -44.39 9.28 0.87
N SER L 56 -44.80 8.30 0.08
CA SER L 56 -46.12 8.32 -0.53
C SER L 56 -47.19 8.08 0.53
N THR L 57 -48.39 8.60 0.25
CA THR L 57 -49.46 8.60 1.24
C THR L 57 -50.75 8.06 0.65
N ASP L 58 -51.41 7.21 1.43
CA ASP L 58 -52.79 6.80 1.19
C ASP L 58 -53.62 7.22 2.40
N TYR L 59 -54.86 7.65 2.15
CA TYR L 59 -55.70 8.18 3.21
C TYR L 59 -57.04 7.46 3.24
N ASN L 60 -57.78 7.72 4.32
CA ASN L 60 -59.16 7.25 4.42
C ASN L 60 -60.03 8.03 3.44
N SER L 61 -61.08 7.35 2.95
CA SER L 61 -61.91 7.90 1.89
C SER L 61 -62.53 9.25 2.25
N VAL L 62 -62.65 9.57 3.54
CA VAL L 62 -63.17 10.87 3.94
C VAL L 62 -62.00 11.68 4.52
N LEU L 63 -61.30 12.40 3.63
CA LEU L 63 -60.06 13.07 3.99
C LEU L 63 -59.99 14.52 3.55
N THR L 64 -60.92 14.98 2.72
CA THR L 64 -60.81 16.24 1.97
C THR L 64 -60.29 17.40 2.81
N SER L 65 -59.03 17.77 2.57
CA SER L 65 -58.36 18.91 3.20
C SER L 65 -58.14 18.71 4.70
N ARG L 66 -58.69 17.63 5.27
CA ARG L 66 -58.62 17.40 6.70
C ARG L 66 -57.51 16.44 7.10
N LEU L 67 -56.75 15.90 6.15
CA LEU L 67 -55.65 15.00 6.49
C LEU L 67 -54.45 15.30 5.62
N ARG L 68 -53.28 15.35 6.26
CA ARG L 68 -52.02 15.61 5.56
C ARG L 68 -50.90 15.01 6.40
N ILE L 69 -50.27 13.95 5.91
CA ILE L 69 -49.24 13.23 6.65
C ILE L 69 -47.91 13.46 5.97
N SER L 70 -46.90 13.86 6.75
CA SER L 70 -45.53 13.99 6.29
C SER L 70 -44.62 13.36 7.34
N LYS L 71 -43.31 13.39 7.07
CA LYS L 71 -42.36 12.82 8.01
C LYS L 71 -40.98 13.42 7.76
N ASP L 72 -40.10 13.22 8.75
CA ASP L 72 -38.70 13.60 8.68
C ASP L 72 -37.88 12.36 9.01
N ASN L 73 -37.40 11.68 7.95
CA ASN L 73 -36.68 10.43 8.14
C ASN L 73 -35.46 10.61 9.04
N SER L 74 -34.75 11.73 8.90
CA SER L 74 -33.53 11.95 9.67
C SER L 74 -33.81 12.09 11.16
N ASN L 75 -35.01 12.53 11.53
CA ASN L 75 -35.37 12.72 12.93
C ASN L 75 -36.38 11.69 13.44
N SER L 76 -36.70 10.69 12.62
CA SER L 76 -37.58 9.58 13.03
C SER L 76 -38.92 10.10 13.53
N GLN L 77 -39.49 11.06 12.81
CA GLN L 77 -40.76 11.68 13.18
C GLN L 77 -41.76 11.56 12.03
N VAL L 78 -43.03 11.36 12.39
CA VAL L 78 -44.13 11.35 11.44
C VAL L 78 -45.17 12.36 11.91
N PHE L 79 -45.59 13.24 11.02
CA PHE L 79 -46.47 14.36 11.36
C PHE L 79 -47.85 14.14 10.78
N LEU L 80 -48.87 14.29 11.62
CA LEU L 80 -50.26 14.28 11.20
C LEU L 80 -50.88 15.65 11.43
N LYS L 81 -51.66 16.11 10.44
CA LYS L 81 -52.36 17.37 10.53
C LYS L 81 -53.83 17.16 10.18
N MET L 82 -54.71 17.79 10.95
CA MET L 82 -56.16 17.67 10.74
C MET L 82 -56.79 19.03 10.91
N ASN L 83 -57.51 19.49 9.88
CA ASN L 83 -58.07 20.83 9.86
C ASN L 83 -59.49 20.85 10.40
N SER L 84 -59.85 21.97 11.03
CA SER L 84 -61.22 22.29 11.41
C SER L 84 -61.89 21.15 12.17
N LEU L 85 -61.30 20.82 13.33
CA LEU L 85 -61.87 19.77 14.17
C LEU L 85 -63.21 20.21 14.75
N GLN L 86 -64.07 19.22 15.01
CA GLN L 86 -65.37 19.49 15.60
C GLN L 86 -65.59 18.61 16.82
N VAL L 87 -66.82 18.63 17.36
CA VAL L 87 -67.10 17.89 18.58
C VAL L 87 -66.94 16.39 18.36
N ASP L 88 -67.34 15.90 17.19
CA ASP L 88 -67.25 14.47 16.91
C ASP L 88 -65.83 14.01 16.64
N ASP L 89 -64.85 14.92 16.58
CA ASP L 89 -63.46 14.57 16.36
C ASP L 89 -62.71 14.27 17.64
N THR L 90 -63.31 14.54 18.80
CA THR L 90 -62.70 14.16 20.07
C THR L 90 -62.48 12.66 20.11
N ALA L 91 -61.21 12.25 20.18
CA ALA L 91 -60.86 10.85 20.06
C ALA L 91 -59.42 10.66 20.53
N ARG L 92 -59.03 9.41 20.70
CA ARG L 92 -57.66 9.04 20.97
C ARG L 92 -56.99 8.64 19.66
N TYR L 93 -55.84 9.24 19.39
CA TYR L 93 -55.16 9.09 18.10
C TYR L 93 -53.89 8.27 18.29
N TYR L 94 -53.83 7.12 17.64
CA TYR L 94 -52.66 6.25 17.66
C TYR L 94 -51.87 6.41 16.38
N CYS L 95 -50.60 6.03 16.45
CA CYS L 95 -49.78 5.76 15.27
C CYS L 95 -49.21 4.36 15.40
N ALA L 96 -49.35 3.57 14.35
CA ALA L 96 -48.95 2.17 14.36
C ALA L 96 -47.95 1.91 13.24
N ARG L 97 -46.88 1.21 13.56
CA ARG L 97 -45.90 0.85 12.54
C ARG L 97 -46.44 -0.29 11.68
N ASP L 98 -46.11 -0.24 10.39
CA ASP L 98 -46.49 -1.30 9.48
C ASP L 98 -45.56 -2.50 9.63
N ARG L 99 -46.13 -3.70 9.64
CA ARG L 99 -45.33 -4.92 9.63
C ARG L 99 -44.74 -5.08 8.24
N ASN L 100 -43.47 -4.71 8.09
CA ASN L 100 -42.84 -4.67 6.77
C ASN L 100 -42.44 -6.07 6.31
N TYR L 101 -43.33 -7.06 6.47
CA TYR L 101 -43.04 -8.40 5.95
C TYR L 101 -42.94 -8.38 4.43
N TYR L 102 -43.90 -7.74 3.77
CA TYR L 102 -43.79 -7.36 2.38
C TYR L 102 -43.57 -5.86 2.28
N ASP L 103 -43.15 -5.41 1.09
CA ASP L 103 -43.03 -3.97 0.87
C ASP L 103 -44.40 -3.30 0.90
N TYR L 104 -45.44 -4.00 0.47
CA TYR L 104 -46.82 -3.52 0.48
C TYR L 104 -47.60 -4.50 1.36
N ASP L 105 -47.62 -4.23 2.67
CA ASP L 105 -48.25 -5.16 3.61
C ASP L 105 -49.59 -4.62 4.10
N GLY L 106 -49.57 -3.79 5.14
CA GLY L 106 -50.76 -3.19 5.70
C GLY L 106 -51.03 -3.60 7.14
N ALA L 107 -50.56 -4.77 7.55
CA ALA L 107 -50.76 -5.23 8.91
C ALA L 107 -49.92 -4.40 9.87
N MET L 108 -50.54 -3.94 10.95
CA MET L 108 -49.88 -3.10 11.93
C MET L 108 -49.49 -3.94 13.14
N ASP L 109 -48.21 -3.89 13.50
CA ASP L 109 -47.66 -4.76 14.54
C ASP L 109 -47.20 -4.02 15.79
N TYR L 110 -46.74 -2.77 15.66
CA TYR L 110 -46.28 -1.99 16.81
C TYR L 110 -47.08 -0.70 16.88
N TRP L 111 -47.83 -0.53 17.97
CA TRP L 111 -48.65 0.64 18.19
C TRP L 111 -48.06 1.51 19.29
N GLY L 112 -48.26 2.81 19.17
CA GLY L 112 -47.93 3.71 20.25
C GLY L 112 -48.99 3.71 21.32
N GLN L 113 -48.65 4.31 22.46
CA GLN L 113 -49.59 4.35 23.58
C GLN L 113 -50.82 5.19 23.27
N GLY L 114 -50.75 6.07 22.27
CA GLY L 114 -51.87 6.91 21.91
C GLY L 114 -51.86 8.24 22.64
N THR L 115 -52.63 9.18 22.10
CA THR L 115 -52.77 10.50 22.70
C THR L 115 -54.24 10.91 22.66
N SER L 116 -54.70 11.52 23.75
CA SER L 116 -56.07 11.99 23.83
C SER L 116 -56.21 13.36 23.18
N VAL L 117 -57.25 13.52 22.37
CA VAL L 117 -57.54 14.77 21.69
C VAL L 117 -58.97 15.17 22.02
N THR L 118 -59.16 16.33 22.63
CA THR L 118 -60.46 16.83 23.03
C THR L 118 -60.73 18.15 22.33
N VAL L 119 -61.93 18.30 21.79
CA VAL L 119 -62.35 19.53 21.10
C VAL L 119 -63.47 20.14 21.92
N SER L 120 -63.16 21.15 22.74
CA SER L 120 -64.15 21.76 23.60
C SER L 120 -64.02 23.26 23.75
N SER L 121 -62.81 23.84 23.67
CA SER L 121 -62.59 25.28 23.86
C SER L 121 -63.16 25.74 25.20
N ALA L 122 -63.07 24.89 26.20
CA ALA L 122 -63.58 25.19 27.53
C ALA L 122 -62.43 25.48 28.48
N LYS L 123 -62.63 26.49 29.33
CA LYS L 123 -61.65 26.80 30.36
C LYS L 123 -61.81 25.85 31.54
N THR L 124 -60.83 25.88 32.43
CA THR L 124 -60.88 25.05 33.63
C THR L 124 -61.99 25.54 34.56
N THR L 125 -62.80 24.61 35.06
CA THR L 125 -63.92 24.95 35.92
C THR L 125 -63.99 23.93 37.07
N PRO L 126 -64.04 24.38 38.32
CA PRO L 126 -64.12 23.43 39.43
C PRO L 126 -65.45 22.77 39.49
N PRO L 127 -65.54 21.52 39.99
CA PRO L 127 -66.82 20.82 40.08
C PRO L 127 -67.67 21.34 41.23
N SER L 128 -68.95 20.99 41.17
CA SER L 128 -69.92 21.26 42.22
C SER L 128 -70.52 19.93 42.67
N VAL L 129 -70.18 19.51 43.89
CA VAL L 129 -70.63 18.23 44.42
C VAL L 129 -71.95 18.43 45.15
N TYR L 130 -72.95 17.62 44.79
CA TYR L 130 -74.27 17.69 45.39
C TYR L 130 -74.64 16.33 45.97
N PRO L 131 -74.98 16.23 47.25
CA PRO L 131 -75.40 14.93 47.79
C PRO L 131 -76.77 14.53 47.29
N LEU L 132 -76.95 13.23 47.10
CA LEU L 132 -78.20 12.65 46.62
C LEU L 132 -78.74 11.73 47.69
N ALA L 133 -79.82 12.15 48.34
CA ALA L 133 -80.44 11.40 49.42
C ALA L 133 -81.93 11.24 49.14
N PRO L 134 -82.54 10.13 49.60
CA PRO L 134 -83.98 9.90 49.46
C PRO L 134 -84.83 11.01 50.06
N SER L 142 -82.88 -6.02 53.01
CA SER L 142 -83.34 -4.64 52.88
C SER L 142 -82.16 -3.68 52.85
N MET L 143 -81.80 -3.21 51.66
CA MET L 143 -80.69 -2.30 51.46
C MET L 143 -81.19 -0.99 50.89
N VAL L 144 -80.39 0.06 51.08
CA VAL L 144 -80.73 1.41 50.63
C VAL L 144 -79.54 1.98 49.86
N THR L 145 -79.82 2.73 48.79
CA THR L 145 -78.81 3.29 47.92
C THR L 145 -78.71 4.80 48.13
N LEU L 146 -77.48 5.30 48.20
CA LEU L 146 -77.19 6.72 48.27
C LEU L 146 -76.22 7.07 47.14
N GLY L 147 -76.07 8.38 46.89
CA GLY L 147 -75.24 8.78 45.77
C GLY L 147 -74.72 10.19 45.89
N CYS L 148 -73.81 10.53 44.98
CA CYS L 148 -73.22 11.85 44.89
C CYS L 148 -73.15 12.28 43.42
N LEU L 149 -73.34 13.57 43.20
CA LEU L 149 -73.36 14.15 41.86
C LEU L 149 -72.22 15.14 41.72
N VAL L 150 -71.30 14.87 40.80
CA VAL L 150 -70.17 15.75 40.51
C VAL L 150 -70.44 16.37 39.15
N LYS L 151 -70.88 17.63 39.14
CA LYS L 151 -71.33 18.29 37.93
C LYS L 151 -70.55 19.56 37.67
N GLY L 152 -70.40 19.89 36.39
CA GLY L 152 -69.87 21.17 35.98
C GLY L 152 -68.37 21.35 36.09
N TYR L 153 -67.60 20.28 35.92
CA TYR L 153 -66.15 20.37 35.99
C TYR L 153 -65.53 20.24 34.60
N PHE L 154 -64.31 20.76 34.47
CA PHE L 154 -63.56 20.69 33.23
C PHE L 154 -62.11 21.01 33.52
N PRO L 155 -61.15 20.27 32.95
CA PRO L 155 -61.41 19.10 32.11
C PRO L 155 -61.44 17.79 32.91
N GLU L 156 -61.35 16.67 32.20
CA GLU L 156 -61.29 15.37 32.86
C GLU L 156 -59.91 15.15 33.46
N PRO L 157 -59.77 14.20 34.41
CA PRO L 157 -60.80 13.33 35.00
C PRO L 157 -61.24 13.76 36.39
N VAL L 158 -61.82 12.81 37.13
CA VAL L 158 -62.26 13.04 38.51
C VAL L 158 -62.37 11.69 39.20
N THR L 159 -61.93 11.65 40.45
CA THR L 159 -61.91 10.43 41.24
C THR L 159 -62.95 10.50 42.34
N VAL L 160 -63.77 9.45 42.46
CA VAL L 160 -64.83 9.36 43.46
C VAL L 160 -64.48 8.24 44.43
N THR L 161 -64.79 8.46 45.71
CA THR L 161 -64.55 7.47 46.75
C THR L 161 -65.53 7.72 47.89
N TRP L 162 -65.89 6.64 48.58
CA TRP L 162 -66.87 6.69 49.66
C TRP L 162 -66.20 6.30 50.97
N ASN L 163 -66.34 7.16 51.98
CA ASN L 163 -65.72 6.97 53.29
C ASN L 163 -64.20 6.79 53.19
N SER L 164 -63.59 7.44 52.20
CA SER L 164 -62.15 7.38 51.96
C SER L 164 -61.68 5.96 51.69
N GLY L 165 -62.57 5.10 51.21
CA GLY L 165 -62.24 3.72 50.89
C GLY L 165 -62.85 2.69 51.80
N SER L 166 -63.45 3.11 52.93
CA SER L 166 -64.09 2.15 53.82
C SER L 166 -65.29 1.47 53.17
N LEU L 167 -65.93 2.14 52.22
CA LEU L 167 -67.07 1.59 51.49
C LEU L 167 -66.68 1.52 50.01
N SER L 168 -66.28 0.33 49.56
CA SER L 168 -65.85 0.13 48.18
C SER L 168 -66.70 -0.88 47.42
N SER L 169 -67.23 -1.89 48.09
CA SER L 169 -68.07 -2.87 47.42
C SER L 169 -69.46 -2.29 47.16
N GLY L 170 -70.02 -2.60 46.00
CA GLY L 170 -71.30 -2.05 45.61
C GLY L 170 -71.29 -0.61 45.16
N VAL L 171 -70.12 -0.03 44.95
CA VAL L 171 -69.98 1.35 44.52
C VAL L 171 -69.98 1.40 42.99
N HIS L 172 -70.68 2.37 42.43
CA HIS L 172 -70.73 2.57 40.98
C HIS L 172 -70.43 4.02 40.67
N THR L 173 -69.31 4.25 39.98
CA THR L 173 -68.92 5.59 39.51
C THR L 173 -69.11 5.61 38.00
N PHE L 174 -70.09 6.39 37.54
CA PHE L 174 -70.48 6.38 36.14
C PHE L 174 -69.54 7.25 35.31
N PRO L 175 -69.32 6.88 34.05
CA PRO L 175 -68.45 7.69 33.19
C PRO L 175 -69.01 9.09 32.98
N ALA L 176 -68.11 10.04 32.77
CA ALA L 176 -68.50 11.43 32.58
C ALA L 176 -69.14 11.62 31.20
N VAL L 177 -70.06 12.58 31.13
CA VAL L 177 -70.71 12.96 29.89
C VAL L 177 -70.54 14.45 29.69
N LEU L 178 -70.21 14.85 28.46
CA LEU L 178 -70.04 16.25 28.13
C LEU L 178 -71.41 16.90 27.92
N GLN L 179 -71.70 17.95 28.68
CA GLN L 179 -72.99 18.62 28.61
C GLN L 179 -72.81 20.08 28.95
N SER L 180 -73.31 20.96 28.08
CA SER L 180 -73.14 22.41 28.21
C SER L 180 -71.66 22.76 28.35
N ASP L 181 -70.89 22.33 27.33
CA ASP L 181 -69.44 22.44 27.25
C ASP L 181 -68.76 22.24 28.61
N LEU L 182 -69.22 21.25 29.37
CA LEU L 182 -68.63 20.93 30.66
C LEU L 182 -68.96 19.48 30.99
N TYR L 183 -68.12 18.87 31.81
CA TYR L 183 -68.29 17.48 32.18
C TYR L 183 -69.19 17.34 33.41
N THR L 184 -69.81 16.17 33.52
CA THR L 184 -70.74 15.90 34.61
C THR L 184 -70.77 14.38 34.85
N LEU L 185 -70.64 13.98 36.11
CA LEU L 185 -70.63 12.57 36.46
C LEU L 185 -71.37 12.36 37.77
N SER L 186 -71.75 11.12 38.03
CA SER L 186 -72.46 10.76 39.24
C SER L 186 -71.92 9.43 39.77
N SER L 187 -71.96 9.27 41.10
CA SER L 187 -71.53 8.05 41.75
C SER L 187 -72.57 7.66 42.80
N SER L 188 -72.74 6.35 42.98
CA SER L 188 -73.73 5.82 43.92
C SER L 188 -73.09 4.76 44.80
N VAL L 189 -73.69 4.55 45.97
CA VAL L 189 -73.20 3.58 46.93
C VAL L 189 -74.39 2.95 47.64
N THR L 190 -74.46 1.63 47.64
CA THR L 190 -75.54 0.89 48.29
C THR L 190 -75.07 0.34 49.62
N VAL L 191 -75.90 0.51 50.66
CA VAL L 191 -75.55 0.07 52.00
C VAL L 191 -76.76 -0.58 52.65
N PRO L 192 -76.52 -1.50 53.59
CA PRO L 192 -77.64 -2.12 54.30
C PRO L 192 -78.40 -1.10 55.14
N SER L 193 -79.72 -1.32 55.25
CA SER L 193 -80.58 -0.38 55.95
C SER L 193 -80.32 -0.37 57.46
N SER L 194 -79.65 -1.38 58.00
CA SER L 194 -79.32 -1.37 59.41
C SER L 194 -78.21 -0.39 59.73
N THR L 195 -77.33 -0.10 58.76
CA THR L 195 -76.23 0.84 58.95
C THR L 195 -76.70 2.26 58.66
N TRP L 196 -77.00 2.54 57.40
CA TRP L 196 -77.53 3.84 57.01
C TRP L 196 -79.02 3.92 57.36
N PRO L 197 -79.50 5.05 57.89
CA PRO L 197 -78.80 6.32 58.15
C PRO L 197 -78.14 6.43 59.52
N SER L 198 -78.08 5.34 60.29
CA SER L 198 -77.47 5.41 61.62
C SER L 198 -75.99 5.73 61.54
N GLN L 199 -75.34 5.42 60.43
CA GLN L 199 -73.94 5.74 60.20
C GLN L 199 -73.84 7.01 59.37
N THR L 200 -72.63 7.60 59.39
CA THR L 200 -72.32 8.78 58.59
C THR L 200 -71.64 8.33 57.29
N VAL L 201 -72.10 8.87 56.17
CA VAL L 201 -71.57 8.53 54.86
C VAL L 201 -71.20 9.82 54.14
N THR L 202 -69.97 9.89 53.62
CA THR L 202 -69.49 11.06 52.92
C THR L 202 -68.65 10.62 51.72
N CYS L 203 -68.92 11.21 50.56
CA CYS L 203 -68.19 10.90 49.34
C CYS L 203 -67.08 11.92 49.12
N ASN L 204 -66.04 11.48 48.43
CA ASN L 204 -64.86 12.31 48.16
C ASN L 204 -64.66 12.40 46.65
N VAL L 205 -64.76 13.61 46.11
CA VAL L 205 -64.57 13.87 44.68
C VAL L 205 -63.36 14.78 44.53
N ALA L 206 -62.40 14.36 43.71
CA ALA L 206 -61.16 15.10 43.49
C ALA L 206 -61.04 15.48 42.02
N HIS L 207 -60.52 16.68 41.78
CA HIS L 207 -60.31 17.19 40.42
C HIS L 207 -58.86 17.64 40.29
N PRO L 208 -58.17 17.26 39.21
CA PRO L 208 -56.75 17.59 39.12
C PRO L 208 -56.47 19.06 38.83
N ALA L 209 -57.22 19.67 37.91
CA ALA L 209 -56.93 21.03 37.50
C ALA L 209 -57.30 22.04 38.59
N SER L 210 -58.51 21.91 39.13
CA SER L 210 -58.96 22.84 40.18
C SER L 210 -58.31 22.55 41.52
N SER L 211 -57.58 21.44 41.66
CA SER L 211 -56.96 21.05 42.93
C SER L 211 -57.98 20.97 44.06
N THR L 212 -59.21 20.57 43.72
CA THR L 212 -60.30 20.49 44.68
C THR L 212 -60.54 19.04 45.09
N LYS L 213 -60.91 18.85 46.36
CA LYS L 213 -61.20 17.53 46.91
C LYS L 213 -62.28 17.71 47.99
N VAL L 214 -63.52 17.86 47.54
CA VAL L 214 -64.62 18.12 48.45
C VAL L 214 -64.93 16.86 49.27
N ASP L 215 -65.43 17.08 50.49
CA ASP L 215 -65.85 15.99 51.38
C ASP L 215 -67.27 16.27 51.87
N LYS L 216 -68.19 16.40 50.92
CA LYS L 216 -69.57 16.75 51.24
C LYS L 216 -70.24 15.62 52.00
N LYS L 217 -70.73 15.94 53.20
CA LYS L 217 -71.43 14.96 54.02
C LYS L 217 -72.85 14.78 53.52
N ILE L 218 -73.35 13.55 53.61
CA ILE L 218 -74.70 13.22 53.19
C ILE L 218 -75.63 13.32 54.39
N VAL L 219 -76.69 14.12 54.26
CA VAL L 219 -77.67 14.33 55.31
C VAL L 219 -78.96 13.64 54.86
N PRO L 220 -79.36 12.52 55.50
CA PRO L 220 -80.54 11.79 55.03
C PRO L 220 -81.83 12.57 55.23
N ARG L 221 -82.68 12.53 54.21
CA ARG L 221 -84.03 13.08 54.29
C ARG L 221 -84.03 14.56 54.68
N ASP M 1 69.20 -22.00 -5.68
CA ASP M 1 70.32 -22.88 -5.34
C ASP M 1 69.87 -24.34 -5.26
N ILE M 2 68.89 -24.69 -6.08
CA ILE M 2 68.41 -26.06 -6.20
C ILE M 2 68.51 -26.45 -7.67
N GLN M 3 69.60 -27.11 -8.03
CA GLN M 3 69.83 -27.51 -9.41
C GLN M 3 69.16 -28.85 -9.69
N VAL M 4 68.71 -29.02 -10.93
CA VAL M 4 68.09 -30.26 -11.38
C VAL M 4 68.85 -30.76 -12.60
N THR M 5 69.12 -32.05 -12.63
CA THR M 5 70.07 -32.62 -13.58
C THR M 5 69.35 -33.47 -14.62
N GLN M 6 69.83 -33.39 -15.86
CA GLN M 6 69.43 -34.27 -16.94
C GLN M 6 70.61 -35.16 -17.31
N SER M 7 70.34 -36.44 -17.55
CA SER M 7 71.43 -37.38 -17.76
C SER M 7 71.96 -37.33 -19.19
N SER M 8 71.06 -37.33 -20.17
CA SER M 8 71.46 -37.36 -21.57
C SER M 8 70.63 -36.37 -22.37
N SER M 9 71.29 -35.63 -23.26
CA SER M 9 70.58 -34.68 -24.11
C SER M 9 69.81 -35.37 -25.22
N TYR M 10 70.28 -36.52 -25.70
CA TYR M 10 69.63 -37.27 -26.75
C TYR M 10 69.42 -38.71 -26.28
N LEU M 11 68.27 -39.29 -26.64
CA LEU M 11 67.91 -40.64 -26.22
C LEU M 11 67.27 -41.34 -27.41
N SER M 12 68.02 -42.25 -28.04
CA SER M 12 67.50 -42.97 -29.20
C SER M 12 66.42 -43.96 -28.79
N VAL M 13 65.38 -44.08 -29.62
CA VAL M 13 64.28 -44.98 -29.35
C VAL M 13 63.56 -45.26 -30.67
N SER M 14 62.93 -46.42 -30.73
CA SER M 14 62.12 -46.81 -31.89
C SER M 14 60.64 -46.63 -31.58
N LEU M 15 59.84 -46.50 -32.63
CA LEU M 15 58.41 -46.31 -32.46
C LEU M 15 57.78 -47.56 -31.86
N GLY M 16 56.90 -47.34 -30.87
CA GLY M 16 56.24 -48.42 -30.17
C GLY M 16 57.02 -48.99 -29.01
N ASP M 17 58.27 -48.59 -28.82
CA ASP M 17 59.08 -49.07 -27.72
C ASP M 17 58.95 -48.15 -26.51
N ARG M 18 59.17 -48.71 -25.32
CA ARG M 18 59.08 -47.93 -24.10
C ARG M 18 60.26 -46.98 -23.99
N VAL M 19 59.97 -45.74 -23.62
CA VAL M 19 60.98 -44.71 -23.44
C VAL M 19 61.00 -44.30 -21.97
N THR M 20 62.16 -43.82 -21.52
CA THR M 20 62.33 -43.41 -20.13
C THR M 20 63.37 -42.31 -20.07
N ILE M 21 62.94 -41.08 -19.80
CA ILE M 21 63.82 -39.94 -19.65
C ILE M 21 64.01 -39.67 -18.17
N THR M 22 65.26 -39.59 -17.74
CA THR M 22 65.57 -39.44 -16.33
C THR M 22 65.72 -37.97 -15.94
N CYS M 23 65.63 -37.71 -14.64
CA CYS M 23 65.71 -36.37 -14.08
C CYS M 23 66.02 -36.48 -12.60
N LYS M 24 66.99 -35.70 -12.12
CA LYS M 24 67.43 -35.79 -10.75
C LYS M 24 67.72 -34.39 -10.20
N ALA M 25 67.29 -34.16 -8.96
CA ALA M 25 67.48 -32.87 -8.30
C ALA M 25 68.68 -32.93 -7.36
N SER M 26 69.24 -31.75 -7.07
CA SER M 26 70.39 -31.66 -6.19
C SER M 26 70.02 -31.94 -4.74
N ASP M 27 68.75 -31.77 -4.37
CA ASP M 27 68.27 -32.06 -3.03
C ASP M 27 66.87 -32.64 -3.12
N HIS M 28 66.39 -33.17 -2.00
CA HIS M 28 65.10 -33.85 -1.97
C HIS M 28 63.98 -32.83 -2.09
N ILE M 29 63.45 -32.66 -3.30
CA ILE M 29 62.35 -31.73 -3.52
C ILE M 29 60.99 -32.35 -3.22
N LYS M 30 60.89 -33.68 -3.15
CA LYS M 30 59.69 -34.37 -2.70
C LYS M 30 58.46 -33.97 -3.51
N ASN M 31 58.34 -34.50 -4.74
CA ASN M 31 57.16 -34.39 -5.59
C ASN M 31 57.11 -33.06 -6.36
N TRP M 32 57.70 -32.00 -5.80
CA TRP M 32 57.59 -30.66 -6.40
C TRP M 32 58.48 -30.55 -7.63
N LEU M 33 58.04 -31.22 -8.69
CA LEU M 33 58.71 -31.17 -9.99
C LEU M 33 57.67 -31.31 -11.08
N ALA M 34 58.01 -30.82 -12.27
CA ALA M 34 57.10 -30.84 -13.41
C ALA M 34 57.83 -31.33 -14.65
N TRP M 35 57.05 -31.70 -15.67
CA TRP M 35 57.57 -32.17 -16.95
C TRP M 35 56.95 -31.39 -18.08
N TYR M 36 57.76 -31.12 -19.12
CA TYR M 36 57.31 -30.37 -20.28
C TYR M 36 57.84 -31.03 -21.55
N GLN M 37 56.99 -31.14 -22.56
CA GLN M 37 57.41 -31.55 -23.89
C GLN M 37 57.39 -30.34 -24.81
N GLN M 38 58.33 -30.30 -25.75
CA GLN M 38 58.50 -29.15 -26.63
C GLN M 38 58.80 -29.64 -28.04
N LYS M 39 57.83 -29.49 -28.94
CA LYS M 39 58.09 -29.72 -30.34
C LYS M 39 59.06 -28.65 -30.86
N PRO M 40 59.76 -28.93 -31.97
CA PRO M 40 60.77 -27.97 -32.44
C PRO M 40 60.23 -26.59 -32.73
N GLY M 41 58.96 -26.46 -33.08
CA GLY M 41 58.41 -25.17 -33.43
C GLY M 41 57.57 -24.53 -32.35
N ILE M 42 56.71 -25.31 -31.69
CA ILE M 42 55.75 -24.76 -30.74
C ILE M 42 56.39 -24.59 -29.38
N ALA M 43 55.71 -23.85 -28.49
CA ALA M 43 56.19 -23.58 -27.16
C ALA M 43 56.06 -24.80 -26.27
N PRO M 44 56.82 -24.88 -25.18
CA PRO M 44 56.70 -26.02 -24.26
C PRO M 44 55.33 -26.05 -23.59
N ARG M 45 54.84 -27.26 -23.34
CA ARG M 45 53.56 -27.45 -22.69
C ARG M 45 53.72 -28.38 -21.50
N LEU M 46 52.91 -28.15 -20.47
CA LEU M 46 52.99 -28.91 -19.24
C LEU M 46 52.48 -30.34 -19.47
N LEU M 47 53.37 -31.33 -19.27
CA LEU M 47 52.99 -32.72 -19.43
C LEU M 47 52.49 -33.32 -18.12
N VAL M 48 53.35 -33.37 -17.11
CA VAL M 48 53.03 -33.99 -15.82
C VAL M 48 53.44 -33.02 -14.72
N SER M 49 52.46 -32.42 -14.06
CA SER M 49 52.71 -31.60 -12.88
C SER M 49 52.74 -32.49 -11.64
N GLY M 50 53.54 -32.07 -10.66
CA GLY M 50 53.74 -32.95 -9.53
C GLY M 50 54.56 -34.17 -9.91
N ALA M 51 54.49 -35.20 -9.07
CA ALA M 51 55.25 -36.42 -9.33
C ALA M 51 54.55 -37.29 -10.38
N THR M 52 53.36 -37.79 -10.05
CA THR M 52 52.65 -38.74 -10.89
C THR M 52 51.36 -38.19 -11.47
N SER M 53 50.99 -36.96 -11.16
CA SER M 53 49.72 -36.39 -11.58
C SER M 53 49.81 -35.95 -13.04
N LEU M 54 49.09 -36.66 -13.91
CA LEU M 54 49.04 -36.29 -15.32
C LEU M 54 48.13 -35.09 -15.53
N GLU M 55 48.53 -34.20 -16.43
CA GLU M 55 47.72 -33.04 -16.75
C GLU M 55 46.51 -33.45 -17.60
N ALA M 56 45.48 -32.61 -17.58
CA ALA M 56 44.27 -32.90 -18.34
C ALA M 56 44.56 -32.92 -19.83
N GLY M 57 44.02 -33.94 -20.51
CA GLY M 57 44.23 -34.11 -21.93
C GLY M 57 45.47 -34.89 -22.30
N VAL M 58 46.25 -35.35 -21.33
CA VAL M 58 47.47 -36.10 -21.59
C VAL M 58 47.11 -37.58 -21.73
N PRO M 59 47.56 -38.24 -22.80
CA PRO M 59 47.23 -39.67 -22.96
C PRO M 59 47.90 -40.52 -21.89
N SER M 60 47.28 -41.67 -21.62
CA SER M 60 47.74 -42.56 -20.55
C SER M 60 49.09 -43.21 -20.83
N ARG M 61 49.60 -43.11 -22.06
CA ARG M 61 50.90 -43.68 -22.35
C ARG M 61 52.01 -43.00 -21.56
N PHE M 62 51.85 -41.71 -21.26
CA PHE M 62 52.81 -41.00 -20.42
C PHE M 62 52.55 -41.31 -18.95
N SER M 63 53.63 -41.39 -18.18
CA SER M 63 53.51 -41.67 -16.74
C SER M 63 54.77 -41.19 -16.04
N GLY M 64 54.63 -40.20 -15.16
CA GLY M 64 55.73 -39.76 -14.33
C GLY M 64 55.81 -40.55 -13.04
N SER M 65 56.98 -40.53 -12.41
CA SER M 65 57.19 -41.27 -11.18
C SER M 65 58.41 -40.70 -10.46
N GLY M 66 58.54 -41.07 -9.21
CA GLY M 66 59.68 -40.67 -8.40
C GLY M 66 59.30 -39.71 -7.29
N SER M 67 60.20 -39.60 -6.32
CA SER M 67 60.05 -38.67 -5.21
C SER M 67 61.42 -38.40 -4.62
N GLY M 68 61.58 -37.19 -4.07
CA GLY M 68 62.85 -36.81 -3.48
C GLY M 68 63.87 -36.33 -4.48
N LYS M 69 64.79 -37.21 -4.88
CA LYS M 69 65.88 -36.85 -5.77
C LYS M 69 65.67 -37.38 -7.18
N ASN M 70 65.57 -38.70 -7.35
CA ASN M 70 65.45 -39.29 -8.68
C ASN M 70 64.03 -39.15 -9.21
N PHE M 71 63.93 -38.86 -10.51
CA PHE M 71 62.66 -38.77 -11.20
C PHE M 71 62.81 -39.32 -12.61
N THR M 72 61.72 -39.89 -13.13
CA THR M 72 61.76 -40.50 -14.46
C THR M 72 60.39 -40.44 -15.10
N LEU M 73 60.31 -39.77 -16.24
CA LEU M 73 59.11 -39.80 -17.08
C LEU M 73 59.25 -40.89 -18.11
N SER M 74 58.17 -41.66 -18.30
CA SER M 74 58.21 -42.83 -19.16
C SER M 74 56.97 -42.89 -20.05
N ILE M 75 57.17 -43.28 -21.29
CA ILE M 75 56.09 -43.52 -22.25
C ILE M 75 56.01 -45.01 -22.52
N THR M 76 54.82 -45.58 -22.34
CA THR M 76 54.65 -47.02 -22.46
C THR M 76 54.91 -47.49 -23.89
N SER M 77 54.40 -46.76 -24.89
CA SER M 77 54.62 -47.07 -26.29
C SER M 77 54.75 -45.77 -27.05
N LEU M 78 55.94 -45.50 -27.58
CA LEU M 78 56.21 -44.24 -28.25
C LEU M 78 55.36 -44.08 -29.50
N GLN M 79 54.72 -42.92 -29.65
CA GLN M 79 53.93 -42.58 -30.82
C GLN M 79 54.64 -41.51 -31.62
N THR M 80 54.17 -41.33 -32.86
CA THR M 80 54.77 -40.32 -33.74
C THR M 80 54.59 -38.92 -33.18
N GLU M 81 53.51 -38.68 -32.44
CA GLU M 81 53.28 -37.39 -31.81
C GLU M 81 54.09 -37.20 -30.53
N ASP M 82 54.63 -38.28 -29.96
CA ASP M 82 55.37 -38.21 -28.72
C ASP M 82 56.84 -37.85 -28.91
N VAL M 83 57.31 -37.78 -30.16
CA VAL M 83 58.72 -37.46 -30.43
C VAL M 83 58.93 -35.97 -30.19
N ALA M 84 59.65 -35.63 -29.14
CA ALA M 84 59.95 -34.24 -28.79
C ALA M 84 61.06 -34.24 -27.75
N THR M 85 61.53 -33.04 -27.44
CA THR M 85 62.48 -32.84 -26.35
C THR M 85 61.71 -32.63 -25.06
N TYR M 86 62.20 -33.24 -23.98
CA TYR M 86 61.50 -33.24 -22.69
C TYR M 86 62.37 -32.56 -21.64
N TYR M 87 61.78 -31.60 -20.94
CA TYR M 87 62.44 -30.85 -19.88
C TYR M 87 61.71 -31.07 -18.57
N CYS M 88 62.46 -31.32 -17.50
CA CYS M 88 61.90 -31.38 -16.16
C CYS M 88 62.25 -30.09 -15.42
N GLN M 89 61.34 -29.68 -14.54
CA GLN M 89 61.48 -28.41 -13.82
C GLN M 89 61.00 -28.59 -12.39
N GLN M 90 61.90 -28.36 -11.43
CA GLN M 90 61.52 -28.37 -10.03
C GLN M 90 60.92 -27.03 -9.64
N TYR M 91 59.98 -27.06 -8.70
CA TYR M 91 59.43 -25.83 -8.15
C TYR M 91 59.28 -25.94 -6.64
N TRP M 92 60.28 -26.54 -5.99
CA TRP M 92 60.28 -26.59 -4.53
C TRP M 92 60.60 -25.22 -3.94
N SER M 93 61.53 -24.50 -4.55
CA SER M 93 61.96 -23.21 -4.02
C SER M 93 62.46 -22.33 -5.15
N THR M 94 62.20 -21.03 -5.03
CA THR M 94 62.71 -20.08 -6.00
C THR M 94 64.22 -19.91 -5.82
N PRO M 95 64.98 -19.73 -6.92
CA PRO M 95 64.49 -19.64 -8.30
C PRO M 95 64.22 -21.01 -8.92
N TRP M 96 63.20 -21.09 -9.79
CA TRP M 96 62.94 -22.33 -10.49
C TRP M 96 64.10 -22.66 -11.42
N THR M 97 64.37 -23.95 -11.58
CA THR M 97 65.45 -24.42 -12.44
C THR M 97 64.91 -25.50 -13.38
N PHE M 98 65.38 -25.45 -14.62
CA PHE M 98 65.00 -26.41 -15.65
C PHE M 98 66.13 -27.39 -15.90
N GLY M 99 65.77 -28.56 -16.43
CA GLY M 99 66.75 -29.49 -16.91
C GLY M 99 67.23 -29.14 -18.31
N GLY M 100 68.40 -29.66 -18.67
CA GLY M 100 68.97 -29.38 -19.97
C GLY M 100 68.18 -29.95 -21.14
N GLY M 101 67.31 -30.91 -20.87
CA GLY M 101 66.51 -31.51 -21.92
C GLY M 101 67.00 -32.89 -22.29
N THR M 102 66.08 -33.72 -22.79
CA THR M 102 66.39 -35.08 -23.25
C THR M 102 65.55 -35.33 -24.50
N THR M 103 66.08 -34.93 -25.64
CA THR M 103 65.37 -35.08 -26.91
C THR M 103 65.26 -36.54 -27.32
N LEU M 104 64.38 -36.82 -28.28
CA LEU M 104 64.18 -38.17 -28.77
N GLN N 1 39.75 -17.75 -24.72
CA GLN N 1 40.04 -18.22 -23.37
C GLN N 1 41.33 -17.61 -22.84
N VAL N 2 42.19 -18.45 -22.26
CA VAL N 2 43.46 -17.98 -21.73
C VAL N 2 44.40 -17.65 -22.88
N GLN N 3 45.04 -16.49 -22.81
CA GLN N 3 45.92 -16.01 -23.87
C GLN N 3 47.18 -15.41 -23.26
N LEU N 4 48.31 -15.65 -23.91
CA LEU N 4 49.58 -15.00 -23.58
C LEU N 4 50.34 -14.76 -24.87
N LYS N 5 50.77 -13.51 -25.07
CA LYS N 5 51.48 -13.14 -26.30
C LYS N 5 52.61 -12.18 -25.97
N GLU N 6 53.80 -12.51 -26.44
CA GLU N 6 54.97 -11.65 -26.25
C GLU N 6 55.12 -10.70 -27.43
N SER N 7 55.60 -9.49 -27.14
CA SER N 7 55.83 -8.48 -28.16
C SER N 7 57.17 -7.81 -27.86
N GLY N 8 58.21 -8.22 -28.58
CA GLY N 8 59.55 -7.71 -28.36
C GLY N 8 60.13 -7.04 -29.59
N PRO N 9 61.28 -6.38 -29.43
CA PRO N 9 61.88 -5.66 -30.57
C PRO N 9 62.31 -6.59 -31.69
N GLY N 10 62.75 -7.80 -31.38
CA GLY N 10 63.28 -8.74 -32.36
C GLY N 10 64.74 -8.52 -32.70
N LEU N 11 65.20 -7.27 -32.64
CA LEU N 11 66.60 -6.93 -32.87
C LEU N 11 67.03 -5.93 -31.80
N VAL N 12 68.02 -6.32 -31.00
CA VAL N 12 68.53 -5.49 -29.92
C VAL N 12 70.01 -5.26 -30.14
N ALA N 13 70.44 -4.01 -30.00
CA ALA N 13 71.85 -3.67 -30.17
C ALA N 13 72.66 -4.13 -28.96
N PRO N 14 73.90 -4.57 -29.17
CA PRO N 14 74.75 -4.96 -28.03
C PRO N 14 75.02 -3.77 -27.12
N SER N 15 75.24 -4.08 -25.84
CA SER N 15 75.47 -3.09 -24.79
C SER N 15 74.28 -2.16 -24.61
N GLN N 16 73.09 -2.62 -24.97
CA GLN N 16 71.84 -1.86 -24.82
C GLN N 16 70.87 -2.65 -23.96
N SER N 17 69.67 -2.10 -23.79
CA SER N 17 68.65 -2.71 -22.96
C SER N 17 67.64 -3.47 -23.81
N LEU N 18 66.83 -4.29 -23.13
CA LEU N 18 65.77 -5.07 -23.75
C LEU N 18 64.46 -4.77 -23.07
N SER N 19 63.37 -4.83 -23.84
CA SER N 19 62.03 -4.60 -23.29
C SER N 19 61.04 -5.49 -24.03
N ILE N 20 60.44 -6.43 -23.31
CA ILE N 20 59.43 -7.34 -23.86
C ILE N 20 58.17 -7.22 -23.01
N THR N 21 57.01 -7.30 -23.66
CA THR N 21 55.72 -7.17 -23.00
C THR N 21 54.89 -8.42 -23.25
N CYS N 22 54.25 -8.92 -22.20
CA CYS N 22 53.41 -10.12 -22.26
C CYS N 22 51.97 -9.69 -21.99
N THR N 23 51.21 -9.48 -23.06
CA THR N 23 49.81 -9.09 -22.96
C THR N 23 48.96 -10.35 -22.82
N VAL N 24 48.22 -10.45 -21.72
CA VAL N 24 47.48 -11.66 -21.39
C VAL N 24 45.99 -11.40 -21.50
N SER N 25 45.23 -12.49 -21.61
CA SER N 25 43.79 -12.44 -21.70
C SER N 25 43.21 -13.73 -21.15
N GLY N 26 41.98 -13.64 -20.63
CA GLY N 26 41.30 -14.79 -20.09
C GLY N 26 41.49 -15.02 -18.61
N PHE N 27 42.33 -14.23 -17.95
CA PHE N 27 42.55 -14.36 -16.52
C PHE N 27 43.07 -13.04 -15.99
N SER N 28 42.91 -12.84 -14.68
CA SER N 28 43.37 -11.63 -14.02
C SER N 28 44.82 -11.78 -13.58
N LEU N 29 45.58 -10.68 -13.67
CA LEU N 29 46.94 -10.66 -13.17
C LEU N 29 47.01 -10.57 -11.65
N THR N 30 45.90 -10.22 -10.99
CA THR N 30 45.87 -10.17 -9.53
C THR N 30 45.72 -11.55 -8.89
N GLY N 31 45.60 -12.61 -9.69
CA GLY N 31 45.46 -13.95 -9.15
C GLY N 31 46.33 -14.97 -9.86
N TYR N 32 47.24 -14.48 -10.70
CA TYR N 32 48.14 -15.35 -11.45
C TYR N 32 49.48 -14.65 -11.62
N GLY N 33 50.56 -15.41 -11.45
CA GLY N 33 51.90 -14.91 -11.66
C GLY N 33 52.45 -15.36 -12.99
N ILE N 34 53.15 -14.46 -13.67
CA ILE N 34 53.71 -14.71 -15.00
C ILE N 34 55.19 -15.00 -14.86
N ASN N 35 55.65 -16.06 -15.52
CA ASN N 35 57.07 -16.41 -15.57
C ASN N 35 57.70 -15.92 -16.87
N TRP N 36 59.02 -15.81 -16.85
CA TRP N 36 59.80 -15.43 -18.03
C TRP N 36 60.86 -16.51 -18.25
N VAL N 37 60.71 -17.25 -19.36
CA VAL N 37 61.64 -18.32 -19.72
C VAL N 37 62.13 -18.06 -21.13
N ARG N 38 63.46 -18.03 -21.30
CA ARG N 38 64.07 -17.84 -22.60
C ARG N 38 64.79 -19.11 -23.04
N GLN N 39 64.95 -19.26 -24.34
CA GLN N 39 65.62 -20.43 -24.90
C GLN N 39 66.49 -20.04 -26.08
N PRO N 40 67.81 -20.16 -25.98
CA PRO N 40 68.69 -19.89 -27.12
C PRO N 40 68.42 -20.87 -28.24
N PRO N 41 68.91 -20.58 -29.46
CA PRO N 41 68.75 -21.55 -30.55
C PRO N 41 69.29 -22.93 -30.19
N GLY N 42 70.37 -23.01 -29.43
CA GLY N 42 70.77 -24.28 -28.84
C GLY N 42 69.74 -24.70 -27.80
N LYS N 43 69.26 -25.94 -27.92
CA LYS N 43 68.15 -26.40 -27.10
C LYS N 43 68.47 -26.29 -25.61
N GLY N 44 67.51 -25.78 -24.83
CA GLY N 44 67.69 -25.64 -23.40
C GLY N 44 66.95 -24.46 -22.81
N LEU N 45 65.90 -24.74 -22.03
CA LEU N 45 65.15 -23.68 -21.37
C LEU N 45 65.98 -23.04 -20.27
N GLU N 46 65.74 -21.75 -20.03
CA GLU N 46 66.45 -21.00 -18.99
C GLU N 46 65.46 -20.05 -18.33
N TRP N 47 65.18 -20.28 -17.06
CA TRP N 47 64.28 -19.42 -16.31
C TRP N 47 64.94 -18.09 -16.03
N LEU N 48 64.18 -17.00 -16.22
CA LEU N 48 64.66 -15.65 -15.97
C LEU N 48 64.10 -15.04 -14.70
N GLY N 49 62.83 -15.27 -14.42
CA GLY N 49 62.20 -14.69 -13.25
C GLY N 49 60.69 -14.77 -13.37
N MET N 50 60.02 -14.28 -12.33
CA MET N 50 58.58 -14.26 -12.31
C MET N 50 58.11 -13.11 -11.42
N ILE N 51 56.90 -12.65 -11.67
CA ILE N 51 56.26 -11.62 -10.86
C ILE N 51 54.99 -12.22 -10.28
N TRP N 52 54.87 -12.20 -8.96
CA TRP N 52 53.74 -12.79 -8.29
C TRP N 52 52.50 -11.91 -8.45
N SER N 53 51.35 -12.45 -8.04
CA SER N 53 50.09 -11.75 -8.20
C SER N 53 50.03 -10.46 -7.37
N ASP N 54 50.74 -10.42 -6.24
CA ASP N 54 50.72 -9.25 -5.37
C ASP N 54 51.79 -8.22 -5.72
N GLY N 55 52.62 -8.49 -6.73
CA GLY N 55 53.68 -7.58 -7.13
C GLY N 55 55.07 -7.97 -6.69
N SER N 56 55.21 -8.90 -5.74
CA SER N 56 56.53 -9.37 -5.35
C SER N 56 57.20 -10.09 -6.52
N THR N 57 58.52 -10.18 -6.46
CA THR N 57 59.31 -10.61 -7.61
C THR N 57 60.46 -11.51 -7.17
N ASP N 58 60.82 -12.44 -8.05
CA ASP N 58 61.95 -13.33 -7.85
C ASP N 58 62.58 -13.61 -9.22
N TYR N 59 63.90 -13.64 -9.26
CA TYR N 59 64.64 -13.77 -10.51
C TYR N 59 65.55 -14.98 -10.50
N ASN N 60 66.12 -15.25 -11.67
CA ASN N 60 67.17 -16.26 -11.79
C ASN N 60 68.40 -15.82 -11.02
N SER N 61 69.16 -16.81 -10.53
CA SER N 61 70.27 -16.52 -9.61
C SER N 61 71.26 -15.53 -10.19
N VAL N 62 71.39 -15.48 -11.51
CA VAL N 62 72.26 -14.50 -12.18
C VAL N 62 71.35 -13.43 -12.75
N LEU N 63 71.26 -12.29 -12.06
CA LEU N 63 70.30 -11.26 -12.40
C LEU N 63 70.82 -9.84 -12.25
N THR N 64 71.93 -9.62 -11.54
CA THR N 64 72.31 -8.29 -11.07
C THR N 64 72.48 -7.32 -12.23
N SER N 65 71.82 -6.16 -12.11
CA SER N 65 71.86 -5.09 -13.11
C SER N 65 71.45 -5.59 -14.50
N ARG N 66 70.69 -6.67 -14.56
CA ARG N 66 70.31 -7.26 -15.84
C ARG N 66 68.88 -7.75 -15.90
N LEU N 67 68.09 -7.62 -14.83
CA LEU N 67 66.71 -8.08 -14.85
C LEU N 67 65.86 -7.18 -13.97
N ARG N 68 64.67 -6.86 -14.47
CA ARG N 68 63.68 -6.09 -13.72
C ARG N 68 62.32 -6.39 -14.33
N ILE N 69 61.40 -6.94 -13.54
CA ILE N 69 60.08 -7.34 -14.01
C ILE N 69 59.04 -6.47 -13.33
N SER N 70 58.10 -5.96 -14.12
CA SER N 70 56.99 -5.17 -13.61
C SER N 70 55.74 -5.54 -14.41
N LYS N 71 54.60 -5.01 -13.99
CA LYS N 71 53.34 -5.33 -14.64
C LYS N 71 52.36 -4.19 -14.48
N ASP N 72 51.25 -4.29 -15.21
CA ASP N 72 50.14 -3.33 -15.15
C ASP N 72 48.85 -4.13 -15.09
N ASN N 73 48.33 -4.32 -13.87
CA ASN N 73 47.16 -5.17 -13.69
C ASN N 73 45.94 -4.66 -14.45
N SER N 74 45.79 -3.34 -14.56
CA SER N 74 44.62 -2.79 -15.22
C SER N 74 44.59 -3.10 -16.71
N ASN N 75 45.76 -3.17 -17.35
CA ASN N 75 45.84 -3.42 -18.78
C ASN N 75 46.31 -4.83 -19.11
N SER N 76 46.43 -5.70 -18.11
CA SER N 76 46.81 -7.11 -18.30
C SER N 76 48.12 -7.22 -19.09
N GLN N 77 49.15 -6.56 -18.59
CA GLN N 77 50.46 -6.53 -19.23
C GLN N 77 51.54 -6.79 -18.20
N VAL N 78 52.54 -7.58 -18.61
CA VAL N 78 53.73 -7.84 -17.80
C VAL N 78 54.95 -7.46 -18.64
N PHE N 79 55.89 -6.76 -18.02
CA PHE N 79 57.06 -6.23 -18.72
C PHE N 79 58.34 -6.87 -18.20
N LEU N 80 59.26 -7.14 -19.13
CA LEU N 80 60.58 -7.66 -18.81
C LEU N 80 61.64 -6.74 -19.39
N LYS N 81 62.55 -6.28 -18.55
CA LYS N 81 63.61 -5.35 -18.96
C LYS N 81 64.95 -5.95 -18.58
N MET N 82 65.74 -6.33 -19.60
CA MET N 82 67.08 -6.85 -19.42
C MET N 82 68.09 -5.83 -19.90
N ASN N 83 69.12 -5.59 -19.10
CA ASN N 83 70.11 -4.55 -19.35
C ASN N 83 71.43 -5.16 -19.80
N SER N 84 72.10 -4.48 -20.73
CA SER N 84 73.43 -4.85 -21.23
C SER N 84 73.43 -6.29 -21.75
N LEU N 85 72.78 -6.44 -22.91
CA LEU N 85 72.67 -7.75 -23.52
C LEU N 85 73.93 -8.08 -24.33
N GLN N 86 74.16 -9.38 -24.52
CA GLN N 86 75.27 -9.86 -25.32
C GLN N 86 74.79 -10.90 -26.32
N VAL N 87 75.74 -11.55 -27.03
CA VAL N 87 75.38 -12.53 -28.03
C VAL N 87 74.69 -13.74 -27.40
N ASP N 88 75.02 -14.04 -26.14
CA ASP N 88 74.35 -15.15 -25.46
C ASP N 88 72.88 -14.86 -25.20
N ASP N 89 72.51 -13.58 -25.11
CA ASP N 89 71.13 -13.22 -24.80
C ASP N 89 70.19 -13.44 -25.98
N THR N 90 70.72 -13.60 -27.20
CA THR N 90 69.89 -13.87 -28.36
C THR N 90 69.15 -15.20 -28.16
N ALA N 91 67.84 -15.13 -27.98
CA ALA N 91 67.05 -16.31 -27.64
C ALA N 91 65.59 -16.02 -27.91
N ARG N 92 64.77 -17.05 -27.78
CA ARG N 92 63.32 -16.93 -27.88
C ARG N 92 62.75 -16.82 -26.48
N TYR N 93 62.07 -15.70 -26.21
CA TYR N 93 61.62 -15.37 -24.86
C TYR N 93 60.13 -15.70 -24.73
N TYR N 94 59.81 -16.64 -23.84
CA TYR N 94 58.44 -17.02 -23.54
C TYR N 94 58.00 -16.36 -22.24
N CYS N 95 56.69 -16.12 -22.14
CA CYS N 95 56.06 -15.77 -20.86
C CYS N 95 55.01 -16.83 -20.55
N ALA N 96 55.10 -17.41 -19.36
CA ALA N 96 54.26 -18.53 -18.96
C ALA N 96 53.49 -18.16 -17.70
N ARG N 97 52.18 -18.46 -17.70
CA ARG N 97 51.36 -18.22 -16.53
C ARG N 97 51.58 -19.31 -15.50
N ASP N 98 51.61 -18.93 -14.23
CA ASP N 98 51.76 -19.90 -13.16
C ASP N 98 50.44 -20.64 -12.95
N ARG N 99 50.50 -21.98 -13.00
CA ARG N 99 49.33 -22.78 -12.68
C ARG N 99 49.01 -22.63 -11.20
N ASN N 100 48.12 -21.69 -10.87
CA ASN N 100 47.89 -21.36 -9.47
C ASN N 100 47.04 -22.41 -8.75
N TYR N 101 47.47 -23.68 -8.82
CA TYR N 101 46.81 -24.71 -8.02
C TYR N 101 47.04 -24.47 -6.53
N TYR N 102 48.21 -23.97 -6.17
CA TYR N 102 48.47 -23.41 -4.85
C TYR N 102 48.82 -21.94 -5.01
N ASP N 103 48.74 -21.19 -3.91
CA ASP N 103 49.16 -19.80 -3.95
C ASP N 103 50.67 -19.69 -4.21
N TYR N 104 51.45 -20.62 -3.67
CA TYR N 104 52.88 -20.71 -3.94
C TYR N 104 53.10 -22.02 -4.70
N ASP N 105 52.86 -21.99 -6.01
CA ASP N 105 52.91 -23.19 -6.82
C ASP N 105 54.27 -23.35 -7.49
N GLY N 106 54.45 -22.72 -8.65
CA GLY N 106 55.68 -22.78 -9.42
C GLY N 106 55.52 -23.41 -10.79
N ALA N 107 54.59 -24.37 -10.91
CA ALA N 107 54.33 -25.00 -12.20
C ALA N 107 53.69 -24.01 -13.16
N MET N 108 54.03 -24.15 -14.43
CA MET N 108 53.56 -23.26 -15.49
C MET N 108 52.71 -24.06 -16.47
N ASP N 109 51.44 -23.67 -16.61
CA ASP N 109 50.52 -24.40 -17.48
C ASP N 109 50.42 -23.75 -18.86
N TYR N 110 49.87 -22.54 -18.92
CA TYR N 110 49.72 -21.84 -20.19
C TYR N 110 51.00 -21.10 -20.56
N TRP N 111 51.33 -21.13 -21.85
CA TRP N 111 52.56 -20.52 -22.36
C TRP N 111 52.24 -19.69 -23.59
N GLY N 112 52.95 -18.58 -23.75
CA GLY N 112 52.88 -17.84 -24.99
C GLY N 112 53.73 -18.46 -26.08
N GLN N 113 53.42 -18.12 -27.32
CA GLN N 113 54.14 -18.70 -28.45
C GLN N 113 55.58 -18.20 -28.53
N GLY N 114 55.95 -17.18 -27.78
CA GLY N 114 57.33 -16.71 -27.74
C GLY N 114 57.61 -15.65 -28.78
N THR N 115 58.60 -14.82 -28.46
CA THR N 115 59.08 -13.77 -29.36
C THR N 115 60.60 -13.85 -29.43
N SER N 116 61.13 -14.18 -30.60
CA SER N 116 62.57 -14.27 -30.77
C SER N 116 63.19 -12.88 -30.77
N VAL N 117 64.30 -12.73 -30.05
CA VAL N 117 65.00 -11.46 -29.92
C VAL N 117 66.48 -11.69 -30.15
N THR N 118 67.13 -10.76 -30.85
CA THR N 118 68.56 -10.83 -31.09
C THR N 118 69.27 -9.58 -30.57
C1 NAG O . -30.92 -15.82 -17.15
C2 NAG O . -30.48 -16.68 -18.32
C3 NAG O . -29.58 -15.90 -19.27
C4 NAG O . -30.20 -14.56 -19.65
C5 NAG O . -30.66 -13.80 -18.40
C6 NAG O . -31.40 -12.53 -18.69
C7 NAG O . -30.32 -19.10 -17.88
C8 NAG O . -29.45 -20.19 -17.32
N2 NAG O . -29.79 -17.87 -17.83
O3 NAG O . -29.34 -16.67 -20.44
O4 NAG O . -29.22 -13.80 -20.35
O5 NAG O . -31.54 -14.64 -17.64
O6 NAG O . -32.50 -12.75 -19.58
O7 NAG O . -31.43 -19.31 -18.33
C1 NAG O . -29.76 -13.21 -21.56
C2 NAG O . -28.74 -12.22 -22.08
C3 NAG O . -29.28 -11.51 -23.32
C4 NAG O . -29.78 -12.52 -24.35
C5 NAG O . -30.67 -13.60 -23.73
C6 NAG O . -30.97 -14.75 -24.66
C7 NAG O . -27.39 -11.43 -20.18
C8 NAG O . -27.17 -10.33 -19.19
N2 NAG O . -28.38 -11.25 -21.06
O3 NAG O . -28.26 -10.70 -23.89
O4 NAG O . -30.56 -11.84 -25.32
O5 NAG O . -30.04 -14.18 -22.57
O6 NAG O . -31.77 -15.74 -24.04
O7 NAG O . -26.72 -12.46 -20.19
C1 BMA O . -29.97 -11.88 -26.63
C2 BMA O . -31.10 -12.21 -27.63
C3 BMA O . -30.60 -12.06 -29.07
C4 BMA O . -29.86 -10.73 -29.28
C5 BMA O . -28.74 -10.60 -28.24
C6 BMA O . -27.96 -9.31 -28.36
O2 BMA O . -32.19 -11.31 -27.48
O3 BMA O . -31.67 -12.18 -29.99
O4 BMA O . -29.32 -10.66 -30.58
O5 BMA O . -29.34 -10.65 -26.93
O6 BMA O . -26.99 -9.28 -27.31
C1 NAG P . -18.27 -16.03 -18.65
C2 NAG P . -18.29 -16.47 -20.12
C3 NAG P . -17.56 -15.44 -21.00
C4 NAG P . -18.04 -14.02 -20.72
C5 NAG P . -18.07 -13.74 -19.22
C6 NAG P . -18.68 -12.41 -18.87
C7 NAG P . -18.38 -18.91 -20.40
C8 NAG P . -17.58 -20.17 -20.55
N2 NAG P . -17.68 -17.79 -20.27
O3 NAG P . -17.79 -15.79 -22.36
O4 NAG P . -17.12 -13.09 -21.29
O5 NAG P . -18.84 -14.74 -18.54
O6 NAG P . -18.00 -11.79 -17.78
O7 NAG P . -19.61 -18.92 -20.40
C1 NAG P . -17.40 -12.70 -22.66
C2 NAG P . -17.06 -11.22 -22.78
C3 NAG P . -17.26 -10.75 -24.22
C4 NAG P . -16.45 -11.61 -25.17
C5 NAG P . -16.79 -13.09 -24.97
C6 NAG P . -15.91 -14.00 -25.78
C7 NAG P . -17.34 -9.64 -20.93
C8 NAG P . -18.30 -8.89 -20.06
N2 NAG P . -17.87 -10.43 -21.86
O3 NAG P . -16.85 -9.40 -24.32
O4 NAG P . -16.75 -11.24 -26.52
O5 NAG P . -16.61 -13.46 -23.59
O6 NAG P . -14.56 -13.92 -25.38
O7 NAG P . -16.12 -9.54 -20.78
C1 BMA P . -15.59 -10.65 -27.15
C2 BMA P . -15.46 -11.25 -28.56
C3 BMA P . -14.32 -10.58 -29.31
C4 BMA P . -14.47 -9.04 -29.28
C5 BMA P . -14.59 -8.56 -27.81
C6 BMA P . -14.79 -7.06 -27.70
O2 BMA P . -16.64 -11.02 -29.31
O3 BMA P . -14.25 -11.02 -30.67
O4 BMA P . -13.35 -8.43 -29.90
O5 BMA P . -15.71 -9.22 -27.20
O6 BMA P . -14.69 -6.70 -26.33
C1 NAG Q . -12.56 -17.66 -21.29
C2 NAG Q . -13.50 -16.72 -22.01
C3 NAG Q . -14.78 -17.44 -22.42
C4 NAG Q . -14.45 -18.69 -23.23
C5 NAG Q . -13.43 -19.56 -22.49
C6 NAG Q . -12.93 -20.71 -23.32
C7 NAG Q . -13.59 -14.30 -21.58
C8 NAG Q . -13.97 -13.23 -20.60
N2 NAG Q . -13.82 -15.56 -21.19
O3 NAG Q . -15.59 -16.57 -23.19
O4 NAG Q . -15.63 -19.46 -23.44
O5 NAG Q . -12.27 -18.79 -22.14
O6 NAG Q . -12.26 -21.69 -22.53
O7 NAG Q . -13.09 -14.04 -22.66
C1 NAG Q . -16.01 -19.40 -24.83
C2 NAG Q . -16.83 -20.65 -25.15
C3 NAG Q . -17.28 -20.62 -26.60
C4 NAG Q . -18.01 -19.33 -26.91
C5 NAG Q . -17.18 -18.12 -26.49
C6 NAG Q . -17.92 -16.82 -26.62
C7 NAG Q . -16.24 -22.61 -23.79
C8 NAG Q . -15.36 -23.82 -23.68
N2 NAG Q . -16.06 -21.86 -24.88
O3 NAG Q . -18.13 -21.73 -26.86
O4 NAG Q . -18.27 -19.24 -28.31
O5 NAG Q . -16.79 -18.24 -25.12
O6 NAG Q . -18.87 -16.65 -25.58
O7 NAG Q . -17.08 -22.33 -22.94
C1 BMA Q . -19.69 -19.16 -28.55
C2 BMA Q . -19.88 -18.73 -30.03
C3 BMA Q . -21.37 -18.70 -30.37
C4 BMA Q . -22.07 -20.01 -29.96
C5 BMA Q . -21.77 -20.32 -28.48
C6 BMA Q . -22.38 -21.64 -28.03
O2 BMA Q . -19.27 -19.68 -30.91
O3 BMA Q . -21.58 -18.46 -31.76
O4 BMA Q . -23.47 -19.88 -30.15
O5 BMA Q . -20.35 -20.39 -28.30
O6 BMA Q . -21.89 -22.67 -28.88
C1 NAG R . -1.06 1.24 -45.92
C2 NAG R . -1.94 0.64 -44.84
C3 NAG R . -3.22 1.46 -44.67
C4 NAG R . -2.87 2.92 -44.44
C5 NAG R . -1.95 3.44 -45.54
C6 NAG R . -1.47 4.85 -45.30
C7 NAG R . -1.55 -1.79 -44.70
C8 NAG R . -2.03 -3.15 -45.10
N2 NAG R . -2.27 -0.75 -45.14
O3 NAG R . -3.97 0.96 -43.58
O4 NAG R . -4.07 3.70 -44.42
O5 NAG R . -0.78 2.61 -45.61
O6 NAG R . -0.59 4.92 -44.19
O7 NAG R . -0.55 -1.63 -44.00
C1 NAG R . -4.20 4.34 -43.13
C2 NAG R . -5.35 5.36 -43.22
C3 NAG R . -5.57 6.04 -41.87
C4 NAG R . -5.75 5.00 -40.78
C5 NAG R . -4.60 3.99 -40.79
C6 NAG R . -4.79 2.87 -39.80
C7 NAG R . -4.07 7.19 -44.29
C8 NAG R . -4.01 8.13 -45.46
N2 NAG R . -5.11 6.34 -44.27
O3 NAG R . -6.70 6.89 -41.94
O4 NAG R . -5.81 5.64 -39.50
O5 NAG R . -4.49 3.39 -42.09
O6 NAG R . -6.08 2.28 -39.92
O7 NAG R . -3.21 7.20 -43.41
C1 NAG S . 36.88 -23.48 17.12
C2 NAG S . 36.35 -23.85 18.51
C3 NAG S . 35.94 -22.60 19.27
C4 NAG S . 37.05 -21.54 19.25
C5 NAG S . 37.54 -21.31 17.83
C6 NAG S . 38.74 -20.39 17.75
C7 NAG S . 35.25 -26.01 18.89
C8 NAG S . 33.99 -26.81 18.67
N2 NAG S . 35.24 -24.77 18.39
O3 NAG S . 35.64 -22.96 20.61
O4 NAG S . 36.50 -20.34 19.77
O5 NAG S . 37.94 -22.56 17.24
O6 NAG S . 39.80 -20.85 18.57
O7 NAG S . 36.22 -26.47 19.48
C1 NAG S . 37.38 -19.74 20.77
C2 NAG S . 36.82 -18.37 21.12
C3 NAG S . 37.74 -17.68 22.12
C4 NAG S . 38.01 -18.58 23.32
C5 NAG S . 38.41 -19.99 22.90
C6 NAG S . 38.48 -20.97 24.06
C7 NAG S . 35.55 -17.51 19.20
C8 NAG S . 35.57 -16.62 18.00
N2 NAG S . 36.67 -17.55 19.92
O3 NAG S . 37.12 -16.47 22.56
O4 NAG S . 39.10 -18.03 24.06
O5 NAG S . 37.47 -20.53 21.96
O6 NAG S . 38.30 -22.30 23.62
O7 NAG S . 34.56 -18.18 19.50
C1 BMA S . 38.66 -17.49 25.32
C2 BMA S . 39.61 -18.04 26.41
C3 BMA S . 39.40 -17.30 27.74
C4 BMA S . 39.34 -15.78 27.55
C5 BMA S . 38.28 -15.44 26.49
C6 BMA S . 38.16 -13.95 26.23
O2 BMA S . 40.97 -17.82 26.04
O3 BMA S . 40.40 -17.64 28.69
O4 BMA S . 39.01 -15.15 28.78
O5 BMA S . 38.66 -16.07 25.26
O6 BMA S . 37.16 -13.75 25.24
C1 NAG T . 25.21 -19.38 19.71
C2 NAG T . 25.18 -19.61 21.21
C3 NAG T . 24.97 -18.28 21.94
C4 NAG T . 25.96 -17.22 21.46
C5 NAG T . 26.02 -17.17 19.93
C6 NAG T . 27.14 -16.29 19.41
C7 NAG T . 24.37 -21.76 22.09
C8 NAG T . 23.17 -22.60 22.40
N2 NAG T . 24.13 -20.55 21.57
O3 NAG T . 25.13 -18.49 23.33
O4 NAG T . 25.52 -15.94 21.90
O5 NAG T . 26.25 -18.48 19.39
O6 NAG T . 27.09 -16.16 18.00
O7 NAG T . 25.52 -22.16 22.28
C1 NAG T . 26.08 -15.50 23.15
C2 NAG T . 26.33 -14.00 23.03
C3 NAG T . 26.86 -13.44 24.36
C4 NAG T . 25.90 -13.79 25.49
C5 NAG T . 25.68 -15.31 25.53
C6 NAG T . 24.64 -15.72 26.55
C7 NAG T . 26.91 -12.95 20.90
C8 NAG T . 27.98 -12.73 19.87
N2 NAG T . 27.25 -13.70 21.95
O3 NAG T . 26.98 -12.03 24.25
O4 NAG T . 26.43 -13.36 26.74
O5 NAG T . 25.21 -15.76 24.25
O6 NAG T . 23.33 -15.46 26.09
O7 NAG T . 25.78 -12.47 20.78
C1 BMA T . 25.75 -12.15 27.16
C2 BMA T . 24.77 -12.50 28.31
C3 BMA T . 24.09 -11.22 28.81
C4 BMA T . 25.12 -10.10 29.11
C5 BMA T . 26.07 -9.90 27.91
C6 BMA T . 27.17 -8.89 28.21
O2 BMA T . 25.48 -13.03 29.43
O3 BMA T . 23.29 -11.45 29.95
O4 BMA T . 24.44 -8.88 29.39
O5 BMA T . 26.68 -11.16 27.58
O6 BMA T . 27.97 -8.75 27.04
C1 NAG U . 19.64 -18.50 23.18
C2 NAG U . 20.95 -17.85 23.63
C3 NAG U . 21.94 -18.93 24.05
C4 NAG U . 21.33 -19.87 25.09
C5 NAG U . 19.97 -20.38 24.62
C6 NAG U . 19.23 -21.15 25.70
C7 NAG U . 21.82 -15.74 22.75
C8 NAG U . 22.41 -15.04 21.56
N2 NAG U . 21.52 -17.02 22.57
O3 NAG U . 23.10 -18.30 24.59
O4 NAG U . 22.20 -20.97 25.31
O5 NAG U . 19.12 -19.30 24.23
O6 NAG U . 18.25 -22.01 25.14
O7 NAG U . 21.64 -15.15 23.81
C1 NAG U . 22.84 -20.84 26.58
C2 NAG U . 23.19 -22.23 27.06
C3 NAG U . 23.79 -22.15 28.45
C4 NAG U . 25.00 -21.23 28.44
C5 NAG U . 24.71 -19.89 27.76
C6 NAG U . 25.98 -19.12 27.45
C7 NAG U . 22.01 -24.21 26.25
C8 NAG U . 20.74 -25.02 26.33
N2 NAG U . 22.04 -23.12 27.03
O3 NAG U . 24.17 -23.46 28.86
O4 NAG U . 25.40 -20.96 29.79
O5 NAG U . 24.03 -20.05 26.51
O6 NAG U . 26.76 -19.82 26.49
O7 NAG U . 22.94 -24.52 25.53
C1 BMA U . 26.49 -21.81 30.16
C2 BMA U . 27.62 -20.95 30.74
C3 BMA U . 28.75 -21.86 31.21
C4 BMA U . 28.22 -23.00 32.11
C5 BMA U . 27.10 -23.76 31.38
C6 BMA U . 26.51 -24.92 32.17
O2 BMA U . 27.17 -20.22 31.88
O3 BMA U . 29.77 -21.12 31.88
O4 BMA U . 29.28 -23.89 32.42
O5 BMA U . 26.07 -22.80 31.08
O6 BMA U . 25.81 -25.76 31.25
C1 MAN U . 24.98 -26.70 31.97
C2 MAN U . 24.38 -27.67 30.92
C3 MAN U . 23.24 -27.02 30.14
C4 MAN U . 22.26 -26.29 31.07
C5 MAN U . 23.03 -25.29 31.89
C6 MAN U . 22.20 -24.51 32.86
O2 MAN U . 23.82 -28.83 31.54
O3 MAN U . 22.55 -27.97 29.33
O4 MAN U . 21.30 -25.61 30.28
O5 MAN U . 23.96 -26.01 32.68
O6 MAN U . 22.87 -23.29 33.19
#